data_5U07
#
_entry.id   5U07
#
_cell.length_a   1.0
_cell.length_b   1.0
_cell.length_c   1.0
_cell.angle_alpha   90.0
_cell.angle_beta   90.0
_cell.angle_gamma   90.0
#
_symmetry.space_group_name_H-M   'P 1'
#
loop_
_entity.id
_entity.type
_entity.pdbx_description
1 polymer 'CRISPR-associated protein, Cse3 family'
2 polymer Cse2
3 polymer 'CRISPR-associated protein, Cse1 family'
4 polymer 'CRISPR-associated protein, Cse4 family'
5 polymer crRNA
6 polymer 'Target Strand'
7 polymer 'CRISPR-associated protein, Cas5e family'
8 polymer 'Nontarget Strand'
#
loop_
_entity_poly.entity_id
_entity_poly.type
_entity_poly.pdbx_seq_one_letter_code
_entity_poly.pdbx_strand_id
1 'polypeptide(L)'
;MTWLTKIVPDLRYRQTRADFRTAGNLHRKLIRLSSDLGEERIANPRQQSGLLFRIEETRNELYLLVQSHSPLRVDRLGPG
YHGVQMRNLDPFLARLDKGSRVRYRIVASPTKRLGRSENNTQRLGLKEPPKKPREYTWALRGAAAEEWWHSRAAANGLEL
LSTYAQTLDDVRDPGTADRSRKIRHPAVRFDGEAVISDVDAVRHAVLNGIGRGKSYGCGLLSLALIEEGEHG
;
A
2 'polypeptide(L)'
;MNSDYILQHADALVKRVSKLIVNEPAARAALRRGVGLAPEDPRMLAAHRVVAPYVPVPTDYDVDRRRAASLWDVHAVERA
FYAVAAIMAAQPRSARDQEAEATEEQTGEPQDSEALTEPTPAEESSATKDGKPDRRPNLGVSLAQAVFDKGLNADSTEQR
LHLIARQNLDGVHRHLPRLVLYLRSDQVHIDWGILIRDLARWGHTPRHVAREWVQDYHRTLETLTRQAEQKNKNNTTDEE
AEAA
;
B,J
3 'polypeptide(L)'
;MLSVALCFLVGGAIPSPPSFDVTIAPWLIARSRDVLAAPEMLGLRDVLIRSHELSDVEIPLPPGAAVLWRILALITARIT
GLDQPPNKNPKRKWQARRSQILSKGRLDPEAVDAYFADYSERFDLFHPERPWLQDPRLREECPKTSGVNKLAWGRTAGEN
QVWLGGHHHDLDPHPLDSAEAVWHLLATLGYGPSGMCTARVVRGRSERNVTAGPLRGTVSYHPLGRTLFESLILNIPYPG
TGAADLAFWEQPELNDPLGLPEESAGLAGILRLDHFRHAVLLHPSPDGSHVVDAWVTWAWRERNISPELDPYLIYQTSKE
GRVYPRPAEAERAIWRDLDALLHYGEDGNYRPTILDNCTPLAQVPQEVLDSLRLRAFGFDQDGQARDKQWFTATTPAVLR
WLADRETDDNENARIVRRITLARKAAEALGRRLEKACKEAWKESNSPSSTSSGTNAKTETGVGPWVQHGMSRYWAKAEPV
FWNIVYDRPAQGYTPGMAGPGNAFNLVALAAYDEVTGPYCERPRVAKVVERHRSTLFSNWTPKQDKEAA
;
C
4 'polypeptide(L)'
;MTFVDIHAIQTLPYSNINRDDLGSPKTVVYGGKERTRVSSQSWKRAVRHEVEARLGDKAVRTRRIISEIAKRLRERGWDA
DLADAGARQVVLSVGKKSGIKLEKEKDSEAPATSVLFYLPVPAIDELAAIADEHRDAVAKEAAKKTPKGILPADRITEVL
KSRNVSVNLFGRMLAELPSTEVDGAVQFAHAFTVHGTTVEVDFFTAVDDIPKENDHGSGHMNAGQFSAGTFYRYANVNLD
RLVENTGDAQTARTAVAEFLRAFLSTVPSGKQNATAAMTLPDLVHIAVRFDRPISFAPAFETALYGSDGYTLRACQELNN
YAERLREVWPDDAIRGYATVENKTDLAALGERYDSYPALIDAMVAAAFEGERE
;
D,E,F,G,H,I
5 'polyribonucleotide' AUGGACCGCCAGUGAUAAGUGGAAUGCCAUGUGGGCUGUCGUGAGCCCCACGCACGUGGGG K
6 'polydeoxyribonucleotide'
;(DT)(DT)(DA)(DT)(DC)(DA)(DC)(DT)(DG)(DG)(DC)(DT)(DT)(DC)(DG)(DT)(DC)(DC)(DG)(DC)
(DG)
;
M
7 'polypeptide(L)'
;MSGFLLRLAGPMQSWGEHSMFGERDTLPYPSRSGLIGMFAAAQGVRRGDPLDRYKELKFTVRVDRPGVRLVDFHTIGGGL
PKERTVPTAAGERRDPKKATIVTSRSYLADAVFTVAVTGPEADTIADALAAPYWQPYLGRRAFVPDPLLVLRRRVADPVR
ELVEAVPLPHRRVEEDAATVLVDLIYEEGEYPDTRTLTVLNDVPLSFDSKSRRYSTRQIRVVPTEVPATLVAGPGRDYQN
KLFTYVKQCAEEAA
;
N
8 'polydeoxyribonucleotide' (DC)(DG)(DC)(DG)(DG)(DA)(DC)(DG)(DA)(DA)(DG)(DC)(DC) O
#
loop_
_chem_comp.id
_chem_comp.type
_chem_comp.name
_chem_comp.formula
A RNA linking ADENOSINE-5'-MONOPHOSPHATE 'C10 H14 N5 O7 P'
C RNA linking CYTIDINE-5'-MONOPHOSPHATE 'C9 H14 N3 O8 P'
DA DNA linking 2'-DEOXYADENOSINE-5'-MONOPHOSPHATE 'C10 H14 N5 O6 P'
DC DNA linking 2'-DEOXYCYTIDINE-5'-MONOPHOSPHATE 'C9 H14 N3 O7 P'
DG DNA linking 2'-DEOXYGUANOSINE-5'-MONOPHOSPHATE 'C10 H14 N5 O7 P'
DT DNA linking THYMIDINE-5'-MONOPHOSPHATE 'C10 H15 N2 O8 P'
G RNA linking GUANOSINE-5'-MONOPHOSPHATE 'C10 H14 N5 O8 P'
U RNA linking URIDINE-5'-MONOPHOSPHATE 'C9 H13 N2 O9 P'
#
# COMPACT_ATOMS: atom_id res chain seq x y z
N THR A 2 -26.66 42.38 -50.07
CA THR A 2 -25.60 41.70 -49.34
C THR A 2 -26.32 40.55 -48.61
N TRP A 3 -25.60 39.70 -47.87
CA TRP A 3 -26.24 38.75 -46.96
C TRP A 3 -25.34 38.47 -45.76
N LEU A 4 -25.99 38.22 -44.61
CA LEU A 4 -25.36 38.07 -43.30
C LEU A 4 -25.30 36.63 -42.82
N THR A 5 -24.13 36.24 -42.32
CA THR A 5 -23.93 34.88 -41.83
C THR A 5 -22.87 34.83 -40.74
N LYS A 6 -23.09 33.94 -39.76
CA LYS A 6 -22.13 33.69 -38.68
C LYS A 6 -21.46 32.34 -38.92
N ILE A 7 -20.16 32.40 -39.23
CA ILE A 7 -19.31 31.27 -39.57
C ILE A 7 -18.23 31.17 -38.49
N VAL A 8 -17.58 30.02 -38.39
CA VAL A 8 -16.51 29.99 -37.40
C VAL A 8 -15.25 29.39 -38.02
N PRO A 9 -14.08 30.03 -37.79
CA PRO A 9 -12.79 29.45 -38.19
C PRO A 9 -11.96 28.83 -37.07
N ASP A 10 -11.46 27.63 -37.26
CA ASP A 10 -10.61 26.97 -36.26
C ASP A 10 -9.21 26.80 -36.87
N LEU A 11 -8.25 26.35 -36.05
CA LEU A 11 -6.91 25.99 -36.50
C LEU A 11 -6.83 24.50 -36.77
N ARG A 12 -6.34 24.15 -37.96
CA ARG A 12 -6.51 22.83 -38.55
C ARG A 12 -5.82 21.70 -37.78
N TYR A 13 -4.78 21.98 -36.99
CA TYR A 13 -4.10 20.91 -36.26
C TYR A 13 -3.71 21.42 -34.87
N ARG A 14 -3.03 20.57 -34.10
CA ARG A 14 -2.70 20.83 -32.70
C ARG A 14 -1.41 21.62 -32.51
N GLN A 15 -0.76 22.05 -33.60
CA GLN A 15 0.49 22.81 -33.56
C GLN A 15 0.35 24.24 -34.04
N THR A 16 -0.86 24.63 -34.49
CA THR A 16 -1.25 25.92 -35.10
C THR A 16 -0.52 26.21 -36.41
N ARG A 17 -0.28 25.16 -37.20
CA ARG A 17 0.34 25.36 -38.50
C ARG A 17 -0.49 26.34 -39.32
N PHE A 20 -5.80 30.59 -37.72
CA PHE A 20 -6.30 31.83 -37.16
C PHE A 20 -5.28 32.56 -36.28
N ARG A 21 -3.99 32.27 -36.43
CA ARG A 21 -3.00 32.90 -35.55
C ARG A 21 -2.82 34.39 -35.85
N THR A 22 -2.90 34.81 -37.12
CA THR A 22 -2.63 36.20 -37.48
C THR A 22 -3.76 36.79 -38.32
N ALA A 23 -3.74 38.13 -38.45
CA ALA A 23 -4.75 38.85 -39.23
C ALA A 23 -4.65 38.54 -40.72
N GLY A 24 -3.43 38.54 -41.27
CA GLY A 24 -3.32 38.30 -42.70
C GLY A 24 -3.90 36.94 -43.04
N ASN A 25 -3.60 35.94 -42.20
CA ASN A 25 -4.16 34.62 -42.46
C ASN A 25 -5.67 34.66 -42.30
N LEU A 26 -6.22 35.59 -41.48
CA LEU A 26 -7.68 35.68 -41.39
C LEU A 26 -8.24 36.20 -42.70
N HIS A 27 -7.62 37.24 -43.26
CA HIS A 27 -8.01 37.71 -44.59
C HIS A 27 -8.03 36.56 -45.58
N ARG A 28 -6.90 35.85 -45.69
CA ARG A 28 -6.81 34.77 -46.66
C ARG A 28 -7.89 33.72 -46.42
N LYS A 29 -8.05 33.27 -45.16
CA LYS A 29 -9.06 32.27 -44.83
C LYS A 29 -10.46 32.75 -45.21
N LEU A 30 -10.71 34.05 -45.05
CA LEU A 30 -12.01 34.61 -45.39
C LEU A 30 -12.22 34.61 -46.91
N ILE A 31 -11.20 35.00 -47.68
CA ILE A 31 -11.40 35.05 -49.12
C ILE A 31 -11.46 33.66 -49.73
N ARG A 32 -10.78 32.67 -49.11
CA ARG A 32 -10.73 31.33 -49.70
C ARG A 32 -12.09 30.62 -49.65
N LEU A 33 -13.05 31.16 -48.90
CA LEU A 33 -14.37 30.55 -48.77
C LEU A 33 -15.39 31.22 -49.69
N SER A 34 -14.92 31.85 -50.75
CA SER A 34 -15.76 32.49 -51.75
C SER A 34 -15.05 32.27 -53.08
N SER A 35 -15.67 31.48 -53.96
CA SER A 35 -15.04 31.14 -55.23
C SER A 35 -15.09 32.31 -56.21
N ASP A 36 -16.23 32.56 -56.82
CA ASP A 36 -16.33 33.65 -57.79
C ASP A 36 -16.20 34.99 -57.07
N LEU A 37 -15.06 35.64 -57.26
CA LEU A 37 -14.80 36.95 -56.67
C LEU A 37 -14.55 37.98 -57.76
N GLY A 38 -14.94 39.21 -57.47
CA GLY A 38 -14.78 40.30 -58.41
C GLY A 38 -14.34 41.54 -57.66
N GLU A 39 -13.65 42.43 -58.37
CA GLU A 39 -13.23 43.68 -57.73
C GLU A 39 -13.28 44.80 -58.75
N GLU A 40 -14.18 45.74 -58.51
CA GLU A 40 -14.39 46.92 -59.35
C GLU A 40 -13.95 48.11 -58.51
N ARG A 41 -12.84 48.74 -58.90
CA ARG A 41 -12.23 49.81 -58.13
C ARG A 41 -12.37 51.14 -58.85
N ILE A 42 -12.39 52.22 -58.07
CA ILE A 42 -12.35 53.58 -58.61
C ILE A 42 -11.32 54.36 -57.83
N ALA A 43 -10.58 55.23 -58.51
CA ALA A 43 -9.56 56.04 -57.87
C ALA A 43 -10.19 57.17 -57.07
N ASN A 44 -9.67 57.39 -55.86
CA ASN A 44 -10.14 58.44 -54.95
C ASN A 44 -11.21 58.00 -53.94
N PRO A 45 -12.19 57.15 -54.42
CA PRO A 45 -13.20 56.76 -53.42
C PRO A 45 -12.91 55.38 -52.84
N ARG A 46 -13.95 54.58 -52.63
CA ARG A 46 -13.80 53.25 -52.07
C ARG A 46 -13.94 52.17 -53.13
N GLN A 47 -14.02 50.91 -52.69
CA GLN A 47 -14.15 49.78 -53.61
C GLN A 47 -15.51 49.10 -53.55
N GLN A 48 -15.83 48.44 -54.65
CA GLN A 48 -16.97 47.55 -54.72
C GLN A 48 -16.29 46.23 -55.06
N LEU A 51 -16.07 42.01 -49.76
CA LEU A 51 -16.90 41.75 -48.59
C LEU A 51 -16.48 42.66 -47.44
N LEU A 52 -17.18 42.50 -46.30
CA LEU A 52 -16.91 43.22 -45.06
C LEU A 52 -17.08 42.24 -43.91
N PHE A 53 -16.34 42.48 -42.83
CA PHE A 53 -16.30 41.57 -41.68
C PHE A 53 -16.08 42.32 -40.37
N ARG A 54 -16.54 41.68 -39.28
CA ARG A 54 -16.42 42.16 -37.91
C ARG A 54 -15.89 41.01 -37.05
N ILE A 55 -14.89 41.29 -36.22
CA ILE A 55 -14.36 40.26 -35.33
C ILE A 55 -15.22 40.10 -34.08
N VAL A 66 -20.55 38.21 -40.86
CA VAL A 66 -19.90 38.40 -42.15
C VAL A 66 -20.98 38.69 -43.21
N GLN A 67 -20.76 39.79 -43.93
CA GLN A 67 -21.57 40.28 -45.04
C GLN A 67 -20.91 40.02 -46.38
N SER A 68 -21.71 39.57 -47.35
CA SER A 68 -21.10 39.14 -48.61
C SER A 68 -22.10 39.27 -49.76
N HIS A 69 -21.55 39.29 -50.98
CA HIS A 69 -22.35 39.35 -52.21
C HIS A 69 -22.62 37.99 -52.83
N SER A 70 -21.71 37.04 -52.68
CA SER A 70 -21.76 35.71 -53.28
C SER A 70 -22.08 34.66 -52.23
N PRO A 71 -22.64 33.52 -52.65
CA PRO A 71 -22.99 32.47 -51.68
C PRO A 71 -21.76 31.73 -51.15
N LEU A 72 -21.59 31.81 -49.84
CA LEU A 72 -20.53 31.11 -49.14
C LEU A 72 -20.93 29.65 -48.99
N ARG A 73 -19.94 28.77 -49.12
CA ARG A 73 -20.12 27.35 -48.84
C ARG A 73 -19.00 26.89 -47.93
N VAL A 74 -19.37 26.12 -46.91
CA VAL A 74 -18.44 25.77 -45.85
C VAL A 74 -17.18 25.13 -46.41
N ASP A 75 -16.05 25.42 -45.76
CA ASP A 75 -14.75 24.87 -46.09
C ASP A 75 -14.14 24.08 -44.94
N ARG A 76 -12.83 23.86 -45.02
CA ARG A 76 -12.15 23.00 -44.06
C ARG A 76 -12.23 23.52 -42.64
N LEU A 77 -12.40 22.57 -41.71
CA LEU A 77 -12.43 22.81 -40.26
C LEU A 77 -13.45 23.89 -39.88
N GLY A 78 -14.62 23.86 -40.50
CA GLY A 78 -15.62 24.83 -40.14
C GLY A 78 -16.83 24.25 -39.44
N PRO A 79 -17.98 24.88 -39.62
CA PRO A 79 -19.21 24.40 -39.00
C PRO A 79 -19.79 23.17 -39.69
N GLY A 80 -20.66 22.47 -38.95
CA GLY A 80 -21.27 21.27 -39.47
C GLY A 80 -22.58 21.60 -40.16
N TYR A 81 -22.65 22.82 -40.66
CA TYR A 81 -23.77 23.38 -41.41
C TYR A 81 -23.20 24.52 -42.24
N HIS A 82 -23.91 24.87 -43.31
CA HIS A 82 -23.39 25.89 -44.23
C HIS A 82 -23.06 27.19 -43.51
N ARG A 87 -28.46 34.15 -43.42
CA ARG A 87 -29.67 34.83 -43.87
C ARG A 87 -29.28 35.80 -44.98
N ASN A 88 -30.26 36.18 -45.79
CA ASN A 88 -30.01 37.10 -46.90
C ASN A 88 -30.95 38.28 -46.82
N LEU A 89 -30.39 39.48 -46.79
CA LEU A 89 -31.18 40.67 -46.54
C LEU A 89 -30.96 41.70 -47.64
N ASP A 90 -32.01 42.47 -47.91
CA ASP A 90 -31.91 43.68 -48.69
C ASP A 90 -32.63 44.77 -47.91
N PRO A 91 -32.08 45.98 -47.81
CA PRO A 91 -32.75 47.05 -47.08
C PRO A 91 -33.92 47.70 -47.80
N PHE A 92 -34.44 47.13 -48.89
CA PHE A 92 -35.58 47.75 -49.55
C PHE A 92 -36.82 47.69 -48.68
N LEU A 93 -36.98 46.60 -47.94
CA LEU A 93 -38.14 46.40 -47.08
C LEU A 93 -38.25 47.44 -45.98
N ALA A 94 -39.45 48.04 -45.86
CA ALA A 94 -39.80 49.03 -44.85
C ALA A 94 -38.83 50.21 -44.76
N ASP A 97 -36.76 54.11 -42.31
CA ASP A 97 -37.23 55.49 -42.43
C ASP A 97 -36.39 56.45 -41.60
N LYS A 98 -35.96 57.53 -42.24
CA LYS A 98 -35.14 58.53 -41.58
C LYS A 98 -35.91 59.08 -40.39
N GLY A 99 -35.18 59.36 -39.30
CA GLY A 99 -35.73 59.85 -38.07
C GLY A 99 -35.70 58.81 -36.97
N SER A 100 -35.78 57.54 -37.35
CA SER A 100 -35.78 56.40 -36.43
C SER A 100 -34.40 56.12 -35.84
N ARG A 101 -34.40 55.78 -34.54
CA ARG A 101 -33.21 55.37 -33.80
C ARG A 101 -32.95 53.88 -34.01
N VAL A 102 -31.67 53.51 -34.00
CA VAL A 102 -31.23 52.15 -34.29
C VAL A 102 -30.09 51.73 -33.37
N ARG A 103 -29.98 50.41 -33.21
CA ARG A 103 -28.87 49.76 -32.51
C ARG A 103 -27.65 49.78 -33.42
N TYR A 104 -26.50 49.95 -32.78
CA TYR A 104 -25.26 50.04 -33.51
C TYR A 104 -23.99 49.49 -32.89
N ARG A 105 -23.12 48.95 -33.76
CA ARG A 105 -21.76 48.56 -33.41
C ARG A 105 -20.85 48.67 -34.66
N ILE A 106 -19.66 49.27 -34.60
CA ILE A 106 -18.72 49.25 -35.75
C ILE A 106 -17.31 49.18 -35.19
N VAL A 107 -16.48 48.34 -35.79
CA VAL A 107 -15.06 48.31 -35.44
C VAL A 107 -14.34 48.98 -36.61
N ALA A 108 -13.64 50.09 -36.32
CA ALA A 108 -12.96 50.90 -37.34
C ALA A 108 -11.61 51.39 -36.82
N SER A 109 -10.90 52.18 -37.63
CA SER A 109 -9.61 52.75 -37.26
C SER A 109 -9.55 54.26 -37.52
N PRO A 110 -9.95 55.08 -36.55
CA PRO A 110 -9.81 56.53 -36.71
C PRO A 110 -8.35 56.93 -36.87
N THR A 111 -8.05 57.66 -37.95
CA THR A 111 -6.66 58.01 -38.22
C THR A 111 -6.51 59.46 -38.65
N LYS A 112 -5.24 59.87 -38.70
CA LYS A 112 -4.71 61.09 -39.29
C LYS A 112 -3.50 60.72 -40.13
N ARG A 113 -3.30 61.45 -41.23
CA ARG A 113 -2.17 61.21 -42.14
C ARG A 113 -1.20 62.37 -41.99
N LEU A 114 0.04 62.06 -41.60
CA LEU A 114 1.03 63.07 -41.29
C LEU A 114 2.33 62.81 -42.05
N GLY A 115 3.18 63.83 -42.09
CA GLY A 115 4.55 63.69 -42.57
C GLY A 115 5.46 63.09 -41.52
N ARG A 116 6.27 62.12 -41.92
CA ARG A 116 7.20 61.47 -41.02
C ARG A 116 8.63 61.80 -41.42
N SER A 117 9.48 62.02 -40.42
CA SER A 117 10.89 62.27 -40.67
C SER A 117 11.57 61.05 -41.30
N GLU A 118 12.46 61.31 -42.25
CA GLU A 118 13.12 60.24 -42.98
C GLU A 118 12.05 59.63 -43.88
N THR A 121 5.40 59.76 -46.13
CA THR A 121 4.26 60.07 -45.28
C THR A 121 4.04 58.96 -44.24
N GLN A 122 2.89 59.00 -43.57
CA GLN A 122 2.58 57.99 -42.55
C GLN A 122 1.13 58.06 -42.05
N ARG A 123 0.76 57.07 -41.25
CA ARG A 123 -0.58 56.98 -40.68
C ARG A 123 -0.46 56.93 -39.16
N LEU A 124 -1.03 57.94 -38.50
CA LEU A 124 -0.98 58.12 -37.06
C LEU A 124 -2.39 58.09 -36.49
N GLY A 125 -2.57 57.42 -35.34
CA GLY A 125 -3.91 57.29 -34.78
C GLY A 125 -4.55 58.53 -34.20
N LEU A 126 -3.77 59.45 -33.64
CA LEU A 126 -4.32 60.69 -33.09
C LEU A 126 -4.76 61.67 -34.17
N LYS A 127 -6.07 61.86 -34.26
CA LYS A 127 -6.72 62.81 -35.17
C LYS A 127 -7.41 63.92 -34.37
N THR A 137 -6.72 68.40 -29.07
CA THR A 137 -7.45 67.25 -28.54
C THR A 137 -7.16 65.96 -29.33
N TRP A 138 -6.72 64.95 -28.61
CA TRP A 138 -6.38 63.63 -29.12
C TRP A 138 -7.50 62.62 -28.89
N ARG A 141 -8.23 60.51 -26.65
CA ARG A 141 -9.37 61.06 -25.92
C ARG A 141 -10.66 60.76 -26.70
N GLY A 142 -11.80 60.82 -26.01
CA GLY A 142 -13.08 60.54 -26.64
C GLY A 142 -13.55 61.58 -27.67
N ALA A 143 -13.46 62.87 -27.30
CA ALA A 143 -14.04 63.93 -28.12
C ALA A 143 -13.43 64.01 -29.52
N ALA A 144 -12.12 63.80 -29.65
CA ALA A 144 -11.54 63.74 -30.99
C ALA A 144 -12.20 62.62 -31.79
N ALA A 145 -12.56 61.52 -31.10
CA ALA A 145 -13.16 60.39 -31.82
C ALA A 145 -14.54 60.78 -32.31
N GLU A 146 -15.27 61.57 -31.53
CA GLU A 146 -16.58 61.99 -32.03
C GLU A 146 -16.42 62.96 -33.19
N GLU A 147 -15.43 63.86 -33.12
CA GLU A 147 -15.05 64.65 -34.30
C GLU A 147 -14.87 63.73 -35.50
N TRP A 148 -14.15 62.62 -35.28
CA TRP A 148 -13.92 61.64 -36.32
C TRP A 148 -15.26 61.13 -36.83
N TRP A 149 -16.23 61.07 -35.94
CA TRP A 149 -17.57 60.64 -36.33
C TRP A 149 -18.26 61.64 -37.23
N HIS A 150 -18.28 62.93 -36.87
CA HIS A 150 -19.02 63.82 -37.76
C HIS A 150 -18.37 63.84 -39.13
N SER A 151 -17.04 63.75 -39.19
CA SER A 151 -16.39 63.69 -40.50
C SER A 151 -16.77 62.42 -41.26
N ARG A 152 -16.61 61.25 -40.63
CA ARG A 152 -16.86 59.97 -41.30
C ARG A 152 -18.33 59.76 -41.68
N ALA A 153 -19.27 60.17 -40.82
CA ALA A 153 -20.69 59.97 -41.14
C ALA A 153 -21.22 61.00 -42.13
N ALA A 154 -20.83 62.26 -41.97
CA ALA A 154 -21.20 63.35 -42.90
C ALA A 154 -22.73 63.42 -42.97
N ALA A 155 -23.32 63.52 -44.17
CA ALA A 155 -24.76 63.70 -44.35
C ALA A 155 -25.58 62.49 -43.94
N ASN A 156 -24.97 61.31 -43.79
CA ASN A 156 -25.70 60.06 -43.56
C ASN A 156 -26.63 60.10 -42.33
N GLY A 157 -26.21 59.50 -41.23
CA GLY A 157 -27.05 59.40 -40.04
C GLY A 157 -26.40 59.96 -38.80
N LEU A 158 -27.09 60.83 -38.07
CA LEU A 158 -26.50 61.42 -36.88
C LEU A 158 -26.72 60.48 -35.71
N GLU A 159 -25.67 59.79 -35.26
CA GLU A 159 -25.88 58.84 -34.17
C GLU A 159 -24.76 58.41 -33.22
N LEU A 160 -25.27 57.98 -32.07
CA LEU A 160 -24.65 57.39 -30.90
C LEU A 160 -23.59 56.33 -31.16
N LEU A 161 -22.34 56.78 -31.29
CA LEU A 161 -21.18 55.95 -31.55
C LEU A 161 -20.46 55.73 -30.21
N SER A 162 -20.46 54.50 -29.66
CA SER A 162 -19.72 54.35 -28.41
C SER A 162 -18.25 54.49 -28.72
N THR A 163 -17.51 55.23 -27.91
CA THR A 163 -16.15 55.57 -28.29
C THR A 163 -15.07 55.18 -27.31
N TYR A 164 -13.93 54.81 -27.86
CA TYR A 164 -12.71 54.61 -27.10
C TYR A 164 -11.58 54.77 -28.10
N ALA A 165 -10.52 55.41 -27.64
CA ALA A 165 -9.29 55.62 -28.39
C ALA A 165 -8.11 55.07 -27.58
N GLN A 166 -7.52 53.98 -28.04
CA GLN A 166 -6.52 53.27 -27.25
C GLN A 166 -5.76 52.27 -28.11
N ASP A 169 -3.61 46.67 -32.13
CA ASP A 169 -3.50 45.31 -32.65
C ASP A 169 -2.19 45.17 -33.39
N ASP A 170 -1.49 44.06 -33.16
CA ASP A 170 -0.26 43.85 -33.90
C ASP A 170 -0.50 42.58 -34.70
N VAL A 171 0.20 42.47 -35.82
CA VAL A 171 0.11 41.29 -36.68
C VAL A 171 1.36 41.12 -37.53
N ARG A 172 1.57 39.89 -37.97
CA ARG A 172 2.60 39.62 -38.95
C ARG A 172 2.16 38.40 -39.76
N ASP A 173 2.57 38.43 -41.01
CA ASP A 173 2.29 37.40 -41.99
C ASP A 173 2.99 36.08 -41.68
N PRO A 174 2.35 34.97 -42.04
CA PRO A 174 2.93 33.64 -41.83
C PRO A 174 4.08 33.27 -42.76
N GLY A 175 4.58 34.18 -43.60
CA GLY A 175 5.68 33.86 -44.50
C GLY A 175 5.36 33.82 -45.98
N THR A 176 4.10 33.64 -46.38
CA THR A 176 3.80 33.53 -47.80
C THR A 176 4.34 34.73 -48.58
N ALA A 177 4.96 34.44 -49.72
CA ALA A 177 5.59 35.44 -50.57
C ALA A 177 4.61 36.44 -51.19
N ASP A 178 5.08 37.69 -51.31
CA ASP A 178 4.35 38.83 -51.88
C ASP A 178 2.99 39.03 -51.20
N ARG A 179 2.88 38.55 -49.97
CA ARG A 179 1.64 38.68 -49.20
C ARG A 179 1.80 39.54 -47.95
N SER A 180 1.83 40.86 -48.14
CA SER A 180 1.98 41.79 -47.02
C SER A 180 3.15 41.46 -46.11
N ARG A 181 3.31 42.25 -45.05
CA ARG A 181 4.38 42.05 -44.08
C ARG A 181 3.86 42.02 -42.65
N LYS A 182 4.45 42.85 -41.79
CA LYS A 182 4.03 42.92 -40.39
C LYS A 182 3.80 44.37 -40.05
N ILE A 183 2.93 44.62 -39.06
CA ILE A 183 2.60 45.99 -38.68
C ILE A 183 1.53 45.92 -37.58
N ARG A 184 0.85 47.05 -37.33
CA ARG A 184 -0.10 47.26 -36.26
C ARG A 184 -1.23 48.13 -36.76
N HIS A 185 -2.45 47.73 -36.40
CA HIS A 185 -3.69 48.42 -36.70
C HIS A 185 -4.52 48.60 -35.43
N PRO A 186 -5.06 49.79 -35.18
CA PRO A 186 -5.87 49.98 -33.97
C PRO A 186 -7.37 49.98 -34.23
N ALA A 187 -8.10 48.99 -33.74
CA ALA A 187 -9.52 48.94 -34.03
C ALA A 187 -10.34 49.52 -32.89
N VAL A 188 -11.60 49.84 -33.19
CA VAL A 188 -12.54 50.41 -32.22
C VAL A 188 -13.93 49.82 -32.41
N ARG A 189 -14.68 49.71 -31.31
CA ARG A 189 -16.03 49.14 -31.26
C ARG A 189 -16.99 50.23 -30.76
N PHE A 190 -17.69 50.84 -31.72
CA PHE A 190 -18.73 51.83 -31.46
C PHE A 190 -20.08 51.13 -31.31
N ASP A 191 -20.85 51.52 -30.28
CA ASP A 191 -22.18 50.98 -30.00
C ASP A 191 -23.18 52.06 -29.65
N GLY A 192 -24.38 52.01 -30.24
CA GLY A 192 -25.39 52.98 -29.82
C GLY A 192 -26.69 53.00 -30.61
N GLU A 193 -27.24 54.22 -30.74
CA GLU A 193 -28.51 54.49 -31.40
C GLU A 193 -28.29 55.55 -32.48
N ALA A 194 -28.78 55.31 -33.70
CA ALA A 194 -28.67 56.34 -34.71
C ALA A 194 -30.02 56.80 -35.22
N VAL A 195 -30.00 58.01 -35.76
CA VAL A 195 -31.07 58.55 -36.59
C VAL A 195 -30.60 58.62 -38.04
N ILE A 196 -31.50 58.24 -38.94
CA ILE A 196 -31.30 58.20 -40.39
C ILE A 196 -31.67 59.54 -41.00
N SER A 197 -30.89 60.02 -41.97
CA SER A 197 -31.17 61.27 -42.66
C SER A 197 -31.30 61.15 -44.18
N ASP A 198 -30.83 60.04 -44.78
CA ASP A 198 -30.88 59.88 -46.24
C ASP A 198 -30.70 58.39 -46.56
N VAL A 199 -31.82 57.69 -46.75
CA VAL A 199 -31.83 56.23 -46.85
C VAL A 199 -30.78 55.72 -47.83
N ASP A 200 -30.74 56.27 -49.05
CA ASP A 200 -29.81 55.70 -50.03
C ASP A 200 -28.37 55.96 -49.62
N ALA A 201 -28.14 57.05 -48.89
CA ALA A 201 -26.78 57.39 -48.47
C ALA A 201 -26.34 56.42 -47.38
N VAL A 202 -27.26 56.12 -46.46
CA VAL A 202 -27.00 55.11 -45.44
C VAL A 202 -26.69 53.78 -46.11
N ARG A 203 -27.36 53.50 -47.24
CA ARG A 203 -27.09 52.26 -47.96
C ARG A 203 -25.66 52.27 -48.50
N HIS A 204 -25.21 53.43 -48.97
CA HIS A 204 -23.83 53.55 -49.43
C HIS A 204 -22.86 53.30 -48.29
N ALA A 205 -23.12 53.88 -47.13
CA ALA A 205 -22.23 53.67 -45.99
C ALA A 205 -22.21 52.20 -45.56
N VAL A 206 -23.40 51.60 -45.40
CA VAL A 206 -23.47 50.23 -44.92
C VAL A 206 -22.74 49.28 -45.88
N LEU A 207 -22.83 49.52 -47.20
CA LEU A 207 -22.21 48.55 -48.09
C LEU A 207 -20.75 48.85 -48.42
N ASN A 208 -20.31 50.11 -48.43
CA ASN A 208 -18.91 50.35 -48.74
C ASN A 208 -18.02 50.13 -47.51
N GLY A 209 -18.52 50.51 -46.34
CA GLY A 209 -17.72 50.51 -45.13
C GLY A 209 -17.25 51.91 -44.78
N ILE A 210 -16.93 52.10 -43.50
CA ILE A 210 -16.51 53.40 -43.01
C ILE A 210 -15.17 53.24 -42.32
N GLY A 211 -14.14 53.79 -42.93
CA GLY A 211 -12.79 53.85 -42.37
C GLY A 211 -11.85 52.85 -43.03
N ARG A 212 -10.57 53.05 -42.73
CA ARG A 212 -9.51 52.20 -43.23
C ARG A 212 -9.58 50.79 -42.61
N GLY A 213 -8.67 49.93 -43.10
CA GLY A 213 -8.48 48.60 -42.56
C GLY A 213 -9.69 47.69 -42.56
N LYS A 214 -10.51 47.77 -43.60
CA LYS A 214 -11.68 46.89 -43.70
C LYS A 214 -11.26 45.43 -43.75
N SER A 215 -10.05 45.15 -44.22
CA SER A 215 -9.55 43.80 -44.47
C SER A 215 -8.99 43.15 -43.22
N TYR A 216 -8.93 43.90 -42.12
CA TYR A 216 -8.35 43.46 -40.85
C TYR A 216 -9.43 43.41 -39.77
N GLY A 217 -10.69 43.27 -40.16
CA GLY A 217 -11.75 43.06 -39.21
C GLY A 217 -12.71 44.23 -39.10
N CYS A 218 -12.29 45.41 -39.55
CA CYS A 218 -13.03 46.64 -39.40
C CYS A 218 -14.07 46.85 -40.52
N GLY A 219 -14.83 47.94 -40.38
CA GLY A 219 -15.71 48.46 -41.41
C GLY A 219 -17.20 48.16 -41.30
N LEU A 220 -17.57 46.93 -40.97
CA LEU A 220 -18.98 46.54 -40.96
C LEU A 220 -19.77 47.33 -39.90
N LEU A 221 -20.74 48.12 -40.38
CA LEU A 221 -21.61 48.96 -39.56
C LEU A 221 -22.95 48.27 -39.31
N SER A 222 -23.28 47.97 -38.04
CA SER A 222 -24.56 47.31 -37.79
C SER A 222 -25.52 48.22 -37.01
N LEU A 223 -26.71 48.39 -37.60
CA LEU A 223 -27.87 49.12 -37.09
C LEU A 223 -29.03 48.14 -36.89
N ALA A 224 -29.98 48.49 -36.02
CA ALA A 224 -31.15 47.65 -35.82
C ALA A 224 -32.33 48.50 -35.37
N LEU A 225 -33.55 48.10 -35.74
CA LEU A 225 -34.70 48.90 -35.37
C LEU A 225 -34.96 48.76 -33.88
N ILE A 226 -35.22 49.89 -33.21
CA ILE A 226 -35.51 49.93 -31.77
C ILE A 226 -36.75 49.15 -31.33
N TYR B 5 4.59 16.38 -22.76
CA TYR B 5 3.50 16.44 -23.72
C TYR B 5 2.70 17.71 -23.41
N ILE B 6 1.43 17.54 -23.00
CA ILE B 6 0.48 18.62 -22.68
C ILE B 6 1.14 19.98 -22.50
N LEU B 7 2.30 20.00 -21.82
CA LEU B 7 2.97 21.26 -21.52
C LEU B 7 3.39 21.99 -22.80
N GLN B 8 3.58 21.24 -23.88
CA GLN B 8 3.98 21.85 -25.14
C GLN B 8 2.86 22.70 -25.71
N HIS B 9 1.66 22.13 -25.80
CA HIS B 9 0.52 22.92 -26.26
C HIS B 9 0.22 24.03 -25.26
N ALA B 10 0.45 23.77 -23.98
CA ALA B 10 0.21 24.79 -22.97
C ALA B 10 1.09 25.99 -23.20
N ASP B 11 2.34 25.77 -23.59
CA ASP B 11 3.24 26.88 -23.86
C ASP B 11 2.80 27.64 -25.09
N ALA B 12 2.22 26.94 -26.07
CA ALA B 12 1.69 27.64 -27.23
C ALA B 12 0.56 28.55 -26.81
N LEU B 13 -0.30 28.07 -25.91
CA LEU B 13 -1.37 28.92 -25.43
C LEU B 13 -0.83 30.11 -24.63
N VAL B 14 0.16 29.89 -23.76
CA VAL B 14 0.69 31.01 -23.00
C VAL B 14 1.31 32.08 -23.90
N LYS B 15 2.20 31.74 -24.83
CA LYS B 15 2.70 32.83 -25.69
C LYS B 15 1.58 33.45 -26.53
N ARG B 16 0.88 32.64 -27.33
CA ARG B 16 -0.15 33.17 -28.24
C ARG B 16 -1.17 34.05 -27.53
N VAL B 17 -1.71 33.53 -26.44
CA VAL B 17 -2.74 34.22 -25.67
C VAL B 17 -2.16 35.40 -24.91
N SER B 18 -0.94 35.23 -24.40
CA SER B 18 -0.28 36.30 -23.67
C SER B 18 -0.10 37.50 -24.60
N LYS B 19 0.03 37.24 -25.90
CA LYS B 19 0.09 38.34 -26.84
C LYS B 19 -1.29 38.87 -27.16
N LEU B 20 -2.29 38.01 -27.38
CA LEU B 20 -3.60 38.58 -27.73
C LEU B 20 -4.24 39.42 -26.62
N ILE B 21 -4.06 39.05 -25.35
CA ILE B 21 -4.65 39.84 -24.26
C ILE B 21 -4.04 41.22 -24.20
N VAL B 22 -2.71 41.28 -24.11
CA VAL B 22 -2.01 42.53 -23.96
C VAL B 22 -2.04 43.32 -25.25
N ASN B 23 -2.37 42.66 -26.35
CA ASN B 23 -2.37 43.33 -27.63
C ASN B 23 -3.76 43.75 -28.12
N GLU B 24 -4.72 42.82 -28.21
CA GLU B 24 -6.03 43.17 -28.79
C GLU B 24 -7.14 43.17 -27.75
N PRO B 25 -7.76 44.32 -27.50
CA PRO B 25 -8.85 44.36 -26.49
C PRO B 25 -10.12 43.58 -26.81
N ALA B 26 -10.62 43.55 -28.05
CA ALA B 26 -11.89 42.85 -28.28
C ALA B 26 -11.78 41.35 -27.95
N ALA B 27 -10.65 40.73 -28.28
CA ALA B 27 -10.46 39.31 -27.97
C ALA B 27 -10.30 39.12 -26.47
N ARG B 28 -9.62 40.04 -25.81
CA ARG B 28 -9.39 40.00 -24.37
C ARG B 28 -10.72 40.08 -23.63
N ALA B 29 -11.59 40.98 -24.06
CA ALA B 29 -12.92 41.08 -23.49
C ALA B 29 -13.81 39.91 -23.87
N ALA B 30 -13.63 39.32 -25.06
CA ALA B 30 -14.45 38.16 -25.41
C ALA B 30 -14.03 36.86 -24.73
N LEU B 31 -12.79 36.73 -24.30
CA LEU B 31 -12.40 35.50 -23.63
C LEU B 31 -12.56 35.62 -22.13
N ARG B 32 -12.46 36.84 -21.58
CA ARG B 32 -12.53 37.01 -20.14
C ARG B 32 -13.93 36.81 -19.59
N ARG B 33 -14.97 36.86 -20.43
CA ARG B 33 -16.34 36.70 -19.96
C ARG B 33 -16.66 35.25 -19.60
N GLY B 34 -15.70 34.35 -19.70
CA GLY B 34 -15.97 32.96 -19.42
C GLY B 34 -15.12 32.32 -18.34
N VAL B 35 -14.77 33.11 -17.33
CA VAL B 35 -13.93 32.61 -16.24
C VAL B 35 -14.83 31.81 -15.30
N ASP B 41 -20.91 25.81 -21.80
CA ASP B 41 -21.75 26.99 -21.68
C ASP B 41 -21.66 27.91 -22.89
N PRO B 42 -22.80 28.34 -23.42
CA PRO B 42 -22.81 29.28 -24.55
C PRO B 42 -22.04 30.57 -24.32
N ARG B 43 -22.10 31.09 -23.10
CA ARG B 43 -21.48 32.39 -22.85
C ARG B 43 -19.99 32.45 -23.12
N MET B 44 -19.28 31.32 -23.12
CA MET B 44 -17.86 31.34 -23.47
C MET B 44 -17.57 30.99 -24.91
N LEU B 45 -18.57 30.68 -25.73
CA LEU B 45 -18.24 30.30 -27.12
C LEU B 45 -17.47 31.39 -27.87
N ALA B 46 -17.57 32.65 -27.45
CA ALA B 46 -16.82 33.68 -28.15
C ALA B 46 -15.32 33.46 -27.97
N ALA B 47 -14.97 32.60 -27.02
CA ALA B 47 -13.58 32.33 -26.66
C ALA B 47 -12.99 31.23 -27.53
N HIS B 48 -13.82 30.29 -28.00
CA HIS B 48 -13.31 29.18 -28.79
C HIS B 48 -12.47 29.67 -29.96
N ARG B 49 -12.96 30.70 -30.65
CA ARG B 49 -12.28 31.31 -31.79
C ARG B 49 -10.81 31.60 -31.54
N VAL B 50 -10.38 31.71 -30.28
CA VAL B 50 -8.98 31.94 -29.96
C VAL B 50 -8.29 30.69 -29.42
N VAL B 51 -8.97 29.94 -28.55
CA VAL B 51 -8.31 28.89 -27.79
C VAL B 51 -8.67 27.48 -28.25
N ALA B 52 -9.86 27.27 -28.80
CA ALA B 52 -10.32 25.92 -29.14
C ALA B 52 -9.34 25.04 -29.93
N PRO B 53 -8.59 25.55 -30.91
CA PRO B 53 -7.76 24.64 -31.75
C PRO B 53 -6.59 23.94 -31.05
N TYR B 54 -6.19 24.32 -29.85
CA TYR B 54 -5.01 23.73 -29.20
C TYR B 54 -5.39 22.67 -28.18
N VAL B 55 -6.67 22.57 -27.88
CA VAL B 55 -7.12 21.62 -26.88
C VAL B 55 -7.33 20.19 -27.39
N ALA B 76 -11.17 16.61 -20.04
CA ALA B 76 -10.78 17.22 -18.76
C ALA B 76 -9.73 18.29 -18.99
N VAL B 77 -8.87 18.05 -19.96
CA VAL B 77 -7.81 18.96 -20.34
C VAL B 77 -8.45 20.16 -21.01
N GLU B 78 -9.46 19.91 -21.85
CA GLU B 78 -10.20 20.99 -22.50
C GLU B 78 -10.75 21.97 -21.46
N ARG B 79 -11.40 21.46 -20.42
CA ARG B 79 -11.87 22.35 -19.38
C ARG B 79 -10.70 23.10 -18.77
N ALA B 80 -9.56 22.40 -18.60
CA ALA B 80 -8.39 23.05 -18.04
C ALA B 80 -7.91 24.22 -18.88
N PHE B 81 -7.56 23.98 -20.14
CA PHE B 81 -7.11 25.02 -21.06
C PHE B 81 -8.06 26.19 -21.13
N TYR B 82 -9.34 25.93 -21.41
CA TYR B 82 -10.24 27.06 -21.61
C TYR B 82 -10.32 27.92 -20.36
N ALA B 83 -10.45 27.26 -19.19
CA ALA B 83 -10.57 28.01 -17.96
C ALA B 83 -9.32 28.82 -17.64
N VAL B 84 -8.15 28.18 -17.74
CA VAL B 84 -6.91 28.89 -17.39
C VAL B 84 -6.63 30.02 -18.36
N ALA B 85 -6.91 29.83 -19.65
CA ALA B 85 -6.71 30.95 -20.56
C ALA B 85 -7.64 32.10 -20.23
N ALA B 86 -8.91 31.81 -19.96
CA ALA B 86 -9.84 32.88 -19.63
C ALA B 86 -9.47 33.61 -18.35
N ILE B 87 -9.23 32.86 -17.28
CA ILE B 87 -8.82 33.44 -16.00
C ILE B 87 -7.52 34.22 -16.14
N MET B 88 -6.57 33.68 -16.90
CA MET B 88 -5.32 34.35 -17.14
C MET B 88 -5.57 35.67 -17.83
N ALA B 89 -6.58 35.71 -18.68
CA ALA B 89 -7.00 36.87 -19.43
C ALA B 89 -7.87 37.85 -18.66
N ALA B 90 -8.41 37.50 -17.51
CA ALA B 90 -9.30 38.44 -16.84
C ALA B 90 -8.58 39.31 -15.82
N GLN B 91 -7.26 39.26 -15.78
CA GLN B 91 -6.47 40.11 -14.88
C GLN B 91 -6.53 41.58 -15.24
N PRO B 92 -6.35 42.46 -14.25
CA PRO B 92 -6.12 43.87 -14.52
C PRO B 92 -4.79 44.10 -15.23
N ARG B 93 -4.71 45.26 -15.90
CA ARG B 93 -3.53 45.59 -16.67
C ARG B 93 -2.30 45.74 -15.77
N SER B 94 -2.51 46.06 -14.50
CA SER B 94 -1.43 46.25 -13.54
C SER B 94 -0.64 44.98 -13.34
N ALA B 95 -1.24 43.83 -13.68
CA ALA B 95 -0.58 42.56 -13.51
C ALA B 95 0.03 42.11 -14.83
N ARG B 96 -0.47 42.63 -15.95
CA ARG B 96 0.08 42.25 -17.25
C ARG B 96 1.44 42.92 -17.39
N ARG B 136 11.42 24.49 -12.25
CA ARG B 136 10.23 25.20 -12.69
C ARG B 136 9.22 25.23 -11.54
N PRO B 137 8.91 26.44 -11.07
CA PRO B 137 8.06 26.58 -9.89
C PRO B 137 6.60 26.27 -10.17
N ASN B 138 5.90 25.86 -9.12
CA ASN B 138 4.48 25.55 -9.17
C ASN B 138 3.63 26.73 -8.66
N LEU B 139 2.40 26.45 -8.22
CA LEU B 139 1.53 27.48 -7.67
C LEU B 139 1.70 27.64 -6.18
N GLY B 140 2.03 26.55 -5.51
CA GLY B 140 2.28 26.62 -4.07
C GLY B 140 3.48 27.47 -3.73
N VAL B 141 4.57 27.29 -4.48
CA VAL B 141 5.76 28.08 -4.25
C VAL B 141 5.51 29.55 -4.58
N SER B 142 4.66 29.80 -5.58
CA SER B 142 4.31 31.18 -5.92
C SER B 142 3.50 31.82 -4.81
N LEU B 143 2.59 31.05 -4.20
CA LEU B 143 1.81 31.55 -3.09
C LEU B 143 2.66 31.80 -1.85
N ALA B 144 3.52 30.85 -1.49
CA ALA B 144 4.38 31.07 -0.32
C ALA B 144 5.29 32.27 -0.52
N GLN B 145 5.92 32.37 -1.70
CA GLN B 145 6.76 33.54 -1.93
C GLN B 145 5.93 34.82 -1.95
N ALA B 146 4.67 34.75 -2.39
CA ALA B 146 3.81 35.94 -2.34
C ALA B 146 3.48 36.32 -0.90
N VAL B 147 3.34 35.33 -0.03
CA VAL B 147 3.08 35.60 1.38
C VAL B 147 4.29 36.25 2.00
N PHE B 148 5.46 35.63 1.81
CA PHE B 148 6.66 36.12 2.47
C PHE B 148 7.04 37.48 1.91
N ASP B 149 6.99 37.63 0.59
CA ASP B 149 7.44 38.87 -0.03
C ASP B 149 6.37 39.96 0.08
N LYS B 150 5.26 39.79 -0.66
CA LYS B 150 4.24 40.83 -0.72
C LYS B 150 3.52 41.05 0.59
N GLY B 151 3.65 40.13 1.55
CA GLY B 151 3.04 40.27 2.85
C GLY B 151 1.55 40.01 2.89
N LEU B 152 1.04 39.11 2.05
CA LEU B 152 -0.36 38.75 2.12
C LEU B 152 -0.65 38.00 3.41
N ASN B 153 -1.92 37.81 3.72
CA ASN B 153 -2.23 37.06 4.92
C ASN B 153 -1.75 35.64 4.73
N ALA B 154 -1.12 35.07 5.76
CA ALA B 154 -0.61 33.73 5.59
C ALA B 154 -1.63 32.69 6.02
N ASP B 155 -2.19 32.89 7.21
CA ASP B 155 -3.10 31.92 7.78
C ASP B 155 -4.37 31.76 6.95
N SER B 156 -4.82 32.82 6.27
CA SER B 156 -6.07 32.81 5.50
C SER B 156 -5.84 32.21 4.12
N THR B 157 -4.72 32.53 3.51
CA THR B 157 -4.44 31.92 2.22
C THR B 157 -4.21 30.45 2.46
N GLU B 158 -3.86 30.15 3.71
CA GLU B 158 -3.67 28.80 4.18
C GLU B 158 -4.99 28.02 4.09
N GLN B 159 -6.08 28.54 4.68
CA GLN B 159 -7.33 27.77 4.55
C GLN B 159 -7.81 27.69 3.11
N ARG B 160 -7.60 28.74 2.30
CA ARG B 160 -8.06 28.59 0.92
C ARG B 160 -7.26 27.52 0.18
N LEU B 161 -5.97 27.41 0.45
CA LEU B 161 -5.21 26.32 -0.14
C LEU B 161 -5.76 24.97 0.33
N HIS B 162 -6.05 24.87 1.62
CA HIS B 162 -6.58 23.61 2.11
C HIS B 162 -7.98 23.31 1.60
N LEU B 163 -8.72 24.31 1.12
CA LEU B 163 -10.02 24.00 0.54
C LEU B 163 -9.89 23.59 -0.92
N ILE B 164 -8.95 24.18 -1.65
CA ILE B 164 -8.79 23.74 -3.02
C ILE B 164 -8.20 22.35 -3.08
N ALA B 165 -7.38 21.98 -2.12
CA ALA B 165 -6.71 20.69 -2.27
C ALA B 165 -7.70 19.53 -2.20
N ARG B 166 -8.93 19.78 -1.78
CA ARG B 166 -9.95 18.75 -1.67
C ARG B 166 -10.94 18.71 -2.84
N GLN B 167 -11.04 19.78 -3.62
CA GLN B 167 -12.05 19.85 -4.67
C GLN B 167 -11.83 18.81 -5.76
N ASN B 168 -12.90 18.58 -6.54
CA ASN B 168 -12.86 17.74 -7.73
C ASN B 168 -12.48 18.59 -8.94
N LEU B 169 -12.56 18.00 -10.14
CA LEU B 169 -12.17 18.72 -11.34
C LEU B 169 -13.05 19.94 -11.56
N ASP B 170 -14.33 19.85 -11.22
CA ASP B 170 -15.22 20.97 -11.41
C ASP B 170 -15.09 21.98 -10.27
N GLY B 171 -14.61 21.54 -9.10
CA GLY B 171 -14.51 22.45 -7.98
C GLY B 171 -13.27 23.31 -8.05
N VAL B 172 -12.20 22.78 -8.60
CA VAL B 172 -10.96 23.55 -8.69
C VAL B 172 -11.19 24.80 -9.54
N HIS B 173 -11.91 24.65 -10.64
CA HIS B 173 -12.15 25.79 -11.52
C HIS B 173 -13.14 26.79 -10.97
N ARG B 174 -13.89 26.46 -9.91
CA ARG B 174 -14.79 27.42 -9.28
C ARG B 174 -14.23 28.03 -7.99
N HIS B 175 -13.20 27.43 -7.38
CA HIS B 175 -12.63 27.97 -6.15
C HIS B 175 -11.31 28.65 -6.46
N LEU B 176 -10.73 28.25 -7.58
CA LEU B 176 -9.43 28.70 -8.05
C LEU B 176 -9.41 30.18 -8.48
N PRO B 177 -10.41 30.67 -9.23
CA PRO B 177 -10.29 32.05 -9.75
C PRO B 177 -10.09 33.12 -8.71
N ARG B 178 -10.70 33.03 -7.54
CA ARG B 178 -10.49 34.12 -6.60
C ARG B 178 -9.03 34.17 -6.14
N LEU B 179 -8.44 33.07 -5.71
CA LEU B 179 -7.07 33.14 -5.22
C LEU B 179 -6.07 33.45 -6.33
N VAL B 180 -6.23 32.85 -7.50
CA VAL B 180 -5.23 33.12 -8.53
C VAL B 180 -5.34 34.54 -9.10
N LEU B 181 -6.55 35.02 -9.37
CA LEU B 181 -6.70 36.37 -9.88
C LEU B 181 -6.36 37.43 -8.86
N TYR B 182 -6.62 37.15 -7.59
CA TYR B 182 -6.24 38.04 -6.51
C TYR B 182 -4.75 37.91 -6.24
N LEU B 183 -4.18 36.74 -6.45
CA LEU B 183 -2.76 36.57 -6.27
C LEU B 183 -2.02 37.37 -7.32
N ARG B 184 -2.47 37.29 -8.57
CA ARG B 184 -1.85 38.09 -9.61
C ARG B 184 -2.07 39.56 -9.32
N SER B 185 -3.15 39.88 -8.60
CA SER B 185 -3.27 41.25 -8.10
C SER B 185 -2.14 41.47 -7.11
N ASP B 186 -1.54 42.65 -7.12
CA ASP B 186 -0.31 42.92 -6.39
C ASP B 186 0.86 42.15 -6.98
N GLN B 187 0.87 42.05 -8.32
CA GLN B 187 1.93 41.50 -9.18
C GLN B 187 2.72 40.34 -8.60
N VAL B 188 2.06 39.21 -8.37
CA VAL B 188 2.71 37.97 -7.98
C VAL B 188 3.02 37.14 -9.21
N HIS B 189 4.23 36.57 -9.29
CA HIS B 189 4.58 35.83 -10.49
C HIS B 189 3.86 34.49 -10.48
N ILE B 190 3.23 34.14 -11.60
CA ILE B 190 2.56 32.86 -11.71
C ILE B 190 2.88 32.22 -13.05
N ASP B 191 3.53 31.04 -13.02
CA ASP B 191 3.83 30.26 -14.22
C ASP B 191 2.55 29.57 -14.73
N TRP B 192 1.90 30.16 -15.73
CA TRP B 192 0.61 29.64 -16.19
C TRP B 192 0.72 28.26 -16.82
N GLY B 193 1.84 27.95 -17.47
CA GLY B 193 1.97 26.62 -18.09
C GLY B 193 1.87 25.49 -17.09
N ILE B 194 2.59 25.60 -15.97
CA ILE B 194 2.52 24.56 -14.94
C ILE B 194 1.11 24.50 -14.38
N LEU B 195 0.49 25.64 -14.16
CA LEU B 195 -0.88 25.67 -13.68
C LEU B 195 -1.82 24.95 -14.65
N ILE B 196 -1.62 25.19 -15.96
CA ILE B 196 -2.44 24.51 -16.96
C ILE B 196 -2.28 23.01 -16.85
N ARG B 197 -1.04 22.52 -16.89
CA ARG B 197 -0.88 21.08 -16.84
C ARG B 197 -1.40 20.54 -15.53
N ASP B 198 -1.40 21.37 -14.48
CA ASP B 198 -1.93 20.95 -13.20
C ASP B 198 -3.44 20.78 -13.28
N LEU B 199 -4.12 21.73 -13.90
CA LEU B 199 -5.56 21.61 -14.07
C LEU B 199 -5.88 20.44 -14.97
N ALA B 200 -4.93 20.04 -15.82
CA ALA B 200 -5.13 18.88 -16.66
C ALA B 200 -4.94 17.60 -15.86
N ARG B 201 -4.09 17.65 -14.85
CA ARG B 201 -3.78 16.52 -13.99
C ARG B 201 -4.89 16.21 -12.99
N TRP B 202 -5.94 17.04 -12.93
CA TRP B 202 -7.09 16.69 -12.09
C TRP B 202 -7.92 15.57 -12.69
N GLY B 203 -7.88 15.38 -14.01
CA GLY B 203 -8.68 14.33 -14.61
C GLY B 203 -8.20 12.94 -14.26
N HIS B 204 -6.92 12.80 -13.96
CA HIS B 204 -6.33 11.50 -13.64
C HIS B 204 -5.82 11.40 -12.22
N THR B 205 -5.12 12.40 -11.70
CA THR B 205 -4.57 12.35 -10.35
C THR B 205 -4.87 13.64 -9.62
N PRO B 206 -6.12 13.83 -9.17
CA PRO B 206 -6.48 15.09 -8.50
C PRO B 206 -5.75 15.25 -7.19
N ARG B 207 -5.82 14.20 -6.38
CA ARG B 207 -5.18 14.21 -5.07
C ARG B 207 -3.67 14.39 -5.18
N HIS B 208 -3.05 13.82 -6.21
CA HIS B 208 -1.61 13.95 -6.36
C HIS B 208 -1.24 15.40 -6.59
N VAL B 209 -1.87 16.05 -7.58
CA VAL B 209 -1.58 17.45 -7.87
C VAL B 209 -1.88 18.32 -6.66
N ALA B 210 -2.99 18.04 -5.97
CA ALA B 210 -3.30 18.83 -4.78
C ALA B 210 -2.16 18.72 -3.78
N ARG B 211 -1.71 17.49 -3.51
CA ARG B 211 -0.62 17.29 -2.56
C ARG B 211 0.63 18.02 -2.99
N GLU B 212 0.96 17.99 -4.28
CA GLU B 212 2.13 18.73 -4.74
C GLU B 212 1.95 20.22 -4.48
N TRP B 213 0.78 20.78 -4.80
CA TRP B 213 0.60 22.21 -4.57
C TRP B 213 0.84 22.56 -3.10
N VAL B 214 0.16 21.86 -2.19
CA VAL B 214 0.29 22.18 -0.77
C VAL B 214 1.73 21.97 -0.30
N GLN B 215 2.32 20.81 -0.60
CA GLN B 215 3.69 20.56 -0.18
C GLN B 215 4.62 21.64 -0.68
N ASP B 216 4.55 21.99 -1.96
CA ASP B 216 5.40 23.04 -2.47
C ASP B 216 5.23 24.31 -1.67
N TYR B 217 3.96 24.65 -1.34
CA TYR B 217 3.73 25.86 -0.56
C TYR B 217 4.44 25.80 0.78
N HIS B 218 4.15 24.82 1.62
CA HIS B 218 4.79 24.78 2.94
C HIS B 218 6.30 24.64 2.87
N ARG B 219 6.80 23.76 1.98
CA ARG B 219 8.25 23.58 1.92
C ARG B 219 8.94 24.88 1.53
N THR B 220 8.45 25.55 0.50
CA THR B 220 9.09 26.79 0.08
C THR B 220 8.87 27.90 1.09
N LEU B 221 7.77 27.89 1.82
CA LEU B 221 7.61 28.87 2.89
C LEU B 221 8.64 28.65 3.98
N GLU B 222 8.81 27.38 4.39
CA GLU B 222 9.80 27.07 5.41
C GLU B 222 11.20 27.43 4.95
N THR B 223 11.59 27.02 3.75
CA THR B 223 12.94 27.32 3.27
C THR B 223 13.15 28.83 3.12
N LEU B 224 12.11 29.56 2.71
CA LEU B 224 12.26 31.00 2.59
C LEU B 224 12.37 31.66 3.96
N THR B 225 11.73 31.07 4.98
CA THR B 225 11.87 31.62 6.33
C THR B 225 13.21 31.26 6.95
N ARG B 226 13.71 30.06 6.68
CA ARG B 226 15.00 29.63 7.23
C ARG B 226 16.17 30.29 6.51
N GLN B 227 16.00 30.65 5.25
CA GLN B 227 17.11 31.27 4.57
C GLN B 227 17.23 32.73 4.92
N ALA B 228 16.22 33.28 5.60
CA ALA B 228 16.29 34.65 6.12
C ALA B 228 16.99 34.69 7.46
N GLU B 229 17.85 33.71 7.74
CA GLU B 229 18.59 33.62 8.99
C GLU B 229 19.46 34.85 9.19
N PRO C 17 66.97 -65.85 -11.39
CA PRO C 17 65.69 -66.03 -10.70
C PRO C 17 65.22 -64.72 -10.08
N PRO C 18 63.92 -64.46 -10.11
CA PRO C 18 63.40 -63.21 -9.55
C PRO C 18 63.45 -63.24 -8.03
N SER C 19 64.12 -62.26 -7.44
CA SER C 19 64.22 -62.14 -6.01
C SER C 19 64.13 -60.66 -5.66
N PHE C 20 63.62 -60.37 -4.46
CA PHE C 20 63.44 -58.98 -4.05
C PHE C 20 63.52 -58.97 -2.53
N ASP C 21 64.66 -58.54 -2.00
CA ASP C 21 64.89 -58.51 -0.57
C ASP C 21 64.35 -57.22 0.03
N VAL C 22 63.51 -57.35 1.04
CA VAL C 22 62.93 -56.18 1.69
C VAL C 22 64.00 -55.40 2.44
N THR C 23 64.97 -56.08 3.03
CA THR C 23 66.01 -55.40 3.78
C THR C 23 66.93 -54.60 2.85
N ILE C 24 67.16 -55.11 1.64
CA ILE C 24 68.11 -54.49 0.72
C ILE C 24 67.40 -53.56 -0.25
N ALA C 25 66.46 -54.09 -1.02
CA ALA C 25 65.82 -53.30 -2.07
C ALA C 25 65.11 -52.10 -1.47
N PRO C 26 65.28 -50.90 -2.03
CA PRO C 26 64.66 -49.70 -1.45
C PRO C 26 63.14 -49.66 -1.66
N TRP C 27 62.43 -49.25 -0.61
CA TRP C 27 60.98 -49.14 -0.73
C TRP C 27 60.41 -48.19 0.32
N LEU C 28 61.11 -47.95 1.43
CA LEU C 28 60.62 -47.03 2.44
C LEU C 28 61.13 -45.62 2.14
N ILE C 29 60.22 -44.68 1.96
CA ILE C 29 60.66 -43.31 1.72
C ILE C 29 61.27 -42.79 3.01
N ALA C 30 62.42 -42.14 2.92
CA ALA C 30 63.04 -41.67 4.15
C ALA C 30 63.52 -40.24 4.04
N ARG C 31 63.06 -39.40 4.96
CA ARG C 31 63.58 -38.05 5.10
C ARG C 31 64.27 -37.95 6.45
N SER C 32 65.50 -37.45 6.44
CA SER C 32 66.24 -37.35 7.69
C SER C 32 65.94 -36.03 8.37
N ARG C 33 66.33 -35.92 9.64
CA ARG C 33 66.08 -34.64 10.28
C ARG C 33 67.02 -33.57 9.73
N ASP C 34 67.89 -33.95 8.80
CA ASP C 34 68.93 -33.11 8.26
C ASP C 34 68.54 -32.62 6.87
N VAL C 35 69.19 -31.54 6.42
CA VAL C 35 69.09 -31.07 5.03
C VAL C 35 67.66 -30.70 4.68
N LEU C 36 66.75 -31.66 4.92
CA LEU C 36 65.33 -31.58 4.55
C LEU C 36 65.19 -31.35 3.05
N ALA C 37 66.04 -32.02 2.27
CA ALA C 37 65.99 -31.98 0.82
C ALA C 37 66.20 -33.37 0.23
N ALA C 38 65.38 -33.73 -0.78
CA ALA C 38 65.48 -35.01 -1.46
C ALA C 38 65.38 -36.25 -0.56
N PRO C 39 64.18 -36.65 -0.14
CA PRO C 39 64.05 -37.88 0.64
C PRO C 39 64.41 -39.09 -0.21
N GLU C 40 65.19 -40.01 0.37
CA GLU C 40 65.73 -41.15 -0.35
C GLU C 40 65.04 -42.44 0.05
N MET C 41 64.88 -43.33 -0.92
CA MET C 41 64.24 -44.62 -0.67
C MET C 41 65.27 -45.61 -0.13
N LEU C 42 64.94 -46.26 0.98
CA LEU C 42 65.84 -47.23 1.59
C LEU C 42 65.12 -48.55 1.80
N GLY C 43 65.89 -49.61 2.02
CA GLY C 43 65.33 -50.88 2.38
C GLY C 43 65.00 -50.95 3.86
N LEU C 44 64.55 -52.13 4.30
CA LEU C 44 64.17 -52.26 5.70
C LEU C 44 65.39 -52.31 6.61
N ARG C 45 66.44 -53.02 6.20
CA ARG C 45 67.63 -53.10 7.05
C ARG C 45 68.31 -51.74 7.16
N ASP C 46 68.60 -51.12 6.01
CA ASP C 46 69.29 -49.84 6.02
C ASP C 46 68.51 -48.79 6.82
N VAL C 47 67.19 -48.80 6.72
CA VAL C 47 66.37 -47.90 7.53
C VAL C 47 66.55 -48.24 9.00
N LEU C 48 66.42 -49.51 9.34
CA LEU C 48 66.44 -49.91 10.73
C LEU C 48 67.80 -49.64 11.37
N ILE C 49 68.86 -49.60 10.56
CA ILE C 49 70.21 -49.40 11.08
C ILE C 49 70.47 -47.92 11.29
N ARG C 50 70.13 -47.07 10.32
CA ARG C 50 70.37 -45.63 10.40
C ARG C 50 69.23 -44.88 11.05
N SER C 51 68.44 -45.52 11.90
CA SER C 51 67.29 -44.88 12.50
C SER C 51 67.65 -43.55 13.17
N HIS C 52 68.78 -43.49 13.86
CA HIS C 52 69.11 -42.25 14.57
C HIS C 52 69.40 -41.09 13.64
N GLU C 53 69.74 -41.35 12.38
CA GLU C 53 70.09 -40.29 11.45
C GLU C 53 68.89 -39.77 10.67
N LEU C 54 67.87 -40.61 10.47
CA LEU C 54 66.69 -40.24 9.71
C LEU C 54 65.58 -39.76 10.63
N SER C 55 64.79 -38.80 10.13
CA SER C 55 63.72 -38.28 10.95
C SER C 55 62.49 -39.16 10.83
N ASP C 56 62.20 -39.66 9.64
CA ASP C 56 61.04 -40.51 9.47
C ASP C 56 61.13 -41.25 8.13
N VAL C 57 60.45 -42.40 8.07
CA VAL C 57 60.28 -43.18 6.85
C VAL C 57 58.80 -43.44 6.65
N GLU C 58 58.29 -43.16 5.45
CA GLU C 58 56.88 -43.26 5.18
C GLU C 58 56.59 -43.97 3.87
N ILE C 59 55.31 -44.36 3.76
CA ILE C 59 54.67 -44.96 2.59
C ILE C 59 53.33 -44.26 2.39
N PRO C 60 52.98 -43.96 1.14
CA PRO C 60 51.71 -43.26 0.84
C PRO C 60 50.41 -43.86 1.37
N LEU C 61 50.30 -45.15 1.65
CA LEU C 61 49.01 -45.67 2.12
C LEU C 61 48.96 -45.76 3.63
N PRO C 62 48.09 -45.01 4.28
CA PRO C 62 47.90 -45.10 5.73
C PRO C 62 47.61 -46.50 6.23
N PRO C 63 46.88 -47.36 5.52
CA PRO C 63 46.80 -48.75 6.01
C PRO C 63 48.15 -49.44 6.00
N GLY C 64 48.87 -49.29 4.88
CA GLY C 64 50.20 -49.86 4.77
C GLY C 64 51.08 -49.43 5.91
N ALA C 65 51.02 -48.14 6.26
CA ALA C 65 51.79 -47.66 7.40
C ALA C 65 51.23 -48.19 8.70
N ALA C 66 49.91 -48.31 8.80
CA ALA C 66 49.29 -48.77 10.04
C ALA C 66 49.77 -50.17 10.41
N VAL C 67 50.09 -50.99 9.42
CA VAL C 67 50.69 -52.29 9.76
C VAL C 67 52.21 -52.17 9.79
N LEU C 68 52.78 -51.28 8.97
CA LEU C 68 54.23 -51.11 8.91
C LEU C 68 54.79 -50.80 10.28
N TRP C 69 54.17 -49.85 10.99
CA TRP C 69 54.71 -49.46 12.28
C TRP C 69 54.60 -50.60 13.27
N ARG C 70 53.63 -51.49 13.05
CA ARG C 70 53.52 -52.70 13.85
C ARG C 70 54.70 -53.62 13.57
N ILE C 71 55.01 -53.84 12.29
CA ILE C 71 56.14 -54.69 11.92
C ILE C 71 57.44 -54.18 12.54
N LEU C 72 57.72 -52.88 12.35
CA LEU C 72 58.96 -52.35 12.91
C LEU C 72 58.98 -52.41 14.42
N ALA C 73 57.86 -52.12 15.06
CA ALA C 73 57.83 -52.23 16.53
C ALA C 73 58.11 -53.66 17.02
N LEU C 74 57.50 -54.65 16.37
CA LEU C 74 57.73 -56.05 16.75
C LEU C 74 59.18 -56.47 16.52
N ILE C 75 59.71 -56.12 15.35
CA ILE C 75 61.08 -56.51 15.04
C ILE C 75 62.04 -55.93 16.06
N THR C 76 61.97 -54.62 16.28
CA THR C 76 62.89 -54.06 17.25
C THR C 76 62.60 -54.50 18.68
N ALA C 77 61.42 -55.05 18.96
CA ALA C 77 61.17 -55.59 20.28
C ALA C 77 61.79 -56.97 20.44
N ARG C 78 61.68 -57.79 19.39
CA ARG C 78 62.32 -59.10 19.38
C ARG C 78 63.83 -58.97 19.46
N ILE C 79 64.41 -57.96 18.81
CA ILE C 79 65.85 -57.78 18.91
C ILE C 79 66.24 -57.44 20.34
N THR C 80 65.48 -56.55 20.97
CA THR C 80 65.78 -56.03 22.29
C THR C 80 64.50 -55.89 23.07
N GLY C 81 64.45 -56.43 24.28
CA GLY C 81 63.27 -56.13 25.05
C GLY C 81 62.03 -56.99 24.85
N LEU C 82 62.14 -58.29 25.09
CA LEU C 82 60.98 -59.18 24.98
C LEU C 82 60.83 -59.97 26.28
N ASP C 83 59.74 -60.75 26.35
CA ASP C 83 59.41 -61.58 27.52
C ASP C 83 59.26 -60.77 28.80
N GLN C 84 60.38 -60.27 29.32
CA GLN C 84 60.35 -59.45 30.52
C GLN C 84 59.88 -58.04 30.21
N ASN C 89 59.54 -58.53 39.68
CA ASN C 89 58.86 -57.32 39.22
C ASN C 89 59.01 -57.14 37.72
N PRO C 90 58.10 -57.72 36.95
CA PRO C 90 58.20 -57.62 35.49
C PRO C 90 58.00 -56.20 34.99
N LYS C 91 57.09 -55.47 35.62
CA LYS C 91 56.75 -54.12 35.18
C LYS C 91 57.93 -53.18 35.40
N ARG C 92 58.47 -53.17 36.61
CA ARG C 92 59.60 -52.30 36.93
C ARG C 92 60.84 -52.69 36.14
N LYS C 93 61.00 -53.97 35.85
CA LYS C 93 62.15 -54.40 35.06
C LYS C 93 61.98 -53.97 33.61
N TRP C 94 60.74 -54.01 33.11
CA TRP C 94 60.51 -53.51 31.77
C TRP C 94 60.74 -52.01 31.67
N GLN C 95 60.21 -51.24 32.62
CA GLN C 95 60.43 -49.81 32.56
C GLN C 95 61.88 -49.44 32.81
N ALA C 96 62.63 -50.29 33.52
CA ALA C 96 64.04 -50.04 33.75
C ALA C 96 64.86 -50.32 32.50
N ARG C 97 64.64 -51.48 31.91
CA ARG C 97 65.32 -51.86 30.68
C ARG C 97 64.98 -50.84 29.60
N ARG C 98 63.71 -50.43 29.61
CA ARG C 98 63.14 -49.37 28.79
C ARG C 98 63.91 -48.07 28.96
N SER C 99 64.16 -47.70 30.21
CA SER C 99 64.89 -46.47 30.48
C SER C 99 66.32 -46.53 29.98
N GLN C 100 66.95 -47.70 30.07
CA GLN C 100 68.31 -47.78 29.54
C GLN C 100 68.30 -47.57 28.04
N ILE C 101 67.45 -48.31 27.34
CA ILE C 101 67.42 -48.22 25.88
C ILE C 101 67.05 -46.82 25.42
N LEU C 102 66.07 -46.18 26.07
CA LEU C 102 65.74 -44.81 25.69
C LEU C 102 66.85 -43.82 26.02
N SER C 103 67.64 -44.09 27.06
CA SER C 103 68.71 -43.17 27.42
C SER C 103 69.93 -43.33 26.54
N LYS C 104 70.17 -44.56 26.08
CA LYS C 104 71.32 -44.86 25.25
C LYS C 104 71.24 -44.21 23.86
N GLY C 105 70.05 -44.13 23.27
CA GLY C 105 69.90 -43.42 22.01
C GLY C 105 70.31 -44.12 20.73
N ARG C 106 70.80 -45.36 20.76
CA ARG C 106 71.23 -45.99 19.50
C ARG C 106 71.34 -47.50 19.66
N LEU C 107 70.65 -48.26 18.81
CA LEU C 107 70.87 -49.72 18.79
C LEU C 107 72.09 -50.11 17.96
N ASP C 108 72.86 -51.04 18.50
CA ASP C 108 74.06 -51.54 17.82
C ASP C 108 73.67 -52.31 16.56
N PRO C 109 74.26 -51.98 15.41
CA PRO C 109 73.88 -52.71 14.17
C PRO C 109 74.13 -54.20 14.24
N GLU C 110 75.13 -54.64 15.00
CA GLU C 110 75.44 -56.07 15.08
C GLU C 110 74.29 -56.86 15.65
N ALA C 111 73.45 -56.25 16.48
CA ALA C 111 72.31 -56.98 17.00
C ALA C 111 71.19 -57.04 16.00
N VAL C 112 71.14 -56.08 15.07
CA VAL C 112 70.19 -56.15 13.97
C VAL C 112 70.60 -57.24 12.98
N ASP C 113 71.87 -57.27 12.59
CA ASP C 113 72.30 -58.34 11.72
C ASP C 113 72.29 -59.69 12.43
N ALA C 114 72.35 -59.69 13.76
CA ALA C 114 72.23 -60.95 14.47
C ALA C 114 70.78 -61.37 14.59
N TYR C 115 69.86 -60.41 14.68
CA TYR C 115 68.45 -60.76 14.68
C TYR C 115 67.99 -61.24 13.31
N PHE C 116 68.50 -60.63 12.25
CA PHE C 116 68.19 -61.10 10.91
C PHE C 116 68.96 -62.35 10.55
N ALA C 117 70.05 -62.64 11.26
CA ALA C 117 70.86 -63.81 10.99
C ALA C 117 70.09 -65.11 11.19
N ASP C 118 68.96 -65.07 11.88
CA ASP C 118 68.14 -66.26 12.14
C ASP C 118 67.14 -66.57 11.03
N TYR C 119 66.83 -65.57 10.20
CA TYR C 119 65.84 -65.56 9.13
C TYR C 119 66.40 -64.82 7.91
N SER C 120 67.65 -65.15 7.58
CA SER C 120 68.36 -64.49 6.50
C SER C 120 67.72 -64.74 5.14
N GLU C 121 67.21 -65.94 4.91
CA GLU C 121 66.65 -66.33 3.62
C GLU C 121 65.15 -66.16 3.58
N ARG C 122 64.56 -65.74 4.70
CA ARG C 122 63.11 -65.59 4.80
C ARG C 122 62.52 -64.22 4.42
N PHE C 123 63.34 -63.23 4.11
CA PHE C 123 62.76 -61.94 3.76
C PHE C 123 62.66 -61.70 2.27
N ASP C 124 62.58 -62.74 1.46
CA ASP C 124 62.33 -62.57 0.04
C ASP C 124 60.83 -62.61 -0.16
N LEU C 125 60.30 -61.65 -0.91
CA LEU C 125 58.86 -61.70 -1.14
C LEU C 125 58.53 -62.73 -2.21
N PHE C 126 59.41 -62.93 -3.19
CA PHE C 126 59.20 -63.92 -4.24
C PHE C 126 60.05 -65.15 -3.96
N HIS C 127 60.17 -65.55 -2.71
CA HIS C 127 60.93 -66.74 -2.40
C HIS C 127 60.23 -68.00 -2.89
N PRO C 128 60.97 -68.94 -3.49
CA PRO C 128 60.35 -70.19 -3.96
C PRO C 128 59.61 -70.93 -2.85
N GLU C 129 60.13 -70.90 -1.63
CA GLU C 129 59.51 -71.51 -0.48
C GLU C 129 59.46 -70.49 0.64
N ARG C 130 58.32 -70.43 1.33
CA ARG C 130 58.11 -69.42 2.37
C ARG C 130 58.33 -68.03 1.81
N PRO C 131 57.44 -67.55 0.94
CA PRO C 131 57.50 -66.14 0.55
C PRO C 131 57.07 -65.22 1.66
N TRP C 132 57.66 -64.03 1.66
CA TRP C 132 57.42 -63.06 2.72
C TRP C 132 55.96 -62.65 2.80
N LEU C 133 55.38 -62.83 3.98
CA LEU C 133 53.99 -62.45 4.22
C LEU C 133 53.05 -63.08 3.19
N GLN C 134 53.35 -64.28 2.72
CA GLN C 134 52.56 -64.90 1.67
C GLN C 134 52.34 -66.36 2.00
N ASP C 135 51.53 -67.01 1.17
CA ASP C 135 51.30 -68.44 1.28
C ASP C 135 51.68 -69.07 -0.06
N PRO C 136 52.71 -69.91 -0.10
CA PRO C 136 53.15 -70.48 -1.38
C PRO C 136 52.23 -71.55 -1.94
N ARG C 137 51.44 -72.22 -1.11
CA ARG C 137 50.59 -73.29 -1.62
C ARG C 137 49.36 -72.78 -2.34
N LEU C 138 49.17 -71.48 -2.35
CA LEU C 138 47.98 -70.85 -2.91
C LEU C 138 48.09 -70.77 -4.44
N ARG C 139 49.31 -70.90 -4.98
CA ARG C 139 49.54 -70.82 -6.42
C ARG C 139 48.92 -72.00 -7.16
N GLU C 140 48.95 -73.17 -6.55
CA GLU C 140 48.17 -74.32 -6.98
C GLU C 140 46.81 -74.19 -6.33
N GLU C 141 45.86 -75.01 -6.76
CA GLU C 141 44.50 -75.03 -6.20
C GLU C 141 43.72 -73.74 -6.43
N CYS C 142 44.29 -72.75 -7.11
CA CYS C 142 43.61 -71.50 -7.45
C CYS C 142 43.65 -71.36 -8.98
N PRO C 143 42.61 -71.81 -9.69
CA PRO C 143 42.66 -71.75 -11.16
C PRO C 143 42.72 -70.36 -11.77
N LYS C 144 42.03 -69.37 -11.22
CA LYS C 144 42.03 -68.01 -11.74
C LYS C 144 42.83 -67.07 -10.85
N THR C 145 43.69 -66.27 -11.48
CA THR C 145 44.44 -65.25 -10.76
C THR C 145 43.53 -64.08 -10.47
N SER C 146 43.65 -63.53 -9.25
CA SER C 146 42.84 -62.37 -8.88
C SER C 146 43.19 -61.15 -9.72
N GLY C 147 44.47 -60.96 -10.01
CA GLY C 147 44.94 -59.84 -10.79
C GLY C 147 45.45 -58.73 -9.89
N VAL C 148 46.39 -57.95 -10.43
CA VAL C 148 46.94 -56.83 -9.68
C VAL C 148 45.85 -55.84 -9.28
N ASN C 149 44.88 -55.63 -10.17
CA ASN C 149 43.81 -54.67 -9.90
C ASN C 149 42.92 -55.08 -8.74
N LYS C 150 42.86 -56.36 -8.42
CA LYS C 150 42.07 -56.80 -7.27
C LYS C 150 42.84 -56.66 -5.97
N LEU C 151 44.16 -56.71 -6.02
CA LEU C 151 44.98 -56.55 -4.82
C LEU C 151 45.11 -55.10 -4.40
N ALA C 152 45.68 -54.28 -5.26
CA ALA C 152 45.99 -52.89 -4.92
C ALA C 152 44.73 -52.09 -4.64
N TRP C 153 44.80 -51.22 -3.64
CA TRP C 153 43.71 -50.33 -3.32
C TRP C 153 43.72 -49.09 -4.19
N GLY C 154 42.52 -48.59 -4.47
CA GLY C 154 42.33 -47.50 -5.39
C GLY C 154 42.40 -47.89 -6.85
N ARG C 155 42.61 -49.17 -7.14
CA ARG C 155 42.67 -49.68 -8.51
C ARG C 155 41.43 -50.51 -8.75
N THR C 156 40.67 -50.15 -9.78
CA THR C 156 39.37 -50.74 -10.07
C THR C 156 39.52 -52.21 -10.45
N ALA C 157 39.04 -53.12 -9.58
CA ALA C 157 39.16 -54.55 -9.85
C ALA C 157 38.20 -54.97 -10.96
N GLY C 158 38.13 -56.28 -11.22
CA GLY C 158 37.44 -56.77 -12.39
C GLY C 158 36.04 -56.23 -12.63
N GLU C 159 35.17 -56.33 -11.65
CA GLU C 159 33.81 -55.88 -11.94
C GLU C 159 33.56 -54.42 -11.53
N ASN C 160 34.46 -53.82 -10.75
CA ASN C 160 34.23 -52.45 -10.31
C ASN C 160 34.04 -51.55 -11.52
N GLN C 161 33.58 -50.33 -11.27
CA GLN C 161 33.04 -49.47 -12.32
C GLN C 161 34.08 -48.66 -13.09
N VAL C 162 35.37 -48.81 -12.79
CA VAL C 162 36.46 -48.19 -13.55
C VAL C 162 36.52 -46.66 -13.49
N TRP C 163 35.45 -46.03 -13.00
CA TRP C 163 35.35 -44.59 -13.15
C TRP C 163 36.52 -43.84 -12.52
N LEU C 164 36.79 -44.11 -11.25
CA LEU C 164 37.77 -43.31 -10.55
C LEU C 164 38.99 -44.13 -10.16
N GLY C 165 40.02 -43.39 -9.77
CA GLY C 165 41.31 -43.92 -9.38
C GLY C 165 42.08 -44.48 -10.55
N GLY C 166 42.03 -43.82 -11.70
CA GLY C 166 42.72 -44.32 -12.86
C GLY C 166 41.88 -45.42 -13.46
N HIS C 167 41.71 -45.41 -14.77
CA HIS C 167 40.92 -46.46 -15.38
C HIS C 167 41.82 -47.68 -15.64
N HIS C 168 41.39 -48.85 -15.18
CA HIS C 168 42.13 -50.08 -15.37
C HIS C 168 41.15 -51.14 -15.85
N HIS C 169 41.24 -51.50 -17.13
CA HIS C 169 40.26 -52.39 -17.71
C HIS C 169 40.41 -53.83 -17.30
N ASP C 170 41.36 -54.16 -16.45
CA ASP C 170 41.65 -55.53 -16.06
C ASP C 170 42.07 -56.34 -17.26
N LEU C 171 42.28 -55.67 -18.40
CA LEU C 171 42.81 -56.25 -19.62
C LEU C 171 44.08 -55.48 -19.97
N ASP C 172 45.20 -56.19 -20.06
CA ASP C 172 46.60 -55.76 -20.18
C ASP C 172 46.87 -54.69 -19.12
N PRO C 173 46.83 -55.04 -17.84
CA PRO C 173 47.08 -54.05 -16.79
C PRO C 173 48.56 -53.78 -16.62
N HIS C 174 48.90 -52.51 -16.48
CA HIS C 174 50.29 -52.14 -16.30
C HIS C 174 50.74 -52.68 -14.95
N PRO C 175 51.78 -53.50 -14.90
CA PRO C 175 52.18 -54.10 -13.62
C PRO C 175 52.77 -53.12 -12.63
N LEU C 176 52.35 -53.23 -11.38
CA LEU C 176 52.86 -52.40 -10.31
C LEU C 176 54.34 -52.68 -10.09
N ASP C 177 55.09 -51.63 -9.73
CA ASP C 177 56.41 -51.87 -9.17
C ASP C 177 56.30 -52.58 -7.83
N SER C 178 57.30 -53.44 -7.58
CA SER C 178 57.32 -54.28 -6.39
C SER C 178 57.15 -53.52 -5.08
N ALA C 179 57.78 -52.35 -4.96
CA ALA C 179 57.65 -51.57 -3.73
C ALA C 179 56.20 -51.22 -3.44
N GLU C 180 55.54 -50.59 -4.41
CA GLU C 180 54.14 -50.28 -4.21
C GLU C 180 53.34 -51.55 -3.98
N ALA C 181 53.78 -52.65 -4.60
CA ALA C 181 53.13 -53.92 -4.37
C ALA C 181 53.21 -54.30 -2.90
N VAL C 182 54.36 -54.07 -2.28
CA VAL C 182 54.49 -54.34 -0.85
C VAL C 182 53.55 -53.46 -0.06
N TRP C 183 53.42 -52.19 -0.45
CA TRP C 183 52.50 -51.30 0.26
C TRP C 183 51.08 -51.84 0.21
N HIS C 184 50.57 -52.10 -1.00
CA HIS C 184 49.22 -52.60 -1.14
C HIS C 184 49.06 -53.95 -0.45
N LEU C 185 50.13 -54.73 -0.43
CA LEU C 185 50.10 -56.01 0.25
C LEU C 185 49.86 -55.80 1.73
N LEU C 186 50.69 -54.97 2.36
CA LEU C 186 50.53 -54.70 3.78
C LEU C 186 49.13 -54.18 4.08
N ALA C 187 48.61 -53.33 3.20
CA ALA C 187 47.26 -52.84 3.37
C ALA C 187 46.27 -54.00 3.41
N THR C 188 46.33 -54.89 2.41
CA THR C 188 45.40 -56.01 2.34
C THR C 188 45.52 -56.93 3.54
N LEU C 189 46.73 -57.15 4.05
CA LEU C 189 46.81 -57.94 5.27
C LEU C 189 46.17 -57.22 6.43
N GLY C 190 46.28 -55.91 6.48
CA GLY C 190 45.54 -55.20 7.50
C GLY C 190 44.08 -55.16 7.12
N TYR C 191 43.67 -54.05 6.52
CA TYR C 191 42.32 -53.91 6.01
C TYR C 191 42.17 -54.68 4.70
N GLY C 192 41.09 -55.43 4.59
CA GLY C 192 40.86 -56.25 3.44
C GLY C 192 39.38 -56.47 3.22
N PRO C 193 38.95 -56.49 1.96
CA PRO C 193 37.52 -56.71 1.71
C PRO C 193 37.05 -58.01 2.33
N SER C 194 35.92 -57.93 3.02
CA SER C 194 35.28 -59.08 3.65
C SER C 194 34.45 -59.87 2.66
N GLY C 195 34.46 -59.48 1.40
CA GLY C 195 33.66 -60.13 0.42
C GLY C 195 34.28 -61.38 -0.12
N MET C 196 33.46 -62.13 -0.84
CA MET C 196 33.94 -63.36 -1.43
C MET C 196 34.85 -63.06 -2.61
N CYS C 197 35.88 -63.88 -2.76
CA CYS C 197 36.87 -63.70 -3.82
C CYS C 197 37.19 -64.97 -4.56
N THR C 198 38.41 -65.07 -5.08
CA THR C 198 38.78 -66.23 -5.87
C THR C 198 38.80 -67.47 -4.98
N ALA C 199 38.27 -68.57 -5.50
CA ALA C 199 38.13 -69.81 -4.76
C ALA C 199 39.42 -70.61 -4.75
N ARG C 200 39.64 -71.32 -3.64
CA ARG C 200 40.78 -72.21 -3.51
C ARG C 200 40.31 -73.54 -2.95
N VAL C 201 40.38 -74.59 -3.75
CA VAL C 201 40.02 -75.93 -3.28
C VAL C 201 41.13 -76.40 -2.35
N VAL C 202 40.79 -76.69 -1.10
CA VAL C 202 41.76 -77.23 -0.15
C VAL C 202 41.30 -78.62 0.33
N ARG C 203 41.91 -79.66 -0.23
CA ARG C 203 41.54 -81.05 0.07
C ARG C 203 40.07 -81.31 -0.20
N GLY C 204 39.54 -80.72 -1.26
CA GLY C 204 38.19 -80.98 -1.68
C GLY C 204 37.20 -79.89 -1.31
N ARG C 205 37.60 -78.93 -0.48
CA ARG C 205 36.71 -77.89 0.00
C ARG C 205 37.01 -76.58 -0.70
N SER C 206 36.02 -76.05 -1.43
CA SER C 206 36.15 -74.77 -2.13
C SER C 206 35.05 -73.87 -1.64
N GLU C 207 35.39 -72.86 -0.85
CA GLU C 207 34.44 -71.85 -0.41
C GLU C 207 35.08 -70.50 -0.72
N ARG C 208 34.76 -69.93 -1.88
CA ARG C 208 35.48 -68.74 -2.33
C ARG C 208 35.29 -67.56 -1.37
N ASN C 209 34.50 -67.78 -0.33
CA ASN C 209 34.23 -66.75 0.67
C ASN C 209 35.50 -66.41 1.42
N VAL C 210 35.69 -65.11 1.68
CA VAL C 210 36.86 -64.61 2.40
C VAL C 210 36.37 -63.75 3.56
N THR C 211 37.09 -63.83 4.68
CA THR C 211 36.74 -63.06 5.86
C THR C 211 37.28 -61.63 5.78
N ALA C 212 36.96 -60.85 6.79
CA ALA C 212 37.37 -59.45 6.92
C ALA C 212 38.73 -59.31 7.58
N GLY C 213 39.36 -58.17 7.33
CA GLY C 213 40.63 -57.84 7.94
C GLY C 213 40.48 -57.75 9.44
N PRO C 214 41.59 -57.93 10.17
CA PRO C 214 41.49 -58.03 11.63
C PRO C 214 41.15 -56.74 12.34
N LEU C 215 41.56 -55.61 11.76
CA LEU C 215 41.28 -54.30 12.32
C LEU C 215 40.74 -53.42 11.20
N ARG C 216 39.66 -53.89 10.58
CA ARG C 216 39.05 -53.21 9.46
C ARG C 216 38.17 -52.00 9.82
N GLY C 217 38.70 -50.81 9.55
CA GLY C 217 37.98 -49.57 9.78
C GLY C 217 38.28 -48.88 11.08
N THR C 218 39.52 -48.94 11.55
CA THR C 218 39.85 -48.29 12.81
C THR C 218 41.08 -47.43 12.55
N VAL C 219 41.26 -46.39 13.37
CA VAL C 219 42.41 -45.49 13.30
C VAL C 219 43.47 -45.90 14.31
N SER C 220 44.65 -46.26 13.82
CA SER C 220 45.80 -46.63 14.63
C SER C 220 46.60 -45.40 15.05
N TYR C 221 47.04 -45.39 16.31
CA TYR C 221 47.76 -44.27 16.92
C TYR C 221 49.19 -44.66 17.28
N HIS C 222 50.16 -44.15 16.54
CA HIS C 222 51.55 -44.38 16.89
C HIS C 222 52.18 -43.08 17.36
N PRO C 223 52.75 -43.05 18.55
CA PRO C 223 53.44 -41.85 19.02
C PRO C 223 54.76 -41.63 18.29
N LEU C 224 55.17 -40.36 18.20
CA LEU C 224 56.40 -39.98 17.52
C LEU C 224 57.33 -39.22 18.44
N GLY C 225 58.59 -39.18 18.02
CA GLY C 225 59.67 -38.42 18.62
C GLY C 225 60.23 -37.44 17.61
N ARG C 226 61.54 -37.27 17.60
CA ARG C 226 62.20 -36.42 16.62
C ARG C 226 62.81 -37.21 15.47
N THR C 227 63.01 -38.52 15.65
CA THR C 227 63.48 -39.41 14.61
C THR C 227 62.68 -40.70 14.67
N LEU C 228 62.86 -41.55 13.67
CA LEU C 228 62.13 -42.82 13.68
C LEU C 228 62.59 -43.72 14.82
N PHE C 229 63.83 -43.57 15.26
CA PHE C 229 64.38 -44.43 16.30
C PHE C 229 63.53 -44.41 17.57
N GLU C 230 63.58 -43.32 18.31
CA GLU C 230 62.85 -43.28 19.56
C GLU C 230 61.35 -43.42 19.34
N SER C 231 60.85 -43.07 18.16
CA SER C 231 59.44 -43.26 17.90
C SER C 231 59.10 -44.75 17.85
N LEU C 232 59.85 -45.51 17.06
CA LEU C 232 59.64 -46.95 16.98
C LEU C 232 59.80 -47.58 18.36
N ILE C 233 60.68 -47.03 19.20
CA ILE C 233 60.86 -47.65 20.50
C ILE C 233 59.64 -47.38 21.35
N LEU C 234 59.10 -46.16 21.31
CA LEU C 234 57.85 -45.94 22.03
C LEU C 234 56.69 -46.70 21.40
N ASN C 235 56.84 -47.16 20.15
CA ASN C 235 55.78 -47.96 19.52
C ASN C 235 55.65 -49.34 20.12
N ILE C 236 56.70 -49.85 20.77
CA ILE C 236 56.66 -51.19 21.34
C ILE C 236 55.66 -51.28 22.48
N PRO C 237 54.64 -52.10 22.34
CA PRO C 237 53.68 -52.30 23.43
C PRO C 237 54.29 -53.20 24.48
N TYR C 238 53.86 -53.03 25.71
CA TYR C 238 54.40 -53.87 26.75
C TYR C 238 53.83 -55.27 26.63
N PRO C 239 54.66 -56.29 26.41
CA PRO C 239 54.18 -57.66 26.31
C PRO C 239 53.91 -58.23 27.69
N GLY C 240 52.67 -58.64 27.92
CA GLY C 240 52.34 -59.31 29.16
C GLY C 240 53.04 -60.65 29.27
N THR C 241 53.33 -61.05 30.49
CA THR C 241 54.01 -62.32 30.70
C THR C 241 53.12 -63.45 30.23
N GLY C 242 53.66 -64.27 29.34
CA GLY C 242 52.89 -65.39 28.81
C GLY C 242 53.76 -66.20 27.89
N ALA C 243 53.13 -66.96 27.01
CA ALA C 243 53.89 -67.82 26.13
C ALA C 243 54.65 -67.01 25.09
N ALA C 244 55.87 -67.42 24.81
CA ALA C 244 56.62 -66.77 23.74
C ALA C 244 55.89 -67.01 22.43
N ASP C 245 55.88 -66.00 21.57
CA ASP C 245 55.07 -66.05 20.36
C ASP C 245 55.97 -65.69 19.19
N LEU C 246 55.45 -65.90 17.98
CA LEU C 246 56.23 -65.56 16.82
C LEU C 246 55.26 -65.10 15.73
N ALA C 247 55.74 -64.23 14.84
CA ALA C 247 54.88 -63.66 13.82
C ALA C 247 54.63 -64.61 12.66
N PHE C 248 53.79 -64.16 11.73
CA PHE C 248 53.48 -64.93 10.52
C PHE C 248 54.71 -65.06 9.66
N TRP C 249 55.48 -64.00 9.57
CA TRP C 249 56.71 -63.98 8.82
C TRP C 249 57.88 -64.54 9.61
N GLU C 250 57.61 -64.92 10.85
CA GLU C 250 58.62 -65.51 11.71
C GLU C 250 58.27 -66.98 11.98
N GLN C 251 57.21 -67.47 11.36
CA GLN C 251 56.79 -68.87 11.56
C GLN C 251 57.60 -69.88 10.77
N PRO C 252 58.27 -70.82 11.44
CA PRO C 252 58.95 -71.90 10.74
C PRO C 252 58.00 -72.85 10.04
N GLU C 253 56.71 -72.81 10.37
CA GLU C 253 55.69 -73.66 9.79
C GLU C 253 54.82 -72.89 8.79
N LEU C 254 54.42 -73.57 7.73
CA LEU C 254 53.47 -73.04 6.76
C LEU C 254 52.04 -73.38 7.18
N ASN C 255 51.22 -72.36 7.38
CA ASN C 255 49.93 -72.51 8.03
C ASN C 255 49.05 -73.53 7.34
N ASP C 256 48.30 -74.30 8.13
CA ASP C 256 47.27 -75.18 7.56
C ASP C 256 45.95 -74.44 7.53
N PRO C 257 45.36 -74.21 6.36
CA PRO C 257 44.11 -73.41 6.31
C PRO C 257 42.97 -73.86 7.22
N LEU C 258 42.80 -75.15 7.45
CA LEU C 258 41.76 -75.63 8.33
C LEU C 258 42.23 -75.81 9.77
N GLY C 259 41.29 -75.71 10.69
CA GLY C 259 41.59 -75.78 12.10
C GLY C 259 41.41 -74.45 12.79
N LEU C 260 41.62 -74.49 14.07
CA LEU C 260 41.42 -73.26 14.84
C LEU C 260 42.69 -72.43 14.81
N PRO C 261 42.59 -71.13 14.52
CA PRO C 261 43.76 -70.25 14.70
C PRO C 261 44.09 -70.13 16.18
N GLU C 262 45.01 -70.93 16.65
CA GLU C 262 45.31 -71.00 18.07
C GLU C 262 45.68 -69.63 18.63
N GLU C 263 45.29 -69.40 19.89
CA GLU C 263 45.47 -68.12 20.56
C GLU C 263 46.95 -67.84 20.77
N SER C 264 47.29 -66.62 21.19
CA SER C 264 48.70 -66.29 21.38
C SER C 264 48.86 -65.13 22.35
N ALA C 265 49.30 -65.45 23.57
CA ALA C 265 49.47 -64.43 24.60
C ALA C 265 50.69 -63.55 24.34
N GLY C 266 51.66 -64.04 23.57
CA GLY C 266 52.85 -63.26 23.26
C GLY C 266 52.54 -62.00 22.49
N LEU C 267 53.53 -61.09 22.45
CA LEU C 267 53.28 -59.80 21.83
C LEU C 267 53.05 -59.92 20.33
N ALA C 268 53.53 -60.98 19.71
CA ALA C 268 53.26 -61.16 18.28
C ALA C 268 51.81 -61.57 18.04
N GLY C 269 51.08 -61.94 19.09
CA GLY C 269 49.68 -62.28 18.95
C GLY C 269 48.77 -61.14 19.33
N ILE C 270 49.31 -60.16 20.05
CA ILE C 270 48.56 -58.97 20.40
C ILE C 270 48.99 -57.78 19.59
N LEU C 271 49.98 -57.96 18.71
CA LEU C 271 50.36 -57.00 17.71
C LEU C 271 49.73 -57.37 16.38
N ARG C 272 48.81 -58.33 16.39
CA ARG C 272 48.02 -58.81 15.26
C ARG C 272 48.87 -59.28 14.07
N LEU C 273 50.04 -59.85 14.33
CA LEU C 273 50.89 -60.36 13.28
C LEU C 273 51.15 -61.86 13.42
N ASP C 274 50.37 -62.56 14.23
CA ASP C 274 50.62 -64.00 14.33
C ASP C 274 50.04 -64.71 13.11
N HIS C 275 48.90 -64.24 12.62
CA HIS C 275 48.32 -64.80 11.42
C HIS C 275 47.36 -63.78 10.87
N PHE C 276 47.33 -63.62 9.56
CA PHE C 276 46.39 -62.71 8.96
C PHE C 276 45.27 -63.52 8.30
N ARG C 277 44.07 -62.94 8.35
CA ARG C 277 42.87 -63.53 7.77
C ARG C 277 42.95 -63.74 6.27
N HIS C 278 43.56 -62.80 5.55
CA HIS C 278 43.66 -62.98 4.11
C HIS C 278 44.97 -63.69 3.77
N ALA C 279 45.18 -63.97 2.49
CA ALA C 279 46.44 -64.54 2.04
C ALA C 279 46.69 -64.13 0.60
N VAL C 280 47.80 -63.45 0.36
CA VAL C 280 48.12 -62.86 -0.94
C VAL C 280 49.32 -63.56 -1.55
N LEU C 281 49.31 -63.73 -2.87
CA LEU C 281 50.46 -64.23 -3.61
C LEU C 281 50.73 -63.31 -4.78
N LEU C 282 51.99 -62.93 -4.97
CA LEU C 282 52.42 -62.00 -6.00
C LEU C 282 53.24 -62.71 -7.08
N HIS C 283 52.77 -62.66 -8.30
CA HIS C 283 53.53 -63.23 -9.40
C HIS C 283 54.62 -62.27 -9.85
N PRO C 284 55.88 -62.69 -9.90
CA PRO C 284 56.97 -61.77 -10.19
C PRO C 284 57.14 -61.52 -11.67
N SER C 285 57.66 -60.36 -11.99
CA SER C 285 58.14 -60.08 -13.32
C SER C 285 59.50 -60.74 -13.49
N PRO C 286 59.91 -61.07 -14.72
CA PRO C 286 61.18 -61.79 -14.90
C PRO C 286 62.36 -61.08 -14.26
N ASP C 287 62.35 -59.76 -14.22
CA ASP C 287 63.41 -58.98 -13.60
C ASP C 287 63.18 -58.79 -12.11
N GLY C 288 61.94 -58.90 -11.66
CA GLY C 288 61.57 -58.62 -10.28
C GLY C 288 61.23 -57.17 -10.07
N SER C 289 61.03 -56.43 -11.16
CA SER C 289 60.69 -55.02 -11.14
C SER C 289 59.20 -54.79 -10.98
N HIS C 290 58.38 -55.78 -11.30
CA HIS C 290 56.95 -55.55 -11.28
C HIS C 290 56.25 -56.79 -10.74
N VAL C 291 54.98 -56.61 -10.37
CA VAL C 291 54.08 -57.71 -10.07
C VAL C 291 53.12 -57.82 -11.25
N VAL C 292 52.88 -59.02 -11.74
CA VAL C 292 52.04 -59.19 -12.92
C VAL C 292 50.66 -59.72 -12.58
N ASP C 293 50.58 -60.74 -11.73
CA ASP C 293 49.31 -61.26 -11.26
C ASP C 293 49.33 -61.36 -9.75
N ALA C 294 48.16 -61.55 -9.17
CA ALA C 294 48.06 -61.65 -7.73
C ALA C 294 46.92 -62.56 -7.37
N TRP C 295 47.04 -63.21 -6.21
CA TRP C 295 45.99 -64.08 -5.68
C TRP C 295 45.66 -63.64 -4.27
N VAL C 296 44.46 -63.11 -4.06
CA VAL C 296 43.97 -62.76 -2.73
C VAL C 296 42.93 -63.79 -2.34
N THR C 297 43.16 -64.51 -1.24
CA THR C 297 42.31 -65.65 -0.98
C THR C 297 42.28 -65.95 0.53
N TRP C 298 41.17 -66.53 0.96
CA TRP C 298 40.95 -66.92 2.35
C TRP C 298 42.03 -67.83 2.90
N ALA C 299 42.37 -67.65 4.19
CA ALA C 299 43.30 -68.54 4.86
C ALA C 299 42.69 -69.35 5.99
N TRP C 300 41.59 -68.92 6.59
CA TRP C 300 40.92 -69.65 7.65
C TRP C 300 39.42 -69.59 7.46
N ARG C 301 38.72 -70.67 7.81
CA ARG C 301 37.27 -70.65 7.69
C ARG C 301 36.48 -70.21 8.91
N GLU C 302 36.82 -70.63 10.12
CA GLU C 302 36.03 -70.23 11.29
C GLU C 302 36.79 -69.15 12.06
N ARG C 303 36.13 -68.02 12.29
CA ARG C 303 36.72 -66.89 13.01
C ARG C 303 36.83 -67.14 14.51
N ASN C 304 37.96 -66.76 15.09
CA ASN C 304 38.20 -66.87 16.52
C ASN C 304 38.62 -65.51 17.06
N ILE C 305 38.24 -65.26 18.31
CA ILE C 305 38.55 -63.99 18.96
C ILE C 305 40.02 -63.90 19.33
N SER C 306 40.65 -62.78 18.97
CA SER C 306 42.05 -62.55 19.27
C SER C 306 42.18 -62.00 20.69
N PRO C 307 43.01 -62.59 21.54
CA PRO C 307 43.09 -62.13 22.93
C PRO C 307 43.67 -60.73 23.07
N GLU C 308 43.12 -59.99 24.02
CA GLU C 308 43.53 -58.63 24.40
C GLU C 308 43.31 -57.55 23.35
N LEU C 309 42.97 -56.36 23.82
CA LEU C 309 42.74 -55.21 22.96
C LEU C 309 44.03 -54.77 22.27
N ASP C 310 43.90 -54.36 21.02
CA ASP C 310 45.03 -53.82 20.27
C ASP C 310 45.47 -52.54 20.95
N PRO C 311 46.73 -52.45 21.42
CA PRO C 311 47.16 -51.26 22.16
C PRO C 311 47.00 -49.95 21.42
N TYR C 312 46.98 -49.97 20.10
CA TYR C 312 46.98 -48.74 19.34
C TYR C 312 45.61 -48.09 19.29
N LEU C 313 44.55 -48.88 19.09
CA LEU C 313 43.21 -48.39 18.84
C LEU C 313 42.52 -47.90 20.10
N ILE C 314 41.55 -47.01 19.92
CA ILE C 314 40.69 -46.55 21.01
C ILE C 314 39.48 -47.45 21.07
N TYR C 315 39.22 -48.05 22.22
CA TYR C 315 38.07 -48.93 22.24
C TYR C 315 36.92 -48.17 22.87
N GLN C 316 35.72 -48.71 22.71
CA GLN C 316 34.54 -48.07 23.27
C GLN C 316 33.44 -49.11 23.33
N THR C 317 32.63 -49.04 24.39
CA THR C 317 31.53 -49.97 24.58
C THR C 317 30.21 -49.24 24.46
N SER C 318 29.36 -49.75 23.56
CA SER C 318 28.03 -49.23 23.33
C SER C 318 27.04 -50.19 23.97
N LYS C 319 25.82 -49.76 24.22
CA LYS C 319 24.86 -50.64 24.84
C LYS C 319 24.95 -51.97 24.11
N GLU C 320 24.48 -53.03 24.78
CA GLU C 320 24.76 -54.44 24.49
C GLU C 320 26.08 -54.88 25.11
N GLY C 321 26.94 -53.94 25.45
CA GLY C 321 28.15 -54.22 26.22
C GLY C 321 29.31 -54.64 25.36
N ARG C 322 29.14 -54.56 24.05
CA ARG C 322 30.15 -54.93 23.06
C ARG C 322 31.35 -54.00 23.14
N VAL C 323 32.56 -54.56 23.23
CA VAL C 323 33.75 -53.72 23.29
C VAL C 323 34.29 -53.72 21.88
N TYR C 324 34.26 -52.55 21.26
CA TYR C 324 34.69 -52.39 19.89
C TYR C 324 35.50 -51.13 19.66
N PRO C 325 36.51 -51.19 18.79
CA PRO C 325 37.27 -49.99 18.45
C PRO C 325 36.38 -49.00 17.74
N ARG C 326 36.44 -47.73 18.15
CA ARG C 326 35.58 -46.75 17.51
C ARG C 326 35.91 -46.66 16.04
N PRO C 327 34.98 -46.93 15.14
CA PRO C 327 35.29 -46.90 13.72
C PRO C 327 35.68 -45.50 13.32
N ALA C 328 36.71 -45.37 12.49
CA ALA C 328 37.12 -44.03 12.08
C ALA C 328 35.93 -43.29 11.47
N GLU C 329 36.13 -42.03 11.10
CA GLU C 329 35.07 -41.20 10.53
C GLU C 329 35.73 -40.01 9.86
N ALA C 330 35.55 -39.90 8.55
CA ALA C 330 36.12 -38.77 7.82
C ALA C 330 35.52 -37.47 8.32
N GLU C 331 34.22 -37.47 8.62
CA GLU C 331 33.52 -36.27 9.06
C GLU C 331 34.00 -35.74 10.41
N ARG C 332 34.24 -36.61 11.39
CA ARG C 332 34.63 -36.12 12.70
C ARG C 332 35.98 -35.42 12.66
N ALA C 333 36.09 -34.27 13.33
CA ALA C 333 37.39 -33.63 13.39
C ALA C 333 38.20 -34.49 14.34
N ILE C 334 39.50 -34.62 14.06
CA ILE C 334 40.31 -35.52 14.86
C ILE C 334 40.43 -35.06 16.31
N TRP C 335 40.46 -33.77 16.57
CA TRP C 335 40.82 -33.31 17.92
C TRP C 335 40.03 -33.98 19.06
N ARG C 336 38.74 -34.29 18.86
CA ARG C 336 37.99 -34.92 19.95
C ARG C 336 38.60 -36.24 20.38
N ASP C 337 39.07 -37.02 19.41
CA ASP C 337 39.63 -38.32 19.72
C ASP C 337 40.88 -38.13 20.56
N LEU C 338 41.66 -37.10 20.26
CA LEU C 338 42.87 -36.87 21.03
C LEU C 338 42.53 -36.74 22.51
N ASP C 339 41.41 -36.09 22.84
CA ASP C 339 41.05 -35.98 24.25
C ASP C 339 40.87 -37.36 24.86
N ALA C 340 40.22 -38.26 24.13
CA ALA C 340 40.05 -39.61 24.63
C ALA C 340 41.42 -40.22 24.96
N LEU C 341 42.41 -39.95 24.12
CA LEU C 341 43.76 -40.47 24.32
C LEU C 341 44.28 -40.23 25.73
N LEU C 342 43.45 -39.71 26.63
CA LEU C 342 43.89 -39.45 28.00
C LEU C 342 42.95 -40.09 29.03
N HIS C 343 43.44 -40.44 30.21
CA HIS C 343 42.50 -41.15 31.07
C HIS C 343 42.53 -40.97 32.59
N TYR C 344 42.83 -42.05 33.31
CA TYR C 344 42.79 -41.99 34.77
C TYR C 344 41.39 -41.49 35.15
N GLY C 345 40.45 -41.62 34.22
CA GLY C 345 39.09 -41.17 34.41
C GLY C 345 38.01 -42.03 33.74
N GLU C 346 38.11 -42.32 32.45
CA GLU C 346 37.03 -43.13 31.87
C GLU C 346 35.85 -42.24 31.53
N ASP C 347 35.64 -42.02 30.24
CA ASP C 347 34.53 -41.19 29.78
C ASP C 347 33.52 -42.01 28.99
N GLY C 348 33.41 -43.29 29.34
CA GLY C 348 32.50 -44.18 28.68
C GLY C 348 33.19 -45.14 27.73
N ASN C 349 34.52 -45.06 27.62
CA ASN C 349 35.28 -45.93 26.74
C ASN C 349 36.51 -46.54 27.42
N TYR C 350 36.86 -47.75 27.03
CA TYR C 350 38.01 -48.43 27.63
C TYR C 350 39.32 -47.68 27.37
N ARG C 351 39.52 -47.33 26.11
CA ARG C 351 40.72 -46.59 25.64
C ARG C 351 41.94 -47.38 25.13
N PRO C 352 43.14 -46.72 24.89
CA PRO C 352 44.31 -47.45 24.36
C PRO C 352 45.38 -47.74 25.40
N THR C 353 45.81 -48.99 25.49
CA THR C 353 46.82 -49.38 26.47
C THR C 353 48.21 -48.82 26.19
N ILE C 354 48.65 -48.78 24.92
CA ILE C 354 50.01 -48.29 24.67
C ILE C 354 50.14 -46.85 25.12
N LEU C 355 49.13 -46.04 24.85
CA LEU C 355 49.20 -44.65 25.26
C LEU C 355 49.27 -44.54 26.79
N ASP C 356 48.45 -45.36 27.48
CA ASP C 356 48.41 -45.35 28.94
C ASP C 356 49.76 -45.76 29.51
N ASN C 357 50.37 -46.81 28.98
CA ASN C 357 51.67 -47.23 29.50
C ASN C 357 52.76 -46.22 29.14
N CYS C 358 52.81 -45.84 27.86
CA CYS C 358 53.86 -45.01 27.28
C CYS C 358 53.92 -43.55 27.74
N THR C 359 52.81 -42.89 27.93
CA THR C 359 53.11 -41.49 28.17
C THR C 359 53.05 -40.86 29.54
N PRO C 360 52.36 -41.38 30.56
CA PRO C 360 52.38 -40.70 31.86
C PRO C 360 53.74 -40.73 32.53
N LEU C 361 53.89 -39.87 33.53
CA LEU C 361 55.18 -39.75 34.20
C LEU C 361 55.56 -40.97 35.04
N ALA C 362 54.64 -41.90 35.30
CA ALA C 362 55.04 -43.09 36.06
C ALA C 362 56.08 -43.89 35.31
N GLN C 363 55.94 -43.93 33.98
CA GLN C 363 56.87 -44.62 33.11
C GLN C 363 58.33 -44.35 33.52
N VAL C 364 59.10 -43.65 32.70
CA VAL C 364 60.50 -43.37 33.03
C VAL C 364 61.23 -42.32 32.18
N PRO C 365 60.89 -42.23 30.83
CA PRO C 365 61.66 -41.22 30.07
C PRO C 365 61.66 -39.83 30.71
N GLN C 366 62.79 -39.13 30.67
CA GLN C 366 62.83 -37.80 31.28
C GLN C 366 62.25 -36.70 30.40
N GLU C 367 62.77 -36.53 29.18
CA GLU C 367 62.40 -35.37 28.40
C GLU C 367 61.70 -35.72 27.10
N VAL C 368 61.92 -36.91 26.55
CA VAL C 368 61.36 -37.23 25.25
C VAL C 368 59.85 -37.02 25.26
N LEU C 369 59.23 -37.19 26.42
CA LEU C 369 57.78 -36.98 26.52
C LEU C 369 57.41 -35.55 26.17
N ASP C 370 58.29 -34.60 26.45
CA ASP C 370 57.94 -33.21 26.20
C ASP C 370 57.81 -32.93 24.71
N SER C 371 58.59 -33.64 23.90
CA SER C 371 58.65 -33.39 22.47
C SER C 371 58.01 -34.48 21.64
N LEU C 372 57.37 -35.47 22.26
CA LEU C 372 56.72 -36.50 21.47
C LEU C 372 55.44 -35.95 20.87
N ARG C 373 55.09 -36.44 19.70
CA ARG C 373 53.88 -35.98 19.04
C ARG C 373 53.20 -37.14 18.34
N LEU C 374 51.90 -37.25 18.58
CA LEU C 374 51.06 -38.38 18.21
C LEU C 374 50.72 -38.39 16.73
N ARG C 375 50.63 -39.59 16.16
CA ARG C 375 50.26 -39.73 14.76
C ARG C 375 49.12 -40.73 14.59
N ALA C 376 48.16 -40.43 13.71
CA ALA C 376 47.00 -41.30 13.51
C ALA C 376 46.79 -41.69 12.05
N PHE C 377 46.51 -42.98 11.82
CA PHE C 377 46.12 -43.52 10.51
C PHE C 377 44.70 -44.07 10.57
N GLY C 378 43.77 -43.45 9.86
CA GLY C 378 42.41 -43.96 9.95
C GLY C 378 41.84 -44.21 8.59
N PHE C 379 41.60 -45.48 8.28
CA PHE C 379 40.98 -45.89 7.02
C PHE C 379 39.54 -46.29 7.28
N ASP C 380 38.63 -45.31 7.27
CA ASP C 380 37.20 -45.56 7.41
C ASP C 380 36.54 -46.12 6.15
N GLN C 381 35.94 -47.32 6.25
CA GLN C 381 35.24 -47.90 5.10
C GLN C 381 34.20 -48.89 5.62
N ASP C 382 33.28 -49.24 4.72
CA ASP C 382 32.19 -50.21 4.86
C ASP C 382 32.49 -51.38 5.80
N GLY C 383 31.45 -52.04 6.30
CA GLY C 383 31.78 -53.25 7.02
C GLY C 383 32.06 -54.40 6.09
N GLN C 384 31.71 -54.21 4.83
CA GLN C 384 31.95 -55.11 3.70
C GLN C 384 33.23 -54.78 2.93
N ALA C 385 33.08 -54.67 1.62
CA ALA C 385 34.15 -54.37 0.69
C ALA C 385 34.14 -52.94 0.15
N ARG C 386 33.20 -52.10 0.59
CA ARG C 386 33.18 -50.74 0.08
C ARG C 386 34.16 -49.89 0.87
N ASP C 387 34.76 -48.90 0.21
CA ASP C 387 35.66 -48.01 0.90
C ASP C 387 35.39 -46.55 0.58
N LYS C 388 35.60 -45.71 1.57
CA LYS C 388 35.30 -44.29 1.47
C LYS C 388 36.50 -43.40 1.69
N GLN C 389 37.23 -43.55 2.79
CA GLN C 389 38.23 -42.52 3.03
C GLN C 389 39.34 -43.00 3.95
N TRP C 390 40.56 -42.53 3.72
CA TRP C 390 41.65 -42.71 4.67
C TRP C 390 42.26 -41.37 5.01
N PHE C 391 43.03 -41.32 6.10
CA PHE C 391 43.61 -40.05 6.47
C PHE C 391 44.71 -40.26 7.51
N THR C 392 45.78 -39.49 7.39
CA THR C 392 46.82 -39.44 8.40
C THR C 392 46.60 -38.17 9.22
N ALA C 393 47.22 -38.11 10.39
CA ALA C 393 46.98 -36.96 11.27
C ALA C 393 48.09 -36.89 12.33
N THR C 394 49.16 -36.16 12.02
CA THR C 394 50.27 -35.94 12.94
C THR C 394 49.94 -34.80 13.92
N THR C 395 49.08 -35.11 14.87
CA THR C 395 48.65 -34.13 15.85
C THR C 395 49.81 -33.69 16.74
N PRO C 396 49.87 -32.39 17.11
CA PRO C 396 50.94 -31.85 18.00
C PRO C 396 51.45 -32.70 19.15
N ALA C 397 52.01 -32.03 20.15
CA ALA C 397 52.57 -32.71 21.30
C ALA C 397 51.71 -32.44 22.53
N VAL C 398 51.31 -33.51 23.22
CA VAL C 398 50.49 -33.41 24.42
C VAL C 398 50.92 -34.50 25.40
N LEU C 399 50.83 -34.18 26.69
CA LEU C 399 51.17 -35.08 27.79
C LEU C 399 50.01 -35.31 28.73
N ASP C 409 51.40 -34.32 37.82
CA ASP C 409 50.32 -35.29 37.96
C ASP C 409 49.02 -34.56 38.25
N ASN C 410 48.87 -34.03 39.47
CA ASN C 410 47.65 -33.30 39.78
C ASN C 410 47.51 -32.08 38.88
N GLU C 411 48.61 -31.36 38.64
CA GLU C 411 48.53 -30.24 37.73
C GLU C 411 48.16 -30.74 36.34
N ASN C 412 48.78 -31.86 35.96
CA ASN C 412 48.47 -32.52 34.70
C ASN C 412 47.03 -32.98 34.73
N ALA C 413 46.56 -33.47 35.88
CA ALA C 413 45.19 -33.91 35.99
C ALA C 413 44.26 -32.75 35.72
N ARG C 414 44.58 -31.57 36.23
CA ARG C 414 43.77 -30.40 35.91
C ARG C 414 43.81 -30.07 34.43
N ILE C 415 44.98 -30.13 33.78
CA ILE C 415 44.97 -29.81 32.35
C ILE C 415 44.10 -30.79 31.58
N VAL C 416 44.21 -32.08 31.89
CA VAL C 416 43.36 -33.05 31.20
C VAL C 416 41.90 -32.81 31.54
N ARG C 417 41.61 -32.46 32.80
CA ARG C 417 40.23 -32.21 33.18
C ARG C 417 39.64 -31.08 32.35
N ARG C 418 40.44 -30.03 32.11
CA ARG C 418 39.96 -28.96 31.25
C ARG C 418 39.69 -29.48 29.85
N ILE C 419 40.59 -30.34 29.34
CA ILE C 419 40.41 -30.86 27.99
C ILE C 419 39.13 -31.69 27.90
N THR C 420 38.90 -32.57 28.87
CA THR C 420 37.67 -33.35 28.86
C THR C 420 36.44 -32.45 28.95
N LEU C 421 36.32 -31.65 30.01
CA LEU C 421 35.16 -30.78 30.16
C LEU C 421 34.96 -29.89 28.94
N ALA C 422 35.99 -29.82 28.08
CA ALA C 422 35.94 -28.99 26.88
C ALA C 422 35.36 -29.86 25.77
N ARG C 423 36.08 -30.90 25.35
CA ARG C 423 35.54 -31.79 24.34
C ARG C 423 34.12 -32.22 24.63
N LYS C 424 33.76 -32.30 25.92
CA LYS C 424 32.42 -32.68 26.35
C LYS C 424 31.47 -31.57 25.96
N ALA C 425 31.58 -30.40 26.62
CA ALA C 425 30.69 -29.32 26.25
C ALA C 425 30.63 -29.15 24.74
N ALA C 426 31.78 -29.20 24.07
CA ALA C 426 31.89 -29.04 22.63
C ALA C 426 31.01 -29.97 21.81
N GLU C 427 31.31 -31.27 21.74
CA GLU C 427 30.43 -32.10 20.91
C GLU C 427 29.01 -32.11 21.46
N ALA C 428 28.84 -32.11 22.79
CA ALA C 428 27.49 -32.18 23.33
C ALA C 428 26.60 -31.06 22.79
N LEU C 429 27.02 -29.81 22.94
CA LEU C 429 26.22 -28.73 22.39
C LEU C 429 26.17 -28.82 20.87
N GLY C 430 27.23 -29.31 20.24
CA GLY C 430 27.20 -29.42 18.79
C GLY C 430 26.09 -30.34 18.30
N ARG C 431 25.97 -31.53 18.90
CA ARG C 431 24.90 -32.42 18.47
C ARG C 431 23.56 -31.86 18.90
N ARG C 432 23.54 -31.08 19.98
CA ARG C 432 22.26 -30.52 20.38
C ARG C 432 21.87 -29.49 19.33
N LEU C 433 22.87 -28.86 18.70
CA LEU C 433 22.59 -27.95 17.61
C LEU C 433 22.13 -28.75 16.40
N GLU C 434 22.60 -29.98 16.25
CA GLU C 434 22.10 -30.82 15.16
C GLU C 434 20.61 -31.09 15.33
N LYS C 435 20.22 -31.69 16.45
CA LYS C 435 18.80 -31.93 16.66
C LYS C 435 18.06 -30.62 16.46
N ALA C 436 18.56 -29.55 17.07
CA ALA C 436 17.93 -28.24 16.91
C ALA C 436 17.65 -27.92 15.44
N CYS C 437 18.71 -27.75 14.64
CA CYS C 437 18.55 -27.45 13.21
C CYS C 437 17.57 -28.38 12.51
N LYS C 438 17.79 -29.69 12.62
CA LYS C 438 16.93 -30.68 11.97
C LYS C 438 15.47 -30.48 12.33
N GLU C 439 15.14 -30.62 13.61
CA GLU C 439 13.77 -30.42 14.07
C GLU C 439 13.23 -29.10 13.57
N ALA C 440 13.98 -28.02 13.83
CA ALA C 440 13.59 -26.68 13.39
C ALA C 440 13.08 -26.73 11.97
N TRP C 441 13.92 -27.12 11.01
CA TRP C 441 13.46 -27.20 9.63
C TRP C 441 12.22 -28.06 9.45
N LYS C 442 12.08 -29.15 10.21
CA LYS C 442 10.87 -29.94 9.98
C LYS C 442 9.66 -29.16 10.49
N GLU C 443 9.55 -28.93 11.80
CA GLU C 443 8.41 -28.22 12.35
C GLU C 443 8.08 -26.96 11.54
N SER C 444 9.10 -26.31 10.98
CA SER C 444 8.87 -25.16 10.15
C SER C 444 8.03 -25.68 9.00
N ASN C 445 8.67 -26.45 8.12
CA ASN C 445 8.00 -27.07 7.01
C ASN C 445 6.92 -28.05 7.47
N SER C 446 6.71 -28.16 8.78
CA SER C 446 5.69 -29.05 9.35
C SER C 446 5.82 -30.47 8.85
N GLY C 463 17.02 -32.29 6.52
CA GLY C 463 17.02 -30.85 6.31
C GLY C 463 18.35 -30.34 5.80
N PRO C 464 18.32 -29.40 4.85
CA PRO C 464 19.57 -28.85 4.31
C PRO C 464 20.38 -28.03 5.31
N TRP C 465 19.78 -27.62 6.41
CA TRP C 465 20.47 -26.81 7.41
C TRP C 465 21.51 -27.57 8.22
N VAL C 466 21.31 -28.87 8.46
CA VAL C 466 22.23 -29.61 9.31
C VAL C 466 23.61 -29.77 8.66
N GLN C 467 23.66 -30.03 7.35
CA GLN C 467 24.95 -30.26 6.72
C GLN C 467 25.83 -29.02 6.80
N HIS C 468 25.33 -27.89 6.30
CA HIS C 468 26.09 -26.65 6.31
C HIS C 468 26.34 -26.17 7.73
N GLY C 469 25.35 -26.38 8.61
CA GLY C 469 25.52 -26.04 10.01
C GLY C 469 26.73 -26.71 10.62
N MET C 470 26.83 -28.03 10.48
CA MET C 470 28.01 -28.73 10.98
C MET C 470 29.28 -28.30 10.28
N SER C 471 29.23 -28.09 8.97
CA SER C 471 30.45 -27.67 8.29
C SER C 471 31.06 -26.43 8.95
N ARG C 472 30.35 -25.30 8.92
CA ARG C 472 30.87 -24.13 9.62
C ARG C 472 31.11 -24.39 11.09
N TYR C 473 30.25 -25.17 11.74
CA TYR C 473 30.42 -25.37 13.17
C TYR C 473 31.77 -25.96 13.51
N TRP C 474 32.05 -27.19 13.07
CA TRP C 474 33.34 -27.80 13.40
C TRP C 474 34.50 -27.00 12.83
N ALA C 475 34.37 -26.49 11.61
CA ALA C 475 35.45 -25.69 11.03
C ALA C 475 35.79 -24.48 11.91
N LYS C 476 34.79 -23.89 12.55
CA LYS C 476 34.98 -22.77 13.46
C LYS C 476 35.33 -23.23 14.86
N ALA C 477 35.05 -24.48 15.19
CA ALA C 477 35.15 -24.99 16.54
C ALA C 477 36.53 -25.54 16.87
N GLU C 478 37.26 -26.07 15.88
CA GLU C 478 38.60 -26.58 16.20
C GLU C 478 39.50 -25.48 16.75
N PRO C 479 39.66 -24.30 16.12
CA PRO C 479 40.60 -23.33 16.68
C PRO C 479 40.19 -22.86 18.05
N VAL C 480 38.89 -22.78 18.33
CA VAL C 480 38.44 -22.34 19.65
C VAL C 480 38.86 -23.35 20.70
N PHE C 481 38.69 -24.64 20.39
CA PHE C 481 39.18 -25.68 21.29
C PHE C 481 40.68 -25.55 21.49
N TRP C 482 41.45 -25.48 20.39
CA TRP C 482 42.90 -25.39 20.56
C TRP C 482 43.32 -24.16 21.34
N ASN C 483 42.48 -23.13 21.36
CA ASN C 483 42.81 -21.99 22.20
C ASN C 483 42.50 -22.28 23.65
N ILE C 484 41.47 -23.11 23.89
CA ILE C 484 41.13 -23.50 25.25
C ILE C 484 42.20 -24.40 25.84
N VAL C 485 42.75 -25.32 25.05
CA VAL C 485 43.77 -26.23 25.59
C VAL C 485 45.04 -25.47 25.95
N TYR C 486 45.44 -24.50 25.15
CA TYR C 486 46.68 -23.80 25.43
C TYR C 486 46.47 -22.68 26.44
N ASP C 487 45.28 -22.62 27.00
CA ASP C 487 44.83 -21.60 27.95
C ASP C 487 44.97 -20.19 27.39
N ARG C 488 44.88 -20.04 26.09
CA ARG C 488 44.91 -18.70 25.52
C ARG C 488 43.53 -18.08 25.65
N PRO C 489 43.42 -16.76 25.55
CA PRO C 489 42.10 -16.14 25.69
C PRO C 489 41.28 -16.26 24.43
N ALA C 490 40.06 -16.74 24.61
CA ALA C 490 39.07 -16.95 23.57
C ALA C 490 37.82 -16.20 23.99
N GLN C 491 37.21 -15.47 23.06
CA GLN C 491 36.03 -14.69 23.41
C GLN C 491 34.92 -15.60 23.89
N GLY C 492 34.24 -15.15 24.95
CA GLY C 492 33.19 -15.90 25.60
C GLY C 492 33.73 -16.97 26.50
N TYR C 493 35.04 -17.01 26.70
CA TYR C 493 35.70 -17.99 27.54
C TYR C 493 36.63 -17.25 28.49
N THR C 494 36.76 -17.78 29.71
CA THR C 494 37.61 -17.16 30.71
C THR C 494 38.88 -17.98 30.86
N PRO C 495 40.06 -17.38 30.69
CA PRO C 495 41.28 -18.17 30.84
C PRO C 495 41.51 -18.67 32.26
N GLY C 496 42.07 -19.87 32.34
CA GLY C 496 42.40 -20.58 33.57
C GLY C 496 41.28 -20.83 34.57
N MET C 497 40.08 -21.11 34.07
CA MET C 497 38.93 -21.44 34.90
C MET C 497 38.53 -22.87 34.58
N ALA C 498 38.32 -23.68 35.63
CA ALA C 498 38.00 -25.10 35.46
C ALA C 498 36.72 -25.32 34.65
N GLY C 499 35.71 -24.47 34.83
CA GLY C 499 34.48 -24.66 34.10
C GLY C 499 34.64 -24.44 32.60
N PRO C 500 33.73 -25.03 31.82
CA PRO C 500 33.82 -24.89 30.35
C PRO C 500 33.77 -23.46 29.85
N GLY C 501 32.96 -22.61 30.47
CA GLY C 501 32.83 -21.22 30.09
C GLY C 501 31.87 -20.93 28.96
N ASN C 502 31.19 -21.95 28.46
CA ASN C 502 30.18 -21.86 27.40
C ASN C 502 30.68 -21.11 26.16
N ALA C 503 31.95 -21.31 25.82
CA ALA C 503 32.48 -20.68 24.61
C ALA C 503 31.83 -21.30 23.38
N PHE C 504 31.73 -22.63 23.38
CA PHE C 504 31.12 -23.31 22.25
C PHE C 504 29.66 -22.96 22.09
N ASN C 505 29.01 -22.42 23.13
CA ASN C 505 27.68 -21.90 22.93
C ASN C 505 27.72 -20.75 21.93
N LEU C 506 28.61 -19.78 22.16
CA LEU C 506 28.71 -18.67 21.22
C LEU C 506 29.17 -19.11 19.84
N VAL C 507 30.02 -20.14 19.75
CA VAL C 507 30.39 -20.58 18.40
C VAL C 507 29.20 -21.20 17.70
N ALA C 508 28.52 -22.16 18.35
CA ALA C 508 27.36 -22.80 17.76
C ALA C 508 26.27 -21.79 17.41
N LEU C 509 26.08 -20.78 18.24
CA LEU C 509 25.05 -19.79 17.94
C LEU C 509 25.43 -18.99 16.72
N ALA C 510 26.72 -18.67 16.58
CA ALA C 510 27.13 -17.92 15.41
C ALA C 510 26.96 -18.76 14.16
N ALA C 511 27.32 -20.04 14.22
CA ALA C 511 27.13 -20.93 13.08
C ALA C 511 25.67 -21.08 12.73
N TYR C 512 24.84 -21.33 13.74
CA TYR C 512 23.40 -21.47 13.53
C TYR C 512 22.81 -20.25 12.84
N ASP C 513 23.16 -19.05 13.30
CA ASP C 513 22.61 -17.89 12.64
C ASP C 513 23.17 -17.72 11.24
N GLU C 514 24.42 -18.14 11.03
CA GLU C 514 25.00 -18.07 9.70
C GLU C 514 24.28 -18.98 8.71
N VAL C 515 23.79 -20.13 9.17
CA VAL C 515 23.07 -21.04 8.28
C VAL C 515 21.62 -20.61 8.10
N THR C 516 20.90 -20.40 9.20
CA THR C 516 19.46 -20.14 9.16
C THR C 516 19.07 -18.70 8.93
N GLY C 517 20.03 -17.79 8.73
CA GLY C 517 19.73 -16.39 8.55
C GLY C 517 18.64 -16.08 7.53
N PRO C 518 18.86 -16.43 6.27
CA PRO C 518 17.86 -16.11 5.22
C PRO C 518 16.54 -16.84 5.34
N TYR C 519 16.38 -17.79 6.25
CA TYR C 519 15.13 -18.53 6.34
C TYR C 519 14.39 -18.19 7.61
N CYS C 520 14.83 -17.18 8.34
CA CYS C 520 14.11 -16.72 9.51
C CYS C 520 13.27 -15.56 9.06
N GLU C 521 12.99 -15.60 7.75
CA GLU C 521 12.29 -14.58 6.98
C GLU C 521 10.79 -14.56 7.17
N ARG C 522 10.11 -15.57 6.65
CA ARG C 522 8.67 -15.60 6.83
C ARG C 522 8.40 -15.81 8.31
N PRO C 523 7.41 -15.12 8.86
CA PRO C 523 7.23 -15.10 10.31
C PRO C 523 7.09 -16.46 10.97
N ARG C 524 6.46 -17.43 10.30
CA ARG C 524 6.27 -18.76 10.89
C ARG C 524 7.61 -19.44 11.11
N VAL C 525 8.36 -19.64 10.02
CA VAL C 525 9.67 -20.26 10.10
C VAL C 525 10.56 -19.51 11.07
N ALA C 526 10.42 -18.20 11.13
CA ALA C 526 11.20 -17.46 12.11
C ALA C 526 10.80 -17.89 13.51
N LYS C 527 9.51 -18.14 13.73
CA LYS C 527 9.05 -18.55 15.05
C LYS C 527 9.66 -19.87 15.48
N VAL C 528 9.57 -20.88 14.62
CA VAL C 528 10.17 -22.16 14.94
C VAL C 528 11.69 -22.05 15.10
N VAL C 529 12.36 -21.43 14.13
CA VAL C 529 13.81 -21.36 14.13
C VAL C 529 14.35 -20.70 15.38
N GLU C 530 13.75 -19.61 15.80
CA GLU C 530 14.25 -18.99 17.03
C GLU C 530 13.85 -19.78 18.26
N ARG C 531 12.61 -20.28 18.31
CA ARG C 531 12.22 -21.02 19.51
C ARG C 531 13.07 -22.28 19.68
N HIS C 532 13.73 -22.74 18.62
CA HIS C 532 14.67 -23.85 18.76
C HIS C 532 16.09 -23.35 18.88
N ARG C 533 16.34 -22.07 18.59
CA ARG C 533 17.67 -21.54 18.80
C ARG C 533 17.88 -21.26 20.27
N SER C 534 16.80 -20.95 20.97
CA SER C 534 16.88 -20.66 22.40
C SER C 534 17.53 -21.79 23.17
N THR C 535 17.44 -23.03 22.67
CA THR C 535 17.97 -24.15 23.44
C THR C 535 19.47 -24.13 23.50
N LEU C 536 20.14 -23.55 22.51
CA LEU C 536 21.60 -23.55 22.51
C LEU C 536 22.15 -22.57 23.53
N PHE C 537 21.29 -21.77 24.15
CA PHE C 537 21.73 -20.78 25.13
C PHE C 537 22.26 -21.41 26.41
N SER C 538 21.80 -22.61 26.76
CA SER C 538 22.24 -23.30 27.96
C SER C 538 22.08 -22.46 29.23
N THR D 2 43.25 -19.57 -29.18
CA THR D 2 41.94 -19.00 -29.47
C THR D 2 40.86 -19.71 -28.69
N PHE D 3 40.25 -19.00 -27.75
CA PHE D 3 39.21 -19.56 -26.91
C PHE D 3 37.95 -18.77 -27.11
N VAL D 4 36.84 -19.43 -27.41
CA VAL D 4 35.56 -18.74 -27.55
C VAL D 4 34.74 -19.13 -26.34
N ASP D 5 34.28 -18.14 -25.60
CA ASP D 5 33.54 -18.40 -24.38
C ASP D 5 32.22 -17.66 -24.43
N ILE D 6 31.24 -18.23 -23.74
CA ILE D 6 29.88 -17.75 -23.76
C ILE D 6 29.41 -17.49 -22.35
N HIS D 7 28.72 -16.38 -22.18
CA HIS D 7 28.12 -16.03 -20.92
C HIS D 7 26.65 -15.87 -21.19
N ALA D 8 25.80 -16.45 -20.36
CA ALA D 8 24.37 -16.32 -20.55
C ALA D 8 23.69 -15.97 -19.25
N ILE D 9 22.56 -15.27 -19.32
CA ILE D 9 21.86 -14.95 -18.09
C ILE D 9 20.47 -15.55 -18.25
N GLN D 10 20.38 -16.85 -18.11
CA GLN D 10 19.12 -17.55 -18.32
C GLN D 10 18.35 -17.66 -17.03
N THR D 11 17.10 -17.24 -17.05
CA THR D 11 16.28 -17.32 -15.85
C THR D 11 15.40 -18.56 -15.91
N LEU D 12 15.05 -19.06 -14.73
CA LEU D 12 14.21 -20.24 -14.62
C LEU D 12 13.13 -19.98 -13.59
N PRO D 13 11.87 -20.18 -13.96
CA PRO D 13 10.79 -20.13 -12.99
C PRO D 13 10.90 -21.23 -11.95
N TYR D 14 9.97 -21.22 -11.02
CA TYR D 14 9.88 -22.16 -9.91
C TYR D 14 10.18 -23.58 -10.35
N SER D 15 11.34 -24.10 -9.99
CA SER D 15 11.77 -25.39 -10.50
C SER D 15 12.79 -25.99 -9.55
N ASN D 16 13.08 -27.27 -9.77
CA ASN D 16 14.08 -28.01 -9.04
C ASN D 16 14.82 -28.85 -10.07
N ILE D 17 15.58 -28.21 -10.96
CA ILE D 17 16.14 -28.95 -12.07
C ILE D 17 17.06 -30.07 -11.61
N ASN D 18 17.97 -29.79 -10.70
CA ASN D 18 18.83 -30.81 -10.11
C ASN D 18 18.65 -30.73 -8.61
N ARG D 19 18.85 -31.85 -7.91
CA ARG D 19 18.78 -31.74 -6.48
C ARG D 19 19.80 -32.63 -5.80
N ASP D 20 20.04 -32.32 -4.53
CA ASP D 20 21.03 -32.95 -3.68
C ASP D 20 20.60 -34.40 -3.40
N ASP D 21 21.27 -35.06 -2.44
CA ASP D 21 20.78 -36.35 -1.99
C ASP D 21 19.46 -36.22 -1.27
N LEU D 22 19.19 -35.06 -0.71
CA LEU D 22 17.87 -34.76 -0.19
C LEU D 22 17.08 -34.12 -1.33
N GLY D 23 15.95 -33.51 -1.00
CA GLY D 23 15.13 -32.93 -2.04
C GLY D 23 15.63 -31.57 -2.47
N SER D 24 16.33 -30.86 -1.60
CA SER D 24 16.70 -29.49 -1.86
C SER D 24 17.66 -29.38 -3.05
N PRO D 25 17.59 -28.27 -3.77
CA PRO D 25 18.48 -28.05 -4.89
C PRO D 25 19.89 -27.72 -4.42
N LYS D 26 20.84 -27.88 -5.33
CA LYS D 26 22.24 -27.67 -4.96
C LYS D 26 22.49 -26.19 -4.76
N THR D 27 23.28 -25.82 -3.75
CA THR D 27 23.48 -24.40 -3.47
C THR D 27 24.94 -24.06 -3.19
N VAL D 28 25.41 -22.95 -3.75
CA VAL D 28 26.77 -22.46 -3.49
C VAL D 28 26.69 -21.15 -2.69
N VAL D 29 27.25 -21.14 -1.47
CA VAL D 29 27.25 -19.97 -0.61
C VAL D 29 28.30 -19.00 -1.12
N TYR D 30 27.89 -17.97 -1.84
CA TYR D 30 28.86 -17.10 -2.51
C TYR D 30 28.51 -15.64 -2.31
N GLY D 31 29.49 -14.88 -1.87
CA GLY D 31 29.26 -13.48 -1.61
C GLY D 31 28.57 -13.30 -0.30
N GLY D 32 28.66 -14.31 0.57
CA GLY D 32 28.00 -14.31 1.84
C GLY D 32 26.56 -14.73 1.77
N LYS D 33 25.99 -14.81 0.58
CA LYS D 33 24.60 -15.20 0.36
C LYS D 33 24.52 -16.51 -0.39
N GLU D 34 23.91 -17.51 0.24
CA GLU D 34 23.60 -18.76 -0.43
C GLU D 34 22.83 -18.46 -1.70
N ARG D 35 23.11 -19.20 -2.75
CA ARG D 35 22.47 -19.03 -4.03
C ARG D 35 22.42 -20.37 -4.73
N THR D 36 21.25 -20.72 -5.25
CA THR D 36 21.03 -21.99 -5.91
C THR D 36 21.89 -22.15 -7.14
N ARG D 37 22.24 -23.39 -7.45
CA ARG D 37 23.06 -23.69 -8.61
C ARG D 37 22.54 -24.95 -9.27
N VAL D 38 22.87 -25.11 -10.54
CA VAL D 38 22.66 -26.35 -11.27
C VAL D 38 24.04 -26.82 -11.69
N SER D 39 24.46 -27.94 -11.15
CA SER D 39 25.85 -28.34 -11.28
C SER D 39 26.24 -28.45 -12.75
N SER D 40 27.53 -28.34 -12.99
CA SER D 40 28.04 -28.30 -14.36
C SER D 40 27.81 -29.59 -15.10
N GLN D 41 28.07 -30.73 -14.45
CA GLN D 41 27.92 -31.99 -15.16
C GLN D 41 26.50 -32.22 -15.62
N SER D 42 25.49 -31.81 -14.84
CA SER D 42 24.13 -32.11 -15.24
C SER D 42 23.75 -31.36 -16.50
N TRP D 43 24.10 -30.09 -16.54
CA TRP D 43 23.73 -29.32 -17.70
C TRP D 43 24.55 -29.80 -18.88
N LYS D 44 25.82 -30.14 -18.62
CA LYS D 44 26.70 -30.61 -19.69
C LYS D 44 26.20 -31.93 -20.27
N ARG D 45 25.71 -32.84 -19.43
CA ARG D 45 25.22 -34.10 -19.98
C ARG D 45 24.04 -33.78 -20.88
N ALA D 46 23.18 -32.85 -20.47
CA ALA D 46 22.06 -32.53 -21.34
C ALA D 46 22.59 -32.02 -22.67
N VAL D 47 23.62 -31.17 -22.62
CA VAL D 47 24.17 -30.60 -23.83
C VAL D 47 24.72 -31.67 -24.73
N ARG D 48 25.33 -32.67 -24.11
CA ARG D 48 25.90 -33.80 -24.81
C ARG D 48 24.83 -34.55 -25.58
N HIS D 49 23.64 -34.67 -24.99
CA HIS D 49 22.57 -35.36 -25.69
C HIS D 49 22.02 -34.54 -26.85
N GLU D 50 21.84 -33.22 -26.70
CA GLU D 50 21.40 -32.51 -27.90
C GLU D 50 22.46 -32.46 -28.98
N VAL D 51 23.72 -32.21 -28.63
CA VAL D 51 24.76 -32.15 -29.66
C VAL D 51 24.88 -33.47 -30.40
N GLU D 52 24.96 -34.58 -29.67
CA GLU D 52 25.07 -35.88 -30.30
C GLU D 52 23.80 -36.28 -31.02
N ALA D 53 22.64 -35.85 -30.54
CA ALA D 53 21.40 -36.17 -31.24
C ALA D 53 21.31 -35.41 -32.55
N ARG D 54 21.67 -34.12 -32.51
CA ARG D 54 21.65 -33.28 -33.70
C ARG D 54 22.74 -33.69 -34.69
N LEU D 55 23.87 -34.20 -34.21
CA LEU D 55 24.90 -34.63 -35.14
C LEU D 55 24.58 -35.98 -35.76
N GLY D 56 23.45 -36.59 -35.39
CA GLY D 56 23.04 -37.84 -35.98
C GLY D 56 23.97 -39.00 -35.61
N ASN D 164 35.55 -38.67 -34.48
CA ASN D 164 34.63 -38.66 -33.35
C ASN D 164 34.63 -37.31 -32.65
N VAL D 165 33.83 -36.37 -33.15
CA VAL D 165 33.89 -35.01 -32.64
C VAL D 165 33.33 -34.92 -31.21
N SER D 166 32.55 -35.90 -30.76
CA SER D 166 32.02 -35.82 -29.41
C SER D 166 33.03 -36.25 -28.36
N VAL D 167 33.99 -37.12 -28.71
CA VAL D 167 35.06 -37.51 -27.79
C VAL D 167 36.17 -36.49 -27.82
N ASN D 168 36.10 -35.55 -28.75
CA ASN D 168 37.06 -34.47 -28.90
C ASN D 168 36.56 -33.19 -28.24
N LEU D 169 35.37 -32.75 -28.63
CA LEU D 169 34.79 -31.55 -28.06
C LEU D 169 34.51 -31.74 -26.57
N PHE D 170 33.86 -32.82 -26.20
CA PHE D 170 33.76 -33.25 -24.80
C PHE D 170 34.76 -34.37 -24.56
N GLY D 171 35.18 -34.49 -23.32
CA GLY D 171 36.26 -35.40 -22.95
C GLY D 171 36.18 -36.82 -23.44
N ARG D 172 35.22 -37.59 -22.96
CA ARG D 172 35.12 -38.98 -23.39
C ARG D 172 33.73 -39.54 -23.19
N MET D 173 33.34 -40.43 -24.10
CA MET D 173 32.02 -41.04 -24.02
C MET D 173 31.88 -41.77 -22.69
N LEU D 174 30.74 -41.60 -22.05
CA LEU D 174 30.57 -42.19 -20.72
C LEU D 174 30.67 -43.71 -20.78
N ALA D 175 30.15 -44.32 -21.84
CA ALA D 175 30.04 -45.77 -21.91
C ALA D 175 31.16 -46.42 -22.70
N GLU D 176 32.11 -45.64 -23.18
CA GLU D 176 33.25 -46.15 -23.92
C GLU D 176 34.47 -46.21 -23.03
N LEU D 177 35.38 -47.12 -23.34
CA LEU D 177 36.61 -47.22 -22.57
C LEU D 177 37.54 -46.07 -22.96
N PRO D 178 38.38 -45.61 -22.03
CA PRO D 178 39.26 -44.48 -22.32
C PRO D 178 40.08 -44.69 -23.59
N SER D 179 39.97 -43.73 -24.50
CA SER D 179 40.68 -43.79 -25.77
C SER D 179 41.80 -42.78 -25.86
N THR D 180 42.60 -42.69 -24.79
CA THR D 180 43.75 -41.81 -24.61
C THR D 180 43.46 -40.32 -24.72
N GLU D 181 42.21 -39.94 -24.97
CA GLU D 181 41.81 -38.53 -24.93
C GLU D 181 40.63 -38.41 -23.97
N VAL D 182 40.94 -38.26 -22.69
CA VAL D 182 39.91 -38.10 -21.67
C VAL D 182 39.55 -36.62 -21.48
N ASP D 183 40.44 -35.70 -21.82
CA ASP D 183 40.12 -34.29 -21.74
C ASP D 183 39.30 -33.88 -22.96
N GLY D 184 38.72 -32.68 -22.88
CA GLY D 184 37.75 -32.30 -23.90
C GLY D 184 37.93 -30.93 -24.50
N ALA D 185 38.70 -30.06 -23.85
CA ALA D 185 38.87 -28.68 -24.31
C ALA D 185 37.54 -27.93 -24.29
N VAL D 186 36.65 -28.29 -23.36
CA VAL D 186 35.43 -27.56 -23.06
C VAL D 186 35.26 -27.47 -21.55
N GLN D 187 35.00 -26.28 -21.03
CA GLN D 187 35.02 -26.05 -19.58
C GLN D 187 33.71 -25.39 -19.19
N PHE D 188 32.80 -26.19 -18.64
CA PHE D 188 31.51 -25.71 -18.16
C PHE D 188 31.62 -25.23 -16.72
N ALA D 189 31.38 -23.96 -16.50
CA ALA D 189 31.24 -23.46 -15.15
C ALA D 189 29.86 -23.78 -14.58
N HIS D 190 29.83 -24.04 -13.28
CA HIS D 190 28.57 -24.29 -12.57
C HIS D 190 27.72 -23.03 -12.56
N ALA D 191 26.53 -23.10 -13.16
CA ALA D 191 25.55 -22.02 -13.11
C ALA D 191 25.11 -21.71 -11.69
N PHE D 192 25.03 -20.43 -11.33
CA PHE D 192 24.60 -20.02 -10.00
C PHE D 192 23.74 -18.76 -10.10
N THR D 193 22.82 -18.59 -9.15
CA THR D 193 21.89 -17.46 -9.23
C THR D 193 22.58 -16.13 -9.01
N VAL D 194 22.10 -15.14 -9.74
CA VAL D 194 22.59 -13.77 -9.61
C VAL D 194 22.27 -13.23 -8.24
N HIS D 195 21.15 -13.61 -7.67
CA HIS D 195 20.70 -13.09 -6.39
C HIS D 195 20.65 -14.18 -5.34
N GLY D 196 20.46 -13.78 -4.09
CA GLY D 196 20.29 -14.76 -3.04
C GLY D 196 18.89 -15.35 -3.08
N THR D 197 18.82 -16.65 -2.89
CA THR D 197 17.56 -17.36 -3.00
C THR D 197 17.32 -18.29 -1.83
N THR D 198 16.22 -18.07 -1.13
CA THR D 198 15.77 -18.99 -0.10
C THR D 198 15.09 -20.18 -0.75
N VAL D 199 15.47 -21.39 -0.34
CA VAL D 199 14.81 -22.58 -0.86
C VAL D 199 13.34 -22.53 -0.46
N GLU D 200 12.46 -22.62 -1.44
CA GLU D 200 11.03 -22.46 -1.24
C GLU D 200 10.36 -23.83 -1.19
N VAL D 201 9.88 -24.19 -0.01
CA VAL D 201 9.23 -25.47 0.23
C VAL D 201 7.82 -25.50 -0.35
N ASP D 202 7.51 -26.59 -1.04
CA ASP D 202 6.20 -26.85 -1.63
C ASP D 202 5.62 -28.09 -0.97
N PHE D 203 4.64 -27.89 -0.10
CA PHE D 203 3.98 -29.01 0.58
C PHE D 203 3.02 -29.68 -0.38
N PHE D 204 3.10 -31.01 -0.50
CA PHE D 204 2.24 -31.69 -1.44
C PHE D 204 1.69 -32.97 -0.82
N THR D 205 0.50 -33.36 -1.26
CA THR D 205 -0.15 -34.55 -0.75
C THR D 205 -0.76 -35.38 -1.86
N ALA D 206 -0.39 -36.65 -1.95
CA ALA D 206 -0.99 -37.58 -2.89
C ALA D 206 -2.36 -38.06 -2.41
N VAL D 207 -3.36 -38.01 -3.30
CA VAL D 207 -4.76 -38.27 -2.97
C VAL D 207 -5.09 -39.75 -3.16
N ASP D 208 -5.76 -40.32 -2.18
CA ASP D 208 -6.23 -41.70 -2.24
C ASP D 208 -7.59 -41.75 -2.94
N ASP D 209 -7.69 -42.49 -4.05
CA ASP D 209 -8.91 -42.44 -4.84
C ASP D 209 -10.05 -43.22 -4.20
N ILE D 210 -9.79 -44.40 -3.66
CA ILE D 210 -10.86 -45.17 -3.01
C ILE D 210 -11.08 -44.62 -1.61
N PRO D 211 -12.30 -44.25 -1.23
CA PRO D 211 -12.53 -43.66 0.08
C PRO D 211 -13.33 -44.49 1.07
N LYS D 212 -12.83 -44.67 2.30
CA LYS D 212 -13.59 -45.44 3.29
C LYS D 212 -14.60 -44.53 3.98
N GLU D 213 -15.33 -45.06 4.96
CA GLU D 213 -16.31 -44.26 5.69
C GLU D 213 -15.60 -43.42 6.76
N ASN D 214 -14.69 -42.59 6.26
CA ASN D 214 -13.85 -41.64 6.98
C ASN D 214 -13.54 -40.62 5.91
N ASP D 215 -13.10 -39.44 6.29
CA ASP D 215 -12.91 -38.45 5.25
C ASP D 215 -11.54 -37.78 5.21
N HIS D 216 -10.96 -37.83 4.01
CA HIS D 216 -9.77 -37.13 3.58
C HIS D 216 -8.44 -37.66 4.11
N GLY D 217 -8.42 -38.84 4.75
CA GLY D 217 -7.13 -39.32 5.20
C GLY D 217 -6.25 -39.68 4.02
N SER D 218 -5.82 -38.66 3.28
CA SER D 218 -4.99 -38.71 2.07
C SER D 218 -3.90 -39.78 2.01
N GLY D 219 -3.50 -40.10 0.78
CA GLY D 219 -2.54 -41.16 0.57
C GLY D 219 -1.12 -40.83 1.02
N HIS D 220 -0.66 -39.60 0.82
CA HIS D 220 0.74 -39.34 1.18
C HIS D 220 1.02 -37.86 1.41
N MET D 221 1.33 -37.51 2.66
CA MET D 221 1.75 -36.16 3.01
C MET D 221 3.25 -36.04 2.82
N ASN D 222 3.71 -34.90 2.28
CA ASN D 222 5.14 -34.68 2.14
C ASN D 222 5.38 -33.22 1.82
N ALA D 223 6.65 -32.83 1.74
CA ALA D 223 7.03 -31.50 1.30
C ALA D 223 8.33 -31.58 0.50
N GLY D 224 8.33 -31.04 -0.72
CA GLY D 224 9.51 -31.04 -1.56
C GLY D 224 10.01 -29.62 -1.78
N GLN D 225 11.32 -29.45 -1.87
CA GLN D 225 11.90 -28.12 -2.00
C GLN D 225 12.11 -27.77 -3.47
N PHE D 226 11.88 -26.49 -3.79
CA PHE D 226 12.03 -25.93 -5.13
C PHE D 226 12.60 -24.51 -5.01
N SER D 227 13.02 -23.94 -6.13
CA SER D 227 13.54 -22.59 -6.13
C SER D 227 13.53 -22.03 -7.54
N ALA D 228 13.56 -20.71 -7.65
CA ALA D 228 13.55 -20.04 -8.94
C ALA D 228 14.53 -18.89 -8.94
N GLY D 229 15.09 -18.59 -10.10
CA GLY D 229 16.03 -17.47 -10.13
C GLY D 229 16.61 -17.28 -11.52
N THR D 230 17.47 -16.28 -11.62
CA THR D 230 18.16 -15.97 -12.87
C THR D 230 19.58 -16.48 -12.83
N PHE D 231 19.82 -17.66 -13.38
CA PHE D 231 21.14 -18.23 -13.32
C PHE D 231 22.08 -17.55 -14.31
N TYR D 232 23.30 -17.28 -13.84
CA TYR D 232 24.39 -16.80 -14.68
C TYR D 232 25.21 -18.00 -15.14
N ARG D 233 25.00 -18.42 -16.37
CA ARG D 233 25.70 -19.56 -16.92
C ARG D 233 26.93 -19.15 -17.72
N TYR D 234 27.90 -20.06 -17.79
CA TYR D 234 29.18 -19.76 -18.44
C TYR D 234 29.95 -20.98 -18.92
N ALA D 235 30.54 -20.88 -20.11
CA ALA D 235 31.33 -21.98 -20.62
C ALA D 235 32.41 -21.46 -21.56
N ASN D 236 33.49 -22.23 -21.74
CA ASN D 236 34.50 -21.83 -22.73
C ASN D 236 34.89 -23.05 -23.56
N VAL D 237 35.26 -22.82 -24.80
CA VAL D 237 35.77 -23.87 -25.68
C VAL D 237 37.08 -23.47 -26.37
N ASN D 238 38.11 -24.26 -26.13
CA ASN D 238 39.47 -24.17 -26.68
C ASN D 238 39.59 -24.59 -28.12
N LEU D 239 39.46 -23.63 -29.04
CA LEU D 239 39.40 -23.96 -30.45
C LEU D 239 40.68 -24.63 -30.91
N ASP D 240 41.83 -24.16 -30.42
CA ASP D 240 43.11 -24.65 -30.92
C ASP D 240 43.25 -26.16 -30.72
N ARG D 241 42.99 -26.64 -29.51
CA ARG D 241 43.06 -28.08 -29.30
C ARG D 241 42.01 -28.79 -30.13
N LEU D 242 40.89 -28.14 -30.38
CA LEU D 242 39.86 -28.79 -31.18
C LEU D 242 40.31 -28.95 -32.62
N VAL D 243 40.98 -27.95 -33.18
CA VAL D 243 41.51 -28.07 -34.53
C VAL D 243 42.63 -29.08 -34.59
N GLU D 244 43.55 -29.04 -33.63
CA GLU D 244 44.64 -29.99 -33.62
C GLU D 244 44.16 -31.42 -33.48
N ASN D 245 43.04 -31.63 -32.80
CA ASN D 245 42.59 -32.99 -32.60
C ASN D 245 41.63 -33.48 -33.67
N THR D 246 40.67 -32.65 -34.08
CA THR D 246 39.72 -33.07 -35.09
C THR D 246 40.34 -33.11 -36.49
N GLY D 247 41.28 -32.23 -36.79
CA GLY D 247 41.82 -32.26 -38.13
C GLY D 247 41.17 -31.25 -39.05
N ASP D 248 40.08 -31.67 -39.69
CA ASP D 248 39.32 -30.81 -40.59
C ASP D 248 38.73 -29.62 -39.87
N ALA D 249 38.94 -28.43 -40.45
CA ALA D 249 38.44 -27.20 -39.85
C ALA D 249 36.93 -27.09 -39.97
N GLN D 250 36.32 -27.81 -40.91
CA GLN D 250 34.88 -27.71 -41.10
C GLN D 250 34.18 -28.52 -40.02
N THR D 251 34.78 -29.66 -39.67
CA THR D 251 34.27 -30.40 -38.52
C THR D 251 34.28 -29.49 -37.31
N ALA D 252 35.34 -28.68 -37.18
CA ALA D 252 35.38 -27.69 -36.12
C ALA D 252 34.21 -26.71 -36.27
N ARG D 253 33.88 -26.34 -37.50
CA ARG D 253 32.76 -25.42 -37.69
C ARG D 253 31.48 -26.00 -37.10
N THR D 254 31.06 -27.16 -37.61
CA THR D 254 29.84 -27.77 -37.12
C THR D 254 29.90 -28.05 -35.63
N ALA D 255 31.06 -28.46 -35.12
CA ALA D 255 31.15 -28.75 -33.69
C ALA D 255 30.94 -27.51 -32.84
N VAL D 256 31.58 -26.41 -33.19
CA VAL D 256 31.44 -25.23 -32.35
C VAL D 256 30.10 -24.54 -32.57
N ALA D 257 29.71 -24.34 -33.82
CA ALA D 257 28.40 -23.73 -34.10
C ALA D 257 27.26 -24.55 -33.49
N GLU D 258 27.22 -25.84 -33.80
CA GLU D 258 26.17 -26.70 -33.30
C GLU D 258 26.24 -26.84 -31.80
N PHE D 259 27.45 -26.81 -31.26
CA PHE D 259 27.60 -26.86 -29.82
C PHE D 259 27.10 -25.59 -29.17
N LEU D 260 27.35 -24.46 -29.81
CA LEU D 260 26.91 -23.19 -29.25
C LEU D 260 25.40 -23.08 -29.23
N ARG D 261 24.75 -23.35 -30.37
CA ARG D 261 23.30 -23.30 -30.37
C ARG D 261 22.76 -24.29 -29.36
N ALA D 262 23.38 -25.46 -29.26
CA ALA D 262 22.93 -26.42 -28.26
C ALA D 262 23.11 -25.84 -26.86
N PHE D 263 24.21 -25.15 -26.63
CA PHE D 263 24.45 -24.52 -25.34
C PHE D 263 23.31 -23.60 -24.98
N LEU D 264 22.81 -22.85 -25.95
CA LEU D 264 21.71 -21.94 -25.68
C LEU D 264 20.41 -22.70 -25.43
N SER D 265 20.07 -23.61 -26.35
CA SER D 265 18.73 -24.18 -26.37
C SER D 265 18.46 -25.15 -25.24
N THR D 266 19.44 -25.93 -24.80
CA THR D 266 19.02 -26.98 -23.90
C THR D 266 18.89 -26.53 -22.45
N VAL D 267 18.11 -27.31 -21.69
CA VAL D 267 17.86 -27.10 -20.27
C VAL D 267 17.79 -28.49 -19.65
N PRO D 268 18.41 -28.76 -18.51
CA PRO D 268 18.40 -30.11 -17.96
C PRO D 268 16.98 -30.59 -17.71
N SER D 269 16.82 -31.90 -17.72
CA SER D 269 15.53 -32.55 -17.49
C SER D 269 15.52 -33.10 -16.08
N GLY D 270 14.96 -32.35 -15.15
CA GLY D 270 14.87 -32.80 -13.79
C GLY D 270 13.65 -32.22 -13.10
N LYS D 271 12.73 -33.10 -12.71
CA LYS D 271 11.44 -32.67 -12.16
C LYS D 271 10.71 -31.75 -13.11
N GLN D 272 10.99 -31.89 -14.40
CA GLN D 272 10.35 -30.99 -15.35
C GLN D 272 8.90 -31.32 -15.59
N ASN D 273 8.50 -32.58 -15.47
CA ASN D 273 7.08 -32.83 -15.70
C ASN D 273 6.23 -32.17 -14.63
N ALA D 274 6.75 -32.01 -13.43
CA ALA D 274 6.00 -31.29 -12.43
C ALA D 274 6.20 -29.79 -12.55
N THR D 275 7.33 -29.33 -13.10
CA THR D 275 7.58 -27.92 -13.33
C THR D 275 8.11 -27.72 -14.73
N ALA D 276 7.46 -26.87 -15.50
CA ALA D 276 7.89 -26.61 -16.88
C ALA D 276 8.88 -25.46 -16.87
N ALA D 277 10.14 -25.80 -16.69
CA ALA D 277 11.18 -24.79 -16.61
C ALA D 277 11.80 -24.47 -17.95
N MET D 278 11.23 -24.95 -19.06
CA MET D 278 11.78 -24.65 -20.37
C MET D 278 11.84 -23.14 -20.58
N THR D 279 12.99 -22.64 -21.06
CA THR D 279 13.17 -21.22 -21.27
C THR D 279 14.37 -20.98 -22.19
N LEU D 280 14.42 -19.75 -22.75
CA LEU D 280 15.53 -19.24 -23.55
C LEU D 280 16.34 -18.23 -22.74
N PRO D 281 17.65 -18.25 -22.87
CA PRO D 281 18.48 -17.25 -22.20
C PRO D 281 18.08 -15.83 -22.58
N ASP D 282 18.14 -14.94 -21.60
CA ASP D 282 17.76 -13.55 -21.85
C ASP D 282 18.91 -12.80 -22.48
N LEU D 283 20.12 -13.12 -22.09
CA LEU D 283 21.33 -12.50 -22.60
C LEU D 283 22.29 -13.59 -23.00
N VAL D 284 22.90 -13.42 -24.16
CA VAL D 284 24.00 -14.27 -24.59
C VAL D 284 25.13 -13.39 -25.06
N HIS D 285 26.35 -13.73 -24.66
CA HIS D 285 27.52 -12.96 -25.02
C HIS D 285 28.65 -13.91 -25.35
N ILE D 286 29.02 -13.97 -26.62
CA ILE D 286 30.09 -14.83 -27.09
C ILE D 286 31.28 -13.95 -27.40
N ALA D 287 32.39 -14.16 -26.69
CA ALA D 287 33.57 -13.32 -26.86
C ALA D 287 34.72 -14.18 -27.35
N VAL D 288 35.08 -14.06 -28.62
CA VAL D 288 36.22 -14.78 -29.14
C VAL D 288 37.50 -14.13 -28.62
N ARG D 289 38.09 -14.71 -27.59
CA ARG D 289 39.26 -14.16 -26.92
C ARG D 289 40.50 -14.95 -27.28
N PHE D 290 41.59 -14.27 -27.60
CA PHE D 290 42.82 -14.96 -27.90
C PHE D 290 43.76 -15.02 -26.71
N ASP D 291 43.72 -14.02 -25.83
CA ASP D 291 44.55 -14.01 -24.64
C ASP D 291 44.17 -15.13 -23.67
N ARG D 292 42.99 -15.07 -23.04
CA ARG D 292 42.63 -16.10 -22.08
C ARG D 292 41.14 -16.03 -21.82
N PRO D 293 40.55 -17.14 -21.36
CA PRO D 293 39.12 -17.12 -21.00
C PRO D 293 38.89 -16.35 -19.72
N ILE D 294 37.80 -15.62 -19.66
CA ILE D 294 37.47 -14.85 -18.47
C ILE D 294 35.98 -15.05 -18.22
N SER D 295 35.63 -15.35 -16.98
CA SER D 295 34.24 -15.49 -16.60
C SER D 295 33.82 -14.21 -15.91
N PHE D 296 32.60 -13.77 -16.15
CA PHE D 296 32.15 -12.57 -15.47
C PHE D 296 31.42 -12.92 -14.19
N ALA D 297 31.76 -14.07 -13.61
CA ALA D 297 31.11 -14.47 -12.38
C ALA D 297 31.31 -13.47 -11.26
N PRO D 298 32.49 -12.89 -11.03
CA PRO D 298 32.63 -11.97 -9.90
C PRO D 298 31.82 -10.70 -10.07
N ALA D 299 31.22 -10.48 -11.24
CA ALA D 299 30.31 -9.35 -11.39
C ALA D 299 29.15 -9.48 -10.43
N PHE D 300 28.78 -10.70 -10.08
CA PHE D 300 27.65 -10.98 -9.22
C PHE D 300 28.10 -11.52 -7.87
N GLU D 301 29.31 -11.17 -7.45
CA GLU D 301 29.75 -11.58 -6.14
C GLU D 301 29.00 -10.85 -5.04
N THR D 302 28.40 -9.72 -5.38
CA THR D 302 27.49 -9.03 -4.49
C THR D 302 26.10 -9.29 -5.02
N ALA D 303 25.34 -10.15 -4.34
CA ALA D 303 24.01 -10.51 -4.80
C ALA D 303 23.16 -9.27 -4.99
N LEU D 304 22.45 -9.20 -6.11
CA LEU D 304 21.61 -8.06 -6.38
C LEU D 304 20.41 -8.01 -5.46
N TYR D 305 19.99 -6.80 -5.09
CA TYR D 305 18.80 -6.68 -4.29
C TYR D 305 17.58 -6.95 -5.17
N GLY D 306 16.48 -7.34 -4.54
CA GLY D 306 15.26 -7.72 -5.20
C GLY D 306 14.17 -6.68 -5.28
N SER D 307 12.94 -7.19 -5.44
CA SER D 307 11.63 -6.56 -5.47
C SER D 307 11.28 -5.92 -6.80
N ASP D 308 12.18 -5.83 -7.76
CA ASP D 308 11.79 -5.26 -9.04
C ASP D 308 12.18 -6.14 -10.22
N GLY D 309 12.66 -7.34 -9.97
CA GLY D 309 13.21 -8.18 -11.01
C GLY D 309 14.69 -7.97 -11.22
N TYR D 310 15.29 -8.87 -12.00
CA TYR D 310 16.73 -8.86 -12.16
C TYR D 310 17.25 -8.87 -13.58
N THR D 311 16.45 -9.26 -14.58
CA THR D 311 16.97 -9.35 -15.94
C THR D 311 17.70 -8.09 -16.36
N LEU D 312 17.00 -6.95 -16.37
CA LEU D 312 17.64 -5.69 -16.76
C LEU D 312 18.83 -5.38 -15.87
N ARG D 313 18.64 -5.42 -14.55
CA ARG D 313 19.71 -5.06 -13.63
C ARG D 313 20.91 -5.97 -13.80
N ALA D 314 20.69 -7.27 -14.00
CA ALA D 314 21.82 -8.17 -14.20
C ALA D 314 22.52 -7.86 -15.51
N CYS D 315 21.75 -7.57 -16.55
CA CYS D 315 22.34 -7.15 -17.83
C CYS D 315 23.29 -5.97 -17.62
N GLN D 316 22.80 -4.89 -17.01
CA GLN D 316 23.64 -3.71 -16.85
C GLN D 316 24.83 -3.97 -15.93
N GLU D 317 24.65 -4.80 -14.91
CA GLU D 317 25.78 -5.12 -14.05
C GLU D 317 26.89 -5.81 -14.84
N LEU D 318 26.51 -6.82 -15.61
CA LEU D 318 27.48 -7.50 -16.46
C LEU D 318 28.13 -6.51 -17.42
N ASN D 319 27.35 -5.52 -17.88
CA ASN D 319 27.93 -4.48 -18.73
C ASN D 319 29.00 -3.69 -18.01
N ASN D 320 28.76 -3.33 -16.74
CA ASN D 320 29.79 -2.60 -16.01
C ASN D 320 31.05 -3.42 -15.85
N TYR D 321 30.91 -4.68 -15.46
CA TYR D 321 32.09 -5.52 -15.29
C TYR D 321 32.85 -5.71 -16.60
N ALA D 322 32.13 -5.88 -17.70
CA ALA D 322 32.81 -6.01 -18.99
C ALA D 322 33.55 -4.73 -19.35
N GLU D 323 32.91 -3.59 -19.16
CA GLU D 323 33.57 -2.30 -19.35
C GLU D 323 34.88 -2.21 -18.59
N ARG D 324 34.84 -2.50 -17.30
CA ARG D 324 36.03 -2.32 -16.47
C ARG D 324 37.13 -3.33 -16.86
N LEU D 325 36.80 -4.62 -16.97
CA LEU D 325 37.86 -5.56 -17.35
C LEU D 325 38.44 -5.20 -18.70
N ARG D 326 37.61 -4.75 -19.63
CA ARG D 326 38.18 -4.37 -20.91
C ARG D 326 39.07 -3.16 -20.72
N GLU D 327 38.79 -2.34 -19.71
CA GLU D 327 39.63 -1.19 -19.46
C GLU D 327 41.00 -1.63 -18.98
N VAL D 328 41.04 -2.52 -17.98
CA VAL D 328 42.31 -2.99 -17.45
C VAL D 328 43.13 -3.73 -18.52
N TRP D 329 42.47 -4.58 -19.32
CA TRP D 329 43.13 -5.30 -20.40
C TRP D 329 42.45 -4.99 -21.73
N PRO D 330 42.88 -3.95 -22.44
CA PRO D 330 42.36 -3.73 -23.79
C PRO D 330 42.89 -4.81 -24.72
N ASP D 331 41.99 -5.50 -25.42
CA ASP D 331 42.40 -6.61 -26.26
C ASP D 331 41.72 -6.53 -27.62
N ASP D 332 42.15 -7.42 -28.52
CA ASP D 332 41.57 -7.59 -29.85
C ASP D 332 40.42 -8.58 -29.84
N ALA D 333 39.75 -8.75 -28.71
CA ALA D 333 38.69 -9.74 -28.59
C ALA D 333 37.49 -9.36 -29.44
N ILE D 334 37.04 -10.30 -30.28
CA ILE D 334 35.86 -10.09 -31.09
C ILE D 334 34.66 -10.47 -30.24
N ARG D 335 33.70 -9.56 -30.15
CA ARG D 335 32.59 -9.74 -29.23
C ARG D 335 31.27 -9.45 -29.92
N GLY D 336 30.20 -9.78 -29.20
CA GLY D 336 28.85 -9.59 -29.67
C GLY D 336 27.88 -10.25 -28.72
N TYR D 337 26.69 -9.68 -28.60
CA TYR D 337 25.74 -10.18 -27.62
C TYR D 337 24.35 -10.00 -28.18
N ALA D 338 23.44 -10.86 -27.76
CA ALA D 338 22.05 -10.76 -28.15
C ALA D 338 21.14 -10.86 -26.93
N THR D 339 20.12 -10.03 -26.89
CA THR D 339 19.22 -9.95 -25.76
C THR D 339 17.78 -10.03 -26.25
N VAL D 340 16.86 -10.27 -25.33
CA VAL D 340 15.45 -10.19 -25.64
C VAL D 340 14.86 -8.84 -25.26
N GLU D 341 15.71 -7.86 -24.97
CA GLU D 341 15.25 -6.51 -24.72
C GLU D 341 16.02 -5.55 -25.61
N ASN D 342 15.31 -4.55 -26.11
CA ASN D 342 15.87 -3.56 -27.01
C ASN D 342 15.96 -2.21 -26.33
N LYS D 343 15.53 -2.14 -25.08
CA LYS D 343 15.38 -0.90 -24.35
C LYS D 343 16.69 -0.35 -23.85
N THR D 344 17.67 -1.20 -23.58
CA THR D 344 18.92 -0.77 -22.97
C THR D 344 20.12 -1.20 -23.81
N ASP D 345 21.05 -0.27 -23.98
CA ASP D 345 22.29 -0.53 -24.68
C ASP D 345 23.36 -1.01 -23.73
N LEU D 346 24.20 -1.94 -24.21
CA LEU D 346 25.30 -2.51 -23.45
C LEU D 346 26.57 -2.41 -24.30
N ALA D 347 27.11 -1.19 -24.40
CA ALA D 347 28.19 -0.94 -25.34
C ALA D 347 29.42 -1.79 -25.07
N ALA D 348 29.67 -2.17 -23.81
CA ALA D 348 30.90 -2.88 -23.51
C ALA D 348 30.95 -4.29 -24.06
N LEU D 349 29.81 -4.88 -24.38
CA LEU D 349 29.73 -6.26 -24.81
C LEU D 349 29.94 -6.46 -26.30
N GLY D 350 30.09 -5.41 -27.07
CA GLY D 350 30.32 -5.55 -28.49
C GLY D 350 29.15 -5.03 -29.30
N GLU D 351 29.11 -5.46 -30.55
CA GLU D 351 28.04 -5.07 -31.45
C GLU D 351 26.80 -5.91 -31.20
N ARG D 352 25.63 -5.29 -31.35
CA ARG D 352 24.39 -5.99 -31.10
C ARG D 352 23.99 -6.80 -32.32
N TYR D 353 23.30 -7.90 -32.08
CA TYR D 353 22.80 -8.78 -33.13
C TYR D 353 21.30 -8.98 -32.92
N ASP D 354 20.53 -9.12 -34.00
CA ASP D 354 19.09 -9.31 -33.87
C ASP D 354 18.73 -10.62 -33.22
N SER D 355 19.57 -11.65 -33.31
CA SER D 355 19.13 -12.96 -32.87
C SER D 355 20.31 -13.83 -32.44
N TYR D 356 19.98 -14.93 -31.75
CA TYR D 356 21.01 -15.86 -31.29
C TYR D 356 21.72 -16.60 -32.41
N PRO D 357 21.02 -17.25 -33.36
CA PRO D 357 21.77 -17.98 -34.38
C PRO D 357 22.59 -17.07 -35.28
N ALA D 358 22.13 -15.84 -35.49
CA ALA D 358 22.94 -14.89 -36.23
C ALA D 358 24.24 -14.63 -35.50
N LEU D 359 24.16 -14.44 -34.18
CA LEU D 359 25.36 -14.21 -33.38
C LEU D 359 26.31 -15.37 -33.46
N ILE D 360 25.80 -16.58 -33.22
CA ILE D 360 26.64 -17.77 -33.27
C ILE D 360 27.30 -17.91 -34.64
N ASP D 361 26.56 -17.60 -35.70
CA ASP D 361 27.16 -17.64 -37.03
C ASP D 361 28.30 -16.64 -37.15
N ALA D 362 28.07 -15.40 -36.72
CA ALA D 362 29.13 -14.40 -36.82
C ALA D 362 30.35 -14.77 -36.01
N MET D 363 30.17 -15.42 -34.86
CA MET D 363 31.35 -15.73 -34.05
C MET D 363 32.07 -16.97 -34.54
N VAL D 364 31.36 -17.98 -35.03
CA VAL D 364 32.07 -19.10 -35.64
C VAL D 364 32.82 -18.64 -36.88
N ALA D 365 32.22 -17.73 -37.64
CA ALA D 365 32.91 -17.13 -38.78
C ALA D 365 34.14 -16.35 -38.29
N ALA D 366 33.99 -15.65 -37.17
CA ALA D 366 35.08 -14.86 -36.61
C ALA D 366 36.23 -15.73 -36.18
N ALA D 367 35.96 -16.96 -35.78
CA ALA D 367 37.02 -17.82 -35.29
C ALA D 367 37.95 -18.24 -36.43
N PHE D 368 37.41 -18.40 -37.62
CA PHE D 368 38.23 -18.78 -38.78
C PHE D 368 38.14 -17.73 -39.88
N THR E 2 -45.30 30.71 19.14
CA THR E 2 -44.12 30.94 19.95
C THR E 2 -42.90 31.12 19.07
N PHE E 3 -43.03 30.88 17.77
CA PHE E 3 -41.94 31.07 16.83
C PHE E 3 -42.36 32.16 15.86
N VAL E 4 -41.88 33.37 16.07
CA VAL E 4 -42.12 34.43 15.11
C VAL E 4 -41.07 34.30 14.01
N ASP E 5 -41.48 34.04 12.79
CA ASP E 5 -40.49 33.97 11.73
C ASP E 5 -40.85 35.00 10.67
N ILE E 6 -39.83 35.71 10.19
CA ILE E 6 -40.01 36.81 9.25
C ILE E 6 -39.25 36.53 7.98
N HIS E 7 -39.93 36.67 6.84
CA HIS E 7 -39.38 36.50 5.51
C HIS E 7 -39.34 37.86 4.84
N ALA E 8 -38.42 38.04 3.89
CA ALA E 8 -38.32 39.34 3.24
C ALA E 8 -37.61 39.19 1.92
N ILE E 9 -38.06 39.90 0.90
CA ILE E 9 -37.35 40.01 -0.36
C ILE E 9 -36.87 41.43 -0.47
N GLN E 10 -35.57 41.60 -0.74
CA GLN E 10 -34.94 42.92 -0.77
C GLN E 10 -33.82 42.96 -1.79
N THR E 11 -33.98 43.77 -2.83
CA THR E 11 -32.97 43.93 -3.86
C THR E 11 -31.87 44.87 -3.41
N LEU E 12 -30.66 44.63 -3.92
CA LEU E 12 -29.54 45.50 -3.61
C LEU E 12 -28.81 45.72 -4.92
N PRO E 13 -28.57 46.98 -5.28
CA PRO E 13 -27.94 47.28 -6.57
C PRO E 13 -26.45 47.53 -6.53
N TYR E 14 -25.68 46.63 -7.12
CA TYR E 14 -24.23 46.81 -7.24
C TYR E 14 -23.64 47.06 -5.85
N SER E 15 -24.15 46.29 -4.89
CA SER E 15 -23.88 46.45 -3.48
C SER E 15 -22.49 46.04 -3.00
N ASN E 16 -22.11 44.78 -3.23
CA ASN E 16 -20.89 44.21 -2.67
C ASN E 16 -20.81 44.46 -1.16
N ILE E 17 -21.87 44.05 -0.47
CA ILE E 17 -22.04 44.31 0.95
C ILE E 17 -20.99 43.57 1.77
N ASN E 18 -20.68 42.32 1.43
CA ASN E 18 -19.70 41.58 2.20
C ASN E 18 -18.71 40.84 1.33
N ARG E 19 -17.44 41.11 1.57
CA ARG E 19 -16.31 40.63 0.82
C ARG E 19 -15.64 39.46 1.53
N ASP E 20 -15.04 38.57 0.75
CA ASP E 20 -14.21 37.57 1.40
C ASP E 20 -12.94 38.28 1.84
N ASP E 21 -11.91 37.52 2.19
CA ASP E 21 -10.67 38.19 2.55
C ASP E 21 -10.05 38.83 1.34
N LEU E 22 -10.45 38.40 0.16
CA LEU E 22 -9.91 38.85 -1.11
C LEU E 22 -10.79 39.83 -1.88
N GLY E 23 -11.95 40.19 -1.36
CA GLY E 23 -12.80 41.19 -1.97
C GLY E 23 -13.95 40.66 -2.80
N SER E 24 -14.01 39.38 -3.07
CA SER E 24 -15.16 38.94 -3.83
C SER E 24 -16.36 38.80 -2.90
N PRO E 25 -17.56 39.11 -3.38
CA PRO E 25 -18.74 38.88 -2.55
C PRO E 25 -18.92 37.40 -2.26
N LYS E 26 -19.36 37.09 -1.06
CA LYS E 26 -19.51 35.70 -0.68
C LYS E 26 -20.61 35.03 -1.51
N THR E 27 -20.35 33.79 -1.95
CA THR E 27 -21.29 33.10 -2.83
C THR E 27 -21.66 31.71 -2.34
N VAL E 28 -22.91 31.34 -2.56
CA VAL E 28 -23.41 29.97 -2.34
C VAL E 28 -23.71 29.35 -3.69
N VAL E 29 -23.20 28.15 -3.94
CA VAL E 29 -23.62 27.38 -5.09
C VAL E 29 -24.83 26.57 -4.64
N TYR E 30 -26.00 27.17 -4.79
CA TYR E 30 -27.24 26.61 -4.28
C TYR E 30 -28.18 26.31 -5.44
N GLY E 31 -28.68 25.08 -5.45
CA GLY E 31 -29.53 24.70 -6.54
C GLY E 31 -28.73 24.44 -7.77
N GLY E 32 -27.43 24.25 -7.62
CA GLY E 32 -26.54 23.99 -8.70
C GLY E 32 -25.96 25.25 -9.33
N LYS E 33 -26.43 26.43 -8.95
CA LYS E 33 -25.91 27.66 -9.55
C LYS E 33 -25.38 28.58 -8.48
N GLU E 34 -24.19 29.15 -8.72
CA GLU E 34 -23.62 30.10 -7.77
C GLU E 34 -24.39 31.42 -7.69
N ARG E 35 -24.73 31.82 -6.47
CA ARG E 35 -25.49 33.01 -6.11
C ARG E 35 -24.89 33.72 -4.91
N THR E 36 -24.53 34.99 -5.07
CA THR E 36 -23.92 35.78 -4.02
C THR E 36 -24.84 35.92 -2.80
N ARG E 37 -24.22 35.96 -1.63
CA ARG E 37 -24.90 36.00 -0.33
C ARG E 37 -24.27 37.01 0.61
N VAL E 38 -25.07 37.49 1.53
CA VAL E 38 -24.61 38.28 2.66
C VAL E 38 -24.61 37.42 3.90
N SER E 39 -23.44 37.25 4.49
CA SER E 39 -23.29 36.38 5.64
C SER E 39 -24.19 36.78 6.78
N SER E 40 -24.66 35.76 7.49
CA SER E 40 -25.59 36.01 8.58
C SER E 40 -24.93 36.78 9.72
N GLN E 41 -23.67 36.50 10.01
CA GLN E 41 -23.06 37.18 11.14
C GLN E 41 -22.93 38.68 10.91
N SER E 42 -22.67 39.11 9.67
CA SER E 42 -22.51 40.54 9.42
C SER E 42 -23.81 41.28 9.61
N TRP E 43 -24.85 40.82 8.93
CA TRP E 43 -26.15 41.45 9.08
C TRP E 43 -26.62 41.33 10.51
N LYS E 44 -26.27 40.25 11.19
CA LYS E 44 -26.66 40.13 12.57
C LYS E 44 -25.99 41.23 13.39
N ARG E 45 -24.76 41.57 13.03
CA ARG E 45 -24.10 42.66 13.73
C ARG E 45 -24.80 43.98 13.43
N ALA E 46 -25.16 44.23 12.17
CA ALA E 46 -25.87 45.46 11.89
C ALA E 46 -27.17 45.55 12.68
N VAL E 47 -27.91 44.44 12.77
CA VAL E 47 -29.15 44.45 13.52
C VAL E 47 -28.88 44.69 14.98
N ARG E 48 -27.84 44.05 15.52
CA ARG E 48 -27.58 44.24 16.94
C ARG E 48 -27.14 45.67 17.22
N HIS E 49 -26.47 46.33 16.28
CA HIS E 49 -26.09 47.71 16.53
C HIS E 49 -27.29 48.63 16.49
N GLU E 50 -28.22 48.40 15.56
CA GLU E 50 -29.43 49.23 15.60
C GLU E 50 -30.25 48.97 16.85
N VAL E 51 -30.37 47.71 17.26
CA VAL E 51 -31.16 47.41 18.46
C VAL E 51 -30.53 48.04 19.69
N GLU E 52 -29.22 47.86 19.88
CA GLU E 52 -28.58 48.49 21.04
C GLU E 52 -28.65 50.01 20.97
N ALA E 53 -28.50 50.57 19.77
CA ALA E 53 -28.53 52.02 19.61
C ALA E 53 -29.92 52.59 19.86
N ARG E 54 -30.95 51.85 19.50
CA ARG E 54 -32.32 52.33 19.61
C ARG E 54 -32.92 52.08 20.98
N LEU E 55 -32.53 51.01 21.63
CA LEU E 55 -33.06 50.66 22.93
C LEU E 55 -32.21 51.20 24.07
N GLY E 56 -31.05 51.79 23.75
CA GLY E 56 -30.19 52.48 24.69
C GLY E 56 -29.18 51.65 25.43
N ASP E 57 -29.39 50.35 25.60
CA ASP E 57 -28.43 49.51 26.29
C ASP E 57 -27.41 49.02 25.27
N LYS E 58 -26.13 49.23 25.56
CA LYS E 58 -25.06 48.88 24.64
C LYS E 58 -24.22 47.75 25.22
N ALA E 59 -23.99 46.75 24.39
CA ALA E 59 -23.15 45.61 24.72
C ALA E 59 -21.80 45.77 24.06
N VAL E 60 -20.79 45.19 24.68
CA VAL E 60 -19.42 45.33 24.23
C VAL E 60 -18.79 43.95 24.12
N ARG E 61 -18.45 43.58 22.90
CA ARG E 61 -17.75 42.34 22.60
C ARG E 61 -16.30 42.73 22.38
N THR E 62 -15.46 42.51 23.38
CA THR E 62 -14.09 42.99 23.31
C THR E 62 -13.16 41.95 23.88
N ARG E 63 -11.97 41.90 23.30
CA ARG E 63 -10.88 41.08 23.79
C ARG E 63 -9.96 41.80 24.74
N ARG E 64 -10.08 43.11 24.86
CA ARG E 64 -9.20 43.90 25.71
C ARG E 64 -10.01 44.62 26.77
N ILE E 65 -10.58 43.82 27.67
CA ILE E 65 -11.37 44.37 28.76
C ILE E 65 -10.48 44.99 29.81
N ILE E 66 -9.31 44.40 30.05
CA ILE E 66 -8.39 44.91 31.07
C ILE E 66 -8.06 46.36 30.80
N SER E 67 -7.78 46.68 29.54
CA SER E 67 -7.46 48.05 29.20
C SER E 67 -8.62 49.00 29.50
N GLU E 68 -9.85 48.59 29.20
CA GLU E 68 -10.97 49.49 29.44
C GLU E 68 -11.22 49.68 30.93
N ILE E 69 -11.23 48.59 31.70
CA ILE E 69 -11.38 48.70 33.14
C ILE E 69 -10.24 49.54 33.72
N ALA E 70 -9.05 49.40 33.15
CA ALA E 70 -7.93 50.25 33.54
C ALA E 70 -8.24 51.71 33.27
N LYS E 71 -8.89 51.99 32.15
CA LYS E 71 -9.27 53.38 31.89
C LYS E 71 -10.25 53.89 32.93
N ARG E 72 -11.24 53.08 33.30
CA ARG E 72 -12.17 53.54 34.31
C ARG E 72 -11.50 53.74 35.65
N LEU E 73 -10.64 52.82 36.07
CA LEU E 73 -9.98 53.05 37.34
C LEU E 73 -9.10 54.28 37.27
N ARG E 74 -8.51 54.56 36.11
CA ARG E 74 -7.73 55.78 36.00
C ARG E 74 -8.60 57.02 36.10
N GLU E 75 -9.83 56.96 35.59
CA GLU E 75 -10.73 58.10 35.77
C GLU E 75 -11.30 58.15 37.18
N ARG E 76 -11.17 57.07 37.94
CA ARG E 76 -11.63 57.05 39.33
C ARG E 76 -10.60 57.62 40.30
N GLY E 77 -9.43 58.01 39.80
CA GLY E 77 -8.41 58.67 40.58
C GLY E 77 -7.20 57.83 40.89
N TRP E 78 -7.12 56.62 40.36
CA TRP E 78 -5.98 55.75 40.53
C TRP E 78 -4.83 56.18 39.61
N ASP E 79 -3.61 55.90 40.05
CA ASP E 79 -2.49 56.10 39.16
C ASP E 79 -2.51 54.99 38.11
N ALA E 80 -1.86 55.24 36.98
CA ALA E 80 -1.93 54.30 35.87
C ALA E 80 -1.47 52.89 36.25
N ASP E 81 -0.34 52.77 36.97
CA ASP E 81 0.11 51.42 37.31
C ASP E 81 -0.83 50.69 38.27
N LEU E 82 -1.40 51.36 39.26
CA LEU E 82 -2.34 50.65 40.13
C LEU E 82 -3.63 50.31 39.40
N ALA E 83 -4.02 51.14 38.43
CA ALA E 83 -5.21 50.81 37.66
C ALA E 83 -4.96 49.57 36.84
N ASP E 84 -3.79 49.47 36.22
CA ASP E 84 -3.45 48.30 35.42
C ASP E 84 -3.39 47.06 36.30
N ALA E 85 -2.74 47.16 37.44
CA ALA E 85 -2.65 46.01 38.34
C ALA E 85 -4.01 45.60 38.87
N GLY E 86 -4.88 46.57 39.20
CA GLY E 86 -6.19 46.23 39.69
C GLY E 86 -7.05 45.54 38.64
N ALA E 87 -6.99 46.02 37.40
CA ALA E 87 -7.76 45.35 36.35
C ALA E 87 -7.20 43.97 36.09
N ARG E 88 -5.88 43.82 36.20
CA ARG E 88 -5.28 42.51 36.04
C ARG E 88 -5.79 41.60 37.15
N GLN E 89 -5.99 42.15 38.34
CA GLN E 89 -6.56 41.35 39.40
C GLN E 89 -7.99 40.97 39.09
N VAL E 90 -8.74 41.87 38.43
CA VAL E 90 -10.12 41.57 38.07
C VAL E 90 -10.18 40.34 37.18
N VAL E 91 -9.29 40.28 36.19
CA VAL E 91 -9.30 39.14 35.27
C VAL E 91 -8.51 37.97 35.81
N LEU E 92 -7.70 38.19 36.83
CA LEU E 92 -6.91 37.11 37.41
C LEU E 92 -7.78 36.30 38.34
N SER E 93 -8.81 36.92 38.89
CA SER E 93 -9.67 36.33 39.91
C SER E 93 -10.73 35.40 39.34
N VAL E 94 -10.61 34.98 38.09
CA VAL E 94 -11.66 34.20 37.43
C VAL E 94 -11.07 32.98 36.76
N GLY E 95 -11.93 31.97 36.59
CA GLY E 95 -11.57 30.74 35.95
C GLY E 95 -11.18 29.64 36.93
N LYS E 96 -11.22 28.42 36.43
CA LYS E 96 -10.84 27.25 37.24
C LYS E 96 -9.39 27.42 37.69
N LYS E 97 -8.48 27.54 36.74
CA LYS E 97 -7.06 27.69 36.97
C LYS E 97 -6.82 29.08 37.57
N SER E 98 -5.55 29.43 37.73
CA SER E 98 -5.20 30.69 38.37
C SER E 98 -5.92 31.87 37.74
N GLY E 99 -6.16 31.84 36.44
CA GLY E 99 -6.86 32.95 35.84
C GLY E 99 -7.13 32.72 34.37
N ILE E 100 -7.85 33.68 33.79
CA ILE E 100 -8.10 33.70 32.35
C ILE E 100 -6.80 33.85 31.61
N LYS E 101 -6.60 33.01 30.60
CA LYS E 101 -5.36 33.05 29.84
C LYS E 101 -5.26 34.40 29.16
N LEU E 102 -4.05 34.96 29.11
CA LEU E 102 -3.84 36.25 28.49
C LEU E 102 -2.92 36.14 27.28
N GLU E 103 -3.26 36.90 26.25
CA GLU E 103 -2.47 37.07 25.04
C GLU E 103 -1.20 37.82 25.35
N LYS E 104 -0.22 37.62 24.47
CA LYS E 104 1.09 38.21 24.66
C LYS E 104 0.94 39.72 24.85
N GLU E 105 1.70 40.24 25.81
CA GLU E 105 1.61 41.63 26.21
C GLU E 105 2.02 42.57 25.09
N LYS E 106 1.24 43.62 24.92
CA LYS E 106 1.50 44.66 23.92
C LYS E 106 2.22 45.80 24.61
N ASP E 107 3.20 46.36 23.92
CA ASP E 107 3.99 47.41 24.54
C ASP E 107 3.12 48.61 24.88
N SER E 108 3.29 49.13 26.09
CA SER E 108 2.64 50.31 26.65
C SER E 108 1.18 50.09 27.08
N GLU E 109 0.56 48.94 26.77
CA GLU E 109 -0.83 48.69 27.12
C GLU E 109 -1.05 47.34 27.81
N ALA E 110 -2.13 47.29 28.58
CA ALA E 110 -2.54 46.10 29.32
C ALA E 110 -2.86 44.94 28.37
N PRO E 111 -2.57 43.70 28.77
CA PRO E 111 -2.78 42.55 27.89
C PRO E 111 -4.24 42.25 27.63
N ALA E 112 -4.49 41.76 26.42
CA ALA E 112 -5.82 41.34 26.00
C ALA E 112 -6.11 39.92 26.49
N THR E 113 -7.35 39.69 26.92
CA THR E 113 -7.80 38.39 27.38
C THR E 113 -7.84 37.39 26.22
N SER E 114 -7.73 36.10 26.56
CA SER E 114 -7.73 35.05 25.55
C SER E 114 -9.07 34.92 24.84
N VAL E 115 -10.17 35.09 25.55
CA VAL E 115 -11.47 34.94 24.92
C VAL E 115 -12.19 36.28 24.89
N LEU E 116 -13.02 36.44 23.87
CA LEU E 116 -13.80 37.65 23.72
C LEU E 116 -14.91 37.70 24.76
N PHE E 117 -15.14 38.88 25.31
CA PHE E 117 -16.17 39.11 26.30
C PHE E 117 -17.32 39.85 25.65
N TYR E 118 -18.53 39.52 26.07
CA TYR E 118 -19.73 40.13 25.50
C TYR E 118 -20.62 40.57 26.64
N LEU E 119 -20.40 41.78 27.16
CA LEU E 119 -21.15 42.20 28.33
C LEU E 119 -21.56 43.67 28.22
N PRO E 120 -22.64 44.07 28.89
CA PRO E 120 -23.07 45.47 28.86
C PRO E 120 -22.04 46.43 29.43
N VAL E 121 -22.09 47.67 28.95
CA VAL E 121 -21.17 48.70 29.43
C VAL E 121 -21.32 48.93 30.93
N PRO E 122 -22.52 49.08 31.49
CA PRO E 122 -22.61 49.30 32.93
C PRO E 122 -22.06 48.16 33.73
N ALA E 123 -22.02 46.95 33.17
CA ALA E 123 -21.39 45.85 33.89
C ALA E 123 -19.92 46.12 34.05
N ILE E 124 -19.30 46.72 33.03
CA ILE E 124 -17.92 47.13 33.16
C ILE E 124 -17.80 48.12 34.29
N ASP E 125 -18.73 49.08 34.36
CA ASP E 125 -18.65 50.04 35.45
C ASP E 125 -18.75 49.36 36.82
N GLU E 126 -19.61 48.36 36.96
CA GLU E 126 -19.68 47.69 38.26
C GLU E 126 -18.40 46.92 38.56
N LEU E 127 -17.79 46.31 37.54
CA LEU E 127 -16.51 45.66 37.79
C LEU E 127 -15.49 46.67 38.27
N ALA E 128 -15.50 47.87 37.71
CA ALA E 128 -14.60 48.90 38.20
C ALA E 128 -14.87 49.22 39.67
N ALA E 129 -16.15 49.31 40.06
CA ALA E 129 -16.45 49.61 41.46
C ALA E 129 -16.00 48.50 42.41
N ILE E 130 -16.22 47.24 42.05
CA ILE E 130 -15.77 46.15 42.92
C ILE E 130 -14.26 46.17 43.04
N ALA E 131 -13.57 46.47 41.93
CA ALA E 131 -12.12 46.57 42.02
C ALA E 131 -11.70 47.79 42.82
N ASP E 132 -12.62 48.75 42.97
CA ASP E 132 -12.31 50.00 43.66
C ASP E 132 -12.35 49.81 45.17
N GLU E 133 -13.35 49.09 45.67
CA GLU E 133 -13.48 48.98 47.12
C GLU E 133 -12.32 48.20 47.77
N HIS E 134 -11.52 47.46 47.02
CA HIS E 134 -10.37 46.75 47.55
C HIS E 134 -9.04 47.44 47.25
N ARG E 135 -8.97 48.77 47.43
CA ARG E 135 -7.77 49.50 47.03
C ARG E 135 -6.52 49.11 47.81
N ASP E 136 -6.63 48.94 49.13
CA ASP E 136 -5.46 48.59 49.92
C ASP E 136 -4.96 47.17 49.67
N ALA E 137 -5.87 46.19 49.56
CA ALA E 137 -5.43 44.84 49.25
C ALA E 137 -4.69 44.82 47.93
N VAL E 138 -5.21 45.55 46.95
CA VAL E 138 -4.54 45.67 45.67
C VAL E 138 -3.20 46.35 45.81
N ALA E 139 -3.12 47.40 46.64
CA ALA E 139 -1.85 48.10 46.82
C ALA E 139 -0.77 47.19 47.40
N LYS E 140 -1.11 46.34 48.36
CA LYS E 140 -0.11 45.44 48.91
C LYS E 140 0.23 44.34 47.92
N GLU E 141 -0.80 43.88 47.19
CA GLU E 141 -0.72 42.74 46.30
C GLU E 141 -0.05 43.07 44.96
N ALA E 142 0.00 44.35 44.57
CA ALA E 142 0.65 44.71 43.31
C ALA E 142 2.16 44.52 43.34
N ALA E 143 2.76 44.56 44.53
CA ALA E 143 4.21 44.46 44.65
C ALA E 143 4.77 43.06 44.43
N LYS E 144 4.01 42.01 44.69
CA LYS E 144 4.57 40.68 44.51
C LYS E 144 4.82 40.33 43.04
N LYS E 145 5.78 39.43 42.84
CA LYS E 145 6.22 39.05 41.50
C LYS E 145 5.16 38.25 40.76
N THR E 146 4.46 37.36 41.46
CA THR E 146 3.42 36.51 40.86
C THR E 146 2.14 36.78 41.64
N PRO E 147 1.46 37.88 41.32
CA PRO E 147 0.29 38.29 42.09
C PRO E 147 -0.85 37.30 41.96
N LYS E 148 -1.55 37.07 43.05
CA LYS E 148 -2.71 36.19 43.05
C LYS E 148 -4.00 36.99 43.06
N GLY E 149 -5.09 36.32 42.69
CA GLY E 149 -6.40 36.96 42.66
C GLY E 149 -6.95 37.21 44.05
N ILE E 150 -7.50 38.41 44.26
CA ILE E 150 -7.99 38.81 45.58
C ILE E 150 -9.50 39.04 45.57
N LEU E 151 -10.02 39.61 44.49
CA LEU E 151 -11.43 39.92 44.40
C LEU E 151 -12.29 38.67 44.62
N PRO E 152 -13.46 38.83 45.22
CA PRO E 152 -14.34 37.67 45.42
C PRO E 152 -14.77 37.14 44.07
N ALA E 153 -14.72 35.81 43.92
CA ALA E 153 -15.07 35.25 42.61
C ALA E 153 -16.57 35.27 42.39
N ASP E 154 -17.35 35.02 43.44
CA ASP E 154 -18.80 34.94 43.29
C ASP E 154 -19.41 36.28 42.85
N ARG E 155 -19.00 37.39 43.48
CA ARG E 155 -19.56 38.67 43.08
C ARG E 155 -19.24 39.05 41.65
N ILE E 156 -17.98 38.90 41.24
CA ILE E 156 -17.62 39.23 39.86
C ILE E 156 -18.31 38.31 38.87
N THR E 157 -18.30 37.00 39.16
CA THR E 157 -18.96 36.07 38.26
C THR E 157 -20.46 36.37 38.17
N GLU E 158 -21.05 36.83 39.26
CA GLU E 158 -22.46 37.19 39.20
C GLU E 158 -22.63 38.45 38.36
N VAL E 159 -21.63 39.33 38.36
CA VAL E 159 -21.68 40.53 37.52
C VAL E 159 -21.54 40.19 36.05
N LEU E 160 -20.69 39.23 35.72
CA LEU E 160 -20.52 38.85 34.32
C LEU E 160 -21.75 38.17 33.75
N LYS E 161 -22.71 37.81 34.58
CA LYS E 161 -23.92 37.17 34.09
C LYS E 161 -24.96 38.16 33.61
N SER E 162 -24.78 39.46 33.86
CA SER E 162 -25.76 40.44 33.44
C SER E 162 -25.96 40.37 31.93
N ARG E 163 -27.21 40.44 31.50
CA ARG E 163 -27.58 40.25 30.11
C ARG E 163 -28.05 41.56 29.49
N ASN E 164 -27.55 41.86 28.30
CA ASN E 164 -28.08 42.91 27.47
C ASN E 164 -29.22 42.39 26.61
N VAL E 165 -29.97 43.31 26.01
CA VAL E 165 -30.96 42.92 25.01
C VAL E 165 -30.28 42.16 23.90
N SER E 166 -29.11 42.62 23.47
CA SER E 166 -28.39 41.92 22.42
C SER E 166 -27.99 40.53 22.89
N VAL E 167 -27.63 40.42 24.18
CA VAL E 167 -27.29 39.10 24.72
C VAL E 167 -28.53 38.25 24.87
N ASN E 168 -29.64 38.84 25.31
CA ASN E 168 -30.89 38.08 25.45
C ASN E 168 -31.35 37.56 24.10
N LEU E 169 -31.13 38.35 23.07
CA LEU E 169 -31.64 38.03 21.75
C LEU E 169 -30.71 37.10 21.00
N PHE E 170 -29.41 37.37 21.01
CA PHE E 170 -28.47 36.57 20.23
C PHE E 170 -27.65 35.60 21.07
N GLY E 171 -27.64 35.74 22.39
CA GLY E 171 -26.91 34.82 23.23
C GLY E 171 -25.42 35.10 23.26
N ARG E 172 -24.74 34.44 24.19
CA ARG E 172 -23.31 34.61 24.33
C ARG E 172 -22.71 33.27 24.67
N MET E 173 -21.39 33.18 24.55
CA MET E 173 -20.68 31.98 24.95
C MET E 173 -19.36 32.36 25.59
N LEU E 174 -19.07 31.76 26.73
CA LEU E 174 -17.78 31.95 27.38
C LEU E 174 -17.39 30.60 27.94
N ALA E 175 -16.39 29.97 27.32
CA ALA E 175 -16.03 28.59 27.68
C ALA E 175 -15.48 28.49 29.09
N GLU E 176 -14.66 29.46 29.49
CA GLU E 176 -14.06 29.46 30.82
C GLU E 176 -15.05 29.74 31.93
N LEU E 177 -16.16 30.42 31.64
CA LEU E 177 -17.18 30.73 32.64
C LEU E 177 -18.49 30.21 32.12
N PRO E 178 -18.73 28.91 32.24
CA PRO E 178 -19.98 28.33 31.75
C PRO E 178 -21.22 28.81 32.47
N SER E 179 -21.08 29.46 33.62
CA SER E 179 -22.27 29.95 34.29
C SER E 179 -22.90 31.13 33.56
N THR E 180 -22.10 31.87 32.79
CA THR E 180 -22.58 33.08 32.11
C THR E 180 -23.15 32.82 30.73
N GLU E 181 -22.91 31.65 30.15
CA GLU E 181 -23.35 31.36 28.79
C GLU E 181 -24.88 31.41 28.68
N VAL E 182 -25.37 32.10 27.66
CA VAL E 182 -26.80 32.25 27.41
C VAL E 182 -27.09 31.78 26.00
N ASP E 183 -28.05 30.88 25.85
CA ASP E 183 -28.46 30.41 24.54
C ASP E 183 -29.21 31.48 23.76
N GLY E 184 -28.79 31.72 22.52
CA GLY E 184 -29.47 32.71 21.70
C GLY E 184 -30.87 32.31 21.32
N ALA E 185 -31.74 33.32 21.20
CA ALA E 185 -33.14 33.11 20.84
C ALA E 185 -33.48 33.47 19.39
N VAL E 186 -32.52 33.86 18.55
CA VAL E 186 -32.83 34.33 17.20
C VAL E 186 -32.00 33.58 16.18
N GLN E 187 -32.66 33.06 15.16
CA GLN E 187 -31.96 32.42 14.05
C GLN E 187 -31.95 33.31 12.81
N PHE E 188 -30.78 33.58 12.27
CA PHE E 188 -30.65 34.48 11.13
C PHE E 188 -30.03 33.73 9.95
N ALA E 189 -30.83 33.49 8.92
CA ALA E 189 -30.37 32.75 7.75
C ALA E 189 -29.49 33.62 6.86
N HIS E 190 -28.60 32.96 6.11
CA HIS E 190 -27.77 33.62 5.12
C HIS E 190 -28.59 34.06 3.92
N ALA E 191 -28.75 35.35 3.76
CA ALA E 191 -29.48 35.97 2.66
C ALA E 191 -28.77 35.74 1.34
N PHE E 192 -29.33 34.93 0.46
CA PHE E 192 -28.74 34.70 -0.85
C PHE E 192 -29.61 35.29 -1.94
N THR E 193 -29.05 35.45 -3.14
CA THR E 193 -29.82 35.99 -4.25
C THR E 193 -30.77 34.94 -4.77
N VAL E 194 -31.94 35.40 -5.20
CA VAL E 194 -32.90 34.52 -5.84
C VAL E 194 -32.35 33.99 -7.15
N HIS E 195 -31.65 34.82 -7.90
CA HIS E 195 -31.13 34.50 -9.21
C HIS E 195 -29.62 34.36 -9.23
N GLY E 196 -29.12 33.65 -10.23
CA GLY E 196 -27.69 33.48 -10.38
C GLY E 196 -27.01 34.78 -10.78
N THR E 197 -25.91 35.10 -10.12
CA THR E 197 -25.21 36.35 -10.35
C THR E 197 -23.73 36.10 -10.58
N THR E 198 -23.22 36.53 -11.73
CA THR E 198 -21.79 36.50 -12.00
C THR E 198 -21.17 37.76 -11.45
N VAL E 199 -20.02 37.62 -10.79
CA VAL E 199 -19.37 38.78 -10.19
C VAL E 199 -18.82 39.69 -11.29
N GLU E 200 -19.25 40.94 -11.28
CA GLU E 200 -18.81 41.92 -12.27
C GLU E 200 -17.69 42.76 -11.65
N VAL E 201 -16.53 42.74 -12.29
CA VAL E 201 -15.35 43.46 -11.84
C VAL E 201 -15.20 44.81 -12.53
N ASP E 202 -15.16 45.89 -11.75
CA ASP E 202 -14.93 47.24 -12.28
C ASP E 202 -13.49 47.65 -12.03
N PHE E 203 -12.74 47.85 -13.10
CA PHE E 203 -11.38 48.36 -13.00
C PHE E 203 -11.40 49.82 -12.59
N PHE E 204 -10.76 50.13 -11.48
CA PHE E 204 -10.74 51.50 -10.98
C PHE E 204 -9.29 51.91 -10.78
N THR E 205 -9.04 53.21 -10.95
CA THR E 205 -7.72 53.79 -10.82
C THR E 205 -7.79 55.02 -9.93
N ALA E 206 -6.65 55.43 -9.43
CA ALA E 206 -6.57 56.56 -8.51
C ALA E 206 -5.71 57.62 -9.17
N VAL E 207 -6.27 58.80 -9.36
CA VAL E 207 -5.59 59.85 -10.10
C VAL E 207 -4.59 60.54 -9.20
N ASP E 208 -3.35 60.68 -9.66
CA ASP E 208 -2.36 61.50 -8.99
C ASP E 208 -2.56 62.93 -9.46
N ASP E 209 -2.77 63.85 -8.51
CA ASP E 209 -3.23 65.19 -8.87
C ASP E 209 -2.17 66.02 -9.57
N ILE E 210 -0.92 65.98 -9.13
CA ILE E 210 0.16 66.72 -9.78
C ILE E 210 0.72 65.88 -10.93
N PRO E 211 0.67 66.39 -12.16
CA PRO E 211 1.03 65.61 -13.35
C PRO E 211 2.46 65.10 -13.40
N LYS E 212 2.60 63.83 -13.76
CA LYS E 212 3.90 63.19 -13.99
C LYS E 212 3.74 62.42 -15.28
N GLU E 213 4.68 62.59 -16.21
CA GLU E 213 4.54 61.98 -17.52
C GLU E 213 4.56 60.45 -17.50
N ASN E 214 5.48 59.83 -16.79
CA ASN E 214 5.55 58.37 -16.85
C ASN E 214 4.36 57.69 -16.20
N ASP E 215 3.99 58.13 -14.99
CA ASP E 215 2.91 57.45 -14.27
C ASP E 215 1.56 57.59 -14.95
N HIS E 216 1.20 58.80 -15.41
CA HIS E 216 -0.12 58.96 -16.01
C HIS E 216 -0.23 58.11 -17.27
N GLY E 217 0.82 58.12 -18.10
CA GLY E 217 0.83 57.31 -19.29
C GLY E 217 0.77 55.82 -19.00
N SER E 218 1.43 55.39 -17.93
CA SER E 218 1.40 53.97 -17.57
C SER E 218 -0.03 53.51 -17.30
N GLY E 219 -0.81 54.30 -16.56
CA GLY E 219 -2.20 53.93 -16.35
C GLY E 219 -2.35 52.52 -15.82
N HIS E 220 -1.68 52.21 -14.70
CA HIS E 220 -1.70 50.87 -14.13
C HIS E 220 -2.61 50.93 -12.89
N MET E 221 -3.60 50.03 -12.82
CA MET E 221 -4.54 50.03 -11.70
C MET E 221 -5.11 48.67 -11.32
N ASN E 222 -5.57 48.59 -10.06
CA ASN E 222 -6.24 47.46 -9.42
C ASN E 222 -7.71 47.30 -9.87
N ALA E 223 -8.24 46.09 -9.70
CA ALA E 223 -9.61 45.70 -10.04
C ALA E 223 -10.50 45.45 -8.82
N GLY E 224 -11.69 46.05 -8.79
CA GLY E 224 -12.62 45.85 -7.68
C GLY E 224 -13.88 45.08 -8.06
N GLN E 225 -14.20 43.96 -7.41
CA GLN E 225 -15.35 43.14 -7.78
C GLN E 225 -16.60 43.44 -6.98
N PHE E 226 -17.70 43.75 -7.67
CA PHE E 226 -19.02 43.95 -7.07
C PHE E 226 -20.03 43.03 -7.72
N SER E 227 -21.24 43.02 -7.15
CA SER E 227 -22.34 42.22 -7.67
C SER E 227 -23.66 42.84 -7.21
N ALA E 228 -24.74 42.45 -7.87
CA ALA E 228 -26.07 42.98 -7.56
C ALA E 228 -27.12 41.88 -7.65
N GLY E 229 -28.24 42.10 -6.97
CA GLY E 229 -29.32 41.13 -7.05
C GLY E 229 -30.33 41.28 -5.94
N THR E 230 -31.41 40.51 -6.06
CA THR E 230 -32.53 40.49 -5.12
C THR E 230 -32.40 39.40 -4.06
N PHE E 231 -31.98 39.79 -2.86
CA PHE E 231 -31.76 38.83 -1.78
C PHE E 231 -33.04 38.36 -1.11
N TYR E 232 -33.07 37.08 -0.75
CA TYR E 232 -34.09 36.52 0.13
C TYR E 232 -33.55 36.46 1.55
N ARG E 233 -34.34 36.90 2.51
CA ARG E 233 -33.93 37.03 3.90
C ARG E 233 -34.92 36.36 4.84
N TYR E 234 -34.40 35.69 5.88
CA TYR E 234 -35.24 34.95 6.81
C TYR E 234 -34.70 34.99 8.24
N ALA E 235 -35.60 34.98 9.23
CA ALA E 235 -35.14 34.99 10.61
C ALA E 235 -36.22 34.45 11.53
N ASN E 236 -35.80 33.78 12.61
CA ASN E 236 -36.69 33.23 13.60
C ASN E 236 -36.48 33.90 14.94
N VAL E 237 -37.53 33.93 15.74
CA VAL E 237 -37.48 34.35 17.13
C VAL E 237 -38.26 33.35 17.97
N ASN E 238 -37.58 32.56 18.78
CA ASN E 238 -38.21 31.58 19.67
C ASN E 238 -38.72 32.34 20.89
N LEU E 239 -39.99 32.72 20.86
CA LEU E 239 -40.53 33.59 21.92
C LEU E 239 -40.48 33.02 23.33
N ASP E 240 -40.82 31.74 23.54
CA ASP E 240 -40.80 31.26 24.92
C ASP E 240 -39.41 31.28 25.53
N ARG E 241 -38.40 30.91 24.77
CA ARG E 241 -37.05 30.92 25.31
C ARG E 241 -36.59 32.35 25.52
N LEU E 242 -37.02 33.26 24.65
CA LEU E 242 -36.65 34.64 24.82
C LEU E 242 -37.28 35.21 26.08
N VAL E 243 -38.52 34.81 26.37
CA VAL E 243 -39.14 35.24 27.62
C VAL E 243 -38.41 34.65 28.81
N GLU E 244 -37.91 33.42 28.72
CA GLU E 244 -37.15 32.91 29.85
C GLU E 244 -35.85 33.68 30.03
N ASN E 245 -35.22 34.09 28.92
CA ASN E 245 -33.96 34.82 29.04
C ASN E 245 -34.18 36.20 29.64
N THR E 246 -35.05 37.00 29.04
CA THR E 246 -35.30 38.31 29.61
C THR E 246 -36.03 38.20 30.94
N GLY E 247 -36.81 37.16 31.12
CA GLY E 247 -37.57 36.95 32.35
C GLY E 247 -38.98 37.49 32.23
N ASP E 248 -39.10 38.78 31.95
CA ASP E 248 -40.40 39.41 31.83
C ASP E 248 -40.90 39.25 30.40
N ALA E 249 -42.22 39.16 30.25
CA ALA E 249 -42.76 39.08 28.90
C ALA E 249 -42.82 40.44 28.25
N GLN E 250 -42.93 41.50 29.03
CA GLN E 250 -43.00 42.84 28.47
C GLN E 250 -41.67 43.25 27.87
N THR E 251 -40.58 42.98 28.57
CA THR E 251 -39.28 43.32 28.00
C THR E 251 -39.01 42.47 26.77
N ALA E 252 -39.49 41.23 26.75
CA ALA E 252 -39.34 40.43 25.55
C ALA E 252 -40.11 41.04 24.40
N ARG E 253 -41.30 41.58 24.69
CA ARG E 253 -42.09 42.20 23.63
C ARG E 253 -41.36 43.40 23.03
N THR E 254 -40.87 44.30 23.89
CA THR E 254 -40.13 45.42 23.32
C THR E 254 -38.92 44.91 22.53
N ALA E 255 -38.22 43.93 23.07
CA ALA E 255 -37.07 43.39 22.35
C ALA E 255 -37.46 42.88 20.98
N VAL E 256 -38.58 42.17 20.90
CA VAL E 256 -38.99 41.62 19.61
C VAL E 256 -39.43 42.73 18.65
N ALA E 257 -40.29 43.66 19.09
CA ALA E 257 -40.71 44.71 18.16
C ALA E 257 -39.53 45.48 17.60
N GLU E 258 -38.66 45.99 18.46
CA GLU E 258 -37.47 46.68 17.97
C GLU E 258 -36.58 45.77 17.14
N PHE E 259 -36.46 44.49 17.50
CA PHE E 259 -35.64 43.60 16.67
C PHE E 259 -36.19 43.45 15.27
N LEU E 260 -37.49 43.20 15.13
CA LEU E 260 -38.06 43.03 13.80
C LEU E 260 -37.92 44.30 12.98
N ARG E 261 -38.27 45.43 13.59
CA ARG E 261 -38.15 46.69 12.88
C ARG E 261 -36.71 46.95 12.47
N ALA E 262 -35.77 46.65 13.35
CA ALA E 262 -34.36 46.81 13.01
C ALA E 262 -34.00 45.88 11.86
N PHE E 263 -34.56 44.67 11.88
CA PHE E 263 -34.30 43.66 10.86
C PHE E 263 -34.68 44.19 9.49
N LEU E 264 -35.75 44.97 9.44
CA LEU E 264 -36.16 45.52 8.15
C LEU E 264 -35.30 46.72 7.80
N SER E 265 -35.02 47.56 8.81
CA SER E 265 -34.38 48.84 8.58
C SER E 265 -32.91 48.74 8.26
N THR E 266 -32.17 47.86 8.92
CA THR E 266 -30.72 47.91 8.80
C THR E 266 -30.20 47.22 7.54
N VAL E 267 -29.01 47.66 7.14
CA VAL E 267 -28.23 47.15 6.01
C VAL E 267 -26.79 47.09 6.50
N PRO E 268 -26.07 45.99 6.27
CA PRO E 268 -24.72 45.80 6.85
C PRO E 268 -23.68 46.88 6.69
N SER E 269 -23.84 47.79 5.74
CA SER E 269 -22.86 48.83 5.51
C SER E 269 -21.47 48.28 5.21
N GLY E 270 -21.29 47.78 4.00
CA GLY E 270 -20.06 47.17 3.56
C GLY E 270 -19.63 47.88 2.31
N LYS E 271 -18.64 48.76 2.38
CA LYS E 271 -18.29 49.60 1.24
C LYS E 271 -19.50 50.39 0.76
N GLN E 272 -20.15 51.07 1.70
CA GLN E 272 -21.30 51.89 1.35
C GLN E 272 -20.97 53.33 1.03
N ASN E 273 -19.78 53.81 1.36
CA ASN E 273 -19.45 55.15 0.91
C ASN E 273 -19.18 55.11 -0.59
N ALA E 274 -18.47 54.08 -1.04
CA ALA E 274 -18.21 53.93 -2.46
C ALA E 274 -19.50 53.65 -3.22
N THR E 275 -20.41 52.87 -2.64
CA THR E 275 -21.67 52.58 -3.30
C THR E 275 -22.80 52.67 -2.28
N ALA E 276 -23.91 53.29 -2.66
CA ALA E 276 -25.03 53.42 -1.73
C ALA E 276 -25.99 52.27 -1.98
N ALA E 277 -25.96 51.29 -1.09
CA ALA E 277 -26.83 50.13 -1.20
C ALA E 277 -28.05 50.19 -0.29
N MET E 278 -28.31 51.32 0.37
CA MET E 278 -29.45 51.39 1.27
C MET E 278 -30.74 51.12 0.49
N THR E 279 -31.64 50.33 1.07
CA THR E 279 -32.86 49.95 0.37
C THR E 279 -33.85 49.30 1.33
N LEU E 280 -35.14 49.56 1.13
CA LEU E 280 -36.15 48.84 1.89
C LEU E 280 -36.59 47.57 1.18
N PRO E 281 -36.89 46.53 1.95
CA PRO E 281 -37.32 45.27 1.37
C PRO E 281 -38.57 45.42 0.52
N ASP E 282 -38.57 44.73 -0.63
CA ASP E 282 -39.72 44.81 -1.51
C ASP E 282 -40.90 44.07 -0.92
N LEU E 283 -40.66 43.01 -0.18
CA LEU E 283 -41.79 42.31 0.44
C LEU E 283 -41.43 41.81 1.82
N VAL E 284 -42.38 41.88 2.74
CA VAL E 284 -42.16 41.33 4.07
C VAL E 284 -43.32 40.44 4.46
N HIS E 285 -43.01 39.27 5.00
CA HIS E 285 -44.03 38.31 5.42
C HIS E 285 -43.68 37.75 6.78
N ILE E 286 -44.27 38.29 7.81
CA ILE E 286 -44.07 37.72 9.13
C ILE E 286 -45.18 36.72 9.38
N ALA E 287 -44.83 35.61 9.98
CA ALA E 287 -45.78 34.58 10.38
C ALA E 287 -45.47 34.21 11.82
N VAL E 288 -46.51 33.93 12.59
CA VAL E 288 -46.37 33.46 13.95
C VAL E 288 -46.75 31.99 13.97
N ARG E 289 -45.72 31.16 13.88
CA ARG E 289 -45.79 29.71 13.84
C ARG E 289 -45.77 29.14 15.25
N PHE E 290 -46.69 28.24 15.56
CA PHE E 290 -46.68 27.65 16.89
C PHE E 290 -45.94 26.32 16.97
N ASP E 291 -46.06 25.48 15.94
CA ASP E 291 -45.38 24.18 15.94
C ASP E 291 -43.88 24.31 15.65
N ARG E 292 -43.52 25.00 14.60
CA ARG E 292 -42.15 25.08 14.13
C ARG E 292 -41.94 26.21 13.14
N PRO E 293 -40.76 26.81 13.16
CA PRO E 293 -40.42 27.81 12.14
C PRO E 293 -40.16 27.11 10.82
N ILE E 294 -40.59 27.73 9.72
CA ILE E 294 -40.42 27.15 8.40
C ILE E 294 -39.85 28.18 7.44
N SER E 295 -38.63 27.94 6.98
CA SER E 295 -38.02 28.82 6.00
C SER E 295 -38.52 28.46 4.61
N PHE E 296 -38.61 29.47 3.74
CA PHE E 296 -39.04 29.27 2.36
C PHE E 296 -37.87 29.21 1.40
N ALA E 297 -36.69 28.85 1.87
CA ALA E 297 -35.55 28.77 0.98
C ALA E 297 -35.70 27.74 -0.13
N PRO E 298 -36.32 26.57 0.08
CA PRO E 298 -36.50 25.65 -1.06
C PRO E 298 -37.29 26.26 -2.19
N ALA E 299 -38.08 27.29 -1.93
CA ALA E 299 -38.85 27.91 -3.00
C ALA E 299 -37.93 28.42 -4.09
N PHE E 300 -36.73 28.87 -3.73
CA PHE E 300 -35.80 29.46 -4.67
C PHE E 300 -34.63 28.55 -4.98
N GLU E 301 -34.78 27.25 -4.77
CA GLU E 301 -33.69 26.37 -5.12
C GLU E 301 -33.51 26.29 -6.63
N THR E 302 -34.60 26.37 -7.38
CA THR E 302 -34.53 26.53 -8.82
C THR E 302 -34.21 27.99 -9.14
N ALA E 303 -32.99 28.25 -9.62
CA ALA E 303 -32.59 29.63 -9.89
C ALA E 303 -33.52 30.24 -10.93
N LEU E 304 -33.79 31.54 -10.80
CA LEU E 304 -34.62 32.21 -11.80
C LEU E 304 -33.84 32.45 -13.09
N TYR E 305 -34.53 32.30 -14.22
CA TYR E 305 -33.90 32.44 -15.53
C TYR E 305 -33.45 33.88 -15.79
N GLY E 306 -34.34 34.85 -15.68
CA GLY E 306 -33.93 36.23 -15.87
C GLY E 306 -34.62 36.93 -17.03
N SER E 307 -33.89 37.91 -17.60
CA SER E 307 -34.29 38.81 -18.67
C SER E 307 -35.36 39.80 -18.23
N ASP E 308 -36.13 39.46 -17.20
CA ASP E 308 -37.15 40.35 -16.70
C ASP E 308 -36.95 40.57 -15.21
N GLY E 309 -37.51 41.66 -14.70
CA GLY E 309 -37.37 42.02 -13.30
C GLY E 309 -37.74 40.92 -12.32
N TYR E 310 -36.78 40.55 -11.48
CA TYR E 310 -36.97 39.43 -10.57
C TYR E 310 -37.87 39.72 -9.39
N THR E 311 -38.10 40.98 -9.03
CA THR E 311 -38.88 41.24 -7.82
C THR E 311 -40.28 40.66 -7.89
N LEU E 312 -41.01 40.96 -8.97
CA LEU E 312 -42.38 40.45 -9.09
C LEU E 312 -42.41 38.93 -9.17
N ARG E 313 -41.51 38.33 -9.93
CA ARG E 313 -41.53 36.88 -10.06
C ARG E 313 -41.15 36.20 -8.76
N ALA E 314 -40.27 36.83 -7.99
CA ALA E 314 -39.88 36.29 -6.70
C ALA E 314 -41.04 36.36 -5.73
N CYS E 315 -41.75 37.49 -5.71
CA CYS E 315 -42.89 37.58 -4.81
C CYS E 315 -43.94 36.53 -5.17
N GLN E 316 -44.22 36.35 -6.47
CA GLN E 316 -45.20 35.35 -6.83
C GLN E 316 -44.74 33.94 -6.46
N GLU E 317 -43.43 33.66 -6.54
CA GLU E 317 -42.95 32.33 -6.20
C GLU E 317 -43.05 32.10 -4.70
N LEU E 318 -42.70 33.09 -3.91
CA LEU E 318 -42.90 32.93 -2.48
C LEU E 318 -44.38 32.72 -2.18
N ASN E 319 -45.25 33.39 -2.93
CA ASN E 319 -46.68 33.18 -2.72
C ASN E 319 -47.12 31.74 -3.02
N ASN E 320 -46.83 31.24 -4.22
CA ASN E 320 -47.26 29.86 -4.52
C ASN E 320 -46.66 28.87 -3.54
N TYR E 321 -45.40 29.06 -3.18
CA TYR E 321 -44.81 28.11 -2.25
C TYR E 321 -45.45 28.24 -0.88
N ALA E 322 -45.79 29.46 -0.46
CA ALA E 322 -46.47 29.60 0.81
C ALA E 322 -47.83 28.93 0.81
N GLU E 323 -48.57 29.04 -0.29
CA GLU E 323 -49.86 28.35 -0.35
C GLU E 323 -49.65 26.85 -0.25
N ARG E 324 -48.72 26.32 -1.05
CA ARG E 324 -48.53 24.88 -1.01
C ARG E 324 -48.07 24.39 0.36
N LEU E 325 -47.24 25.15 1.07
CA LEU E 325 -46.87 24.69 2.41
C LEU E 325 -48.01 24.80 3.41
N ARG E 326 -48.84 25.84 3.33
CA ARG E 326 -49.96 25.87 4.25
C ARG E 326 -50.91 24.74 3.96
N GLU E 327 -50.98 24.29 2.71
CA GLU E 327 -51.81 23.14 2.39
C GLU E 327 -51.20 21.85 2.91
N VAL E 328 -49.91 21.63 2.64
CA VAL E 328 -49.24 20.39 3.00
C VAL E 328 -49.05 20.27 4.51
N TRP E 329 -48.76 21.37 5.20
CA TRP E 329 -48.56 21.34 6.64
C TRP E 329 -49.60 22.22 7.29
N PRO E 330 -50.79 21.68 7.58
CA PRO E 330 -51.88 22.49 8.11
C PRO E 330 -51.54 23.05 9.48
N ASP E 331 -51.88 24.31 9.69
CA ASP E 331 -51.54 24.98 10.94
C ASP E 331 -52.44 26.19 11.16
N ASP E 332 -52.49 26.62 12.40
CA ASP E 332 -53.23 27.81 12.80
C ASP E 332 -52.31 29.02 12.97
N ALA E 333 -51.12 28.97 12.36
CA ALA E 333 -50.15 30.05 12.49
C ALA E 333 -50.70 31.34 11.88
N ILE E 334 -50.60 32.43 12.62
CA ILE E 334 -51.05 33.74 12.15
C ILE E 334 -50.09 34.35 11.15
N ARG E 335 -50.48 34.46 9.89
CA ARG E 335 -49.62 35.01 8.86
C ARG E 335 -49.94 36.47 8.61
N GLY E 336 -49.12 37.12 7.78
CA GLY E 336 -49.31 38.52 7.43
C GLY E 336 -48.15 39.09 6.63
N TYR E 337 -48.45 40.01 5.73
CA TYR E 337 -47.44 40.59 4.86
C TYR E 337 -47.70 42.05 4.55
N ALA E 338 -46.67 42.72 4.03
CA ALA E 338 -46.73 44.09 3.57
C ALA E 338 -45.83 44.22 2.36
N THR E 339 -46.34 44.79 1.27
CA THR E 339 -45.61 44.84 0.02
C THR E 339 -45.76 46.21 -0.64
N VAL E 340 -44.74 46.61 -1.41
CA VAL E 340 -44.86 47.82 -2.21
C VAL E 340 -45.63 47.60 -3.51
N GLU E 341 -45.42 46.49 -4.22
CA GLU E 341 -46.12 46.31 -5.48
C GLU E 341 -47.60 46.07 -5.24
N ASN E 342 -48.44 46.61 -6.13
CA ASN E 342 -49.88 46.40 -6.05
C ASN E 342 -50.38 45.52 -7.19
N LYS E 343 -49.49 45.03 -8.05
CA LYS E 343 -49.91 44.20 -9.18
C LYS E 343 -50.52 42.87 -8.77
N THR E 344 -50.27 42.37 -7.56
CA THR E 344 -50.83 41.09 -7.16
C THR E 344 -51.38 41.16 -5.75
N ASP E 345 -52.36 40.30 -5.45
CA ASP E 345 -52.94 40.23 -4.13
C ASP E 345 -52.16 39.33 -3.17
N LEU E 346 -51.50 38.31 -3.69
CA LEU E 346 -50.72 37.37 -2.87
C LEU E 346 -51.60 36.83 -1.74
N ALA E 347 -52.51 35.95 -2.13
CA ALA E 347 -53.54 35.50 -1.22
C ALA E 347 -52.99 34.64 -0.08
N ALA E 348 -51.97 33.83 -0.35
CA ALA E 348 -51.52 32.88 0.65
C ALA E 348 -50.79 33.51 1.82
N LEU E 349 -50.26 34.72 1.68
CA LEU E 349 -49.48 35.29 2.77
C LEU E 349 -50.34 35.93 3.86
N GLY E 350 -51.61 35.58 3.91
CA GLY E 350 -52.54 36.02 4.94
C GLY E 350 -53.07 37.42 4.70
N GLU E 351 -53.57 38.02 5.77
CA GLU E 351 -54.13 39.37 5.69
C GLU E 351 -53.03 40.41 5.46
N ARG E 352 -53.25 41.29 4.49
CA ARG E 352 -52.30 42.34 4.15
C ARG E 352 -52.41 43.58 5.01
N TYR E 353 -51.26 44.12 5.40
CA TYR E 353 -51.15 45.37 6.14
C TYR E 353 -50.43 46.39 5.28
N ASP E 354 -50.87 47.64 5.39
CA ASP E 354 -50.39 48.68 4.50
C ASP E 354 -48.94 49.07 4.76
N SER E 355 -48.44 48.88 5.99
CA SER E 355 -47.10 49.38 6.32
C SER E 355 -46.39 48.41 7.23
N TYR E 356 -45.06 48.48 7.19
CA TYR E 356 -44.23 47.60 8.01
C TYR E 356 -44.39 47.78 9.51
N PRO E 357 -44.41 49.00 10.07
CA PRO E 357 -44.60 49.09 11.52
C PRO E 357 -45.96 48.61 11.98
N ALA E 358 -47.00 48.84 11.18
CA ALA E 358 -48.31 48.30 11.53
C ALA E 358 -48.27 46.77 11.53
N LEU E 359 -47.61 46.19 10.54
CA LEU E 359 -47.52 44.74 10.51
C LEU E 359 -46.77 44.18 11.71
N ILE E 360 -45.59 44.73 11.98
CA ILE E 360 -44.79 44.25 13.11
C ILE E 360 -45.48 44.42 14.45
N ASP E 361 -46.00 45.63 14.71
CA ASP E 361 -46.67 45.85 15.99
C ASP E 361 -47.91 44.98 16.12
N ALA E 362 -48.67 44.85 15.03
CA ALA E 362 -49.90 44.08 15.09
C ALA E 362 -49.64 42.60 15.35
N MET E 363 -48.69 41.99 14.65
CA MET E 363 -48.48 40.56 14.86
C MET E 363 -47.71 40.26 16.14
N VAL E 364 -46.80 41.13 16.55
CA VAL E 364 -46.15 40.88 17.83
C VAL E 364 -47.19 41.01 18.93
N ALA E 365 -48.11 41.96 18.78
CA ALA E 365 -49.20 42.04 19.74
C ALA E 365 -50.10 40.83 19.61
N ALA E 366 -50.09 40.19 18.44
CA ALA E 366 -50.87 39.00 18.13
C ALA E 366 -50.24 37.75 18.73
N ALA E 367 -49.02 37.84 19.22
CA ALA E 367 -48.36 36.68 19.81
C ALA E 367 -48.41 36.66 21.32
N PHE E 368 -48.46 37.81 22.01
CA PHE E 368 -48.57 37.74 23.46
C PHE E 368 -50.00 38.09 23.85
N THR F 2 -45.88 -5.00 7.16
CA THR F 2 -45.25 -5.03 8.47
C THR F 2 -44.00 -4.16 8.52
N PHE F 3 -43.57 -3.67 7.36
CA PHE F 3 -42.44 -2.76 7.25
C PHE F 3 -42.95 -1.44 6.74
N VAL F 4 -43.14 -0.46 7.60
CA VAL F 4 -43.49 0.87 7.12
C VAL F 4 -42.19 1.56 6.73
N ASP F 5 -42.03 1.90 5.46
CA ASP F 5 -40.83 2.62 5.09
C ASP F 5 -41.21 3.95 4.47
N ILE F 6 -40.48 5.00 4.87
CA ILE F 6 -40.76 6.38 4.48
C ILE F 6 -39.57 6.97 3.77
N HIS F 7 -39.83 7.57 2.60
CA HIS F 7 -38.84 8.26 1.81
C HIS F 7 -39.16 9.74 1.85
N ALA F 8 -38.15 10.59 1.68
CA ALA F 8 -38.41 12.02 1.75
C ALA F 8 -37.28 12.75 1.04
N ILE F 9 -37.61 13.80 0.30
CA ILE F 9 -36.62 14.69 -0.28
C ILE F 9 -36.78 16.03 0.43
N GLN F 10 -35.66 16.55 0.95
CA GLN F 10 -35.67 17.78 1.73
C GLN F 10 -34.40 18.56 1.49
N THR F 11 -34.51 19.74 0.91
CA THR F 11 -33.37 20.61 0.67
C THR F 11 -33.00 21.40 1.92
N LEU F 12 -31.71 21.71 2.06
CA LEU F 12 -31.26 22.50 3.20
C LEU F 12 -30.29 23.52 2.62
N PRO F 13 -30.49 24.79 2.91
CA PRO F 13 -29.64 25.82 2.31
C PRO F 13 -28.50 26.32 3.16
N TYR F 14 -27.27 26.00 2.76
CA TYR F 14 -26.05 26.48 3.42
C TYR F 14 -26.12 26.14 4.90
N SER F 15 -26.59 24.93 5.16
CA SER F 15 -26.92 24.44 6.50
C SER F 15 -25.74 24.13 7.41
N ASN F 16 -24.88 23.19 7.00
CA ASN F 16 -23.81 22.64 7.85
C ASN F 16 -24.35 22.19 9.21
N ILE F 17 -25.38 21.35 9.18
CA ILE F 17 -26.05 20.94 10.40
C ILE F 17 -25.17 20.07 11.30
N ASN F 18 -24.40 19.13 10.74
CA ASN F 18 -23.56 18.32 11.64
C ASN F 18 -22.16 18.21 11.07
N ARG F 19 -21.20 18.55 11.91
CA ARG F 19 -19.79 18.71 11.64
C ARG F 19 -18.92 17.53 12.03
N ASP F 20 -17.81 17.37 11.30
CA ASP F 20 -16.78 16.42 11.67
C ASP F 20 -16.03 16.96 12.86
N ASP F 21 -14.86 16.42 13.16
CA ASP F 21 -14.13 16.96 14.30
C ASP F 21 -13.60 18.36 14.05
N LEU F 22 -13.47 18.76 12.79
CA LEU F 22 -12.93 20.07 12.42
C LEU F 22 -13.99 21.04 11.95
N GLY F 23 -15.24 20.65 11.93
CA GLY F 23 -16.30 21.56 11.54
C GLY F 23 -16.73 21.38 10.11
N SER F 24 -16.04 20.57 9.33
CA SER F 24 -16.46 20.34 7.96
C SER F 24 -17.63 19.38 7.93
N PRO F 25 -18.58 19.56 7.01
CA PRO F 25 -19.69 18.62 6.89
C PRO F 25 -19.26 17.23 6.46
N LYS F 26 -19.94 16.23 7.02
CA LYS F 26 -19.61 14.84 6.74
C LYS F 26 -19.94 14.55 5.28
N THR F 27 -19.07 13.82 4.61
CA THR F 27 -19.26 13.57 3.18
C THR F 27 -19.18 12.08 2.83
N VAL F 28 -19.98 11.68 1.85
CA VAL F 28 -19.91 10.36 1.24
C VAL F 28 -19.39 10.51 -0.17
N VAL F 29 -18.37 9.75 -0.54
CA VAL F 29 -17.95 9.66 -1.94
C VAL F 29 -18.79 8.54 -2.54
N TYR F 30 -19.97 8.91 -3.03
CA TYR F 30 -20.95 7.95 -3.51
C TYR F 30 -21.23 8.09 -4.99
N GLY F 31 -21.11 6.98 -5.70
CA GLY F 31 -21.31 7.08 -7.12
C GLY F 31 -20.14 7.72 -7.78
N GLY F 32 -19.03 7.78 -7.08
CA GLY F 32 -17.84 8.38 -7.61
C GLY F 32 -17.77 9.86 -7.35
N LYS F 33 -18.82 10.47 -6.79
CA LYS F 33 -18.79 11.91 -6.56
C LYS F 33 -19.03 12.23 -5.09
N GLU F 34 -18.21 13.12 -4.55
CA GLU F 34 -18.35 13.51 -3.15
C GLU F 34 -19.64 14.28 -2.95
N ARG F 35 -20.44 13.83 -1.99
CA ARG F 35 -21.74 14.41 -1.68
C ARG F 35 -21.92 14.47 -0.17
N THR F 36 -22.17 15.66 0.37
CA THR F 36 -22.34 15.83 1.81
C THR F 36 -23.52 15.06 2.37
N ARG F 37 -23.38 14.59 3.61
CA ARG F 37 -24.36 13.74 4.28
C ARG F 37 -24.58 14.23 5.70
N VAL F 38 -25.76 13.96 6.21
CA VAL F 38 -26.09 14.13 7.62
C VAL F 38 -26.15 12.77 8.30
N SER F 39 -25.30 12.57 9.29
CA SER F 39 -25.21 11.30 9.97
C SER F 39 -26.54 10.88 10.57
N SER F 40 -26.78 9.57 10.55
CA SER F 40 -28.05 9.04 11.03
C SER F 40 -28.20 9.25 12.53
N GLN F 41 -27.12 9.11 13.28
CA GLN F 41 -27.29 9.24 14.73
C GLN F 41 -27.74 10.64 15.13
N SER F 42 -27.30 11.68 14.43
CA SER F 42 -27.70 13.04 14.80
C SER F 42 -29.18 13.27 14.57
N TRP F 43 -29.63 13.01 13.35
CA TRP F 43 -31.04 13.13 13.08
C TRP F 43 -31.87 12.21 13.91
N LYS F 44 -31.35 11.03 14.23
CA LYS F 44 -32.10 10.13 15.08
C LYS F 44 -32.25 10.73 16.45
N ARG F 45 -31.25 11.46 16.91
CA ARG F 45 -31.40 12.12 18.20
C ARG F 45 -32.46 13.21 18.12
N ALA F 46 -32.45 14.02 17.06
CA ALA F 46 -33.50 15.03 16.96
C ALA F 46 -34.89 14.42 16.94
N VAL F 47 -35.08 13.33 16.19
CA VAL F 47 -36.38 12.68 16.12
C VAL F 47 -36.78 12.13 17.46
N ARG F 48 -35.85 11.50 18.16
CA ARG F 48 -36.21 10.94 19.44
C ARG F 48 -36.55 12.03 20.42
N HIS F 49 -35.91 13.20 20.30
CA HIS F 49 -36.28 14.25 21.23
C HIS F 49 -37.67 14.80 20.94
N GLU F 50 -38.05 14.93 19.66
CA GLU F 50 -39.44 15.34 19.44
C GLU F 50 -40.42 14.28 19.94
N VAL F 51 -40.12 13.00 19.73
CA VAL F 51 -41.04 11.96 20.19
C VAL F 51 -41.17 12.00 21.71
N GLU F 52 -40.04 12.09 22.41
CA GLU F 52 -40.15 12.19 23.87
C GLU F 52 -40.88 13.44 24.29
N ALA F 53 -40.65 14.54 23.58
CA ALA F 53 -41.29 15.80 23.93
C ALA F 53 -42.79 15.79 23.65
N ARG F 54 -43.23 15.11 22.60
CA ARG F 54 -44.63 15.13 22.22
C ARG F 54 -45.47 14.09 22.93
N LEU F 55 -44.90 12.94 23.25
CA LEU F 55 -45.68 11.91 23.91
C LEU F 55 -45.55 11.98 25.43
N GLY F 56 -44.69 12.84 25.95
CA GLY F 56 -44.59 13.04 27.37
C GLY F 56 -43.66 12.10 28.09
N ASP F 57 -43.36 10.94 27.53
CA ASP F 57 -42.44 10.00 28.16
C ASP F 57 -41.01 10.36 27.78
N LYS F 58 -40.15 10.54 28.78
CA LYS F 58 -38.78 10.96 28.56
C LYS F 58 -37.78 9.88 28.94
N ALA F 59 -36.85 9.59 28.05
CA ALA F 59 -35.75 8.67 28.26
C ALA F 59 -34.46 9.43 28.49
N VAL F 60 -33.54 8.82 29.24
CA VAL F 60 -32.29 9.44 29.63
C VAL F 60 -31.11 8.53 29.31
N ARG F 61 -30.24 8.97 28.41
CA ARG F 61 -29.00 8.28 28.05
C ARG F 61 -27.86 8.99 28.76
N THR F 62 -27.37 8.43 29.86
CA THR F 62 -26.37 9.10 30.67
C THR F 62 -25.33 8.16 31.20
N ARG F 63 -24.13 8.71 31.32
CA ARG F 63 -23.00 8.07 31.95
C ARG F 63 -22.91 8.39 33.43
N ARG F 64 -23.67 9.35 33.92
CA ARG F 64 -23.60 9.75 35.32
C ARG F 64 -24.95 9.56 35.99
N ILE F 65 -25.36 8.30 36.13
CA ILE F 65 -26.61 8.03 36.79
C ILE F 65 -26.46 8.18 38.30
N ILE F 66 -25.30 7.79 38.83
CA ILE F 66 -25.04 7.85 40.26
C ILE F 66 -25.27 9.26 40.79
N SER F 67 -24.77 10.25 40.08
CA SER F 67 -24.97 11.62 40.51
C SER F 67 -26.43 11.98 40.55
N GLU F 68 -27.21 11.54 39.56
CA GLU F 68 -28.62 11.93 39.53
C GLU F 68 -29.38 11.25 40.66
N ILE F 69 -29.16 9.95 40.85
CA ILE F 69 -29.80 9.23 41.95
C ILE F 69 -29.40 9.86 43.28
N ALA F 70 -28.16 10.31 43.39
CA ALA F 70 -27.73 11.02 44.60
C ALA F 70 -28.53 12.30 44.77
N LYS F 71 -28.81 13.00 43.66
CA LYS F 71 -29.62 14.21 43.77
C LYS F 71 -31.03 13.89 44.22
N ARG F 72 -31.66 12.84 43.69
CA ARG F 72 -33.00 12.50 44.14
C ARG F 72 -33.02 12.09 45.60
N LEU F 73 -32.09 11.24 46.01
CA LEU F 73 -32.09 10.85 47.41
C LEU F 73 -31.83 12.04 48.31
N ARG F 74 -31.04 13.01 47.85
CA ARG F 74 -30.85 14.20 48.64
C ARG F 74 -32.12 15.01 48.73
N GLU F 75 -32.94 14.98 47.67
CA GLU F 75 -34.23 15.65 47.75
C GLU F 75 -35.22 14.83 48.55
N ARG F 76 -34.93 13.56 48.79
CA ARG F 76 -35.82 12.74 49.61
C ARG F 76 -35.54 12.89 51.10
N GLY F 77 -34.54 13.68 51.47
CA GLY F 77 -34.23 14.00 52.84
C GLY F 77 -32.97 13.36 53.37
N TRP F 78 -32.22 12.65 52.55
CA TRP F 78 -30.96 12.03 52.93
C TRP F 78 -29.86 13.07 53.02
N ASP F 79 -28.89 12.81 53.89
CA ASP F 79 -27.69 13.64 53.91
C ASP F 79 -26.85 13.30 52.69
N ALA F 80 -25.99 14.24 52.29
CA ALA F 80 -25.21 14.07 51.08
C ALA F 80 -24.37 12.79 51.09
N ASP F 81 -23.68 12.49 52.20
CA ASP F 81 -22.85 11.30 52.22
C ASP F 81 -23.70 10.02 52.11
N LEU F 82 -24.87 10.01 52.76
CA LEU F 82 -25.71 8.84 52.65
C LEU F 82 -26.30 8.72 51.25
N ALA F 83 -26.53 9.85 50.58
CA ALA F 83 -27.03 9.78 49.23
C ALA F 83 -25.96 9.18 48.31
N ASP F 84 -24.72 9.62 48.49
CA ASP F 84 -23.63 9.08 47.70
C ASP F 84 -23.43 7.59 47.95
N ALA F 85 -23.45 7.20 49.22
CA ALA F 85 -23.27 5.79 49.53
C ALA F 85 -24.41 4.94 48.99
N GLY F 86 -25.64 5.44 49.08
CA GLY F 86 -26.76 4.67 48.56
C GLY F 86 -26.73 4.51 47.05
N ALA F 87 -26.40 5.57 46.32
CA ALA F 87 -26.32 5.43 44.87
C ALA F 87 -25.16 4.52 44.47
N ARG F 88 -24.06 4.60 45.21
CA ARG F 88 -22.95 3.72 44.94
C ARG F 88 -23.37 2.29 45.18
N GLN F 89 -24.21 2.06 46.18
CA GLN F 89 -24.72 0.72 46.41
C GLN F 89 -25.60 0.28 45.24
N VAL F 90 -26.34 1.23 44.68
CA VAL F 90 -27.22 0.90 43.55
C VAL F 90 -26.39 0.35 42.39
N VAL F 91 -25.27 0.98 42.09
CA VAL F 91 -24.48 0.48 40.97
C VAL F 91 -23.54 -0.64 41.37
N LEU F 92 -23.30 -0.82 42.66
CA LEU F 92 -22.41 -1.87 43.09
C LEU F 92 -23.12 -3.22 43.11
N SER F 93 -24.43 -3.22 43.27
CA SER F 93 -25.18 -4.46 43.44
C SER F 93 -25.47 -5.18 42.12
N VAL F 94 -24.81 -4.82 41.02
CA VAL F 94 -25.14 -5.36 39.71
C VAL F 94 -23.89 -5.83 38.99
N GLY F 95 -24.11 -6.75 38.06
CA GLY F 95 -23.04 -7.30 37.26
C GLY F 95 -22.51 -8.61 37.83
N LYS F 96 -21.82 -9.34 36.97
CA LYS F 96 -21.20 -10.60 37.37
C LYS F 96 -20.22 -10.36 38.51
N LYS F 97 -19.22 -9.52 38.26
CA LYS F 97 -18.19 -9.17 39.22
C LYS F 97 -18.84 -8.32 40.31
N SER F 98 -18.01 -7.79 41.22
CA SER F 98 -18.52 -7.05 42.37
C SER F 98 -19.46 -5.91 41.97
N GLY F 99 -19.25 -5.28 40.83
CA GLY F 99 -20.16 -4.21 40.43
C GLY F 99 -19.83 -3.66 39.07
N ILE F 100 -20.69 -2.73 38.62
CA ILE F 100 -20.45 -2.01 37.37
C ILE F 100 -19.19 -1.19 37.50
N LYS F 101 -18.33 -1.29 36.50
CA LYS F 101 -17.06 -0.58 36.55
C LYS F 101 -17.34 0.91 36.60
N LEU F 102 -16.56 1.59 37.38
CA LEU F 102 -16.72 3.03 37.51
C LEU F 102 -15.44 3.64 36.98
N GLU F 103 -15.63 4.76 36.26
CA GLU F 103 -14.47 5.52 35.78
C GLU F 103 -13.81 6.08 37.07
N LYS F 104 -12.52 6.38 37.00
CA LYS F 104 -11.87 6.83 38.23
C LYS F 104 -12.61 8.01 38.83
N GLU F 105 -12.82 7.97 40.15
CA GLU F 105 -13.60 9.02 40.78
C GLU F 105 -12.87 10.35 40.75
N LYS F 106 -13.58 11.42 40.40
CA LYS F 106 -12.96 12.73 40.42
C LYS F 106 -13.41 13.36 41.73
N ASP F 107 -12.51 14.10 42.36
CA ASP F 107 -12.80 14.69 43.66
C ASP F 107 -13.98 15.66 43.58
N SER F 108 -14.86 15.56 44.58
CA SER F 108 -16.07 16.35 44.83
C SER F 108 -17.29 15.94 44.00
N GLU F 109 -17.18 15.06 43.02
CA GLU F 109 -18.38 14.70 42.26
C GLU F 109 -18.50 13.18 42.21
N ALA F 110 -19.72 12.71 42.06
CA ALA F 110 -19.96 11.28 41.99
C ALA F 110 -19.29 10.69 40.75
N PRO F 111 -18.78 9.47 40.83
CA PRO F 111 -18.07 8.89 39.70
C PRO F 111 -19.03 8.55 38.56
N ALA F 112 -18.52 8.71 37.35
CA ALA F 112 -19.30 8.35 36.18
C ALA F 112 -19.18 6.85 35.94
N THR F 113 -20.27 6.22 35.55
CA THR F 113 -20.24 4.79 35.24
C THR F 113 -19.43 4.56 33.98
N SER F 114 -18.88 3.35 33.86
CA SER F 114 -18.08 3.04 32.70
C SER F 114 -18.90 3.01 31.42
N VAL F 115 -20.12 2.48 31.47
CA VAL F 115 -20.95 2.36 30.28
C VAL F 115 -22.18 3.25 30.39
N LEU F 116 -22.65 3.72 29.24
CA LEU F 116 -23.84 4.56 29.18
C LEU F 116 -25.11 3.79 29.48
N PHE F 117 -26.00 4.41 30.24
CA PHE F 117 -27.28 3.83 30.60
C PHE F 117 -28.35 4.55 29.80
N TYR F 118 -29.37 3.81 29.38
CA TYR F 118 -30.44 4.39 28.57
C TYR F 118 -31.77 3.97 29.15
N LEU F 119 -32.27 4.74 30.11
CA LEU F 119 -33.49 4.33 30.78
C LEU F 119 -34.41 5.51 31.04
N PRO F 120 -35.71 5.26 31.16
CA PRO F 120 -36.66 6.34 31.46
C PRO F 120 -36.43 7.01 32.79
N VAL F 121 -36.86 8.26 32.88
CA VAL F 121 -36.72 9.03 34.11
C VAL F 121 -37.42 8.33 35.29
N PRO F 122 -38.65 7.85 35.16
CA PRO F 122 -39.27 7.18 36.30
C PRO F 122 -38.51 5.96 36.74
N ALA F 123 -37.74 5.33 35.85
CA ALA F 123 -36.92 4.21 36.29
C ALA F 123 -35.87 4.69 37.27
N ILE F 124 -35.33 5.87 37.04
CA ILE F 124 -34.41 6.45 38.01
C ILE F 124 -35.13 6.64 39.33
N ASP F 125 -36.37 7.14 39.29
CA ASP F 125 -37.08 7.30 40.56
C ASP F 125 -37.29 5.96 41.28
N GLU F 126 -37.59 4.89 40.54
CA GLU F 126 -37.74 3.60 41.22
C GLU F 126 -36.42 3.12 41.80
N LEU F 127 -35.31 3.33 41.10
CA LEU F 127 -34.03 2.95 41.69
C LEU F 127 -33.80 3.71 42.99
N ALA F 128 -34.15 4.99 43.02
CA ALA F 128 -34.03 5.74 44.26
C ALA F 128 -34.89 5.13 45.37
N ALA F 129 -36.12 4.73 45.03
CA ALA F 129 -36.97 4.12 46.06
C ALA F 129 -36.41 2.80 46.59
N ILE F 130 -35.89 1.95 45.69
CA ILE F 130 -35.31 0.69 46.15
C ILE F 130 -34.11 0.96 47.04
N ALA F 131 -33.30 1.95 46.70
CA ALA F 131 -32.19 2.28 47.57
C ALA F 131 -32.68 2.91 48.85
N ASP F 132 -33.91 3.42 48.85
CA ASP F 132 -34.43 4.12 50.02
C ASP F 132 -34.92 3.15 51.08
N GLU F 133 -35.61 2.08 50.70
CA GLU F 133 -36.18 1.20 51.70
C GLU F 133 -35.13 0.44 52.51
N HIS F 134 -33.89 0.36 52.04
CA HIS F 134 -32.80 -0.30 52.77
C HIS F 134 -31.86 0.69 53.43
N ARG F 135 -32.39 1.71 54.10
CA ARG F 135 -31.58 2.78 54.66
C ARG F 135 -30.62 2.30 55.74
N ASP F 136 -31.07 1.41 56.63
CA ASP F 136 -30.18 0.94 57.68
C ASP F 136 -29.04 0.09 57.15
N ALA F 137 -29.32 -0.81 56.20
CA ALA F 137 -28.24 -1.60 55.62
C ALA F 137 -27.20 -0.70 54.96
N VAL F 138 -27.65 0.33 54.25
CA VAL F 138 -26.73 1.28 53.63
C VAL F 138 -25.92 2.03 54.70
N ALA F 139 -26.57 2.45 55.78
CA ALA F 139 -25.87 3.16 56.83
C ALA F 139 -24.80 2.30 57.48
N LYS F 140 -25.09 1.01 57.70
CA LYS F 140 -24.10 0.13 58.32
C LYS F 140 -22.98 -0.20 57.34
N GLU F 141 -23.30 -0.36 56.05
CA GLU F 141 -22.35 -0.74 55.01
C GLU F 141 -21.45 0.39 54.57
N ALA F 142 -21.83 1.64 54.80
CA ALA F 142 -20.96 2.73 54.40
C ALA F 142 -19.68 2.83 55.22
N ALA F 143 -19.66 2.32 56.45
CA ALA F 143 -18.45 2.47 57.26
C ALA F 143 -17.32 1.56 56.81
N LYS F 144 -17.61 0.40 56.23
CA LYS F 144 -16.54 -0.50 55.82
C LYS F 144 -15.76 0.04 54.63
N LYS F 145 -14.50 -0.42 54.54
CA LYS F 145 -13.57 0.05 53.51
C LYS F 145 -13.97 -0.40 52.11
N THR F 146 -14.44 -1.64 51.95
CA THR F 146 -14.84 -2.16 50.65
C THR F 146 -16.29 -2.61 50.72
N PRO F 147 -17.23 -1.67 50.63
CA PRO F 147 -18.65 -2.00 50.82
C PRO F 147 -19.14 -2.91 49.71
N LYS F 148 -19.99 -3.86 50.09
CA LYS F 148 -20.60 -4.76 49.14
C LYS F 148 -22.05 -4.36 48.89
N GLY F 149 -22.59 -4.83 47.78
CA GLY F 149 -23.98 -4.53 47.42
C GLY F 149 -24.99 -5.24 48.31
N ILE F 150 -26.01 -4.51 48.74
CA ILE F 150 -27.01 -5.03 49.66
C ILE F 150 -28.38 -5.09 48.99
N LEU F 151 -28.70 -4.09 48.18
CA LEU F 151 -29.99 -4.03 47.53
C LEU F 151 -30.22 -5.30 46.71
N PRO F 152 -31.47 -5.76 46.60
CA PRO F 152 -31.72 -6.95 45.80
C PRO F 152 -31.38 -6.67 44.34
N ALA F 153 -30.67 -7.60 43.71
CA ALA F 153 -30.27 -7.38 42.32
C ALA F 153 -31.43 -7.58 41.37
N ASP F 154 -32.28 -8.55 41.66
CA ASP F 154 -33.38 -8.86 40.76
C ASP F 154 -34.37 -7.70 40.65
N ARG F 155 -34.75 -7.10 41.78
CA ARG F 155 -35.69 -5.97 41.72
C ARG F 155 -35.14 -4.77 40.96
N ILE F 156 -33.90 -4.38 41.23
CA ILE F 156 -33.34 -3.23 40.51
C ILE F 156 -33.19 -3.56 39.04
N THR F 157 -32.68 -4.76 38.73
CA THR F 157 -32.55 -5.15 37.34
C THR F 157 -33.90 -5.15 36.65
N GLU F 158 -34.96 -5.47 37.40
CA GLU F 158 -36.29 -5.41 36.83
C GLU F 158 -36.66 -3.96 36.57
N VAL F 159 -36.13 -3.05 37.37
CA VAL F 159 -36.38 -1.64 37.12
C VAL F 159 -35.64 -1.19 35.87
N LEU F 160 -34.43 -1.69 35.67
CA LEU F 160 -33.68 -1.32 34.48
C LEU F 160 -34.27 -1.89 33.21
N LYS F 161 -35.21 -2.81 33.28
CA LYS F 161 -35.80 -3.35 32.07
C LYS F 161 -36.93 -2.50 31.54
N SER F 162 -37.40 -1.51 32.30
CA SER F 162 -38.51 -0.67 31.85
C SER F 162 -38.15 0.03 30.55
N ARG F 163 -39.10 0.04 29.61
CA ARG F 163 -38.88 0.57 28.29
C ARG F 163 -39.67 1.86 28.07
N ASN F 164 -38.99 2.86 27.52
CA ASN F 164 -39.62 4.07 27.01
C ASN F 164 -40.03 3.83 25.56
N VAL F 165 -40.83 4.75 25.02
CA VAL F 165 -41.13 4.71 23.59
C VAL F 165 -39.85 4.75 22.78
N SER F 166 -38.90 5.58 23.19
CA SER F 166 -37.63 5.64 22.47
C SER F 166 -36.87 4.33 22.56
N VAL F 167 -36.94 3.66 23.69
CA VAL F 167 -36.26 2.37 23.79
C VAL F 167 -36.98 1.33 22.97
N ASN F 168 -38.32 1.34 22.98
CA ASN F 168 -39.08 0.40 22.18
C ASN F 168 -38.81 0.58 20.71
N LEU F 169 -38.63 1.82 20.29
CA LEU F 169 -38.49 2.16 18.89
C LEU F 169 -37.06 2.02 18.39
N PHE F 170 -36.10 2.54 19.14
CA PHE F 170 -34.71 2.57 18.71
C PHE F 170 -33.84 1.53 19.38
N GLY F 171 -34.29 0.91 20.46
CA GLY F 171 -33.51 -0.10 21.11
C GLY F 171 -32.42 0.47 21.98
N ARG F 172 -31.82 -0.39 22.79
CA ARG F 172 -30.76 0.00 23.69
C ARG F 172 -29.76 -1.14 23.73
N MET F 173 -28.59 -0.86 24.26
CA MET F 173 -27.61 -1.91 24.46
C MET F 173 -26.90 -1.66 25.77
N LEU F 174 -26.77 -2.70 26.58
CA LEU F 174 -26.00 -2.64 27.81
C LEU F 174 -25.28 -3.97 27.91
N ALA F 175 -23.97 -3.95 27.72
CA ALA F 175 -23.22 -5.19 27.63
C ALA F 175 -23.23 -5.94 28.94
N GLU F 176 -23.14 -5.22 30.05
CA GLU F 176 -23.11 -5.85 31.35
C GLU F 176 -24.46 -6.45 31.77
N LEU F 177 -25.56 -5.95 31.23
CA LEU F 177 -26.88 -6.46 31.59
C LEU F 177 -27.60 -6.86 30.31
N PRO F 178 -27.27 -8.04 29.78
CA PRO F 178 -27.90 -8.51 28.55
C PRO F 178 -29.38 -8.79 28.69
N SER F 179 -29.91 -8.86 29.90
CA SER F 179 -31.35 -9.08 30.01
C SER F 179 -32.11 -7.84 29.58
N THR F 180 -31.50 -6.66 29.69
CA THR F 180 -32.16 -5.40 29.39
C THR F 180 -32.00 -4.97 27.93
N GLU F 181 -31.08 -5.58 27.19
CA GLU F 181 -30.85 -5.17 25.81
C GLU F 181 -32.09 -5.38 24.94
N VAL F 182 -32.44 -4.37 24.15
CA VAL F 182 -33.59 -4.41 23.25
C VAL F 182 -33.11 -4.10 21.84
N ASP F 183 -33.43 -4.97 20.88
CA ASP F 183 -33.02 -4.70 19.49
C ASP F 183 -33.89 -3.57 19.00
N GLY F 184 -33.30 -2.57 18.37
CA GLY F 184 -34.11 -1.49 17.85
C GLY F 184 -35.02 -1.96 16.73
N ALA F 185 -36.19 -1.32 16.63
CA ALA F 185 -37.19 -1.64 15.63
C ALA F 185 -37.25 -0.66 14.47
N VAL F 186 -36.34 0.31 14.41
CA VAL F 186 -36.37 1.36 13.41
C VAL F 186 -35.03 1.44 12.73
N GLN F 187 -35.02 1.45 11.41
CA GLN F 187 -33.79 1.65 10.67
C GLN F 187 -33.77 3.07 10.10
N PHE F 188 -32.73 3.82 10.41
CA PHE F 188 -32.60 5.21 10.00
C PHE F 188 -31.40 5.40 9.11
N ALA F 189 -31.64 5.66 7.83
CA ALA F 189 -30.56 5.82 6.87
C ALA F 189 -29.88 7.18 6.97
N HIS F 190 -28.60 7.21 6.57
CA HIS F 190 -27.81 8.43 6.46
C HIS F 190 -28.24 9.26 5.27
N ALA F 191 -28.84 10.42 5.54
CA ALA F 191 -29.30 11.38 4.55
C ALA F 191 -28.17 12.00 3.75
N PHE F 192 -28.04 11.66 2.48
CA PHE F 192 -27.01 12.27 1.64
C PHE F 192 -27.65 13.14 0.56
N THR F 193 -26.85 14.00 -0.06
CA THR F 193 -27.34 14.87 -1.11
C THR F 193 -27.55 14.11 -2.39
N VAL F 194 -28.57 14.49 -3.13
CA VAL F 194 -28.80 13.92 -4.44
C VAL F 194 -27.67 14.28 -5.41
N HIS F 195 -27.18 15.50 -5.33
CA HIS F 195 -26.14 16.02 -6.21
C HIS F 195 -24.83 16.20 -5.46
N GLY F 196 -23.73 16.23 -6.21
CA GLY F 196 -22.44 16.46 -5.60
C GLY F 196 -22.31 17.88 -5.11
N THR F 197 -21.83 18.05 -3.89
CA THR F 197 -21.71 19.38 -3.29
C THR F 197 -20.32 19.57 -2.74
N THR F 198 -19.63 20.60 -3.20
CA THR F 198 -18.35 20.98 -2.64
C THR F 198 -18.55 21.89 -1.44
N VAL F 199 -17.77 21.66 -0.39
CA VAL F 199 -17.83 22.50 0.79
C VAL F 199 -17.37 23.92 0.47
N GLU F 200 -18.19 24.90 0.81
CA GLU F 200 -17.85 26.30 0.56
C GLU F 200 -17.42 26.95 1.87
N VAL F 201 -16.12 27.19 1.96
CA VAL F 201 -15.48 27.82 3.10
C VAL F 201 -15.83 29.29 3.14
N ASP F 202 -16.31 29.76 4.28
CA ASP F 202 -16.66 31.16 4.48
C ASP F 202 -15.73 31.78 5.51
N PHE F 203 -14.83 32.63 5.02
CA PHE F 203 -13.98 33.36 5.92
C PHE F 203 -14.84 34.32 6.70
N PHE F 204 -14.60 34.41 8.00
CA PHE F 204 -15.40 35.28 8.85
C PHE F 204 -14.52 35.88 9.92
N THR F 205 -14.86 37.07 10.37
CA THR F 205 -14.13 37.71 11.46
C THR F 205 -15.03 38.00 12.63
N ALA F 206 -14.43 38.16 13.81
CA ALA F 206 -15.15 38.64 14.99
C ALA F 206 -14.58 39.97 15.44
N VAL F 207 -15.42 40.99 15.47
CA VAL F 207 -15.01 42.35 15.77
C VAL F 207 -14.87 42.58 17.27
N ASP F 208 -13.73 43.15 17.66
CA ASP F 208 -13.53 43.64 19.01
C ASP F 208 -14.15 45.02 19.06
N ASP F 209 -15.06 45.24 20.00
CA ASP F 209 -15.88 46.45 19.94
C ASP F 209 -15.12 47.71 20.26
N ILE F 210 -14.22 47.69 21.24
CA ILE F 210 -13.53 48.96 21.46
C ILE F 210 -12.37 49.06 20.47
N PRO F 211 -12.41 50.11 19.65
CA PRO F 211 -11.49 50.28 18.52
C PRO F 211 -10.01 50.35 18.84
N LYS F 212 -9.22 49.60 18.07
CA LYS F 212 -7.77 49.64 18.10
C LYS F 212 -7.34 49.69 16.64
N GLU F 213 -6.51 50.68 16.30
CA GLU F 213 -6.10 50.90 14.91
C GLU F 213 -5.22 49.78 14.33
N ASN F 214 -4.22 49.32 15.08
CA ASN F 214 -3.33 48.31 14.51
C ASN F 214 -4.12 47.04 14.29
N ASP F 215 -5.02 46.73 15.21
CA ASP F 215 -5.83 45.52 15.10
C ASP F 215 -6.53 45.47 13.74
N HIS F 216 -6.92 46.64 13.25
CA HIS F 216 -7.59 46.74 11.95
C HIS F 216 -6.62 46.38 10.83
N GLY F 217 -5.40 46.91 10.93
CA GLY F 217 -4.38 46.65 9.92
C GLY F 217 -4.24 45.17 9.60
N SER F 218 -4.08 44.36 10.63
CA SER F 218 -3.94 42.92 10.47
C SER F 218 -5.12 42.16 11.07
N GLY F 219 -6.30 42.74 10.96
CA GLY F 219 -7.51 42.12 11.49
C GLY F 219 -7.79 40.78 10.84
N HIS F 220 -6.89 39.82 11.05
CA HIS F 220 -7.05 38.49 10.48
C HIS F 220 -7.95 37.63 11.35
N MET F 221 -8.68 36.71 10.72
CA MET F 221 -9.58 35.81 11.43
C MET F 221 -9.77 34.54 10.60
N ASN F 222 -10.17 33.47 11.30
CA ASN F 222 -10.34 32.13 10.73
C ASN F 222 -11.60 31.97 9.87
N ALA F 223 -11.56 30.95 9.02
CA ALA F 223 -12.59 30.58 8.05
C ALA F 223 -13.33 29.30 8.44
N GLY F 224 -14.65 29.39 8.66
CA GLY F 224 -15.43 28.19 8.91
C GLY F 224 -15.99 27.61 7.62
N GLN F 225 -16.39 26.32 7.64
CA GLN F 225 -16.89 25.64 6.46
C GLN F 225 -18.39 25.39 6.52
N PHE F 226 -19.08 25.53 5.38
CA PHE F 226 -20.52 25.27 5.28
C PHE F 226 -20.84 24.55 3.98
N SER F 227 -22.07 24.04 3.88
CA SER F 227 -22.53 23.39 2.66
C SER F 227 -24.04 23.43 2.56
N ALA F 228 -24.54 23.20 1.34
CA ALA F 228 -25.97 23.22 1.00
C ALA F 228 -26.32 22.12 0.02
N GLY F 229 -27.58 21.73 -0.03
CA GLY F 229 -28.00 20.74 -1.00
C GLY F 229 -29.32 20.09 -0.65
N THR F 230 -29.83 19.29 -1.60
CA THR F 230 -31.10 18.57 -1.46
C THR F 230 -30.90 17.15 -0.95
N PHE F 231 -31.13 16.94 0.33
CA PHE F 231 -30.91 15.63 0.92
C PHE F 231 -32.00 14.62 0.61
N TYR F 232 -31.60 13.37 0.37
CA TYR F 232 -32.50 12.23 0.32
C TYR F 232 -32.51 11.53 1.67
N ARG F 233 -33.69 11.21 2.16
CA ARG F 233 -33.87 10.64 3.49
C ARG F 233 -34.74 9.39 3.43
N TYR F 234 -34.38 8.39 4.23
CA TYR F 234 -35.08 7.11 4.23
C TYR F 234 -35.13 6.51 5.61
N ALA F 235 -36.22 5.79 5.92
CA ALA F 235 -36.32 5.15 7.23
C ALA F 235 -37.30 4.00 7.19
N ASN F 236 -37.05 2.97 7.99
CA ASN F 236 -37.90 1.80 8.12
C ASN F 236 -38.44 1.71 9.53
N VAL F 237 -39.61 1.11 9.68
CA VAL F 237 -40.15 0.75 10.97
C VAL F 237 -40.67 -0.68 10.83
N ASN F 238 -40.00 -1.61 11.49
CA ASN F 238 -40.39 -3.03 11.47
C ASN F 238 -41.52 -3.21 12.47
N LEU F 239 -42.76 -3.19 11.98
CA LEU F 239 -43.93 -3.20 12.85
C LEU F 239 -44.06 -4.42 13.76
N ASP F 240 -43.79 -5.63 13.27
CA ASP F 240 -43.98 -6.76 14.17
C ASP F 240 -43.05 -6.68 15.36
N ARG F 241 -41.81 -6.26 15.13
CA ARG F 241 -40.89 -6.16 16.25
C ARG F 241 -41.28 -5.04 17.19
N LEU F 242 -41.86 -3.96 16.65
CA LEU F 242 -42.29 -2.88 17.53
C LEU F 242 -43.46 -3.32 18.38
N VAL F 243 -44.35 -4.11 17.80
CA VAL F 243 -45.47 -4.65 18.56
C VAL F 243 -44.95 -5.59 19.64
N GLU F 244 -43.88 -6.34 19.32
CA GLU F 244 -43.30 -7.19 20.34
C GLU F 244 -42.67 -6.38 21.47
N ASN F 245 -42.05 -5.25 21.14
CA ASN F 245 -41.40 -4.45 22.17
C ASN F 245 -42.44 -3.76 23.06
N THR F 246 -43.33 -2.98 22.47
CA THR F 246 -44.34 -2.32 23.30
C THR F 246 -45.34 -3.31 23.86
N GLY F 247 -45.58 -4.41 23.16
CA GLY F 247 -46.55 -5.39 23.61
C GLY F 247 -47.92 -5.17 23.02
N ASP F 248 -48.49 -3.99 23.24
CA ASP F 248 -49.81 -3.69 22.71
C ASP F 248 -49.68 -3.15 21.30
N ALA F 249 -50.68 -3.42 20.48
CA ALA F 249 -50.66 -2.88 19.13
C ALA F 249 -51.10 -1.43 19.08
N GLN F 250 -51.95 -1.00 20.02
CA GLN F 250 -52.41 0.38 20.01
C GLN F 250 -51.28 1.33 20.38
N THR F 251 -50.51 0.98 21.40
CA THR F 251 -49.38 1.83 21.74
C THR F 251 -48.36 1.85 20.63
N ALA F 252 -48.22 0.74 19.91
CA ALA F 252 -47.34 0.75 18.76
C ALA F 252 -47.85 1.72 17.71
N ARG F 253 -49.16 1.77 17.52
CA ARG F 253 -49.71 2.69 16.52
C ARG F 253 -49.43 4.13 16.89
N THR F 254 -49.71 4.51 18.14
CA THR F 254 -49.40 5.88 18.52
C THR F 254 -47.91 6.15 18.34
N ALA F 255 -47.07 5.20 18.73
CA ALA F 255 -45.62 5.36 18.57
C ALA F 255 -45.24 5.57 17.12
N VAL F 256 -45.80 4.79 16.20
CA VAL F 256 -45.43 4.92 14.80
C VAL F 256 -45.91 6.23 14.22
N ALA F 257 -47.18 6.58 14.43
CA ALA F 257 -47.68 7.83 13.88
C ALA F 257 -46.86 9.02 14.37
N GLU F 258 -46.67 9.12 15.69
CA GLU F 258 -45.88 10.23 16.21
C GLU F 258 -44.44 10.16 15.69
N PHE F 259 -43.89 8.95 15.55
CA PHE F 259 -42.53 8.86 15.01
C PHE F 259 -42.43 9.38 13.59
N LEU F 260 -43.35 8.98 12.72
CA LEU F 260 -43.27 9.44 11.33
C LEU F 260 -43.43 10.95 11.27
N ARG F 261 -44.42 11.48 11.98
CA ARG F 261 -44.58 12.92 11.99
C ARG F 261 -43.34 13.60 12.53
N ALA F 262 -42.75 13.05 13.58
CA ALA F 262 -41.52 13.62 14.11
C ALA F 262 -40.43 13.57 13.06
N PHE F 263 -40.38 12.48 12.30
CA PHE F 263 -39.38 12.30 11.27
C PHE F 263 -39.45 13.41 10.24
N LEU F 264 -40.65 13.87 9.93
CA LEU F 264 -40.80 14.96 8.97
C LEU F 264 -40.51 16.30 9.61
N SER F 265 -40.97 16.49 10.84
CA SER F 265 -40.93 17.80 11.46
C SER F 265 -39.54 18.21 11.92
N THR F 266 -38.75 17.30 12.47
CA THR F 266 -37.50 17.68 13.12
C THR F 266 -36.35 17.91 12.16
N VAL F 267 -35.40 18.72 12.63
CA VAL F 267 -34.14 19.07 11.97
C VAL F 267 -33.05 19.05 13.04
N PRO F 268 -31.88 18.44 12.80
CA PRO F 268 -30.86 18.27 13.86
C PRO F 268 -30.43 19.46 14.68
N SER F 269 -30.67 20.67 14.21
CA SER F 269 -30.28 21.89 14.91
C SER F 269 -28.80 21.96 15.23
N GLY F 270 -27.97 21.79 14.16
CA GLY F 270 -26.56 22.01 14.28
C GLY F 270 -26.23 23.34 13.63
N LYS F 271 -25.58 24.22 14.40
CA LYS F 271 -25.24 25.54 13.90
C LYS F 271 -26.47 26.26 13.35
N GLN F 272 -27.60 26.11 14.02
CA GLN F 272 -28.81 26.76 13.50
C GLN F 272 -28.98 28.21 13.92
N ASN F 273 -28.35 28.68 14.98
CA ASN F 273 -28.58 30.08 15.28
C ASN F 273 -27.87 30.93 14.25
N ALA F 274 -26.80 30.42 13.67
CA ALA F 274 -26.11 31.17 12.63
C ALA F 274 -26.63 30.86 11.24
N THR F 275 -27.31 29.73 11.04
CA THR F 275 -27.90 29.39 9.73
C THR F 275 -29.28 28.79 9.96
N ALA F 276 -30.32 29.59 9.82
CA ALA F 276 -31.67 29.11 10.03
C ALA F 276 -32.12 28.20 8.91
N ALA F 277 -31.80 26.91 9.01
CA ALA F 277 -32.07 25.93 7.96
C ALA F 277 -33.30 25.07 8.28
N MET F 278 -34.28 25.61 8.98
CA MET F 278 -35.49 24.85 9.28
C MET F 278 -36.38 24.75 8.05
N THR F 279 -36.68 23.52 7.62
CA THR F 279 -37.30 23.29 6.33
C THR F 279 -38.13 22.02 6.36
N LEU F 280 -39.29 22.03 5.67
CA LEU F 280 -40.07 20.80 5.47
C LEU F 280 -39.70 20.09 4.18
N PRO F 281 -39.75 18.77 4.22
CA PRO F 281 -39.40 17.99 3.03
C PRO F 281 -40.27 18.32 1.85
N ASP F 282 -39.63 18.43 0.69
CA ASP F 282 -40.36 18.74 -0.52
C ASP F 282 -41.21 17.58 -0.95
N LEU F 283 -40.78 16.35 -0.68
CA LEU F 283 -41.61 15.22 -1.06
C LEU F 283 -41.56 14.14 0.00
N VAL F 284 -42.70 13.49 0.24
CA VAL F 284 -42.77 12.38 1.17
C VAL F 284 -43.46 11.21 0.51
N HIS F 285 -42.89 10.02 0.66
CA HIS F 285 -43.46 8.81 0.07
C HIS F 285 -43.45 7.68 1.09
N ILE F 286 -44.55 7.43 1.71
CA ILE F 286 -44.67 6.31 2.63
C ILE F 286 -45.20 5.10 1.88
N ALA F 287 -44.62 3.95 2.16
CA ALA F 287 -45.08 2.69 1.62
C ALA F 287 -45.16 1.71 2.77
N VAL F 288 -46.16 0.85 2.77
CA VAL F 288 -46.25 -0.21 3.75
C VAL F 288 -45.97 -1.52 3.05
N ARG F 289 -44.72 -1.94 3.10
CA ARG F 289 -44.23 -3.14 2.46
C ARG F 289 -44.36 -4.35 3.38
N PHE F 290 -44.89 -5.45 2.85
CA PHE F 290 -45.04 -6.62 3.68
C PHE F 290 -43.87 -7.60 3.54
N ASP F 291 -43.31 -7.76 2.34
CA ASP F 291 -42.17 -8.68 2.20
C ASP F 291 -40.87 -8.10 2.76
N ARG F 292 -40.52 -6.90 2.37
CA ARG F 292 -39.24 -6.30 2.74
C ARG F 292 -39.16 -4.81 2.51
N PRO F 293 -38.43 -4.09 3.35
CA PRO F 293 -38.22 -2.66 3.09
C PRO F 293 -37.24 -2.48 1.95
N ILE F 294 -37.50 -1.47 1.14
CA ILE F 294 -36.67 -1.18 -0.03
C ILE F 294 -36.32 0.30 -0.08
N SER F 295 -35.06 0.63 0.10
CA SER F 295 -34.62 2.02 -0.01
C SER F 295 -34.41 2.38 -1.48
N PHE F 296 -34.66 3.66 -1.80
CA PHE F 296 -34.46 4.15 -3.15
C PHE F 296 -33.15 4.89 -3.34
N ALA F 297 -32.15 4.59 -2.52
CA ALA F 297 -30.87 5.25 -2.69
C ALA F 297 -30.16 4.95 -4.00
N PRO F 298 -30.24 3.75 -4.58
CA PRO F 298 -29.60 3.54 -5.88
C PRO F 298 -30.12 4.44 -6.96
N ALA F 299 -31.32 5.00 -6.81
CA ALA F 299 -31.83 5.89 -7.83
C ALA F 299 -30.91 7.07 -8.03
N PHE F 300 -30.23 7.51 -6.97
CA PHE F 300 -29.39 8.70 -7.03
C PHE F 300 -27.91 8.35 -6.98
N GLU F 301 -27.54 7.15 -7.36
CA GLU F 301 -26.12 6.85 -7.38
C GLU F 301 -25.42 7.62 -8.48
N THR F 302 -26.08 7.84 -9.61
CA THR F 302 -25.61 8.76 -10.63
C THR F 302 -25.92 10.16 -10.17
N ALA F 303 -24.92 10.94 -9.78
CA ALA F 303 -25.17 12.27 -9.27
C ALA F 303 -25.89 13.13 -10.29
N LEU F 304 -26.76 14.03 -9.82
CA LEU F 304 -27.42 14.91 -10.78
C LEU F 304 -26.43 15.96 -11.23
N TYR F 305 -26.48 16.29 -12.53
CA TYR F 305 -25.52 17.23 -13.11
C TYR F 305 -25.68 18.67 -12.62
N GLY F 306 -26.87 19.26 -12.74
CA GLY F 306 -27.01 20.60 -12.22
C GLY F 306 -27.36 21.66 -13.24
N SER F 307 -26.91 22.88 -12.95
CA SER F 307 -27.12 24.15 -13.64
C SER F 307 -28.57 24.62 -13.51
N ASP F 308 -29.50 23.71 -13.28
CA ASP F 308 -30.89 24.06 -13.08
C ASP F 308 -31.33 23.42 -11.76
N GLY F 309 -32.41 23.94 -11.20
CA GLY F 309 -32.94 23.46 -9.93
C GLY F 309 -33.19 21.98 -9.77
N TYR F 310 -32.55 21.36 -8.77
CA TYR F 310 -32.60 19.93 -8.56
C TYR F 310 -33.89 19.39 -7.95
N THR F 311 -34.75 20.20 -7.32
CA THR F 311 -35.90 19.61 -6.67
C THR F 311 -36.77 18.82 -7.64
N LEU F 312 -37.16 19.46 -8.75
CA LEU F 312 -38.02 18.79 -9.70
C LEU F 312 -37.35 17.56 -10.32
N ARG F 313 -36.07 17.66 -10.66
CA ARG F 313 -35.41 16.53 -11.27
C ARG F 313 -35.24 15.39 -10.30
N ALA F 314 -35.04 15.70 -9.03
CA ALA F 314 -34.91 14.65 -8.02
C ALA F 314 -36.23 13.95 -7.81
N CYS F 315 -37.32 14.69 -7.75
CA CYS F 315 -38.62 14.06 -7.59
C CYS F 315 -38.92 13.18 -8.80
N GLN F 316 -38.62 13.66 -10.00
CA GLN F 316 -38.89 12.83 -11.16
C GLN F 316 -38.04 11.57 -11.16
N GLU F 317 -36.81 11.64 -10.65
CA GLU F 317 -35.97 10.44 -10.63
C GLU F 317 -36.46 9.44 -9.60
N LEU F 318 -36.85 9.91 -8.43
CA LEU F 318 -37.41 8.98 -7.46
C LEU F 318 -38.68 8.34 -8.01
N ASN F 319 -39.47 9.11 -8.75
CA ASN F 319 -40.65 8.54 -9.39
C ASN F 319 -40.29 7.45 -10.38
N ASN F 320 -39.40 7.75 -11.32
CA ASN F 320 -39.00 6.76 -12.32
C ASN F 320 -38.44 5.50 -11.67
N TYR F 321 -37.63 5.65 -10.64
CA TYR F 321 -37.09 4.46 -10.01
C TYR F 321 -38.16 3.69 -9.28
N ALA F 322 -39.11 4.39 -8.65
CA ALA F 322 -40.18 3.67 -7.99
C ALA F 322 -41.00 2.86 -8.98
N GLU F 323 -41.28 3.42 -10.16
CA GLU F 323 -42.02 2.64 -11.14
C GLU F 323 -41.23 1.41 -11.53
N ARG F 324 -39.95 1.57 -11.87
CA ARG F 324 -39.20 0.39 -12.31
C ARG F 324 -39.10 -0.66 -11.20
N LEU F 325 -38.96 -0.25 -9.94
CA LEU F 325 -38.91 -1.28 -8.91
C LEU F 325 -40.26 -1.94 -8.68
N ARG F 326 -41.36 -1.20 -8.76
CA ARG F 326 -42.63 -1.88 -8.61
C ARG F 326 -42.85 -2.85 -9.76
N GLU F 327 -42.30 -2.56 -10.92
CA GLU F 327 -42.41 -3.49 -12.03
C GLU F 327 -41.56 -4.73 -11.81
N VAL F 328 -40.29 -4.52 -11.44
CA VAL F 328 -39.34 -5.62 -11.28
C VAL F 328 -39.66 -6.48 -10.07
N TRP F 329 -40.10 -5.86 -8.97
CA TRP F 329 -40.41 -6.59 -7.74
C TRP F 329 -41.88 -6.44 -7.38
N PRO F 330 -42.75 -7.28 -7.91
CA PRO F 330 -44.20 -7.12 -7.67
C PRO F 330 -44.51 -7.30 -6.21
N ASP F 331 -45.38 -6.44 -5.70
CA ASP F 331 -45.73 -6.47 -4.29
C ASP F 331 -47.07 -5.82 -4.07
N ASP F 332 -47.67 -6.11 -2.92
CA ASP F 332 -48.93 -5.52 -2.51
C ASP F 332 -48.74 -4.38 -1.51
N ALA F 333 -47.54 -3.81 -1.46
CA ALA F 333 -47.27 -2.74 -0.50
C ALA F 333 -48.15 -1.54 -0.80
N ILE F 334 -48.78 -1.01 0.24
CA ILE F 334 -49.63 0.17 0.09
C ILE F 334 -48.76 1.42 -0.06
N ARG F 335 -48.73 2.03 -1.23
CA ARG F 335 -47.89 3.20 -1.42
C ARG F 335 -48.69 4.48 -1.28
N GLY F 336 -47.99 5.62 -1.28
CA GLY F 336 -48.64 6.92 -1.16
C GLY F 336 -47.65 8.04 -0.96
N TYR F 337 -47.97 9.23 -1.47
CA TYR F 337 -47.05 10.37 -1.39
C TYR F 337 -47.79 11.68 -1.20
N ALA F 338 -47.03 12.70 -0.81
CA ALA F 338 -47.50 14.07 -0.67
C ALA F 338 -46.35 14.95 -1.11
N THR F 339 -46.62 15.90 -2.00
CA THR F 339 -45.56 16.72 -2.56
C THR F 339 -45.98 18.16 -2.64
N VAL F 340 -45.00 19.07 -2.59
CA VAL F 340 -45.30 20.48 -2.82
C VAL F 340 -45.39 20.81 -4.31
N GLU F 341 -44.51 20.28 -5.17
CA GLU F 341 -44.61 20.67 -6.57
C GLU F 341 -45.87 20.10 -7.21
N ASN F 342 -46.47 20.87 -8.09
CA ASN F 342 -47.64 20.42 -8.84
C ASN F 342 -47.36 20.19 -10.31
N LYS F 343 -46.10 20.37 -10.76
CA LYS F 343 -45.79 20.18 -12.17
C LYS F 343 -45.98 18.75 -12.65
N THR F 344 -45.96 17.79 -11.73
CA THR F 344 -46.12 16.39 -12.10
C THR F 344 -46.44 15.51 -10.89
N ASP F 345 -47.29 14.51 -11.12
CA ASP F 345 -47.68 13.58 -10.06
C ASP F 345 -47.12 12.18 -10.35
N LEU F 346 -45.95 11.91 -9.82
CA LEU F 346 -45.29 10.62 -10.01
C LEU F 346 -46.27 9.46 -9.88
N ALA F 347 -47.06 9.23 -10.92
CA ALA F 347 -48.03 8.15 -10.92
C ALA F 347 -47.57 6.95 -10.13
N ALA F 348 -46.26 6.66 -10.14
CA ALA F 348 -45.79 5.44 -9.51
C ALA F 348 -45.83 5.49 -7.99
N LEU F 349 -45.88 6.66 -7.39
CA LEU F 349 -45.82 6.72 -5.94
C LEU F 349 -47.17 6.46 -5.29
N GLY F 350 -48.10 5.85 -6.00
CA GLY F 350 -49.38 5.49 -5.43
C GLY F 350 -50.37 6.64 -5.32
N GLU F 351 -51.33 6.45 -4.43
CA GLU F 351 -52.36 7.44 -4.20
C GLU F 351 -51.78 8.68 -3.54
N ARG F 352 -52.09 9.85 -4.08
CA ARG F 352 -51.57 11.08 -3.53
C ARG F 352 -52.46 11.58 -2.40
N TYR F 353 -51.84 12.03 -1.32
CA TYR F 353 -52.56 12.61 -0.19
C TYR F 353 -52.19 14.08 -0.09
N ASP F 354 -53.16 14.89 0.29
CA ASP F 354 -52.98 16.33 0.25
C ASP F 354 -52.01 16.84 1.30
N SER F 355 -51.85 16.16 2.42
CA SER F 355 -51.04 16.72 3.49
C SER F 355 -50.26 15.62 4.19
N TYR F 356 -49.16 16.01 4.80
CA TYR F 356 -48.32 15.05 5.53
C TYR F 356 -49.05 14.38 6.68
N PRO F 357 -49.77 15.10 7.55
CA PRO F 357 -50.48 14.39 8.62
C PRO F 357 -51.54 13.47 8.08
N ALA F 358 -52.22 13.88 7.02
CA ALA F 358 -53.20 13.01 6.40
C ALA F 358 -52.54 11.75 5.86
N LEU F 359 -51.39 11.91 5.20
CA LEU F 359 -50.69 10.75 4.68
C LEU F 359 -50.26 9.78 5.77
N ILE F 360 -49.61 10.29 6.82
CA ILE F 360 -49.18 9.40 7.90
C ILE F 360 -50.38 8.71 8.56
N ASP F 361 -51.43 9.48 8.87
CA ASP F 361 -52.61 8.87 9.50
C ASP F 361 -53.25 7.83 8.61
N ALA F 362 -53.34 8.10 7.30
CA ALA F 362 -53.97 7.16 6.40
C ALA F 362 -53.18 5.87 6.30
N MET F 363 -51.86 6.01 6.17
CA MET F 363 -50.97 4.87 6.01
C MET F 363 -50.88 4.02 7.27
N VAL F 364 -50.76 4.67 8.43
CA VAL F 364 -50.66 3.94 9.67
C VAL F 364 -51.98 3.24 9.95
N ALA F 365 -53.09 3.90 9.65
CA ALA F 365 -54.35 3.20 9.79
C ALA F 365 -54.47 2.10 8.74
N ALA F 366 -53.77 2.24 7.61
CA ALA F 366 -53.78 1.26 6.52
C ALA F 366 -52.91 0.04 6.79
N ALA F 367 -52.05 0.10 7.80
CA ALA F 367 -51.21 -1.03 8.14
C ALA F 367 -51.74 -1.81 9.33
N PHE F 368 -52.65 -1.21 10.09
CA PHE F 368 -53.14 -1.76 11.34
C PHE F 368 -51.97 -2.06 12.23
N THR G 2 -27.09 -28.01 -15.86
CA THR G 2 -27.02 -28.63 -14.55
C THR G 2 -26.37 -27.69 -13.56
N PHE G 3 -25.83 -26.59 -14.06
CA PHE G 3 -25.22 -25.55 -13.23
C PHE G 3 -26.00 -24.27 -13.40
N VAL G 4 -26.84 -23.96 -12.43
CA VAL G 4 -27.52 -22.66 -12.46
C VAL G 4 -26.57 -21.64 -11.86
N ASP G 5 -26.16 -20.65 -12.63
CA ASP G 5 -25.31 -19.64 -12.05
C ASP G 5 -26.00 -18.29 -12.20
N ILE G 6 -25.96 -17.51 -11.12
CA ILE G 6 -26.64 -16.23 -11.05
C ILE G 6 -25.66 -15.12 -10.79
N HIS G 7 -25.74 -14.07 -11.60
CA HIS G 7 -24.92 -12.88 -11.47
C HIS G 7 -25.83 -11.75 -11.03
N ALA G 8 -25.27 -10.75 -10.36
CA ALA G 8 -26.12 -9.66 -9.89
C ALA G 8 -25.26 -8.45 -9.61
N ILE G 9 -25.76 -7.27 -9.96
CA ILE G 9 -25.14 -6.01 -9.59
C ILE G 9 -26.07 -5.34 -8.61
N GLN G 10 -25.54 -4.92 -7.46
CA GLN G 10 -26.35 -4.35 -6.39
C GLN G 10 -25.58 -3.28 -5.64
N THR G 11 -26.02 -2.04 -5.73
CA THR G 11 -25.37 -0.94 -5.02
C THR G 11 -25.82 -0.87 -3.57
N LEU G 12 -24.93 -0.40 -2.70
CA LEU G 12 -25.23 -0.23 -1.28
C LEU G 12 -24.68 1.11 -0.84
N PRO G 13 -25.49 1.93 -0.21
CA PRO G 13 -25.07 3.28 0.19
C PRO G 13 -24.59 3.42 1.62
N TYR G 14 -23.31 3.67 1.85
CA TYR G 14 -22.80 3.88 3.21
C TYR G 14 -23.15 2.67 4.05
N SER G 15 -22.96 1.50 3.46
CA SER G 15 -23.43 0.24 4.01
C SER G 15 -22.67 -0.28 5.22
N ASN G 16 -21.37 -0.53 5.10
CA ASN G 16 -20.62 -1.21 6.16
C ASN G 16 -21.32 -2.49 6.61
N ILE G 17 -21.62 -3.36 5.65
CA ILE G 17 -22.44 -4.53 5.95
C ILE G 17 -21.74 -5.52 6.88
N ASN G 18 -20.46 -5.81 6.67
CA ASN G 18 -19.76 -6.75 7.56
C ASN G 18 -18.37 -6.22 7.89
N ARG G 19 -18.08 -6.13 9.17
CA ARG G 19 -16.88 -5.53 9.73
C ARG G 19 -15.80 -6.52 10.09
N ASP G 20 -14.55 -6.08 10.02
CA ASP G 20 -13.45 -6.87 10.55
C ASP G 20 -13.48 -6.77 12.07
N ASP G 21 -12.38 -7.15 12.71
CA ASP G 21 -12.35 -7.06 14.16
C ASP G 21 -12.32 -5.62 14.64
N LEU G 22 -11.95 -4.68 13.78
CA LEU G 22 -11.83 -3.28 14.16
C LEU G 22 -12.96 -2.42 13.65
N GLY G 23 -13.90 -2.98 12.92
CA GLY G 23 -15.04 -2.24 12.46
C GLY G 23 -14.90 -1.80 11.03
N SER G 24 -13.72 -1.97 10.42
CA SER G 24 -13.55 -1.58 9.03
C SER G 24 -14.14 -2.62 8.09
N PRO G 25 -14.73 -2.20 6.98
CA PRO G 25 -15.23 -3.14 6.00
C PRO G 25 -14.10 -3.95 5.35
N LYS G 26 -14.39 -5.21 5.08
CA LYS G 26 -13.40 -6.10 4.50
C LYS G 26 -13.04 -5.64 3.08
N THR G 27 -11.76 -5.69 2.74
CA THR G 27 -11.29 -5.20 1.46
C THR G 27 -10.46 -6.24 0.72
N VAL G 28 -10.58 -6.24 -0.61
CA VAL G 28 -9.74 -7.03 -1.50
C VAL G 28 -8.84 -6.10 -2.27
N VAL G 29 -7.54 -6.38 -2.31
CA VAL G 29 -6.66 -5.67 -3.22
C VAL G 29 -6.75 -6.46 -4.52
N TYR G 30 -7.72 -6.12 -5.34
CA TYR G 30 -8.02 -6.86 -6.56
C TYR G 30 -7.80 -6.02 -7.80
N GLY G 31 -6.99 -6.53 -8.72
CA GLY G 31 -6.72 -5.74 -9.89
C GLY G 31 -5.79 -4.62 -9.56
N GLY G 32 -5.13 -4.73 -8.42
CA GLY G 32 -4.20 -3.74 -7.98
C GLY G 32 -4.85 -2.66 -7.17
N LYS G 33 -6.18 -2.64 -7.07
CA LYS G 33 -6.86 -1.60 -6.31
C LYS G 33 -7.75 -2.20 -5.23
N GLU G 34 -7.64 -1.64 -4.03
CA GLU G 34 -8.44 -2.09 -2.89
C GLU G 34 -9.92 -1.78 -3.09
N ARG G 35 -10.77 -2.80 -2.90
CA ARG G 35 -12.21 -2.73 -3.10
C ARG G 35 -12.91 -3.40 -1.94
N THR G 36 -13.78 -2.68 -1.23
CA THR G 36 -14.49 -3.28 -0.12
C THR G 36 -15.37 -4.43 -0.58
N ARG G 37 -15.48 -5.45 0.27
CA ARG G 37 -16.21 -6.67 -0.06
C ARG G 37 -17.07 -7.10 1.11
N VAL G 38 -18.14 -7.79 0.79
CA VAL G 38 -18.95 -8.48 1.78
C VAL G 38 -18.64 -9.96 1.67
N SER G 39 -18.14 -10.52 2.77
CA SER G 39 -17.70 -11.90 2.82
C SER G 39 -18.81 -12.87 2.46
N SER G 40 -18.43 -13.96 1.80
CA SER G 40 -19.42 -14.92 1.34
C SER G 40 -20.11 -15.62 2.49
N GLN G 41 -19.41 -15.93 3.57
CA GLN G 41 -20.08 -16.66 4.63
C GLN G 41 -21.19 -15.84 5.28
N SER G 42 -21.02 -14.53 5.41
CA SER G 42 -22.05 -13.73 6.04
C SER G 42 -23.31 -13.69 5.20
N TRP G 43 -23.16 -13.30 3.94
CA TRP G 43 -24.31 -13.29 3.07
C TRP G 43 -24.91 -14.66 2.93
N LYS G 44 -24.09 -15.69 2.97
CA LYS G 44 -24.61 -17.05 2.90
C LYS G 44 -25.48 -17.32 4.11
N ARG G 45 -25.11 -16.76 5.26
CA ARG G 45 -25.94 -16.91 6.43
C ARG G 45 -27.26 -16.18 6.26
N ALA G 46 -27.23 -14.96 5.74
CA ALA G 46 -28.51 -14.27 5.51
C ALA G 46 -29.40 -15.07 4.57
N VAL G 47 -28.84 -15.61 3.49
CA VAL G 47 -29.63 -16.37 2.54
C VAL G 47 -30.17 -17.63 3.21
N ARG G 48 -29.35 -18.30 3.99
CA ARG G 48 -29.86 -19.52 4.61
C ARG G 48 -30.94 -19.20 5.61
N HIS G 49 -30.89 -18.05 6.27
CA HIS G 49 -31.97 -17.75 7.19
C HIS G 49 -33.27 -17.44 6.48
N GLU G 50 -33.23 -16.71 5.37
CA GLU G 50 -34.49 -16.53 4.66
C GLU G 50 -35.01 -17.84 4.09
N VAL G 51 -34.14 -18.68 3.52
CA VAL G 51 -34.60 -19.94 2.96
C VAL G 51 -35.17 -20.85 4.03
N GLU G 52 -34.45 -21.05 5.13
CA GLU G 52 -34.98 -21.89 6.19
C GLU G 52 -36.23 -21.29 6.82
N ALA G 53 -36.26 -19.97 7.00
CA ALA G 53 -37.41 -19.31 7.61
C ALA G 53 -38.64 -19.34 6.71
N ARG G 54 -38.45 -19.27 5.40
CA ARG G 54 -39.50 -19.20 4.41
C ARG G 54 -40.04 -20.55 4.00
N LEU G 55 -39.19 -21.55 3.98
CA LEU G 55 -39.54 -22.88 3.58
C LEU G 55 -39.96 -23.74 4.76
N GLY G 56 -39.86 -23.21 5.97
CA GLY G 56 -40.35 -23.88 7.16
C GLY G 56 -39.38 -24.82 7.83
N ASP G 57 -38.37 -25.31 7.13
CA ASP G 57 -37.40 -26.22 7.74
C ASP G 57 -36.32 -25.40 8.42
N LYS G 58 -36.08 -25.66 9.71
CA LYS G 58 -35.10 -24.87 10.45
C LYS G 58 -33.90 -25.71 10.82
N ALA G 59 -32.71 -25.21 10.52
CA ALA G 59 -31.46 -25.84 10.89
C ALA G 59 -30.83 -25.14 12.08
N VAL G 60 -30.06 -25.88 12.87
CA VAL G 60 -29.46 -25.37 14.08
C VAL G 60 -27.98 -25.72 14.09
N ARG G 61 -27.13 -24.70 14.05
CA ARG G 61 -25.68 -24.82 14.14
C ARG G 61 -25.26 -24.40 15.55
N THR G 62 -25.00 -25.36 16.42
CA THR G 62 -24.72 -25.03 17.82
C THR G 62 -23.61 -25.90 18.39
N ARG G 63 -22.84 -25.32 19.29
CA ARG G 63 -21.85 -26.04 20.05
C ARG G 63 -22.40 -26.54 21.37
N ARG G 64 -23.59 -26.11 21.75
CA ARG G 64 -24.16 -26.48 23.03
C ARG G 64 -25.46 -27.22 22.80
N ILE G 65 -25.32 -28.42 22.21
CA ILE G 65 -26.46 -29.28 21.95
C ILE G 65 -26.93 -29.94 23.24
N ILE G 66 -25.98 -30.29 24.11
CA ILE G 66 -26.29 -30.96 25.37
C ILE G 66 -27.30 -30.14 26.16
N SER G 67 -27.07 -28.84 26.24
CA SER G 67 -27.99 -27.97 26.98
C SER G 67 -29.38 -27.99 26.39
N GLU G 68 -29.50 -27.97 25.06
CA GLU G 68 -30.83 -27.92 24.46
C GLU G 68 -31.56 -29.25 24.67
N ILE G 69 -30.88 -30.36 24.42
CA ILE G 69 -31.49 -31.66 24.67
C ILE G 69 -31.88 -31.79 26.13
N ALA G 70 -31.08 -31.23 27.02
CA ALA G 70 -31.44 -31.21 28.43
C ALA G 70 -32.72 -30.43 28.66
N LYS G 71 -32.90 -29.32 27.94
CA LYS G 71 -34.15 -28.59 28.08
C LYS G 71 -35.34 -29.39 27.59
N ARG G 72 -35.23 -30.07 26.44
CA ARG G 72 -36.36 -30.86 25.99
C ARG G 72 -36.67 -32.01 26.95
N LEU G 73 -35.64 -32.74 27.39
CA LEU G 73 -35.93 -33.84 28.31
C LEU G 73 -36.49 -33.33 29.63
N ARG G 74 -36.07 -32.15 30.09
CA ARG G 74 -36.65 -31.62 31.31
C ARG G 74 -38.11 -31.25 31.08
N GLU G 75 -38.46 -30.83 29.88
CA GLU G 75 -39.87 -30.57 29.62
C GLU G 75 -40.66 -31.87 29.46
N ARG G 76 -39.97 -32.99 29.27
CA ARG G 76 -40.63 -34.29 29.19
C ARG G 76 -40.88 -34.90 30.56
N GLY G 77 -40.45 -34.24 31.63
CA GLY G 77 -40.72 -34.67 33.00
C GLY G 77 -39.53 -35.21 33.74
N TRP G 78 -38.34 -35.15 33.16
CA TRP G 78 -37.11 -35.58 33.81
C TRP G 78 -36.65 -34.54 34.82
N ASP G 79 -35.95 -35.01 35.85
CA ASP G 79 -35.32 -34.07 36.76
C ASP G 79 -34.11 -33.43 36.09
N ALA G 80 -33.73 -32.25 36.57
CA ALA G 80 -32.65 -31.52 35.92
C ALA G 80 -31.36 -32.32 35.87
N ASP G 81 -30.97 -32.94 36.98
CA ASP G 81 -29.73 -33.72 36.99
C ASP G 81 -29.83 -34.95 36.09
N LEU G 82 -30.99 -35.62 36.08
CA LEU G 82 -31.12 -36.77 35.20
C LEU G 82 -31.17 -36.33 33.75
N ALA G 83 -31.70 -35.14 33.50
CA ALA G 83 -31.72 -34.64 32.13
C ALA G 83 -30.31 -34.35 31.66
N ASP G 84 -29.50 -33.75 32.54
CA ASP G 84 -28.12 -33.47 32.19
C ASP G 84 -27.34 -34.75 31.94
N ALA G 85 -27.50 -35.73 32.81
CA ALA G 85 -26.79 -36.99 32.62
C ALA G 85 -27.24 -37.69 31.35
N GLY G 86 -28.54 -37.63 31.05
CA GLY G 86 -29.03 -38.27 29.84
C GLY G 86 -28.50 -37.60 28.58
N ALA G 87 -28.47 -36.26 28.57
CA ALA G 87 -27.94 -35.58 27.40
C ALA G 87 -26.45 -35.82 27.23
N ARG G 88 -25.74 -35.93 28.36
CA ARG G 88 -24.34 -36.25 28.30
C ARG G 88 -24.17 -37.64 27.72
N GLN G 89 -25.10 -38.53 28.03
CA GLN G 89 -25.06 -39.86 27.44
C GLN G 89 -25.32 -39.79 25.96
N VAL G 90 -26.19 -38.86 25.53
CA VAL G 90 -26.47 -38.71 24.11
C VAL G 90 -25.20 -38.37 23.35
N VAL G 91 -24.40 -37.44 23.86
CA VAL G 91 -23.20 -37.09 23.11
C VAL G 91 -22.03 -38.00 23.43
N LEU G 92 -22.10 -38.75 24.52
CA LEU G 92 -21.03 -39.66 24.89
C LEU G 92 -21.09 -40.96 24.10
N SER G 93 -22.27 -41.36 23.67
CA SER G 93 -22.45 -42.66 23.05
C SER G 93 -22.03 -42.70 21.58
N VAL G 94 -21.32 -41.70 21.07
CA VAL G 94 -21.03 -41.63 19.65
C VAL G 94 -19.54 -41.34 19.46
N GLY G 95 -19.06 -41.71 18.28
CA GLY G 95 -17.68 -41.52 17.92
C GLY G 95 -16.84 -42.75 18.18
N LYS G 96 -15.67 -42.79 17.54
CA LYS G 96 -14.75 -43.90 17.71
C LYS G 96 -14.33 -44.04 19.17
N LYS G 97 -13.66 -43.01 19.68
CA LYS G 97 -13.21 -43.02 21.06
C LYS G 97 -14.41 -43.07 22.00
N SER G 98 -14.18 -42.79 23.27
CA SER G 98 -15.25 -42.80 24.25
C SER G 98 -16.36 -41.81 23.94
N GLY G 99 -16.07 -40.68 23.33
CA GLY G 99 -17.16 -39.77 23.02
C GLY G 99 -16.72 -38.54 22.25
N ILE G 100 -17.71 -37.73 21.89
CA ILE G 100 -17.48 -36.46 21.24
C ILE G 100 -16.70 -35.59 22.21
N LYS G 101 -15.63 -34.96 21.73
CA LYS G 101 -14.81 -34.17 22.64
C LYS G 101 -15.62 -33.02 23.20
N LEU G 102 -15.45 -32.74 24.49
CA LEU G 102 -16.17 -31.64 25.11
C LEU G 102 -15.22 -30.60 25.67
N GLU G 103 -15.57 -29.33 25.48
CA GLU G 103 -14.85 -28.24 26.12
C GLU G 103 -15.14 -28.27 27.63
N LYS G 104 -14.23 -27.69 28.40
CA LYS G 104 -14.36 -27.74 29.86
C LYS G 104 -15.71 -27.20 30.33
N GLU G 105 -16.31 -27.94 31.27
CA GLU G 105 -17.64 -27.64 31.78
C GLU G 105 -17.66 -26.34 32.58
N LYS G 106 -18.67 -25.52 32.33
CA LYS G 106 -18.84 -24.26 33.05
C LYS G 106 -19.86 -24.49 34.16
N ASP G 107 -19.62 -23.88 35.33
CA ASP G 107 -20.50 -24.13 36.47
C ASP G 107 -21.94 -23.72 36.19
N SER G 108 -22.86 -24.59 36.60
CA SER G 108 -24.31 -24.49 36.52
C SER G 108 -24.87 -24.78 35.14
N GLU G 109 -24.05 -24.93 34.10
CA GLU G 109 -24.58 -25.21 32.78
C GLU G 109 -23.83 -26.39 32.16
N ALA G 110 -24.52 -27.08 31.26
CA ALA G 110 -23.96 -28.23 30.56
C ALA G 110 -22.78 -27.80 29.69
N PRO G 111 -21.75 -28.64 29.57
CA PRO G 111 -20.58 -28.25 28.79
C PRO G 111 -20.89 -28.17 27.31
N ALA G 112 -20.24 -27.23 26.64
CA ALA G 112 -20.40 -27.10 25.20
C ALA G 112 -19.46 -28.07 24.49
N THR G 113 -19.95 -28.67 23.41
CA THR G 113 -19.12 -29.59 22.64
C THR G 113 -18.02 -28.83 21.92
N SER G 114 -16.94 -29.53 21.63
CA SER G 114 -15.80 -28.91 20.96
C SER G 114 -16.15 -28.48 19.54
N VAL G 115 -16.93 -29.27 18.83
CA VAL G 115 -17.24 -28.92 17.45
C VAL G 115 -18.73 -28.60 17.32
N LEU G 116 -19.02 -27.71 16.37
CA LEU G 116 -20.38 -27.28 16.08
C LEU G 116 -21.18 -28.37 15.37
N PHE G 117 -22.44 -28.50 15.75
CA PHE G 117 -23.35 -29.46 15.15
C PHE G 117 -24.30 -28.67 14.26
N TYR G 118 -24.67 -29.25 13.13
CA TYR G 118 -25.55 -28.57 12.18
C TYR G 118 -26.68 -29.49 11.75
N LEU G 119 -27.76 -29.49 12.52
CA LEU G 119 -28.85 -30.42 12.26
C LEU G 119 -30.21 -29.75 12.46
N PRO G 120 -31.26 -30.25 11.78
CA PRO G 120 -32.60 -29.68 11.96
C PRO G 120 -33.15 -29.79 13.37
N VAL G 121 -34.04 -28.85 13.69
CA VAL G 121 -34.67 -28.83 15.02
C VAL G 121 -35.45 -30.11 15.33
N PRO G 122 -36.29 -30.63 14.43
CA PRO G 122 -36.99 -31.87 14.78
C PRO G 122 -36.05 -33.02 15.00
N ALA G 123 -34.86 -32.98 14.42
CA ALA G 123 -33.89 -34.04 14.70
C ALA G 123 -33.47 -33.96 16.16
N ILE G 124 -33.37 -32.76 16.70
CA ILE G 124 -33.09 -32.62 18.12
C ILE G 124 -34.21 -33.25 18.92
N ASP G 125 -35.45 -33.01 18.52
CA ASP G 125 -36.54 -33.64 19.28
C ASP G 125 -36.46 -35.17 19.22
N GLU G 126 -36.10 -35.74 18.07
CA GLU G 126 -35.99 -37.20 18.03
C GLU G 126 -34.85 -37.70 18.90
N LEU G 127 -33.72 -36.99 18.94
CA LEU G 127 -32.66 -37.40 19.85
C LEU G 127 -33.14 -37.38 21.28
N ALA G 128 -33.94 -36.38 21.66
CA ALA G 128 -34.50 -36.37 23.00
C ALA G 128 -35.36 -37.61 23.24
N ALA G 129 -36.16 -38.01 22.25
CA ALA G 129 -36.98 -39.21 22.42
C ALA G 129 -36.11 -40.46 22.59
N ILE G 130 -35.04 -40.58 21.81
CA ILE G 130 -34.15 -41.73 21.95
C ILE G 130 -33.54 -41.77 23.33
N ALA G 131 -33.16 -40.61 23.86
CA ALA G 131 -32.65 -40.61 25.22
C ALA G 131 -33.75 -40.89 26.21
N ASP G 132 -35.01 -40.71 25.82
CA ASP G 132 -36.10 -40.89 26.76
C ASP G 132 -36.44 -42.36 26.95
N GLU G 133 -36.48 -43.13 25.86
CA GLU G 133 -36.90 -44.52 25.99
C GLU G 133 -35.94 -45.38 26.81
N HIS G 134 -34.71 -44.94 27.00
CA HIS G 134 -33.74 -45.65 27.84
C HIS G 134 -33.56 -45.01 29.20
N ARG G 135 -34.68 -44.63 29.83
CA ARG G 135 -34.63 -43.88 31.08
C ARG G 135 -34.00 -44.67 32.21
N ASP G 136 -34.34 -45.96 32.33
CA ASP G 136 -33.78 -46.77 33.41
C ASP G 136 -32.29 -47.00 33.25
N ALA G 137 -31.83 -47.29 32.04
CA ALA G 137 -30.40 -47.46 31.85
C ALA G 137 -29.66 -46.20 32.26
N VAL G 138 -30.20 -45.04 31.91
CA VAL G 138 -29.63 -43.76 32.33
C VAL G 138 -29.68 -43.59 33.84
N ALA G 139 -30.79 -43.99 34.47
CA ALA G 139 -30.89 -43.85 35.93
C ALA G 139 -29.82 -44.66 36.61
N LYS G 140 -29.53 -45.85 36.09
CA LYS G 140 -28.50 -46.71 36.66
C LYS G 140 -27.12 -46.15 36.35
N GLU G 141 -26.98 -45.59 35.16
CA GLU G 141 -25.70 -45.12 34.64
C GLU G 141 -25.26 -43.77 35.20
N ALA G 142 -26.17 -42.96 35.75
CA ALA G 142 -25.76 -41.67 36.33
C ALA G 142 -24.94 -41.82 37.60
N ALA G 143 -25.10 -42.93 38.33
CA ALA G 143 -24.39 -43.13 39.60
C ALA G 143 -22.90 -43.46 39.44
N LYS G 144 -22.49 -44.09 38.34
CA LYS G 144 -21.08 -44.46 38.21
C LYS G 144 -20.17 -43.25 38.07
N LYS G 145 -18.91 -43.43 38.48
CA LYS G 145 -17.93 -42.35 38.48
C LYS G 145 -17.53 -41.95 37.07
N THR G 146 -17.38 -42.93 36.19
CA THR G 146 -16.98 -42.68 34.80
C THR G 146 -18.08 -43.30 33.94
N PRO G 147 -19.18 -42.59 33.77
CA PRO G 147 -20.33 -43.17 33.07
C PRO G 147 -20.03 -43.43 31.60
N LYS G 148 -20.53 -44.57 31.11
CA LYS G 148 -20.38 -44.93 29.71
C LYS G 148 -21.65 -44.73 28.90
N GLY G 149 -21.47 -44.68 27.58
CA GLY G 149 -22.57 -44.53 26.65
C GLY G 149 -23.42 -45.78 26.57
N ILE G 150 -24.75 -45.61 26.59
CA ILE G 150 -25.67 -46.73 26.59
C ILE G 150 -26.51 -46.76 25.33
N LEU G 151 -26.90 -45.59 24.86
CA LEU G 151 -27.74 -45.46 23.69
C LEU G 151 -27.11 -46.14 22.48
N PRO G 152 -27.92 -46.70 21.59
CA PRO G 152 -27.36 -47.34 20.40
C PRO G 152 -26.65 -46.33 19.52
N ALA G 153 -25.47 -46.71 19.03
CA ALA G 153 -24.71 -45.75 18.24
C ALA G 153 -25.32 -45.63 16.85
N ASP G 154 -25.82 -46.74 16.30
CA ASP G 154 -26.36 -46.73 14.95
C ASP G 154 -27.61 -45.84 14.85
N ARG G 155 -28.52 -45.95 15.81
CA ARG G 155 -29.72 -45.11 15.78
C ARG G 155 -29.38 -43.62 15.88
N ILE G 156 -28.48 -43.25 16.78
CA ILE G 156 -28.13 -41.84 16.90
C ILE G 156 -27.45 -41.35 15.63
N THR G 157 -26.50 -42.13 15.10
CA THR G 157 -25.86 -41.71 13.87
C THR G 157 -26.85 -41.60 12.72
N GLU G 158 -27.87 -42.46 12.71
CA GLU G 158 -28.88 -42.34 11.67
C GLU G 158 -29.73 -41.09 11.87
N VAL G 159 -29.93 -40.68 13.12
CA VAL G 159 -30.68 -39.44 13.36
C VAL G 159 -29.85 -38.23 12.93
N LEU G 160 -28.55 -38.26 13.20
CA LEU G 160 -27.69 -37.14 12.81
C LEU G 160 -27.54 -37.04 11.31
N LYS G 161 -27.97 -38.03 10.55
CA LYS G 161 -27.85 -37.95 9.11
C LYS G 161 -29.00 -37.19 8.48
N SER G 162 -30.04 -36.86 9.25
CA SER G 162 -31.18 -36.16 8.68
C SER G 162 -30.73 -34.82 8.09
N ARG G 163 -31.23 -34.50 6.90
CA ARG G 163 -30.81 -33.32 6.18
C ARG G 163 -31.95 -32.31 6.13
N ASN G 164 -31.62 -31.06 6.43
CA ASN G 164 -32.50 -29.94 6.19
C ASN G 164 -32.29 -29.43 4.77
N VAL G 165 -33.20 -28.57 4.31
CA VAL G 165 -32.98 -27.88 3.05
C VAL G 165 -31.68 -27.09 3.10
N SER G 166 -31.41 -26.43 4.23
CA SER G 166 -30.17 -25.68 4.34
C SER G 166 -28.96 -26.61 4.29
N VAL G 167 -29.07 -27.79 4.87
CA VAL G 167 -27.97 -28.74 4.80
C VAL G 167 -27.85 -29.31 3.41
N ASN G 168 -28.98 -29.62 2.76
CA ASN G 168 -28.95 -30.14 1.40
C ASN G 168 -28.31 -29.15 0.46
N LEU G 169 -28.56 -27.86 0.69
CA LEU G 169 -28.12 -26.83 -0.22
C LEU G 169 -26.68 -26.40 0.03
N PHE G 170 -26.32 -26.17 1.29
CA PHE G 170 -24.99 -25.68 1.60
C PHE G 170 -24.05 -26.73 2.15
N GLY G 171 -24.56 -27.89 2.54
CA GLY G 171 -23.72 -28.95 3.04
C GLY G 171 -23.32 -28.70 4.49
N ARG G 172 -22.75 -29.73 5.09
CA ARG G 172 -22.34 -29.65 6.48
C ARG G 172 -21.06 -30.42 6.66
N MET G 173 -20.42 -30.19 7.80
CA MET G 173 -19.25 -30.93 8.18
C MET G 173 -19.24 -31.25 9.66
N LEU G 174 -18.95 -32.50 9.97
CA LEU G 174 -18.75 -32.94 11.33
C LEU G 174 -17.59 -33.92 11.26
N ALA G 175 -16.44 -33.50 11.78
CA ALA G 175 -15.22 -34.27 11.64
C ALA G 175 -15.29 -35.56 12.42
N GLU G 176 -15.93 -35.50 13.59
CA GLU G 176 -16.06 -36.64 14.47
C GLU G 176 -17.01 -37.70 13.91
N LEU G 177 -17.94 -37.31 13.04
CA LEU G 177 -18.92 -38.22 12.44
C LEU G 177 -18.87 -38.09 10.93
N PRO G 178 -17.90 -38.75 10.28
CA PRO G 178 -17.79 -38.65 8.82
C PRO G 178 -18.98 -39.23 8.07
N SER G 179 -19.86 -39.99 8.71
CA SER G 179 -21.03 -40.51 8.02
C SER G 179 -22.03 -39.41 7.74
N THR G 180 -22.03 -38.35 8.53
CA THR G 180 -23.01 -37.26 8.41
C THR G 180 -22.59 -36.17 7.45
N GLU G 181 -21.33 -36.10 7.05
CA GLU G 181 -20.92 -35.01 6.17
C GLU G 181 -21.65 -35.03 4.85
N VAL G 182 -22.13 -33.86 4.44
CA VAL G 182 -22.86 -33.71 3.19
C VAL G 182 -22.13 -32.65 2.38
N ASP G 183 -21.81 -32.98 1.14
CA ASP G 183 -21.17 -32.03 0.25
C ASP G 183 -22.18 -30.96 -0.15
N GLY G 184 -21.79 -29.70 -0.02
CA GLY G 184 -22.68 -28.61 -0.41
C GLY G 184 -22.93 -28.54 -1.90
N ALA G 185 -24.13 -28.08 -2.26
CA ALA G 185 -24.51 -27.95 -3.66
C ALA G 185 -24.47 -26.52 -4.17
N VAL G 186 -24.03 -25.56 -3.37
CA VAL G 186 -24.07 -24.16 -3.75
C VAL G 186 -22.72 -23.52 -3.55
N GLN G 187 -22.23 -22.84 -4.58
CA GLN G 187 -21.02 -22.06 -4.46
C GLN G 187 -21.36 -20.58 -4.37
N PHE G 188 -20.91 -19.92 -3.34
CA PHE G 188 -21.24 -18.52 -3.11
C PHE G 188 -20.00 -17.64 -3.10
N ALA G 189 -19.85 -16.81 -4.14
CA ALA G 189 -18.68 -15.95 -4.28
C ALA G 189 -18.73 -14.72 -3.37
N HIS G 190 -17.54 -14.22 -3.03
CA HIS G 190 -17.35 -12.98 -2.28
C HIS G 190 -17.67 -11.75 -3.11
N ALA G 191 -18.75 -11.08 -2.75
CA ALA G 191 -19.23 -9.85 -3.39
C ALA G 191 -18.27 -8.68 -3.17
N PHE G 192 -17.58 -8.22 -4.21
CA PHE G 192 -16.68 -7.08 -4.12
C PHE G 192 -17.22 -5.90 -4.93
N THR G 193 -16.68 -4.71 -4.67
CA THR G 193 -17.12 -3.52 -5.40
C THR G 193 -16.54 -3.52 -6.79
N VAL G 194 -17.32 -3.01 -7.73
CA VAL G 194 -16.82 -2.83 -9.08
C VAL G 194 -15.72 -1.79 -9.12
N HIS G 195 -15.85 -0.72 -8.35
CA HIS G 195 -14.91 0.39 -8.34
C HIS G 195 -14.13 0.44 -7.04
N GLY G 196 -12.97 1.08 -7.09
CA GLY G 196 -12.16 1.23 -5.88
C GLY G 196 -12.80 2.16 -4.88
N THR G 197 -12.84 1.75 -3.62
CA THR G 197 -13.50 2.53 -2.57
C THR G 197 -12.57 2.70 -1.39
N THR G 198 -12.31 3.95 -1.03
CA THR G 198 -11.57 4.27 0.18
C THR G 198 -12.52 4.31 1.37
N VAL G 199 -12.07 3.73 2.48
CA VAL G 199 -12.86 3.69 3.69
C VAL G 199 -13.09 5.09 4.22
N GLU G 200 -14.33 5.41 4.51
CA GLU G 200 -14.69 6.75 4.98
C GLU G 200 -14.91 6.75 6.48
N VAL G 201 -13.93 7.29 7.21
CA VAL G 201 -14.02 7.39 8.64
C VAL G 201 -15.18 8.30 9.00
N ASP G 202 -16.02 7.86 9.91
CA ASP G 202 -17.17 8.62 10.37
C ASP G 202 -17.04 8.97 11.84
N PHE G 203 -16.65 10.20 12.14
CA PHE G 203 -16.57 10.64 13.51
C PHE G 203 -17.96 10.69 14.13
N PHE G 204 -18.14 10.05 15.29
CA PHE G 204 -19.42 10.07 15.97
C PHE G 204 -19.22 10.21 17.47
N THR G 205 -20.17 10.85 18.13
CA THR G 205 -20.14 11.05 19.56
C THR G 205 -21.44 10.61 20.20
N ALA G 206 -21.42 10.38 21.51
CA ALA G 206 -22.62 10.04 22.26
C ALA G 206 -22.87 11.13 23.27
N VAL G 207 -24.03 11.75 23.21
CA VAL G 207 -24.30 12.89 24.07
C VAL G 207 -24.64 12.37 25.46
N ASP G 208 -23.98 12.93 26.46
CA ASP G 208 -24.37 12.65 27.83
C ASP G 208 -25.53 13.57 28.18
N ASP G 209 -26.66 12.98 28.57
CA ASP G 209 -27.91 13.73 28.69
C ASP G 209 -27.94 14.67 29.89
N ILE G 210 -27.37 14.27 31.02
CA ILE G 210 -27.39 15.19 32.15
C ILE G 210 -26.24 16.17 32.00
N PRO G 211 -26.57 17.46 31.94
CA PRO G 211 -25.55 18.48 31.62
C PRO G 211 -24.38 18.57 32.58
N LYS G 212 -23.19 18.65 32.00
CA LYS G 212 -21.95 18.89 32.72
C LYS G 212 -21.28 19.97 31.88
N GLU G 213 -20.84 21.05 32.50
CA GLU G 213 -20.29 22.16 31.72
C GLU G 213 -19.01 21.81 30.97
N ASN G 214 -18.05 21.15 31.63
CA ASN G 214 -16.81 20.83 30.93
C ASN G 214 -16.98 19.80 29.81
N ASP G 215 -17.84 18.80 30.01
CA ASP G 215 -17.97 17.72 29.03
C ASP G 215 -18.41 18.27 27.69
N HIS G 216 -19.33 19.25 27.72
CA HIS G 216 -19.87 19.82 26.49
C HIS G 216 -18.75 20.44 25.67
N GLY G 217 -17.87 21.21 26.30
CA GLY G 217 -16.79 21.80 25.54
C GLY G 217 -15.81 20.76 25.04
N SER G 218 -15.46 19.77 25.88
CA SER G 218 -14.53 18.75 25.42
C SER G 218 -15.10 17.90 24.29
N GLY G 219 -16.30 17.34 24.47
CA GLY G 219 -16.99 16.61 23.42
C GLY G 219 -16.22 15.58 22.62
N HIS G 220 -15.48 14.65 23.23
CA HIS G 220 -14.66 13.72 22.45
C HIS G 220 -15.13 12.27 22.46
N MET G 221 -15.26 11.67 21.27
CA MET G 221 -15.64 10.27 21.13
C MET G 221 -15.02 9.67 19.87
N ASN G 222 -15.03 8.34 19.81
CA ASN G 222 -14.40 7.55 18.75
C ASN G 222 -15.11 7.68 17.40
N ALA G 223 -14.34 7.38 16.35
CA ALA G 223 -14.72 7.44 14.93
C ALA G 223 -14.87 6.05 14.32
N GLY G 224 -16.07 5.73 13.86
CA GLY G 224 -16.33 4.45 13.19
C GLY G 224 -16.45 4.61 11.68
N GLN G 225 -15.74 3.74 10.96
CA GLN G 225 -15.56 3.80 9.52
C GLN G 225 -16.52 2.95 8.69
N PHE G 226 -17.12 3.57 7.66
CA PHE G 226 -18.09 2.98 6.74
C PHE G 226 -17.57 3.00 5.30
N SER G 227 -18.39 2.49 4.37
CA SER G 227 -18.08 2.50 2.95
C SER G 227 -19.34 2.25 2.13
N ALA G 228 -19.29 2.60 0.85
CA ALA G 228 -20.41 2.45 -0.09
C ALA G 228 -19.91 2.02 -1.45
N GLY G 229 -20.81 1.43 -2.25
CA GLY G 229 -20.40 1.05 -3.59
C GLY G 229 -21.31 0.03 -4.22
N THR G 230 -21.07 -0.22 -5.52
CA THR G 230 -21.86 -1.15 -6.32
C THR G 230 -21.24 -2.54 -6.32
N PHE G 231 -21.75 -3.45 -5.51
CA PHE G 231 -21.17 -4.78 -5.40
C PHE G 231 -21.57 -5.67 -6.56
N TYR G 232 -20.62 -6.49 -7.02
CA TYR G 232 -20.89 -7.60 -7.93
C TYR G 232 -21.04 -8.89 -7.14
N ARG G 233 -22.07 -9.66 -7.46
CA ARG G 233 -22.41 -10.86 -6.73
C ARG G 233 -22.59 -12.05 -7.67
N TYR G 234 -22.12 -13.22 -7.26
CA TYR G 234 -22.17 -14.41 -8.09
C TYR G 234 -22.40 -15.66 -7.27
N ALA G 235 -23.12 -16.62 -7.84
CA ALA G 235 -23.35 -17.87 -7.12
C ALA G 235 -23.70 -18.99 -8.09
N ASN G 236 -23.31 -20.22 -7.73
CA ASN G 236 -23.58 -21.40 -8.52
C ASN G 236 -24.47 -22.33 -7.72
N VAL G 237 -25.24 -23.14 -8.44
CA VAL G 237 -26.00 -24.25 -7.88
C VAL G 237 -25.77 -25.43 -8.79
N ASN G 238 -25.04 -26.42 -8.28
CA ASN G 238 -24.75 -27.67 -8.99
C ASN G 238 -25.96 -28.57 -8.86
N LEU G 239 -26.83 -28.57 -9.88
CA LEU G 239 -28.11 -29.27 -9.79
C LEU G 239 -28.01 -30.77 -9.56
N ASP G 240 -27.08 -31.47 -10.22
CA ASP G 240 -27.06 -32.91 -10.00
C ASP G 240 -26.75 -33.25 -8.56
N ARG G 241 -25.84 -32.50 -7.93
CA ARG G 241 -25.52 -32.80 -6.55
C ARG G 241 -26.68 -32.42 -5.63
N LEU G 242 -27.42 -31.36 -5.96
CA LEU G 242 -28.55 -30.99 -5.12
C LEU G 242 -29.64 -32.06 -5.21
N VAL G 243 -29.84 -32.60 -6.40
CA VAL G 243 -30.79 -33.69 -6.56
C VAL G 243 -30.32 -34.91 -5.79
N GLU G 244 -28.99 -35.13 -5.74
CA GLU G 244 -28.48 -36.25 -4.96
C GLU G 244 -28.72 -36.02 -3.47
N ASN G 245 -28.58 -34.78 -3.00
CA ASN G 245 -28.78 -34.53 -1.58
C ASN G 245 -30.23 -34.67 -1.19
N THR G 246 -31.11 -33.92 -1.84
CA THR G 246 -32.52 -34.03 -1.52
C THR G 246 -33.12 -35.35 -1.96
N GLY G 247 -32.58 -35.94 -3.02
CA GLY G 247 -33.11 -37.19 -3.52
C GLY G 247 -34.13 -36.99 -4.61
N ASP G 248 -35.19 -36.24 -4.30
CA ASP G 248 -36.24 -35.98 -5.26
C ASP G 248 -35.92 -34.76 -6.11
N ALA G 249 -36.39 -34.77 -7.34
CA ALA G 249 -36.19 -33.62 -8.21
C ALA G 249 -37.16 -32.50 -7.91
N GLN G 250 -38.35 -32.83 -7.40
CA GLN G 250 -39.33 -31.79 -7.11
C GLN G 250 -38.88 -30.94 -5.94
N THR G 251 -38.36 -31.59 -4.90
CA THR G 251 -37.85 -30.81 -3.77
C THR G 251 -36.66 -30.00 -4.21
N ALA G 252 -35.88 -30.50 -5.17
CA ALA G 252 -34.80 -29.68 -5.68
C ALA G 252 -35.35 -28.45 -6.37
N ARG G 253 -36.45 -28.59 -7.10
CA ARG G 253 -37.01 -27.40 -7.75
C ARG G 253 -37.47 -26.37 -6.75
N THR G 254 -38.24 -26.77 -5.74
CA THR G 254 -38.65 -25.78 -4.76
C THR G 254 -37.46 -25.17 -4.05
N ALA G 255 -36.48 -25.99 -3.67
CA ALA G 255 -35.29 -25.47 -3.01
C ALA G 255 -34.52 -24.48 -3.88
N VAL G 256 -34.33 -24.79 -5.16
CA VAL G 256 -33.56 -23.89 -6.00
C VAL G 256 -34.32 -22.60 -6.27
N ALA G 257 -35.58 -22.69 -6.68
CA ALA G 257 -36.34 -21.48 -6.95
C ALA G 257 -36.40 -20.58 -5.72
N GLU G 258 -36.77 -21.16 -4.58
CA GLU G 258 -36.84 -20.39 -3.36
C GLU G 258 -35.46 -19.84 -3.00
N PHE G 259 -34.40 -20.62 -3.25
CA PHE G 259 -33.06 -20.12 -2.97
C PHE G 259 -32.70 -18.92 -3.80
N LEU G 260 -32.98 -18.95 -5.09
CA LEU G 260 -32.63 -17.82 -5.93
C LEU G 260 -33.38 -16.59 -5.48
N ARG G 261 -34.68 -16.74 -5.22
CA ARG G 261 -35.44 -15.60 -4.74
C ARG G 261 -34.85 -15.06 -3.43
N ALA G 262 -34.46 -15.96 -2.52
CA ALA G 262 -33.84 -15.49 -1.29
C ALA G 262 -32.53 -14.77 -1.59
N PHE G 263 -31.78 -15.27 -2.56
CA PHE G 263 -30.50 -14.69 -2.93
C PHE G 263 -30.66 -13.25 -3.37
N LEU G 264 -31.76 -12.94 -4.03
CA LEU G 264 -31.98 -11.55 -4.45
C LEU G 264 -32.50 -10.72 -3.29
N SER G 265 -33.41 -11.31 -2.51
CA SER G 265 -34.13 -10.53 -1.52
C SER G 265 -33.29 -10.17 -0.30
N THR G 266 -32.47 -11.08 0.21
CA THR G 266 -31.85 -10.83 1.51
C THR G 266 -30.64 -9.91 1.44
N VAL G 267 -30.36 -9.28 2.59
CA VAL G 267 -29.21 -8.40 2.85
C VAL G 267 -28.68 -8.74 4.23
N PRO G 268 -27.35 -8.91 4.39
CA PRO G 268 -26.78 -9.39 5.67
C PRO G 268 -27.14 -8.71 6.97
N SER G 269 -27.64 -7.48 6.93
CA SER G 269 -28.01 -6.76 8.15
C SER G 269 -26.86 -6.60 9.14
N GLY G 270 -25.71 -6.18 8.67
CA GLY G 270 -24.69 -5.88 9.65
C GLY G 270 -24.55 -4.39 9.83
N LYS G 271 -24.95 -3.92 11.02
CA LYS G 271 -25.05 -2.50 11.36
C LYS G 271 -26.04 -1.79 10.44
N GLN G 272 -27.31 -2.16 10.59
CA GLN G 272 -28.37 -1.55 9.82
C GLN G 272 -29.24 -0.60 10.60
N ASN G 273 -29.48 -0.83 11.88
CA ASN G 273 -30.32 0.11 12.60
C ASN G 273 -29.70 1.49 12.55
N ALA G 274 -28.40 1.58 12.30
CA ALA G 274 -27.74 2.86 12.11
C ALA G 274 -27.72 3.30 10.65
N THR G 275 -27.59 2.38 9.70
CA THR G 275 -27.66 2.74 8.28
C THR G 275 -28.54 1.76 7.51
N ALA G 276 -29.69 2.23 7.08
CA ALA G 276 -30.69 1.40 6.42
C ALA G 276 -30.27 1.11 4.99
N ALA G 277 -29.57 0.00 4.80
CA ALA G 277 -28.96 -0.33 3.51
C ALA G 277 -29.77 -1.37 2.74
N MET G 278 -31.07 -1.49 2.99
CA MET G 278 -31.90 -2.44 2.25
C MET G 278 -32.07 -2.05 0.79
N THR G 279 -31.57 -2.88 -0.12
CA THR G 279 -31.55 -2.51 -1.53
C THR G 279 -31.70 -3.76 -2.39
N LEU G 280 -32.44 -3.65 -3.51
CA LEU G 280 -32.53 -4.70 -4.53
C LEU G 280 -31.49 -4.53 -5.62
N PRO G 281 -30.99 -5.64 -6.12
CA PRO G 281 -29.98 -5.59 -7.18
C PRO G 281 -30.46 -4.85 -8.41
N ASP G 282 -29.58 -4.02 -8.95
CA ASP G 282 -29.94 -3.28 -10.14
C ASP G 282 -30.01 -4.20 -11.33
N LEU G 283 -29.20 -5.25 -11.36
CA LEU G 283 -29.30 -6.15 -12.49
C LEU G 283 -29.12 -7.59 -12.05
N VAL G 284 -29.87 -8.50 -12.67
CA VAL G 284 -29.75 -9.92 -12.40
C VAL G 284 -29.62 -10.66 -13.71
N HIS G 285 -28.69 -11.60 -13.76
CA HIS G 285 -28.44 -12.38 -14.96
C HIS G 285 -28.30 -13.85 -14.59
N ILE G 286 -29.34 -14.60 -14.76
CA ILE G 286 -29.27 -16.03 -14.51
C ILE G 286 -28.94 -16.73 -15.81
N ALA G 287 -28.05 -17.71 -15.72
CA ALA G 287 -27.70 -18.54 -16.84
C ALA G 287 -27.75 -19.97 -16.38
N VAL G 288 -28.21 -20.87 -17.22
CA VAL G 288 -28.19 -22.29 -16.94
C VAL G 288 -27.15 -22.94 -17.83
N ARG G 289 -25.96 -23.11 -17.28
CA ARG G 289 -24.79 -23.68 -17.95
C ARG G 289 -24.80 -25.19 -17.79
N PHE G 290 -24.61 -25.92 -18.88
CA PHE G 290 -24.57 -27.37 -18.73
C PHE G 290 -23.16 -27.90 -18.58
N ASP G 291 -22.19 -27.33 -19.30
CA ASP G 291 -20.81 -27.79 -19.19
C ASP G 291 -20.15 -27.31 -17.89
N ARG G 292 -20.22 -26.04 -17.60
CA ARG G 292 -19.52 -25.45 -16.46
C ARG G 292 -20.00 -24.06 -16.09
N PRO G 293 -19.98 -23.74 -14.80
CA PRO G 293 -20.28 -22.37 -14.38
C PRO G 293 -19.13 -21.46 -14.72
N ILE G 294 -19.44 -20.23 -15.13
CA ILE G 294 -18.44 -19.25 -15.51
C ILE G 294 -18.78 -17.94 -14.82
N SER G 295 -17.92 -17.52 -13.90
CA SER G 295 -18.12 -16.25 -13.22
C SER G 295 -17.61 -15.12 -14.10
N PHE G 296 -18.26 -13.96 -13.97
CA PHE G 296 -17.87 -12.77 -14.71
C PHE G 296 -17.02 -11.81 -13.90
N ALA G 297 -16.32 -12.29 -12.88
CA ALA G 297 -15.48 -11.39 -12.10
C ALA G 297 -14.34 -10.75 -12.88
N PRO G 298 -13.69 -11.42 -13.84
CA PRO G 298 -12.65 -10.71 -14.60
C PRO G 298 -13.15 -9.49 -15.33
N ALA G 299 -14.45 -9.41 -15.60
CA ALA G 299 -14.95 -8.23 -16.28
C ALA G 299 -14.66 -6.97 -15.48
N PHE G 300 -14.67 -7.08 -14.15
CA PHE G 300 -14.48 -5.91 -13.31
C PHE G 300 -13.14 -5.87 -12.60
N GLU G 301 -12.13 -6.56 -13.13
CA GLU G 301 -10.83 -6.46 -12.46
C GLU G 301 -10.22 -5.08 -12.68
N THR G 302 -10.45 -4.48 -13.85
CA THR G 302 -10.07 -3.09 -14.05
C THR G 302 -11.11 -2.21 -13.38
N ALA G 303 -10.72 -1.57 -12.30
CA ALA G 303 -11.65 -0.75 -11.54
C ALA G 303 -12.20 0.36 -12.42
N LEU G 304 -13.45 0.73 -12.20
CA LEU G 304 -14.03 1.81 -12.96
C LEU G 304 -13.46 3.13 -12.46
N TYR G 305 -13.22 4.07 -13.38
CA TYR G 305 -12.60 5.33 -13.00
C TYR G 305 -13.50 6.18 -12.11
N GLY G 306 -14.72 6.49 -12.54
CA GLY G 306 -15.58 7.24 -11.65
C GLY G 306 -16.00 8.61 -12.17
N SER G 307 -16.25 9.50 -11.20
CA SER G 307 -16.75 10.86 -11.32
C SER G 307 -18.19 10.88 -11.78
N ASP G 308 -18.62 9.84 -12.48
CA ASP G 308 -19.98 9.71 -12.95
C ASP G 308 -20.51 8.36 -12.46
N GLY G 309 -21.81 8.22 -12.42
CA GLY G 309 -22.45 7.01 -11.93
C GLY G 309 -22.03 5.66 -12.50
N TYR G 310 -21.57 4.78 -11.62
CA TYR G 310 -21.03 3.48 -12.00
C TYR G 310 -22.07 2.46 -12.41
N THR G 311 -23.34 2.64 -12.08
CA THR G 311 -24.31 1.59 -12.37
C THR G 311 -24.38 1.30 -13.85
N LEU G 312 -24.56 2.35 -14.65
CA LEU G 312 -24.69 2.14 -16.09
C LEU G 312 -23.42 1.54 -16.69
N ARG G 313 -22.26 2.04 -16.28
CA ARG G 313 -21.03 1.52 -16.86
C ARG G 313 -20.76 0.09 -16.44
N ALA G 314 -21.18 -0.28 -15.22
CA ALA G 314 -21.02 -1.65 -14.78
C ALA G 314 -21.92 -2.59 -15.54
N CYS G 315 -23.18 -2.20 -15.73
CA CYS G 315 -24.09 -3.03 -16.49
C CYS G 315 -23.61 -3.20 -17.91
N GLN G 316 -23.15 -2.12 -18.54
CA GLN G 316 -22.67 -2.20 -19.91
C GLN G 316 -21.43 -3.06 -19.99
N GLU G 317 -20.59 -3.03 -18.96
CA GLU G 317 -19.38 -3.84 -18.99
C GLU G 317 -19.69 -5.32 -18.81
N LEU G 318 -20.61 -5.64 -17.90
CA LEU G 318 -21.02 -7.03 -17.76
C LEU G 318 -21.63 -7.53 -19.06
N ASN G 319 -22.36 -6.65 -19.74
CA ASN G 319 -22.90 -7.00 -21.04
C ASN G 319 -21.80 -7.33 -22.03
N ASN G 320 -20.85 -6.42 -22.19
CA ASN G 320 -19.78 -6.64 -23.13
C ASN G 320 -19.01 -7.92 -22.82
N TYR G 321 -18.73 -8.18 -21.54
CA TYR G 321 -18.01 -9.39 -21.20
C TYR G 321 -18.83 -10.64 -21.45
N ALA G 322 -20.13 -10.59 -21.18
CA ALA G 322 -20.97 -11.74 -21.47
C ALA G 322 -20.97 -12.04 -22.95
N GLU G 323 -21.03 -11.00 -23.78
CA GLU G 323 -20.97 -11.19 -25.21
C GLU G 323 -19.66 -11.85 -25.59
N ARG G 324 -18.57 -11.30 -25.09
CA ARG G 324 -17.27 -11.82 -25.43
C ARG G 324 -17.10 -13.27 -24.98
N LEU G 325 -17.65 -13.64 -23.83
CA LEU G 325 -17.51 -15.04 -23.45
C LEU G 325 -18.35 -15.97 -24.30
N ARG G 326 -19.55 -15.58 -24.69
CA ARG G 326 -20.26 -16.50 -25.58
C ARG G 326 -19.53 -16.61 -26.90
N GLU G 327 -18.82 -15.56 -27.30
CA GLU G 327 -18.04 -15.67 -28.52
C GLU G 327 -16.85 -16.59 -28.34
N VAL G 328 -16.09 -16.40 -27.25
CA VAL G 328 -14.88 -17.17 -27.02
C VAL G 328 -15.21 -18.62 -26.63
N TRP G 329 -16.26 -18.82 -25.85
CA TRP G 329 -16.68 -20.15 -25.38
C TRP G 329 -18.08 -20.50 -25.84
N PRO G 330 -18.24 -21.07 -27.04
CA PRO G 330 -19.58 -21.34 -27.56
C PRO G 330 -20.28 -22.37 -26.69
N ASP G 331 -21.56 -22.11 -26.40
CA ASP G 331 -22.32 -23.00 -25.54
C ASP G 331 -23.79 -22.81 -25.80
N ASP G 332 -24.58 -23.81 -25.38
CA ASP G 332 -26.03 -23.78 -25.49
C ASP G 332 -26.72 -23.45 -24.17
N ALA G 333 -25.99 -22.83 -23.24
CA ALA G 333 -26.54 -22.50 -21.93
C ALA G 333 -27.71 -21.52 -22.08
N ILE G 334 -28.83 -21.81 -21.42
CA ILE G 334 -29.98 -20.92 -21.47
C ILE G 334 -29.75 -19.69 -20.60
N ARG G 335 -29.61 -18.52 -21.23
CA ARG G 335 -29.34 -17.28 -20.50
C ARG G 335 -30.62 -16.49 -20.31
N GLY G 336 -30.53 -15.42 -19.52
CA GLY G 336 -31.68 -14.56 -19.25
C GLY G 336 -31.38 -13.54 -18.18
N TYR G 337 -31.99 -12.35 -18.29
CA TYR G 337 -31.72 -11.28 -17.34
C TYR G 337 -32.95 -10.45 -17.06
N ALA G 338 -32.85 -9.66 -15.99
CA ALA G 338 -33.86 -8.70 -15.60
C ALA G 338 -33.14 -7.49 -15.05
N THR G 339 -33.51 -6.30 -15.52
CA THR G 339 -32.78 -5.10 -15.14
C THR G 339 -33.74 -3.97 -14.82
N VAL G 340 -33.29 -3.07 -13.94
CA VAL G 340 -34.05 -1.85 -13.69
C VAL G 340 -33.79 -0.77 -14.73
N GLU G 341 -32.54 -0.55 -15.17
CA GLU G 341 -32.28 0.51 -16.14
C GLU G 341 -32.85 0.15 -17.50
N ASN G 342 -33.37 1.16 -18.19
CA ASN G 342 -33.88 0.95 -19.54
C ASN G 342 -33.01 1.62 -20.61
N LYS G 343 -31.89 2.24 -20.22
CA LYS G 343 -31.04 2.91 -21.19
C LYS G 343 -30.41 1.96 -22.21
N THR G 344 -30.33 0.67 -21.90
CA THR G 344 -29.72 -0.28 -22.82
C THR G 344 -30.56 -1.53 -22.93
N ASP G 345 -30.44 -2.21 -24.08
CA ASP G 345 -31.13 -3.46 -24.32
C ASP G 345 -30.36 -4.66 -23.77
N LEU G 346 -29.04 -4.57 -23.73
CA LEU G 346 -28.18 -5.64 -23.24
C LEU G 346 -28.49 -6.95 -23.97
N ALA G 347 -28.05 -6.98 -25.23
CA ALA G 347 -28.43 -8.06 -26.11
C ALA G 347 -27.80 -9.38 -25.69
N ALA G 348 -26.56 -9.34 -25.19
CA ALA G 348 -25.84 -10.57 -24.91
C ALA G 348 -26.38 -11.34 -23.72
N LEU G 349 -27.10 -10.70 -22.82
CA LEU G 349 -27.54 -11.40 -21.63
C LEU G 349 -28.77 -12.25 -21.87
N GLY G 350 -29.05 -12.57 -23.13
CA GLY G 350 -30.14 -13.45 -23.50
C GLY G 350 -31.49 -12.78 -23.50
N GLU G 351 -32.53 -13.61 -23.40
CA GLU G 351 -33.90 -13.11 -23.40
C GLU G 351 -34.20 -12.35 -22.12
N ARG G 352 -34.76 -11.16 -22.26
CA ARG G 352 -35.09 -10.35 -21.09
C ARG G 352 -36.44 -10.72 -20.52
N TYR G 353 -36.50 -10.78 -19.19
CA TYR G 353 -37.73 -11.04 -18.45
C TYR G 353 -38.07 -9.81 -17.63
N ASP G 354 -39.36 -9.53 -17.53
CA ASP G 354 -39.80 -8.28 -16.95
C ASP G 354 -39.56 -8.18 -15.44
N SER G 355 -39.53 -9.29 -14.73
CA SER G 355 -39.47 -9.22 -13.27
C SER G 355 -38.59 -10.34 -12.72
N TYR G 356 -38.06 -10.11 -11.53
CA TYR G 356 -37.20 -11.12 -10.92
C TYR G 356 -37.92 -12.43 -10.65
N PRO G 357 -39.13 -12.46 -10.08
CA PRO G 357 -39.78 -13.77 -9.90
C PRO G 357 -40.10 -14.44 -11.21
N ALA G 358 -40.47 -13.69 -12.24
CA ALA G 358 -40.72 -14.29 -13.54
C ALA G 358 -39.44 -14.92 -14.08
N LEU G 359 -38.33 -14.21 -13.95
CA LEU G 359 -37.04 -14.74 -14.42
C LEU G 359 -36.67 -16.02 -13.69
N ILE G 360 -36.75 -16.00 -12.36
CA ILE G 360 -36.40 -17.16 -11.57
C ILE G 360 -37.29 -18.34 -11.95
N ASP G 361 -38.59 -18.10 -12.03
CA ASP G 361 -39.51 -19.18 -12.37
C ASP G 361 -39.24 -19.74 -13.74
N ALA G 362 -38.92 -18.88 -14.71
CA ALA G 362 -38.69 -19.37 -16.06
C ALA G 362 -37.43 -20.22 -16.13
N MET G 363 -36.36 -19.74 -15.48
CA MET G 363 -35.09 -20.43 -15.48
C MET G 363 -35.11 -21.74 -14.71
N VAL G 364 -35.72 -21.72 -13.52
CA VAL G 364 -35.79 -22.91 -12.71
C VAL G 364 -36.67 -23.94 -13.38
N ALA G 365 -37.76 -23.48 -13.99
CA ALA G 365 -38.57 -24.41 -14.77
C ALA G 365 -37.82 -24.87 -16.01
N ALA G 366 -36.86 -24.08 -16.49
CA ALA G 366 -36.07 -24.41 -17.66
C ALA G 366 -34.96 -25.41 -17.37
N ALA G 367 -34.66 -25.67 -16.12
CA ALA G 367 -33.61 -26.63 -15.79
C ALA G 367 -34.23 -27.96 -15.37
N THR H 2 6.28 -30.89 -32.90
CA THR H 2 6.14 -32.08 -32.09
C THR H 2 5.93 -31.71 -30.64
N PHE H 3 6.09 -30.43 -30.32
CA PHE H 3 5.87 -29.93 -28.96
C PHE H 3 4.71 -28.95 -29.00
N VAL H 4 3.54 -29.38 -28.60
CA VAL H 4 2.41 -28.45 -28.48
C VAL H 4 2.53 -27.76 -27.14
N ASP H 5 2.69 -26.44 -27.14
CA ASP H 5 2.76 -25.72 -25.88
C ASP H 5 1.66 -24.68 -25.80
N ILE H 6 1.02 -24.60 -24.65
CA ILE H 6 -0.12 -23.73 -24.41
C ILE H 6 0.18 -22.74 -23.30
N HIS H 7 -0.07 -21.47 -23.58
CA HIS H 7 0.08 -20.39 -22.62
C HIS H 7 -1.30 -19.86 -22.29
N ALA H 8 -1.47 -19.29 -21.10
CA ALA H 8 -2.80 -18.82 -20.75
C ALA H 8 -2.70 -17.79 -19.64
N ILE H 9 -3.48 -16.73 -19.71
CA ILE H 9 -3.63 -15.78 -18.63
C ILE H 9 -5.04 -15.92 -18.10
N GLN H 10 -5.16 -16.10 -16.79
CA GLN H 10 -6.47 -16.36 -16.17
C GLN H 10 -6.55 -15.74 -14.79
N THR H 11 -7.42 -14.76 -14.59
CA THR H 11 -7.59 -14.15 -13.29
C THR H 11 -8.48 -14.95 -12.38
N LEU H 12 -8.22 -14.85 -11.07
CA LEU H 12 -9.06 -15.54 -10.08
C LEU H 12 -9.30 -14.56 -8.94
N PRO H 13 -10.55 -14.36 -8.57
CA PRO H 13 -10.85 -13.38 -7.52
C PRO H 13 -11.04 -13.92 -6.12
N TYR H 14 -10.11 -13.60 -5.21
CA TYR H 14 -10.22 -14.00 -3.81
C TYR H 14 -10.41 -15.52 -3.74
N SER H 15 -9.65 -16.22 -4.58
CA SER H 15 -9.80 -17.65 -4.81
C SER H 15 -9.33 -18.56 -3.69
N ASN H 16 -8.05 -18.48 -3.33
CA ASN H 16 -7.41 -19.43 -2.41
C ASN H 16 -7.68 -20.88 -2.81
N ILE H 17 -7.38 -21.20 -4.07
CA ILE H 17 -7.72 -22.52 -4.59
C ILE H 17 -6.88 -23.63 -3.93
N ASN H 18 -5.58 -23.44 -3.72
CA ASN H 18 -4.87 -24.55 -3.07
C ASN H 18 -3.96 -24.01 -1.99
N ARG H 19 -4.13 -24.56 -0.81
CA ARG H 19 -3.51 -24.15 0.43
C ARG H 19 -2.32 -24.99 0.85
N ASP H 20 -1.39 -24.36 1.56
CA ASP H 20 -0.32 -25.11 2.20
C ASP H 20 -0.95 -25.80 3.40
N ASP H 21 -0.16 -26.29 4.33
CA ASP H 21 -0.76 -26.96 5.48
C ASP H 21 -1.53 -26.04 6.42
N LEU H 22 -1.27 -24.73 6.39
CA LEU H 22 -1.94 -23.80 7.29
C LEU H 22 -3.01 -22.96 6.62
N GLY H 23 -3.25 -23.16 5.34
CA GLY H 23 -4.30 -22.43 4.68
C GLY H 23 -3.78 -21.27 3.89
N SER H 24 -2.50 -20.95 4.00
CA SER H 24 -2.06 -19.84 3.18
C SER H 24 -1.84 -20.33 1.75
N PRO H 25 -2.13 -19.51 0.76
CA PRO H 25 -1.86 -19.90 -0.62
C PRO H 25 -0.36 -20.03 -0.86
N LYS H 26 0.01 -20.99 -1.68
CA LYS H 26 1.41 -21.23 -1.95
C LYS H 26 1.99 -20.03 -2.69
N THR H 27 3.19 -19.62 -2.31
CA THR H 27 3.82 -18.42 -2.88
C THR H 27 5.21 -18.71 -3.39
N VAL H 28 5.58 -18.02 -4.46
CA VAL H 28 6.93 -17.99 -5.00
C VAL H 28 7.53 -16.62 -4.77
N VAL H 29 8.74 -16.55 -4.22
CA VAL H 29 9.46 -15.28 -4.18
C VAL H 29 10.22 -15.24 -5.51
N TYR H 30 9.54 -14.70 -6.52
CA TYR H 30 10.06 -14.72 -7.89
C TYR H 30 10.30 -13.31 -8.39
N GLY H 31 11.51 -13.05 -8.86
CA GLY H 31 11.79 -11.72 -9.30
C GLY H 31 11.96 -10.80 -8.14
N GLY H 32 12.14 -11.37 -6.96
CA GLY H 32 12.31 -10.59 -5.77
C GLY H 32 11.00 -10.28 -5.10
N LYS H 33 9.87 -10.59 -5.73
CA LYS H 33 8.58 -10.27 -5.14
C LYS H 33 7.72 -11.52 -4.99
N GLU H 34 7.10 -11.65 -3.82
CA GLU H 34 6.24 -12.77 -3.51
C GLU H 34 5.00 -12.78 -4.39
N ARG H 35 4.72 -13.92 -5.02
CA ARG H 35 3.61 -14.07 -5.93
C ARG H 35 2.91 -15.38 -5.62
N THR H 36 1.63 -15.33 -5.28
CA THR H 36 0.90 -16.55 -4.99
C THR H 36 0.86 -17.45 -6.21
N ARG H 37 0.89 -18.76 -5.97
CA ARG H 37 0.96 -19.75 -7.04
C ARG H 37 -0.01 -20.88 -6.76
N VAL H 38 -0.47 -21.51 -7.82
CA VAL H 38 -1.21 -22.75 -7.75
C VAL H 38 -0.33 -23.91 -8.16
N SER H 39 -0.13 -24.84 -7.25
CA SER H 39 0.76 -25.95 -7.49
C SER H 39 0.36 -26.74 -8.72
N SER H 40 1.36 -27.23 -9.43
CA SER H 40 1.11 -27.95 -10.67
C SER H 40 0.40 -29.27 -10.43
N GLN H 41 0.74 -29.98 -9.35
CA GLN H 41 0.12 -31.27 -9.15
C GLN H 41 -1.39 -31.17 -8.92
N SER H 42 -1.86 -30.11 -8.25
CA SER H 42 -3.29 -29.99 -8.00
C SER H 42 -4.03 -29.76 -9.30
N TRP H 43 -3.63 -28.75 -10.05
CA TRP H 43 -4.27 -28.51 -11.34
C TRP H 43 -4.13 -29.69 -12.27
N LYS H 44 -3.02 -30.40 -12.19
CA LYS H 44 -2.86 -31.58 -13.04
C LYS H 44 -3.90 -32.61 -12.68
N ARG H 45 -4.23 -32.70 -11.40
CA ARG H 45 -5.28 -33.61 -10.99
C ARG H 45 -6.63 -33.14 -11.51
N ALA H 46 -6.92 -31.84 -11.41
CA ALA H 46 -8.19 -31.37 -11.95
C ALA H 46 -8.31 -31.68 -13.45
N VAL H 47 -7.24 -31.46 -14.21
CA VAL H 47 -7.29 -31.74 -15.64
C VAL H 47 -7.50 -33.22 -15.88
N ARG H 48 -6.79 -34.07 -15.14
CA ARG H 48 -6.97 -35.50 -15.39
C ARG H 48 -8.35 -35.98 -14.99
N HIS H 49 -8.96 -35.38 -13.98
CA HIS H 49 -10.31 -35.81 -13.64
C HIS H 49 -11.31 -35.38 -14.70
N GLU H 50 -11.16 -34.17 -15.23
CA GLU H 50 -12.05 -33.76 -16.33
C GLU H 50 -11.84 -34.61 -17.57
N VAL H 51 -10.58 -34.90 -17.92
CA VAL H 51 -10.32 -35.69 -19.12
C VAL H 51 -10.88 -37.10 -18.97
N GLU H 52 -10.60 -37.74 -17.84
CA GLU H 52 -11.14 -39.09 -17.60
C GLU H 52 -12.66 -39.08 -17.55
N ALA H 53 -13.24 -38.05 -16.96
CA ALA H 53 -14.69 -37.99 -16.87
C ALA H 53 -15.31 -37.79 -18.25
N ARG H 54 -14.62 -37.08 -19.13
CA ARG H 54 -15.16 -36.76 -20.44
C ARG H 54 -14.91 -37.85 -21.47
N LEU H 55 -13.80 -38.57 -21.38
CA LEU H 55 -13.52 -39.62 -22.34
C LEU H 55 -14.01 -40.98 -21.89
N GLY H 56 -14.51 -41.09 -20.64
CA GLY H 56 -15.13 -42.27 -20.13
C GLY H 56 -14.20 -43.30 -19.51
N ASP H 57 -12.92 -43.31 -19.86
CA ASP H 57 -11.99 -44.25 -19.27
C ASP H 57 -11.43 -43.65 -17.98
N LYS H 58 -11.54 -44.39 -16.89
CA LYS H 58 -11.14 -43.91 -15.58
C LYS H 58 -9.95 -44.66 -15.04
N ALA H 59 -8.95 -43.91 -14.59
CA ALA H 59 -7.76 -44.43 -13.93
C ALA H 59 -7.89 -44.23 -12.43
N VAL H 60 -7.25 -45.10 -11.67
CA VAL H 60 -7.36 -45.08 -10.22
C VAL H 60 -5.97 -45.10 -9.60
N ARG H 61 -5.63 -44.03 -8.89
CA ARG H 61 -4.39 -43.92 -8.16
C ARG H 61 -4.73 -44.18 -6.70
N THR H 62 -4.44 -45.38 -6.23
CA THR H 62 -4.83 -45.79 -4.91
C THR H 62 -3.73 -46.60 -4.26
N ARG H 63 -3.61 -46.44 -2.96
CA ARG H 63 -2.73 -47.19 -2.09
C ARG H 63 -3.41 -48.40 -1.47
N ARG H 64 -4.72 -48.52 -1.62
CA ARG H 64 -5.49 -49.59 -1.00
C ARG H 64 -6.16 -50.43 -2.08
N ILE H 65 -5.33 -51.13 -2.86
CA ILE H 65 -5.82 -52.00 -3.92
C ILE H 65 -6.36 -53.31 -3.36
N ILE H 66 -5.73 -53.84 -2.31
CA ILE H 66 -6.14 -55.11 -1.72
C ILE H 66 -7.60 -55.09 -1.30
N SER H 67 -8.02 -54.03 -0.62
CA SER H 67 -9.39 -53.93 -0.19
C SER H 67 -10.36 -53.95 -1.37
N GLU H 68 -10.01 -53.24 -2.44
CA GLU H 68 -10.91 -53.14 -3.59
C GLU H 68 -11.00 -54.47 -4.32
N ILE H 69 -9.87 -55.12 -4.58
CA ILE H 69 -9.93 -56.43 -5.20
C ILE H 69 -10.71 -57.40 -4.33
N ALA H 70 -10.57 -57.27 -3.01
CA ALA H 70 -11.37 -58.10 -2.10
C ALA H 70 -12.87 -57.84 -2.26
N LYS H 71 -13.28 -56.59 -2.43
CA LYS H 71 -14.71 -56.35 -2.65
C LYS H 71 -15.18 -56.95 -3.96
N ARG H 72 -14.41 -56.83 -5.05
CA ARG H 72 -14.86 -57.44 -6.29
C ARG H 72 -14.93 -58.96 -6.17
N LEU H 73 -13.91 -59.59 -5.59
CA LEU H 73 -14.00 -61.04 -5.44
C LEU H 73 -15.15 -61.44 -4.54
N ARG H 74 -15.48 -60.62 -3.55
CA ARG H 74 -16.64 -60.92 -2.72
C ARG H 74 -17.91 -60.84 -3.53
N GLU H 75 -17.98 -59.94 -4.50
CA GLU H 75 -19.14 -59.90 -5.36
C GLU H 75 -19.16 -61.03 -6.37
N ARG H 76 -18.03 -61.71 -6.57
CA ARG H 76 -17.94 -62.86 -7.48
C ARG H 76 -18.35 -64.18 -6.84
N GLY H 77 -18.69 -64.19 -5.55
CA GLY H 77 -19.17 -65.37 -4.86
C GLY H 77 -18.22 -65.99 -3.87
N TRP H 78 -17.07 -65.36 -3.64
CA TRP H 78 -16.09 -65.81 -2.66
C TRP H 78 -16.54 -65.44 -1.25
N ASP H 79 -16.13 -66.24 -0.28
CA ASP H 79 -16.36 -65.84 1.10
C ASP H 79 -15.41 -64.69 1.44
N ALA H 80 -15.78 -63.90 2.44
CA ALA H 80 -15.00 -62.72 2.77
C ALA H 80 -13.55 -63.06 3.08
N ASP H 81 -13.31 -64.09 3.88
CA ASP H 81 -11.94 -64.47 4.21
C ASP H 81 -11.18 -64.97 2.99
N LEU H 82 -11.84 -65.72 2.11
CA LEU H 82 -11.15 -66.18 0.91
C LEU H 82 -10.88 -65.02 -0.02
N ALA H 83 -11.75 -64.02 -0.02
CA ALA H 83 -11.52 -62.86 -0.85
C ALA H 83 -10.30 -62.09 -0.35
N ASP H 84 -10.19 -61.93 0.96
CA ASP H 84 -9.05 -61.24 1.54
C ASP H 84 -7.75 -61.96 1.27
N ALA H 85 -7.74 -63.28 1.46
CA ALA H 85 -6.52 -64.05 1.22
C ALA H 85 -6.14 -64.02 -0.25
N GLY H 86 -7.14 -64.09 -1.14
CA GLY H 86 -6.85 -64.06 -2.56
C GLY H 86 -6.28 -62.72 -3.01
N ALA H 87 -6.83 -61.62 -2.50
CA ALA H 87 -6.29 -60.32 -2.87
C ALA H 87 -4.89 -60.12 -2.31
N ARG H 88 -4.64 -60.66 -1.12
CA ARG H 88 -3.29 -60.58 -0.57
C ARG H 88 -2.35 -61.37 -1.46
N GLN H 89 -2.84 -62.47 -2.02
CA GLN H 89 -2.03 -63.23 -2.97
C GLN H 89 -1.78 -62.41 -4.23
N VAL H 90 -2.77 -61.63 -4.64
CA VAL H 90 -2.60 -60.80 -5.84
C VAL H 90 -1.44 -59.85 -5.68
N VAL H 91 -1.35 -59.20 -4.52
CA VAL H 91 -0.27 -58.25 -4.36
C VAL H 91 1.00 -58.91 -3.87
N LEU H 92 0.91 -60.12 -3.33
CA LEU H 92 2.08 -60.82 -2.84
C LEU H 92 2.87 -61.49 -3.95
N SER H 93 2.22 -61.85 -5.05
CA SER H 93 2.86 -62.63 -6.09
C SER H 93 3.71 -61.79 -7.03
N VAL H 94 4.02 -60.55 -6.66
CA VAL H 94 4.72 -59.62 -7.54
C VAL H 94 5.86 -58.99 -6.77
N GLY H 95 6.86 -58.52 -7.51
CA GLY H 95 8.02 -57.89 -6.93
C GLY H 95 9.16 -58.88 -6.78
N LYS H 96 10.36 -58.33 -6.63
CA LYS H 96 11.56 -59.14 -6.46
C LYS H 96 11.48 -60.03 -5.23
N LYS H 97 11.37 -59.43 -4.05
CA LYS H 97 11.29 -60.16 -2.80
C LYS H 97 9.92 -60.84 -2.71
N SER H 98 9.65 -61.43 -1.54
CA SER H 98 8.43 -62.19 -1.36
C SER H 98 7.21 -61.41 -1.77
N GLY H 99 7.21 -60.09 -1.62
CA GLY H 99 6.04 -59.36 -2.06
C GLY H 99 6.19 -57.87 -1.92
N ILE H 100 5.15 -57.19 -2.40
CA ILE H 100 5.00 -55.74 -2.27
C ILE H 100 4.88 -55.38 -0.81
N LYS H 101 5.64 -54.37 -0.38
CA LYS H 101 5.63 -54.01 1.03
C LYS H 101 4.23 -53.55 1.44
N LEU H 102 3.80 -53.97 2.62
CA LEU H 102 2.50 -53.63 3.17
C LEU H 102 2.65 -52.83 4.46
N GLU H 103 1.77 -51.85 4.62
CA GLU H 103 1.68 -51.09 5.86
C GLU H 103 1.16 -51.96 6.98
N LYS H 104 1.47 -51.55 8.21
CA LYS H 104 1.08 -52.35 9.36
C LYS H 104 -0.41 -52.60 9.26
N GLU H 105 -0.82 -53.82 9.51
CA GLU H 105 -2.22 -54.13 9.32
C GLU H 105 -3.03 -53.35 10.34
N LYS H 106 -4.11 -52.73 9.88
CA LYS H 106 -4.98 -51.98 10.75
C LYS H 106 -6.16 -52.88 11.08
N ASP H 107 -6.62 -52.82 12.32
CA ASP H 107 -7.68 -53.72 12.72
C ASP H 107 -8.94 -53.51 11.90
N SER H 108 -9.54 -54.62 11.49
CA SER H 108 -10.76 -54.78 10.72
C SER H 108 -10.65 -54.51 9.22
N GLU H 109 -9.53 -54.01 8.69
CA GLU H 109 -9.47 -53.76 7.26
C GLU H 109 -8.20 -54.35 6.64
N ALA H 110 -8.31 -54.63 5.35
CA ALA H 110 -7.20 -55.17 4.57
C ALA H 110 -6.06 -54.16 4.52
N PRO H 111 -4.80 -54.62 4.52
CA PRO H 111 -3.68 -53.68 4.55
C PRO H 111 -3.55 -52.89 3.26
N ALA H 112 -3.12 -51.65 3.43
CA ALA H 112 -2.85 -50.74 2.33
C ALA H 112 -1.46 -51.00 1.78
N THR H 113 -1.33 -50.89 0.46
CA THR H 113 -0.02 -51.08 -0.14
C THR H 113 0.88 -49.92 0.25
N SER H 114 2.19 -50.18 0.26
CA SER H 114 3.15 -49.16 0.65
C SER H 114 3.21 -48.02 -0.36
N VAL H 115 3.13 -48.34 -1.64
CA VAL H 115 3.24 -47.32 -2.67
C VAL H 115 1.90 -47.20 -3.40
N LEU H 116 1.62 -45.99 -3.88
CA LEU H 116 0.40 -45.72 -4.62
C LEU H 116 0.47 -46.36 -6.01
N PHE H 117 -0.66 -46.93 -6.44
CA PHE H 117 -0.81 -47.57 -7.73
C PHE H 117 -1.64 -46.67 -8.64
N TYR H 118 -1.32 -46.66 -9.91
CA TYR H 118 -2.02 -45.80 -10.85
C TYR H 118 -2.41 -46.63 -12.06
N LEU H 119 -3.56 -47.29 -11.99
CA LEU H 119 -3.95 -48.20 -13.07
C LEU H 119 -5.44 -48.08 -13.38
N PRO H 120 -5.85 -48.41 -14.61
CA PRO H 120 -7.27 -48.36 -14.96
C PRO H 120 -8.14 -49.31 -14.15
N VAL H 121 -9.42 -48.93 -14.03
CA VAL H 121 -10.38 -49.76 -13.28
C VAL H 121 -10.56 -51.16 -13.87
N PRO H 122 -10.72 -51.33 -15.19
CA PRO H 122 -10.87 -52.69 -15.70
C PRO H 122 -9.65 -53.54 -15.41
N ALA H 123 -8.49 -52.90 -15.24
CA ALA H 123 -7.32 -53.68 -14.85
C ALA H 123 -7.50 -54.25 -13.46
N ILE H 124 -8.13 -53.50 -12.56
CA ILE H 124 -8.42 -54.04 -11.25
C ILE H 124 -9.34 -55.24 -11.36
N ASP H 125 -10.37 -55.12 -12.21
CA ASP H 125 -11.26 -56.26 -12.38
C ASP H 125 -10.52 -57.48 -12.94
N GLU H 126 -9.56 -57.24 -13.86
CA GLU H 126 -8.79 -58.34 -14.42
C GLU H 126 -7.92 -59.00 -13.37
N LEU H 127 -7.33 -58.21 -12.46
CA LEU H 127 -6.58 -58.82 -11.36
C LEU H 127 -7.49 -59.71 -10.54
N ALA H 128 -8.71 -59.27 -10.30
CA ALA H 128 -9.66 -60.11 -9.58
C ALA H 128 -9.92 -61.41 -10.32
N ALA H 129 -10.07 -61.35 -11.65
CA ALA H 129 -10.30 -62.58 -12.41
C ALA H 129 -9.11 -63.53 -12.36
N ILE H 130 -7.89 -63.00 -12.46
CA ILE H 130 -6.71 -63.86 -12.39
C ILE H 130 -6.64 -64.52 -11.02
N ALA H 131 -6.98 -63.78 -9.97
CA ALA H 131 -6.99 -64.42 -8.67
C ALA H 131 -8.14 -65.40 -8.56
N ASP H 132 -9.14 -65.27 -9.41
CA ASP H 132 -10.31 -66.14 -9.30
C ASP H 132 -10.05 -67.51 -9.90
N GLU H 133 -9.40 -67.57 -11.06
CA GLU H 133 -9.22 -68.87 -11.71
C GLU H 133 -8.30 -69.80 -10.93
N HIS H 134 -7.51 -69.27 -9.99
CA HIS H 134 -6.65 -70.07 -9.13
C HIS H 134 -7.25 -70.21 -7.74
N ARG H 135 -8.55 -70.48 -7.68
CA ARG H 135 -9.28 -70.51 -6.41
C ARG H 135 -8.79 -71.62 -5.49
N ASP H 136 -8.51 -72.79 -6.04
CA ASP H 136 -8.05 -73.88 -5.18
C ASP H 136 -6.66 -73.63 -4.61
N ALA H 137 -5.72 -73.13 -5.42
CA ALA H 137 -4.40 -72.84 -4.85
C ALA H 137 -4.44 -71.83 -3.71
N VAL H 138 -5.23 -70.76 -3.87
CA VAL H 138 -5.39 -69.80 -2.79
C VAL H 138 -6.06 -70.42 -1.58
N ALA H 139 -7.09 -71.27 -1.81
CA ALA H 139 -7.76 -71.90 -0.69
C ALA H 139 -6.81 -72.79 0.11
N LYS H 140 -5.92 -73.49 -0.58
CA LYS H 140 -4.98 -74.36 0.13
C LYS H 140 -3.89 -73.55 0.82
N GLU H 141 -3.43 -72.47 0.19
CA GLU H 141 -2.33 -71.70 0.75
C GLU H 141 -2.76 -70.78 1.87
N ALA H 142 -4.05 -70.47 2.00
CA ALA H 142 -4.46 -69.62 3.10
C ALA H 142 -4.23 -70.31 4.43
N ALA H 143 -4.22 -71.64 4.45
CA ALA H 143 -4.04 -72.37 5.69
C ALA H 143 -2.60 -72.28 6.18
N LYS H 144 -1.65 -72.11 5.26
CA LYS H 144 -0.24 -72.04 5.61
C LYS H 144 0.05 -70.77 6.40
N LYS H 145 1.09 -70.83 7.22
CA LYS H 145 1.42 -69.69 8.08
C LYS H 145 1.98 -68.52 7.30
N THR H 146 2.83 -68.77 6.30
CA THR H 146 3.42 -67.71 5.49
C THR H 146 3.11 -67.98 4.03
N PRO H 147 1.91 -67.64 3.57
CA PRO H 147 1.54 -68.00 2.21
C PRO H 147 2.41 -67.25 1.22
N LYS H 148 2.79 -67.94 0.17
CA LYS H 148 3.59 -67.38 -0.89
C LYS H 148 2.72 -67.09 -2.10
N GLY H 149 3.24 -66.27 -3.00
CA GLY H 149 2.50 -65.95 -4.21
C GLY H 149 2.41 -67.12 -5.16
N ILE H 150 1.21 -67.34 -5.70
CA ILE H 150 0.91 -68.48 -6.56
C ILE H 150 0.56 -68.01 -7.96
N LEU H 151 -0.12 -66.88 -8.06
CA LEU H 151 -0.54 -66.35 -9.33
C LEU H 151 0.67 -66.15 -10.22
N PRO H 152 0.52 -66.31 -11.53
CA PRO H 152 1.67 -66.12 -12.42
C PRO H 152 2.15 -64.69 -12.35
N ALA H 153 3.47 -64.51 -12.27
CA ALA H 153 3.98 -63.16 -12.14
C ALA H 153 3.91 -62.46 -13.49
N ASP H 154 4.17 -63.19 -14.57
CA ASP H 154 4.18 -62.57 -15.90
C ASP H 154 2.80 -62.03 -16.28
N ARG H 155 1.74 -62.80 -16.05
CA ARG H 155 0.39 -62.33 -16.37
C ARG H 155 0.01 -61.09 -15.57
N ILE H 156 0.29 -61.10 -14.26
CA ILE H 156 -0.05 -59.92 -13.46
C ILE H 156 0.77 -58.72 -13.91
N THR H 157 2.06 -58.92 -14.13
CA THR H 157 2.86 -57.80 -14.59
C THR H 157 2.37 -57.29 -15.94
N GLU H 158 1.87 -58.17 -16.80
CA GLU H 158 1.33 -57.70 -18.07
C GLU H 158 0.04 -56.93 -17.87
N VAL H 159 -0.77 -57.28 -16.87
CA VAL H 159 -1.98 -56.50 -16.63
C VAL H 159 -1.63 -55.14 -16.04
N LEU H 160 -0.63 -55.08 -15.15
CA LEU H 160 -0.27 -53.78 -14.59
C LEU H 160 0.35 -52.86 -15.61
N LYS H 161 0.72 -53.36 -16.78
CA LYS H 161 1.27 -52.51 -17.81
C LYS H 161 0.19 -51.84 -18.64
N SER H 162 -1.07 -52.25 -18.48
CA SER H 162 -2.15 -51.67 -19.25
C SER H 162 -2.20 -50.18 -18.99
N ARG H 163 -2.38 -49.40 -20.06
CA ARG H 163 -2.32 -47.96 -19.97
C ARG H 163 -3.67 -47.30 -20.19
N ASN H 164 -4.00 -46.35 -19.33
CA ASN H 164 -5.11 -45.44 -19.53
C ASN H 164 -4.62 -44.26 -20.36
N VAL H 165 -5.56 -43.46 -20.84
CA VAL H 165 -5.20 -42.19 -21.47
C VAL H 165 -4.42 -41.30 -20.51
N SER H 166 -4.85 -41.25 -19.26
CA SER H 166 -4.15 -40.42 -18.28
C SER H 166 -2.73 -40.88 -18.02
N VAL H 167 -2.47 -42.18 -18.02
CA VAL H 167 -1.09 -42.61 -17.84
C VAL H 167 -0.28 -42.29 -19.08
N ASN H 168 -0.86 -42.46 -20.28
CA ASN H 168 -0.12 -42.12 -21.49
C ASN H 168 0.24 -40.66 -21.50
N LEU H 169 -0.64 -39.83 -20.96
CA LEU H 169 -0.45 -38.39 -21.02
C LEU H 169 0.43 -37.86 -19.88
N PHE H 170 0.19 -38.30 -18.65
CA PHE H 170 0.90 -37.81 -17.48
C PHE H 170 1.96 -38.77 -16.95
N GLY H 171 1.95 -40.02 -17.38
CA GLY H 171 2.94 -40.98 -16.93
C GLY H 171 2.65 -41.52 -15.55
N ARG H 172 3.38 -42.58 -15.19
CA ARG H 172 3.20 -43.22 -13.90
C ARG H 172 4.57 -43.66 -13.44
N MET H 173 4.66 -43.99 -12.16
CA MET H 173 5.88 -44.55 -11.61
C MET H 173 5.52 -45.60 -10.59
N LEU H 174 6.15 -46.75 -10.69
CA LEU H 174 5.97 -47.79 -9.67
C LEU H 174 7.35 -48.41 -9.49
N ALA H 175 7.95 -48.13 -8.34
CA ALA H 175 9.34 -48.48 -8.07
C ALA H 175 9.62 -49.98 -7.99
N GLU H 176 8.71 -50.76 -7.40
CA GLU H 176 9.01 -52.19 -7.30
C GLU H 176 8.96 -52.94 -8.63
N LEU H 177 8.20 -52.46 -9.60
CA LEU H 177 8.10 -53.09 -10.91
C LEU H 177 8.41 -52.02 -11.93
N PRO H 178 9.68 -51.74 -12.15
CA PRO H 178 10.08 -50.70 -13.10
C PRO H 178 9.73 -50.99 -14.54
N SER H 179 9.31 -52.20 -14.89
CA SER H 179 8.93 -52.46 -16.27
C SER H 179 7.62 -51.75 -16.62
N THR H 180 6.79 -51.48 -15.63
CA THR H 180 5.48 -50.88 -15.87
C THR H 180 5.52 -49.36 -15.88
N GLU H 181 6.60 -48.76 -15.42
CA GLU H 181 6.71 -47.32 -15.36
C GLU H 181 6.61 -46.73 -16.75
N VAL H 182 5.78 -45.70 -16.91
CA VAL H 182 5.57 -45.05 -18.20
C VAL H 182 5.91 -43.58 -18.05
N ASP H 183 6.76 -43.08 -18.95
CA ASP H 183 7.15 -41.68 -18.96
C ASP H 183 5.99 -40.78 -19.42
N GLY H 184 5.75 -39.73 -18.66
CA GLY H 184 4.68 -38.79 -18.99
C GLY H 184 4.98 -37.98 -20.24
N ALA H 185 3.91 -37.62 -20.96
CA ALA H 185 4.03 -36.83 -22.17
C ALA H 185 3.64 -35.38 -22.00
N VAL H 186 3.32 -34.93 -20.79
CA VAL H 186 2.84 -33.58 -20.55
C VAL H 186 3.65 -32.92 -19.46
N GLN H 187 4.13 -31.72 -19.72
CA GLN H 187 4.79 -30.92 -18.70
C GLN H 187 3.86 -29.82 -18.23
N PHE H 188 3.62 -29.74 -16.94
CA PHE H 188 2.70 -28.80 -16.33
C PHE H 188 3.38 -27.84 -15.37
N ALA H 189 3.47 -26.58 -15.77
CA ALA H 189 4.12 -25.56 -14.96
C ALA H 189 3.25 -25.09 -13.81
N HIS H 190 3.90 -24.62 -12.75
CA HIS H 190 3.24 -23.99 -11.60
C HIS H 190 2.72 -22.62 -11.97
N ALA H 191 1.40 -22.48 -12.02
CA ALA H 191 0.72 -21.22 -12.32
C ALA H 191 0.96 -20.19 -11.23
N PHE H 192 1.72 -19.13 -11.52
CA PHE H 192 1.96 -18.04 -10.57
C PHE H 192 1.30 -16.75 -11.05
N THR H 193 1.18 -15.79 -10.14
CA THR H 193 0.57 -14.51 -10.49
C THR H 193 1.52 -13.67 -11.31
N VAL H 194 0.96 -12.91 -12.25
CA VAL H 194 1.77 -11.99 -13.01
C VAL H 194 2.32 -10.89 -12.10
N HIS H 195 1.52 -10.43 -11.16
CA HIS H 195 1.91 -9.34 -10.27
C HIS H 195 2.10 -9.85 -8.85
N GLY H 196 2.85 -9.10 -8.06
CA GLY H 196 3.05 -9.47 -6.66
C GLY H 196 1.76 -9.32 -5.88
N THR H 197 1.42 -10.32 -5.08
CA THR H 197 0.18 -10.34 -4.32
C THR H 197 0.47 -10.65 -2.86
N THR H 198 0.04 -9.75 -1.97
CA THR H 198 0.11 -10.03 -0.54
C THR H 198 -1.10 -10.81 -0.10
N VAL H 199 -0.90 -11.81 0.76
CA VAL H 199 -2.00 -12.62 1.23
C VAL H 199 -2.91 -11.80 2.13
N GLU H 200 -4.15 -11.63 1.70
CA GLU H 200 -5.16 -10.90 2.44
C GLU H 200 -5.84 -11.78 3.48
N VAL H 201 -5.87 -11.32 4.71
CA VAL H 201 -6.45 -12.06 5.83
C VAL H 201 -7.89 -11.66 6.10
N ASP H 202 -8.75 -12.66 6.13
CA ASP H 202 -10.18 -12.51 6.36
C ASP H 202 -10.50 -13.05 7.74
N PHE H 203 -11.12 -12.25 8.59
CA PHE H 203 -11.43 -12.67 9.95
C PHE H 203 -12.87 -13.16 9.96
N PHE H 204 -13.07 -14.46 10.09
CA PHE H 204 -14.40 -15.05 10.05
C PHE H 204 -14.79 -15.65 11.38
N THR H 205 -16.09 -15.67 11.63
CA THR H 205 -16.65 -16.21 12.87
C THR H 205 -17.80 -17.14 12.55
N ALA H 206 -18.07 -18.09 13.42
CA ALA H 206 -19.15 -19.04 13.19
C ALA H 206 -20.21 -18.80 14.26
N VAL H 207 -21.43 -18.51 13.83
CA VAL H 207 -22.48 -18.12 14.77
C VAL H 207 -23.06 -19.34 15.46
N ASP H 208 -23.15 -19.30 16.78
CA ASP H 208 -23.88 -20.31 17.52
C ASP H 208 -25.36 -19.91 17.54
N ASP H 209 -26.24 -20.79 17.06
CA ASP H 209 -27.62 -20.40 16.82
C ASP H 209 -28.43 -20.21 18.10
N ILE H 210 -28.26 -21.04 19.10
CA ILE H 210 -29.04 -20.84 20.32
C ILE H 210 -28.38 -19.82 21.23
N PRO H 211 -29.12 -18.76 21.57
CA PRO H 211 -28.57 -17.62 22.31
C PRO H 211 -28.01 -17.94 23.68
N LYS H 212 -26.83 -17.40 23.95
CA LYS H 212 -26.16 -17.50 25.24
C LYS H 212 -25.35 -16.24 25.44
N GLU H 213 -25.27 -15.76 26.69
CA GLU H 213 -24.50 -14.54 26.95
C GLU H 213 -23.01 -14.76 26.69
N ASN H 214 -22.48 -15.90 27.11
CA ASN H 214 -21.09 -16.23 26.87
C ASN H 214 -20.84 -16.37 25.38
N ASP H 215 -21.85 -16.85 24.66
CA ASP H 215 -21.73 -17.16 23.24
C ASP H 215 -21.26 -15.96 22.44
N HIS H 216 -21.75 -14.78 22.75
CA HIS H 216 -21.34 -13.62 21.98
C HIS H 216 -20.20 -12.83 22.60
N GLY H 217 -20.45 -11.57 22.97
CA GLY H 217 -19.49 -10.65 23.53
C GLY H 217 -18.01 -11.00 23.51
N SER H 218 -17.57 -11.77 24.49
CA SER H 218 -16.17 -12.13 24.60
C SER H 218 -15.68 -13.03 23.47
N GLY H 219 -16.50 -13.99 23.05
CA GLY H 219 -16.03 -14.97 22.08
C GLY H 219 -15.58 -14.37 20.76
N HIS H 220 -14.49 -14.92 20.24
CA HIS H 220 -13.92 -14.53 18.95
C HIS H 220 -13.66 -15.80 18.15
N MET H 221 -13.64 -15.70 16.82
CA MET H 221 -13.41 -16.89 15.99
C MET H 221 -12.30 -16.68 14.96
N ASN H 222 -11.49 -17.71 14.81
CA ASN H 222 -10.34 -17.84 13.90
C ASN H 222 -10.35 -17.10 12.56
N ALA H 223 -9.17 -16.64 12.15
CA ALA H 223 -8.93 -15.91 10.91
C ALA H 223 -8.41 -16.81 9.79
N GLY H 224 -8.99 -16.68 8.60
CA GLY H 224 -8.64 -17.46 7.41
C GLY H 224 -8.12 -16.60 6.27
N GLN H 225 -6.99 -17.02 5.69
CA GLN H 225 -6.26 -16.37 4.62
C GLN H 225 -6.85 -16.62 3.23
N PHE H 226 -6.57 -15.70 2.30
CA PHE H 226 -7.02 -15.75 0.92
C PHE H 226 -6.14 -14.88 0.04
N SER H 227 -6.26 -15.07 -1.28
CA SER H 227 -5.53 -14.26 -2.25
C SER H 227 -6.25 -14.24 -3.59
N ALA H 228 -5.90 -13.24 -4.41
CA ALA H 228 -6.48 -13.05 -5.73
C ALA H 228 -5.41 -12.59 -6.70
N GLY H 229 -5.65 -12.79 -7.99
CA GLY H 229 -4.68 -12.32 -8.96
C GLY H 229 -4.82 -12.97 -10.31
N THR H 230 -4.07 -12.46 -11.27
CA THR H 230 -4.07 -12.96 -12.64
C THR H 230 -2.97 -13.98 -12.83
N PHE H 231 -3.31 -15.26 -12.80
CA PHE H 231 -2.29 -16.30 -12.90
C PHE H 231 -1.82 -16.45 -14.33
N TYR H 232 -0.53 -16.68 -14.51
CA TYR H 232 0.03 -17.12 -15.77
C TYR H 232 0.18 -18.63 -15.73
N ARG H 233 -0.24 -19.29 -16.81
CA ARG H 233 -0.29 -20.75 -16.90
C ARG H 233 0.39 -21.25 -18.15
N TYR H 234 1.12 -22.36 -18.04
CA TYR H 234 1.86 -22.90 -19.16
C TYR H 234 1.89 -24.42 -19.12
N ALA H 235 1.90 -25.05 -20.30
CA ALA H 235 1.95 -26.51 -20.34
C ALA H 235 2.47 -26.99 -21.69
N ASN H 236 3.18 -28.11 -21.66
CA ASN H 236 3.74 -28.75 -22.85
C ASN H 236 3.12 -30.11 -23.07
N VAL H 237 3.08 -30.52 -24.33
CA VAL H 237 2.73 -31.88 -24.72
C VAL H 237 3.76 -32.32 -25.74
N ASN H 238 4.60 -33.27 -25.37
CA ASN H 238 5.62 -33.83 -26.26
C ASN H 238 4.94 -34.86 -27.13
N LEU H 239 4.55 -34.47 -28.34
CA LEU H 239 3.75 -35.33 -29.21
C LEU H 239 4.42 -36.64 -29.59
N ASP H 240 5.71 -36.68 -29.89
CA ASP H 240 6.27 -37.98 -30.30
C ASP H 240 6.17 -38.98 -29.18
N ARG H 241 6.39 -38.55 -27.94
CA ARG H 241 6.30 -39.48 -26.83
C ARG H 241 4.85 -39.88 -26.61
N LEU H 242 3.90 -38.98 -26.83
CA LEU H 242 2.52 -39.36 -26.65
C LEU H 242 2.07 -40.37 -27.69
N VAL H 243 2.53 -40.20 -28.94
CA VAL H 243 2.23 -41.17 -29.97
C VAL H 243 2.89 -42.50 -29.68
N GLU H 244 4.10 -42.49 -29.13
CA GLU H 244 4.72 -43.77 -28.78
C GLU H 244 3.98 -44.43 -27.62
N ASN H 245 3.49 -43.64 -26.66
CA ASN H 245 2.80 -44.21 -25.51
C ASN H 245 1.46 -44.80 -25.91
N THR H 246 0.58 -44.00 -26.52
CA THR H 246 -0.70 -44.54 -26.94
C THR H 246 -0.54 -45.51 -28.11
N GLY H 247 0.47 -45.31 -28.94
CA GLY H 247 0.70 -46.16 -30.08
C GLY H 247 0.08 -45.63 -31.36
N ASP H 248 -1.23 -45.40 -31.36
CA ASP H 248 -1.91 -44.90 -32.54
C ASP H 248 -1.87 -43.39 -32.57
N ALA H 249 -1.84 -42.82 -33.77
CA ALA H 249 -1.85 -41.37 -33.87
C ALA H 249 -3.24 -40.76 -33.70
N GLN H 250 -4.29 -41.49 -34.03
CA GLN H 250 -5.63 -40.93 -33.87
C GLN H 250 -5.99 -40.80 -32.41
N THR H 251 -5.66 -41.81 -31.62
CA THR H 251 -5.92 -41.69 -30.20
C THR H 251 -5.09 -40.59 -29.59
N ALA H 252 -3.88 -40.36 -30.12
CA ALA H 252 -3.12 -39.24 -29.62
C ALA H 252 -3.82 -37.93 -29.93
N ARG H 253 -4.42 -37.82 -31.12
CA ARG H 253 -5.14 -36.58 -31.45
C ARG H 253 -6.31 -36.35 -30.52
N THR H 254 -7.15 -37.36 -30.32
CA THR H 254 -8.26 -37.18 -29.40
C THR H 254 -7.79 -36.86 -27.99
N ALA H 255 -6.75 -37.55 -27.53
CA ALA H 255 -6.21 -37.29 -26.20
C ALA H 255 -5.72 -35.86 -26.06
N VAL H 256 -5.01 -35.34 -27.07
CA VAL H 256 -4.48 -33.99 -26.97
C VAL H 256 -5.59 -32.97 -27.00
N ALA H 257 -6.51 -33.08 -27.97
CA ALA H 257 -7.60 -32.10 -28.04
C ALA H 257 -8.39 -32.06 -26.75
N GLU H 258 -8.83 -33.22 -26.27
CA GLU H 258 -9.58 -33.24 -25.02
C GLU H 258 -8.73 -32.71 -23.87
N PHE H 259 -7.43 -33.00 -23.87
CA PHE H 259 -6.57 -32.47 -22.82
C PHE H 259 -6.50 -30.95 -22.83
N LEU H 260 -6.28 -30.36 -24.00
CA LEU H 260 -6.18 -28.91 -24.05
C LEU H 260 -7.48 -28.26 -23.64
N ARG H 261 -8.59 -28.76 -24.17
CA ARG H 261 -9.87 -28.20 -23.79
C ARG H 261 -10.10 -28.35 -22.29
N ALA H 262 -9.75 -29.49 -21.73
CA ALA H 262 -9.87 -29.67 -20.28
C ALA H 262 -8.97 -28.69 -19.55
N PHE H 263 -7.78 -28.46 -20.09
CA PHE H 263 -6.80 -27.57 -19.50
C PHE H 263 -7.37 -26.17 -19.36
N LEU H 264 -8.19 -25.78 -20.32
CA LEU H 264 -8.80 -24.46 -20.24
C LEU H 264 -9.99 -24.50 -19.32
N SER H 265 -10.76 -25.59 -19.39
CA SER H 265 -12.02 -25.68 -18.69
C SER H 265 -11.89 -25.88 -17.19
N THR H 266 -10.94 -26.70 -16.74
CA THR H 266 -10.97 -27.07 -15.33
C THR H 266 -10.36 -26.01 -14.42
N VAL H 267 -10.78 -26.04 -13.17
CA VAL H 267 -10.31 -25.18 -12.08
C VAL H 267 -10.13 -26.04 -10.82
N PRO H 268 -9.01 -25.93 -10.11
CA PRO H 268 -8.70 -26.82 -8.98
C PRO H 268 -9.72 -27.07 -7.87
N SER H 269 -10.72 -26.22 -7.69
CA SER H 269 -11.73 -26.39 -6.64
C SER H 269 -11.13 -26.45 -5.23
N GLY H 270 -10.66 -25.30 -4.78
CA GLY H 270 -10.11 -25.13 -3.45
C GLY H 270 -10.97 -24.20 -2.63
N LYS H 271 -11.78 -24.72 -1.72
CA LYS H 271 -12.72 -23.90 -0.99
C LYS H 271 -13.65 -23.19 -1.95
N GLN H 272 -13.98 -23.85 -3.04
CA GLN H 272 -14.89 -23.20 -3.98
C GLN H 272 -16.29 -23.12 -3.46
N ASN H 273 -16.67 -23.95 -2.51
CA ASN H 273 -18.02 -23.81 -2.00
C ASN H 273 -18.16 -22.54 -1.20
N ALA H 274 -17.05 -21.83 -0.98
CA ALA H 274 -17.06 -20.60 -0.23
C ALA H 274 -16.56 -19.40 -1.02
N THR H 275 -15.95 -19.59 -2.20
CA THR H 275 -15.44 -18.48 -2.99
C THR H 275 -15.94 -18.43 -4.43
N ALA H 276 -16.35 -19.55 -5.02
CA ALA H 276 -16.83 -19.62 -6.40
C ALA H 276 -15.89 -18.96 -7.41
N ALA H 277 -14.65 -19.41 -7.43
CA ALA H 277 -13.63 -18.83 -8.28
C ALA H 277 -13.66 -19.33 -9.72
N MET H 278 -14.70 -20.03 -10.15
CA MET H 278 -14.76 -20.58 -11.51
C MET H 278 -14.68 -19.47 -12.56
N THR H 279 -13.69 -19.56 -13.45
CA THR H 279 -13.38 -18.46 -14.36
C THR H 279 -12.70 -19.01 -15.60
N LEU H 280 -13.00 -18.42 -16.77
CA LEU H 280 -12.29 -18.76 -18.01
C LEU H 280 -11.08 -17.86 -18.23
N PRO H 281 -10.03 -18.45 -18.80
CA PRO H 281 -8.81 -17.69 -19.09
C PRO H 281 -9.08 -16.52 -20.02
N ASP H 282 -8.48 -15.37 -19.68
CA ASP H 282 -8.64 -14.21 -20.52
C ASP H 282 -7.88 -14.35 -21.82
N LEU H 283 -6.76 -15.06 -21.80
CA LEU H 283 -6.05 -15.24 -23.06
C LEU H 283 -5.46 -16.63 -23.17
N VAL H 284 -5.48 -17.18 -24.38
CA VAL H 284 -4.89 -18.47 -24.67
C VAL H 284 -4.00 -18.35 -25.89
N HIS H 285 -2.81 -18.95 -25.83
CA HIS H 285 -1.86 -18.89 -26.92
C HIS H 285 -1.28 -20.28 -27.14
N ILE H 286 -1.79 -20.97 -28.14
CA ILE H 286 -1.27 -22.27 -28.51
C ILE H 286 -0.21 -22.09 -29.56
N ALA H 287 0.88 -22.83 -29.41
CA ALA H 287 1.94 -22.86 -30.40
C ALA H 287 2.31 -24.31 -30.66
N VAL H 288 2.61 -24.63 -31.90
CA VAL H 288 3.11 -25.95 -32.26
C VAL H 288 4.57 -25.76 -32.62
N ARG H 289 5.43 -25.99 -31.63
CA ARG H 289 6.86 -25.81 -31.74
C ARG H 289 7.56 -27.07 -32.24
N PHE H 290 8.43 -26.92 -33.22
CA PHE H 290 9.12 -28.11 -33.69
C PHE H 290 10.48 -28.31 -33.01
N ASP H 291 11.23 -27.24 -32.76
CA ASP H 291 12.54 -27.39 -32.13
C ASP H 291 12.45 -27.68 -30.64
N ARG H 292 11.72 -26.86 -29.90
CA ARG H 292 11.66 -26.93 -28.45
C ARG H 292 10.52 -26.12 -27.87
N PRO H 293 9.93 -26.59 -26.78
CA PRO H 293 8.92 -25.77 -26.09
C PRO H 293 9.61 -24.64 -25.35
N ILE H 294 8.97 -23.47 -25.37
CA ILE H 294 9.49 -22.27 -24.72
C ILE H 294 8.40 -21.61 -23.91
N SER H 295 8.56 -21.59 -22.60
CA SER H 295 7.61 -20.93 -21.73
C SER H 295 7.91 -19.43 -21.71
N PHE H 296 6.87 -18.64 -21.54
CA PHE H 296 7.01 -17.19 -21.47
C PHE H 296 7.02 -16.68 -20.03
N ALA H 297 7.40 -17.51 -19.07
CA ALA H 297 7.46 -17.04 -17.70
C ALA H 297 8.45 -15.91 -17.48
N PRO H 298 9.61 -15.87 -18.14
CA PRO H 298 10.49 -14.71 -17.96
C PRO H 298 9.88 -13.40 -18.34
N ALA H 299 8.84 -13.41 -19.17
CA ALA H 299 8.21 -12.15 -19.52
C ALA H 299 7.70 -11.45 -18.29
N PHE H 300 7.28 -12.21 -17.28
CA PHE H 300 6.69 -11.63 -16.08
C PHE H 300 7.61 -11.77 -14.89
N GLU H 301 8.91 -11.92 -15.13
CA GLU H 301 9.82 -11.99 -14.00
C GLU H 301 9.93 -10.63 -13.33
N THR H 302 9.83 -9.55 -14.11
CA THR H 302 9.70 -8.21 -13.57
C THR H 302 8.25 -8.01 -13.16
N ALA H 303 7.99 -7.95 -11.87
CA ALA H 303 6.63 -7.84 -11.38
C ALA H 303 5.96 -6.59 -11.93
N LEU H 304 4.66 -6.67 -12.19
CA LEU H 304 3.94 -5.50 -12.67
C LEU H 304 3.73 -4.55 -11.50
N TYR H 305 3.83 -3.25 -11.78
CA TYR H 305 3.72 -2.28 -10.70
C TYR H 305 2.32 -2.26 -10.09
N GLY H 306 1.29 -2.08 -10.89
CA GLY H 306 -0.06 -2.11 -10.35
C GLY H 306 -0.83 -0.81 -10.51
N SER H 307 -1.75 -0.60 -9.56
CA SER H 307 -2.68 0.51 -9.47
C SER H 307 -3.75 0.47 -10.55
N ASP H 308 -3.47 -0.18 -11.68
CA ASP H 308 -4.43 -0.31 -12.76
C ASP H 308 -4.59 -1.79 -13.11
N GLY H 309 -5.69 -2.11 -13.78
CA GLY H 309 -5.99 -3.49 -14.14
C GLY H 309 -4.89 -4.23 -14.89
N TYR H 310 -4.45 -5.36 -14.33
CA TYR H 310 -3.31 -6.10 -14.86
C TYR H 310 -3.58 -6.93 -16.11
N THR H 311 -4.83 -7.25 -16.45
CA THR H 311 -5.04 -8.13 -17.59
C THR H 311 -4.51 -7.53 -18.87
N LEU H 312 -4.88 -6.30 -19.18
CA LEU H 312 -4.44 -5.68 -20.41
C LEU H 312 -2.93 -5.55 -20.46
N ARG H 313 -2.31 -5.13 -19.36
CA ARG H 313 -0.87 -4.97 -19.37
C ARG H 313 -0.16 -6.29 -19.48
N ALA H 314 -0.76 -7.34 -18.91
CA ALA H 314 -0.18 -8.66 -19.00
C ALA H 314 -0.27 -9.20 -20.41
N CYS H 315 -1.41 -9.02 -21.05
CA CYS H 315 -1.55 -9.49 -22.43
C CYS H 315 -0.58 -8.77 -23.34
N GLN H 316 -0.45 -7.45 -23.18
CA GLN H 316 0.49 -6.72 -24.03
C GLN H 316 1.90 -7.18 -23.77
N GLU H 317 2.21 -7.53 -22.52
CA GLU H 317 3.58 -7.97 -22.23
C GLU H 317 3.87 -9.34 -22.81
N LEU H 318 2.93 -10.28 -22.71
CA LEU H 318 3.14 -11.56 -23.35
C LEU H 318 3.26 -11.42 -24.85
N ASN H 319 2.49 -10.51 -25.45
CA ASN H 319 2.61 -10.25 -26.88
C ASN H 319 3.99 -9.73 -27.24
N ASN H 320 4.40 -8.66 -26.56
CA ASN H 320 5.69 -8.06 -26.84
C ASN H 320 6.83 -9.05 -26.65
N TYR H 321 6.76 -9.85 -25.59
CA TYR H 321 7.81 -10.82 -25.35
C TYR H 321 7.79 -11.93 -26.40
N ALA H 322 6.61 -12.33 -26.83
CA ALA H 322 6.52 -13.33 -27.88
C ALA H 322 7.14 -12.83 -29.18
N GLU H 323 6.91 -11.55 -29.50
CA GLU H 323 7.53 -11.00 -30.69
C GLU H 323 9.04 -11.06 -30.57
N ARG H 324 9.57 -10.57 -29.46
CA ARG H 324 11.01 -10.56 -29.30
C ARG H 324 11.60 -11.96 -29.34
N LEU H 325 10.91 -12.95 -28.79
CA LEU H 325 11.47 -14.29 -28.90
C LEU H 325 11.41 -14.81 -30.31
N ARG H 326 10.35 -14.50 -31.06
CA ARG H 326 10.36 -14.96 -32.44
C ARG H 326 11.46 -14.30 -33.25
N GLU H 327 11.83 -13.06 -32.92
CA GLU H 327 12.95 -12.45 -33.64
C GLU H 327 14.26 -13.09 -33.21
N VAL H 328 14.47 -13.24 -31.91
CA VAL H 328 15.72 -13.76 -31.38
C VAL H 328 15.88 -15.24 -31.71
N TRP H 329 14.80 -16.01 -31.68
CA TRP H 329 14.89 -17.43 -31.99
C TRP H 329 14.00 -17.75 -33.19
N PRO H 330 14.52 -17.62 -34.41
CA PRO H 330 13.69 -17.82 -35.59
C PRO H 330 13.19 -19.25 -35.69
N ASP H 331 11.92 -19.41 -36.03
CA ASP H 331 11.33 -20.73 -36.10
C ASP H 331 10.10 -20.70 -37.00
N ASP H 332 9.70 -21.88 -37.47
CA ASP H 332 8.51 -22.04 -38.27
C ASP H 332 7.33 -22.57 -37.46
N ALA H 333 7.38 -22.43 -36.14
CA ALA H 333 6.35 -22.94 -35.27
C ALA H 333 5.02 -22.27 -35.55
N ILE H 334 3.97 -23.06 -35.68
CA ILE H 334 2.63 -22.52 -35.94
C ILE H 334 2.04 -21.92 -34.67
N ARG H 335 1.90 -20.60 -34.64
CA ARG H 335 1.37 -19.94 -33.47
C ARG H 335 -0.09 -19.63 -33.66
N GLY H 336 -0.74 -19.16 -32.59
CA GLY H 336 -2.15 -18.84 -32.65
C GLY H 336 -2.71 -18.51 -31.29
N TYR H 337 -3.68 -17.61 -31.24
CA TYR H 337 -4.23 -17.18 -29.97
C TYR H 337 -5.72 -16.90 -30.05
N ALA H 338 -6.33 -16.81 -28.88
CA ALA H 338 -7.73 -16.44 -28.72
C ALA H 338 -7.82 -15.61 -27.46
N THR H 339 -8.45 -14.44 -27.55
CA THR H 339 -8.49 -13.51 -26.45
C THR H 339 -9.87 -12.92 -26.31
N VAL H 340 -10.23 -12.52 -25.09
CA VAL H 340 -11.47 -11.79 -24.92
C VAL H 340 -11.32 -10.31 -25.26
N GLU H 341 -10.23 -9.65 -24.87
CA GLU H 341 -10.13 -8.23 -25.17
C GLU H 341 -9.94 -8.01 -26.67
N ASN H 342 -10.57 -6.95 -27.18
CA ASN H 342 -10.41 -6.57 -28.57
C ASN H 342 -9.63 -5.27 -28.72
N LYS H 343 -9.16 -4.70 -27.60
CA LYS H 343 -8.43 -3.43 -27.64
C LYS H 343 -7.11 -3.53 -28.38
N THR H 344 -6.55 -4.71 -28.56
CA THR H 344 -5.28 -4.85 -29.25
C THR H 344 -5.35 -6.00 -30.23
N ASP H 345 -4.52 -5.92 -31.26
CA ASP H 345 -4.45 -6.97 -32.27
C ASP H 345 -3.50 -8.08 -31.86
N LEU H 346 -2.48 -7.76 -31.07
CA LEU H 346 -1.49 -8.74 -30.63
C LEU H 346 -0.92 -9.47 -31.84
N ALA H 347 -0.09 -8.76 -32.58
CA ALA H 347 0.35 -9.27 -33.87
C ALA H 347 1.27 -10.47 -33.74
N ALA H 348 2.10 -10.51 -32.70
CA ALA H 348 3.09 -11.57 -32.60
C ALA H 348 2.51 -12.93 -32.28
N LEU H 349 1.31 -12.99 -31.72
CA LEU H 349 0.81 -14.29 -31.31
C LEU H 349 0.21 -15.07 -32.46
N GLY H 350 0.55 -14.71 -33.69
CA GLY H 350 0.11 -15.45 -34.85
C GLY H 350 -1.32 -15.16 -35.26
N GLU H 351 -1.89 -16.09 -36.00
CA GLU H 351 -3.25 -15.96 -36.48
C GLU H 351 -4.25 -16.06 -35.35
N ARG H 352 -5.18 -15.13 -35.30
CA ARG H 352 -6.18 -15.13 -34.25
C ARG H 352 -7.34 -16.04 -34.62
N TYR H 353 -7.81 -16.81 -33.66
CA TYR H 353 -8.98 -17.67 -33.81
C TYR H 353 -10.08 -17.18 -32.89
N ASP H 354 -11.32 -17.28 -33.36
CA ASP H 354 -12.43 -16.65 -32.66
C ASP H 354 -12.78 -17.32 -31.33
N SER H 355 -12.51 -18.61 -31.18
CA SER H 355 -12.96 -19.31 -29.99
C SER H 355 -11.92 -20.33 -29.56
N TYR H 356 -11.95 -20.66 -28.27
CA TYR H 356 -10.99 -21.64 -27.75
C TYR H 356 -11.13 -23.00 -28.41
N PRO H 357 -12.32 -23.57 -28.58
CA PRO H 357 -12.37 -24.87 -29.27
C PRO H 357 -11.93 -24.79 -30.71
N ALA H 358 -12.23 -23.70 -31.41
CA ALA H 358 -11.75 -23.56 -32.78
C ALA H 358 -10.24 -23.51 -32.81
N LEU H 359 -9.64 -22.77 -31.88
CA LEU H 359 -8.18 -22.68 -31.81
C LEU H 359 -7.57 -24.04 -31.56
N ILE H 360 -8.09 -24.75 -30.56
CA ILE H 360 -7.57 -26.06 -30.22
C ILE H 360 -7.66 -27.01 -31.39
N ASP H 361 -8.83 -27.05 -32.04
CA ASP H 361 -8.99 -27.94 -33.19
C ASP H 361 -8.06 -27.59 -34.32
N ALA H 362 -7.87 -26.30 -34.59
CA ALA H 362 -7.00 -25.91 -35.69
C ALA H 362 -5.56 -26.29 -35.43
N MET H 363 -5.09 -26.00 -34.22
CA MET H 363 -3.72 -26.27 -33.82
C MET H 363 -3.40 -27.75 -33.74
N VAL H 364 -4.30 -28.52 -33.13
CA VAL H 364 -4.07 -29.95 -33.00
C VAL H 364 -4.12 -30.58 -34.38
N ALA H 365 -5.02 -30.10 -35.23
CA ALA H 365 -5.06 -30.57 -36.60
C ALA H 365 -3.82 -30.14 -37.36
N ALA H 366 -3.17 -29.06 -36.93
CA ALA H 366 -1.96 -28.61 -37.61
C ALA H 366 -0.75 -29.46 -37.26
N ALA H 367 -0.82 -30.27 -36.23
CA ALA H 367 0.28 -31.12 -35.84
C ALA H 367 0.05 -32.55 -36.31
N THR I 2 -31.53 64.01 9.35
CA THR I 2 -30.10 64.02 9.55
C THR I 2 -29.40 63.37 8.36
N PHE I 3 -30.18 62.77 7.48
CA PHE I 3 -29.68 62.15 6.26
C PHE I 3 -30.28 62.90 5.07
N VAL I 4 -29.53 63.80 4.46
CA VAL I 4 -30.01 64.42 3.23
C VAL I 4 -29.69 63.49 2.09
N ASP I 5 -30.70 62.98 1.40
CA ASP I 5 -30.42 62.13 0.26
C ASP I 5 -31.06 62.75 -0.96
N ILE I 6 -30.32 62.75 -2.06
CA ILE I 6 -30.76 63.38 -3.29
C ILE I 6 -30.81 62.34 -4.39
N HIS I 7 -31.93 62.29 -5.09
CA HIS I 7 -32.13 61.42 -6.22
C HIS I 7 -32.18 62.29 -7.44
N ALA I 8 -31.81 61.74 -8.58
CA ALA I 8 -31.82 62.53 -9.78
C ALA I 8 -31.83 61.60 -10.96
N ILE I 9 -32.61 61.92 -11.97
CA ILE I 9 -32.56 61.22 -13.23
C ILE I 9 -32.00 62.18 -14.25
N GLN I 10 -31.00 61.73 -14.98
CA GLN I 10 -30.29 62.59 -15.90
C GLN I 10 -29.87 61.78 -17.13
N THR I 11 -30.44 62.17 -18.26
CA THR I 11 -30.10 61.53 -19.50
C THR I 11 -28.80 62.13 -19.96
N LEU I 12 -28.02 61.33 -20.68
CA LEU I 12 -26.82 61.87 -21.14
C LEU I 12 -26.74 61.43 -22.59
N PRO I 13 -26.51 62.39 -23.48
CA PRO I 13 -26.49 62.13 -24.91
C PRO I 13 -25.07 61.93 -25.41
N TYR I 14 -24.79 60.71 -25.85
CA TYR I 14 -23.49 60.34 -26.41
C TYR I 14 -22.37 60.64 -25.45
N SER I 15 -22.58 60.39 -24.18
CA SER I 15 -21.55 60.81 -23.25
C SER I 15 -20.34 59.88 -23.30
N ASN I 16 -20.56 58.60 -23.01
CA ASN I 16 -19.48 57.62 -22.89
C ASN I 16 -18.38 58.22 -22.02
N ILE I 17 -18.78 58.69 -20.86
CA ILE I 17 -17.84 59.43 -20.03
C ILE I 17 -16.73 58.56 -19.47
N ASN I 18 -17.05 57.34 -19.03
CA ASN I 18 -15.98 56.52 -18.48
C ASN I 18 -16.03 55.09 -18.95
N ARG I 19 -14.89 54.70 -19.49
CA ARG I 19 -14.57 53.46 -20.15
C ARG I 19 -13.81 52.55 -19.20
N ASP I 20 -13.94 51.25 -19.39
CA ASP I 20 -13.08 50.34 -18.64
C ASP I 20 -11.67 50.43 -19.22
N ASP I 21 -10.81 49.46 -18.91
CA ASP I 21 -9.47 49.53 -19.46
C ASP I 21 -9.45 49.32 -20.97
N LEU I 22 -10.49 48.73 -21.54
CA LEU I 22 -10.51 48.45 -22.97
C LEU I 22 -11.43 49.41 -23.73
N GLY I 23 -12.07 50.35 -23.04
CA GLY I 23 -12.88 51.37 -23.66
C GLY I 23 -14.38 51.12 -23.67
N SER I 24 -14.84 49.97 -23.28
CA SER I 24 -16.29 49.84 -23.27
C SER I 24 -16.83 50.51 -22.02
N PRO I 25 -17.99 51.14 -22.08
CA PRO I 25 -18.56 51.71 -20.87
C PRO I 25 -18.88 50.60 -19.88
N LYS I 26 -18.66 50.87 -18.61
CA LYS I 26 -18.91 49.86 -17.59
C LYS I 26 -20.41 49.57 -17.51
N THR I 27 -20.73 48.29 -17.36
CA THR I 27 -22.11 47.81 -17.37
C THR I 27 -22.39 46.95 -16.15
N VAL I 28 -23.64 47.04 -15.68
CA VAL I 28 -24.18 46.20 -14.63
C VAL I 28 -25.21 45.27 -15.25
N VAL I 29 -25.09 43.97 -14.98
CA VAL I 29 -26.15 43.03 -15.34
C VAL I 29 -27.11 43.08 -14.16
N TYR I 30 -28.06 44.00 -14.24
CA TYR I 30 -28.98 44.31 -13.16
C TYR I 30 -30.40 43.98 -13.56
N GLY I 31 -31.09 43.19 -12.74
CA GLY I 31 -32.43 42.81 -13.10
C GLY I 31 -32.40 41.77 -14.18
N GLY I 32 -31.24 41.18 -14.37
CA GLY I 32 -30.97 40.18 -15.35
C GLY I 32 -30.54 40.73 -16.68
N LYS I 33 -30.60 42.05 -16.88
CA LYS I 33 -30.19 42.63 -18.16
C LYS I 33 -29.11 43.68 -17.94
N GLU I 34 -28.08 43.62 -18.79
CA GLU I 34 -26.94 44.54 -18.75
C GLU I 34 -27.35 45.97 -19.08
N ARG I 35 -26.90 46.90 -18.24
CA ARG I 35 -27.21 48.31 -18.35
C ARG I 35 -25.94 49.11 -18.13
N THR I 36 -25.55 49.94 -19.09
CA THR I 36 -24.33 50.73 -18.94
C THR I 36 -24.44 51.67 -17.75
N ARG I 37 -23.30 51.87 -17.08
CA ARG I 37 -23.23 52.69 -15.88
C ARG I 37 -22.00 53.59 -15.91
N VAL I 38 -22.09 54.71 -15.21
CA VAL I 38 -20.93 55.55 -14.94
C VAL I 38 -20.52 55.33 -13.50
N SER I 39 -19.28 54.86 -13.32
CA SER I 39 -18.75 54.50 -12.01
C SER I 39 -18.81 55.64 -11.00
N SER I 40 -19.03 55.27 -9.75
CA SER I 40 -19.18 56.25 -8.68
C SER I 40 -17.87 56.99 -8.42
N GLN I 41 -16.74 56.30 -8.54
CA GLN I 41 -15.48 56.98 -8.24
C GLN I 41 -15.19 58.14 -9.20
N SER I 42 -15.57 58.01 -10.48
CA SER I 42 -15.31 59.08 -11.44
C SER I 42 -16.13 60.29 -11.08
N TRP I 43 -17.44 60.12 -10.95
CA TRP I 43 -18.28 61.25 -10.54
C TRP I 43 -17.90 61.80 -9.18
N LYS I 44 -17.46 60.96 -8.27
CA LYS I 44 -17.04 61.53 -7.01
C LYS I 44 -15.82 62.43 -7.21
N ARG I 45 -14.91 62.06 -8.10
CA ARG I 45 -13.76 62.91 -8.36
C ARG I 45 -14.16 64.21 -9.04
N ALA I 46 -15.01 64.14 -10.05
CA ALA I 46 -15.46 65.37 -10.71
C ALA I 46 -16.16 66.28 -9.71
N VAL I 47 -17.01 65.72 -8.86
CA VAL I 47 -17.73 66.54 -7.89
C VAL I 47 -16.76 67.17 -6.92
N ARG I 48 -15.77 66.41 -6.46
CA ARG I 48 -14.86 67.00 -5.50
C ARG I 48 -14.03 68.08 -6.16
N HIS I 49 -13.75 67.96 -7.46
CA HIS I 49 -13.00 69.00 -8.13
C HIS I 49 -13.83 70.26 -8.29
N GLU I 50 -15.12 70.10 -8.58
CA GLU I 50 -15.96 71.28 -8.64
C GLU I 50 -16.08 71.94 -7.27
N VAL I 51 -16.22 71.14 -6.20
CA VAL I 51 -16.36 71.72 -4.88
C VAL I 51 -15.09 72.47 -4.48
N GLU I 52 -13.93 71.87 -4.67
CA GLU I 52 -12.69 72.56 -4.35
C GLU I 52 -12.52 73.80 -5.22
N ALA I 53 -12.91 73.72 -6.49
CA ALA I 53 -12.79 74.87 -7.39
C ALA I 53 -13.73 76.00 -7.00
N ARG I 54 -14.91 75.69 -6.48
CA ARG I 54 -15.91 76.70 -6.16
C ARG I 54 -15.71 77.30 -4.79
N LEU I 55 -15.25 76.53 -3.81
CA LEU I 55 -15.07 77.07 -2.48
C LEU I 55 -13.66 77.60 -2.28
N GLY I 56 -12.77 77.40 -3.24
CA GLY I 56 -11.44 77.97 -3.19
C GLY I 56 -10.42 77.11 -2.48
N ASP I 57 -10.85 76.22 -1.60
CA ASP I 57 -9.93 75.35 -0.89
C ASP I 57 -9.65 74.14 -1.77
N LYS I 58 -8.38 73.88 -2.03
CA LYS I 58 -7.99 72.79 -2.91
C LYS I 58 -7.27 71.71 -2.14
N ALA I 59 -7.69 70.47 -2.33
CA ALA I 59 -7.05 69.30 -1.76
C ALA I 59 -6.23 68.60 -2.84
N VAL I 60 -5.17 67.92 -2.42
CA VAL I 60 -4.25 67.28 -3.34
C VAL I 60 -4.02 65.84 -2.93
N ARG I 61 -4.44 64.92 -3.79
CA ARG I 61 -4.22 63.48 -3.61
C ARG I 61 -3.07 63.12 -4.53
N THR I 62 -1.88 62.96 -3.96
CA THR I 62 -0.68 62.74 -4.74
C THR I 62 0.20 61.69 -4.08
N ARG I 63 0.88 60.93 -4.92
CA ARG I 63 1.88 59.97 -4.50
C ARG I 63 3.28 60.53 -4.46
N ARG I 64 3.48 61.71 -5.02
CA ARG I 64 4.81 62.31 -5.11
C ARG I 64 4.81 63.62 -4.36
N ILE I 65 4.68 63.51 -3.04
CA ILE I 65 4.69 64.70 -2.20
C ILE I 65 6.11 65.24 -2.05
N ILE I 66 7.08 64.33 -1.99
CA ILE I 66 8.47 64.74 -1.79
C ILE I 66 8.87 65.72 -2.87
N SER I 67 8.55 65.41 -4.12
CA SER I 67 8.90 66.31 -5.21
C SER I 67 8.25 67.68 -5.08
N GLU I 68 6.98 67.74 -4.69
CA GLU I 68 6.32 69.05 -4.63
C GLU I 68 6.86 69.89 -3.47
N ILE I 69 6.96 69.29 -2.28
CA ILE I 69 7.54 70.02 -1.15
C ILE I 69 8.97 70.43 -1.44
N ALA I 70 9.72 69.57 -2.15
CA ALA I 70 11.07 69.92 -2.56
C ALA I 70 11.05 71.13 -3.48
N LYS I 71 10.06 71.21 -4.37
CA LYS I 71 9.96 72.38 -5.23
C LYS I 71 9.70 73.64 -4.43
N ARG I 72 8.81 73.57 -3.43
CA ARG I 72 8.55 74.75 -2.62
C ARG I 72 9.80 75.16 -1.84
N LEU I 73 10.49 74.20 -1.24
CA LEU I 73 11.70 74.55 -0.50
C LEU I 73 12.76 75.13 -1.43
N ARG I 74 12.81 74.67 -2.67
CA ARG I 74 13.75 75.28 -3.60
C ARG I 74 13.36 76.72 -3.90
N GLU I 75 12.06 76.99 -3.90
CA GLU I 75 11.60 78.38 -4.07
C GLU I 75 11.78 79.20 -2.80
N ARG I 76 12.00 78.55 -1.67
CA ARG I 76 12.26 79.24 -0.42
C ARG I 76 13.73 79.61 -0.26
N GLY I 77 14.56 79.24 -1.22
CA GLY I 77 15.96 79.62 -1.20
C GLY I 77 16.87 78.50 -0.87
N TRP I 78 16.37 77.28 -0.73
CA TRP I 78 17.22 76.12 -0.47
C TRP I 78 17.96 75.72 -1.74
N ASP I 79 19.12 75.13 -1.55
CA ASP I 79 19.78 74.52 -2.71
C ASP I 79 19.00 73.26 -3.11
N ALA I 80 19.15 72.87 -4.36
CA ALA I 80 18.38 71.74 -4.86
C ALA I 80 18.64 70.49 -4.03
N ASP I 81 19.91 70.21 -3.75
CA ASP I 81 20.25 69.03 -2.96
C ASP I 81 19.74 69.15 -1.54
N LEU I 82 19.81 70.36 -0.96
CA LEU I 82 19.29 70.54 0.39
C LEU I 82 17.77 70.46 0.41
N ALA I 83 17.13 70.88 -0.68
CA ALA I 83 15.67 70.77 -0.73
C ALA I 83 15.27 69.30 -0.79
N ASP I 84 15.98 68.52 -1.61
CA ASP I 84 15.69 67.10 -1.72
C ASP I 84 15.93 66.37 -0.40
N ALA I 85 17.06 66.66 0.24
CA ALA I 85 17.36 66.01 1.51
C ALA I 85 16.36 66.40 2.59
N GLY I 86 15.96 67.67 2.61
CA GLY I 86 14.99 68.11 3.61
C GLY I 86 13.62 67.47 3.41
N ALA I 87 13.18 67.37 2.16
CA ALA I 87 11.89 66.72 1.92
C ALA I 87 11.97 65.23 2.23
N ARG I 88 13.11 64.61 1.96
CA ARG I 88 13.24 63.21 2.31
C ARG I 88 13.17 63.06 3.83
N GLN I 89 13.75 64.01 4.56
CA GLN I 89 13.63 63.95 6.01
C GLN I 89 12.21 64.17 6.50
N VAL I 90 11.47 65.07 5.84
CA VAL I 90 10.09 65.30 6.27
C VAL I 90 9.26 64.03 6.16
N VAL I 91 9.41 63.29 5.05
CA VAL I 91 8.60 62.09 4.94
C VAL I 91 9.24 60.90 5.63
N LEU I 92 10.53 60.99 5.94
CA LEU I 92 11.18 59.89 6.62
C LEU I 92 10.90 59.94 8.11
N SER I 93 10.63 61.13 8.64
CA SER I 93 10.49 61.35 10.07
C SER I 93 9.11 60.96 10.61
N VAL I 94 8.30 60.23 9.87
CA VAL I 94 6.93 59.94 10.27
C VAL I 94 6.65 58.46 10.13
N GLY I 95 5.66 58.00 10.89
CA GLY I 95 5.26 56.61 10.87
C GLY I 95 5.90 55.81 11.99
N LYS I 96 5.30 54.65 12.27
CA LYS I 96 5.80 53.76 13.30
C LYS I 96 7.24 53.33 13.02
N LYS I 97 7.46 52.69 11.89
CA LYS I 97 8.80 52.24 11.54
C LYS I 97 9.63 53.48 11.21
N SER I 98 10.86 53.29 10.73
CA SER I 98 11.74 54.43 10.49
C SER I 98 11.09 55.50 9.64
N GLY I 99 10.23 55.12 8.69
CA GLY I 99 9.57 56.14 7.89
C GLY I 99 8.58 55.54 6.92
N ILE I 100 7.89 56.43 6.22
CA ILE I 100 6.96 56.03 5.17
C ILE I 100 7.72 55.36 4.03
N LYS I 101 7.23 54.22 3.59
CA LYS I 101 7.92 53.46 2.54
C LYS I 101 7.95 54.27 1.25
N LEU I 102 9.09 54.22 0.54
CA LEU I 102 9.25 54.93 -0.72
C LEU I 102 9.49 53.96 -1.87
N GLU I 103 8.89 54.27 -3.02
CA GLU I 103 9.14 53.52 -4.24
C GLU I 103 10.57 53.76 -4.75
N LYS I 104 11.04 52.79 -5.52
CA LYS I 104 12.39 52.82 -6.08
C LYS I 104 12.53 54.12 -6.85
N GLU I 105 13.69 54.75 -6.68
CA GLU I 105 13.94 56.06 -7.23
C GLU I 105 13.91 56.10 -8.76
N LYS I 106 13.27 57.15 -9.26
CA LYS I 106 13.14 57.46 -10.68
C LYS I 106 14.19 58.48 -11.07
N ASP I 107 14.76 58.32 -12.26
CA ASP I 107 15.84 59.20 -12.68
C ASP I 107 15.41 60.66 -12.76
N SER I 108 16.27 61.53 -12.22
CA SER I 108 16.18 62.99 -12.18
C SER I 108 15.19 63.52 -11.15
N GLU I 109 14.37 62.68 -10.53
CA GLU I 109 13.39 63.14 -9.54
C GLU I 109 13.42 62.36 -8.25
N ALA I 110 12.96 63.02 -7.20
CA ALA I 110 12.86 62.45 -5.86
C ALA I 110 11.89 61.27 -5.87
N PRO I 111 12.14 60.24 -5.07
CA PRO I 111 11.28 59.05 -5.11
C PRO I 111 9.87 59.34 -4.61
N ALA I 112 8.92 58.64 -5.22
CA ALA I 112 7.51 58.72 -4.85
C ALA I 112 7.21 57.84 -3.65
N THR I 113 6.34 58.34 -2.78
CA THR I 113 5.92 57.60 -1.59
C THR I 113 5.08 56.38 -1.98
N SER I 114 5.10 55.37 -1.11
CA SER I 114 4.37 54.14 -1.38
C SER I 114 2.86 54.33 -1.40
N VAL I 115 2.33 55.16 -0.51
CA VAL I 115 0.89 55.34 -0.47
C VAL I 115 0.54 56.76 -0.88
N LEU I 116 -0.66 56.89 -1.45
CA LEU I 116 -1.17 58.17 -1.89
C LEU I 116 -1.56 59.04 -0.68
N PHE I 117 -1.24 60.32 -0.77
CA PHE I 117 -1.52 61.30 0.25
C PHE I 117 -2.69 62.17 -0.21
N TYR I 118 -3.53 62.56 0.75
CA TYR I 118 -4.71 63.36 0.45
C TYR I 118 -4.73 64.52 1.43
N LEU I 119 -4.06 65.61 1.08
CA LEU I 119 -3.96 66.72 2.01
C LEU I 119 -4.10 68.06 1.30
N PRO I 120 -4.56 69.08 2.01
CA PRO I 120 -4.68 70.42 1.42
C PRO I 120 -3.35 71.02 0.98
N VAL I 121 -3.43 71.92 -0.01
CA VAL I 121 -2.24 72.60 -0.51
C VAL I 121 -1.56 73.40 0.59
N PRO I 122 -2.27 74.20 1.41
CA PRO I 122 -1.58 74.94 2.47
C PRO I 122 -0.92 74.01 3.46
N ALA I 123 -1.40 72.77 3.58
CA ALA I 123 -0.73 71.82 4.45
C ALA I 123 0.65 71.51 3.90
N ILE I 124 0.76 71.45 2.58
CA ILE I 124 2.07 71.30 1.98
C ILE I 124 2.94 72.48 2.36
N ASP I 125 2.37 73.68 2.30
CA ASP I 125 3.17 74.85 2.68
C ASP I 125 3.65 74.77 4.14
N GLU I 126 2.80 74.29 5.05
CA GLU I 126 3.26 74.18 6.43
C GLU I 126 4.36 73.11 6.55
N LEU I 127 4.24 72.01 5.80
CA LEU I 127 5.32 71.03 5.82
C LEU I 127 6.62 71.64 5.34
N ALA I 128 6.56 72.48 4.31
CA ALA I 128 7.76 73.16 3.86
C ALA I 128 8.33 74.04 4.98
N ALA I 129 7.47 74.75 5.71
CA ALA I 129 7.98 75.59 6.79
C ALA I 129 8.63 74.77 7.90
N ILE I 130 8.01 73.65 8.27
CA ILE I 130 8.60 72.80 9.30
C ILE I 130 9.94 72.25 8.84
N ALA I 131 10.05 71.87 7.57
CA ALA I 131 11.35 71.42 7.08
C ALA I 131 12.34 72.58 7.00
N ASP I 132 11.83 73.81 6.96
CA ASP I 132 12.68 74.99 6.81
C ASP I 132 13.32 75.40 8.12
N GLU I 133 12.57 75.35 9.22
CA GLU I 133 13.06 75.83 10.51
C GLU I 133 14.21 75.00 11.07
N HIS I 134 14.42 73.78 10.57
CA HIS I 134 15.52 72.90 10.97
C HIS I 134 16.66 72.85 9.96
N ARG I 135 17.09 74.00 9.45
CA ARG I 135 18.08 74.02 8.37
C ARG I 135 19.42 73.43 8.79
N ASP I 136 19.90 73.73 9.99
CA ASP I 136 21.20 73.18 10.39
C ASP I 136 21.14 71.66 10.59
N ALA I 137 20.06 71.16 11.20
CA ALA I 137 19.93 69.72 11.33
C ALA I 137 19.95 69.05 9.97
N VAL I 138 19.27 69.63 8.99
CA VAL I 138 19.28 69.10 7.64
C VAL I 138 20.67 69.20 7.00
N ALA I 139 21.36 70.32 7.19
CA ALA I 139 22.69 70.45 6.60
C ALA I 139 23.65 69.42 7.14
N LYS I 140 23.58 69.16 8.44
CA LYS I 140 24.47 68.17 9.03
C LYS I 140 24.03 66.75 8.65
N GLU I 141 22.72 66.54 8.57
CA GLU I 141 22.11 65.24 8.35
C GLU I 141 22.16 64.78 6.90
N ALA I 142 22.37 65.67 5.93
CA ALA I 142 22.45 65.24 4.54
C ALA I 142 23.71 64.43 4.22
N ALA I 143 24.78 64.59 5.00
CA ALA I 143 26.03 63.88 4.71
C ALA I 143 26.03 62.38 5.07
N LYS I 144 25.25 61.96 6.07
CA LYS I 144 25.31 60.54 6.41
C LYS I 144 24.72 59.66 5.32
N LYS I 145 25.19 58.41 5.28
CA LYS I 145 24.79 57.48 4.23
C LYS I 145 23.35 57.01 4.35
N THR I 146 22.87 56.74 5.57
CA THR I 146 21.49 56.29 5.77
C THR I 146 20.81 57.26 6.73
N PRO I 147 20.39 58.40 6.25
CA PRO I 147 19.83 59.43 7.14
C PRO I 147 18.50 59.04 7.78
N LYS I 148 18.35 59.39 9.05
CA LYS I 148 17.12 59.19 9.81
C LYS I 148 16.34 60.49 9.99
N GLY I 149 15.06 60.34 10.31
CA GLY I 149 14.17 61.48 10.53
C GLY I 149 14.46 62.28 11.77
N ILE I 150 14.45 63.62 11.65
CA ILE I 150 14.80 64.52 12.73
C ILE I 150 13.61 65.37 13.14
N LEU I 151 12.80 65.80 12.17
CA LEU I 151 11.66 66.65 12.44
C LEU I 151 10.75 65.99 13.46
N PRO I 152 10.07 66.76 14.31
CA PRO I 152 9.18 66.11 15.27
C PRO I 152 8.07 65.39 14.53
N ALA I 153 7.80 64.16 14.95
CA ALA I 153 6.79 63.38 14.25
C ALA I 153 5.39 63.83 14.63
N ASP I 154 5.20 64.19 15.90
CA ASP I 154 3.86 64.55 16.36
C ASP I 154 3.33 65.79 15.65
N ARG I 155 4.15 66.84 15.53
CA ARG I 155 3.71 68.04 14.83
C ARG I 155 3.41 67.75 13.37
N ILE I 156 4.26 66.96 12.70
CA ILE I 156 4.00 66.66 11.29
C ILE I 156 2.69 65.92 11.18
N THR I 157 2.46 64.95 12.06
CA THR I 157 1.18 64.26 12.00
C THR I 157 0.05 65.24 12.24
N GLU I 158 0.30 66.28 13.06
CA GLU I 158 -0.73 67.28 13.26
C GLU I 158 -0.97 68.11 12.01
N VAL I 159 0.05 68.36 11.19
CA VAL I 159 -0.23 69.08 9.95
C VAL I 159 -0.98 68.18 8.99
N LEU I 160 -0.62 66.89 8.97
CA LEU I 160 -1.30 65.92 8.10
C LEU I 160 -2.71 65.66 8.56
N LYS I 161 -3.08 66.10 9.75
CA LYS I 161 -4.44 65.90 10.22
C LYS I 161 -5.38 66.97 9.71
N SER I 162 -4.85 68.03 9.12
CA SER I 162 -5.68 69.12 8.61
C SER I 162 -6.65 68.60 7.56
N ARG I 163 -7.90 69.05 7.64
CA ARG I 163 -8.96 68.57 6.77
C ARG I 163 -9.38 69.67 5.80
N ASN I 164 -9.50 69.31 4.54
CA ASN I 164 -10.14 70.16 3.55
C ASN I 164 -11.65 69.88 3.58
N VAL I 165 -12.40 70.75 2.92
CA VAL I 165 -13.82 70.48 2.72
C VAL I 165 -13.99 69.15 1.98
N SER I 166 -13.14 68.91 0.99
CA SER I 166 -13.22 67.65 0.26
C SER I 166 -12.91 66.47 1.16
N VAL I 167 -12.00 66.64 2.11
CA VAL I 167 -11.72 65.55 3.03
C VAL I 167 -12.87 65.35 3.98
N ASN I 168 -13.47 66.45 4.46
CA ASN I 168 -14.62 66.34 5.34
C ASN I 168 -15.77 65.64 4.65
N LEU I 169 -15.91 65.87 3.36
CA LEU I 169 -17.05 65.36 2.63
C LEU I 169 -16.85 63.92 2.17
N PHE I 170 -15.70 63.60 1.60
CA PHE I 170 -15.49 62.27 1.05
C PHE I 170 -14.61 61.36 1.90
N GLY I 171 -13.89 61.89 2.88
CA GLY I 171 -13.07 61.06 3.73
C GLY I 171 -11.78 60.68 3.05
N ARG I 172 -10.84 60.14 3.83
CA ARG I 172 -9.55 59.73 3.31
C ARG I 172 -9.08 58.47 4.01
N MET I 173 -8.09 57.80 3.44
CA MET I 173 -7.48 56.67 4.13
C MET I 173 -5.99 56.63 3.89
N LEU I 174 -5.23 56.49 4.97
CA LEU I 174 -3.79 56.29 4.93
C LEU I 174 -3.51 55.33 6.07
N ALA I 175 -3.12 54.12 5.73
CA ALA I 175 -3.02 53.05 6.73
C ALA I 175 -1.95 53.31 7.78
N GLU I 176 -0.83 53.92 7.40
CA GLU I 176 0.25 54.15 8.35
C GLU I 176 -0.02 55.20 9.44
N LEU I 177 -0.92 56.17 9.23
CA LEU I 177 -1.18 57.19 10.26
C LEU I 177 -2.67 57.22 10.58
N PRO I 178 -3.12 56.30 11.41
CA PRO I 178 -4.55 56.23 11.77
C PRO I 178 -5.06 57.43 12.55
N SER I 179 -4.20 58.30 13.05
CA SER I 179 -4.72 59.47 13.75
C SER I 179 -5.39 60.46 12.80
N THR I 180 -5.00 60.46 11.53
CA THR I 180 -5.48 61.39 10.53
C THR I 180 -6.73 60.91 9.80
N GLU I 181 -7.09 59.64 9.92
CA GLU I 181 -8.21 59.10 9.17
C GLU I 181 -9.54 59.79 9.46
N VAL I 182 -10.27 60.13 8.41
CA VAL I 182 -11.56 60.78 8.54
C VAL I 182 -12.60 59.93 7.82
N ASP I 183 -13.66 59.60 8.53
CA ASP I 183 -14.76 58.87 7.96
C ASP I 183 -15.53 59.77 7.01
N GLY I 184 -15.80 59.31 5.79
CA GLY I 184 -16.56 60.12 4.85
C GLY I 184 -18.01 60.31 5.27
N ALA I 185 -18.57 61.47 4.92
CA ALA I 185 -19.95 61.79 5.25
C ALA I 185 -20.90 61.67 4.06
N VAL I 186 -20.43 61.25 2.91
CA VAL I 186 -21.25 61.22 1.70
C VAL I 186 -21.17 59.85 1.07
N GLN I 187 -22.33 59.28 0.76
CA GLN I 187 -22.43 58.05 0.01
C GLN I 187 -22.84 58.33 -1.43
N PHE I 188 -22.07 57.83 -2.36
CA PHE I 188 -22.27 58.07 -3.77
C PHE I 188 -22.56 56.80 -4.54
N ALA I 189 -23.81 56.67 -5.00
CA ALA I 189 -24.19 55.48 -5.73
C ALA I 189 -23.70 55.48 -7.16
N HIS I 190 -23.50 54.27 -7.70
CA HIS I 190 -23.16 54.03 -9.09
C HIS I 190 -24.35 54.27 -10.00
N ALA I 191 -24.27 55.32 -10.80
CA ALA I 191 -25.27 55.71 -11.78
C ALA I 191 -25.38 54.70 -12.91
N PHE I 192 -26.49 53.98 -12.98
CA PHE I 192 -26.78 53.01 -14.03
C PHE I 192 -27.92 53.52 -14.90
N THR I 193 -28.08 52.92 -16.09
CA THR I 193 -29.15 53.36 -16.98
C THR I 193 -30.49 52.85 -16.46
N VAL I 194 -31.52 53.67 -16.63
CA VAL I 194 -32.86 53.20 -16.28
C VAL I 194 -33.28 52.06 -17.17
N HIS I 195 -32.94 52.12 -18.45
CA HIS I 195 -33.36 51.10 -19.39
C HIS I 195 -32.19 50.25 -19.82
N GLY I 196 -32.51 49.04 -20.30
CA GLY I 196 -31.48 48.16 -20.81
C GLY I 196 -30.90 48.71 -22.10
N THR I 197 -29.58 48.69 -22.19
CA THR I 197 -28.89 49.25 -23.34
C THR I 197 -27.92 48.23 -23.91
N THR I 198 -28.09 47.90 -25.18
CA THR I 198 -27.14 47.06 -25.87
C THR I 198 -26.02 47.93 -26.43
N SER I 227 -22.18 55.25 -25.95
CA SER I 227 -23.56 55.00 -25.56
C SER I 227 -24.20 56.24 -24.91
N ALA I 228 -25.53 56.22 -24.87
CA ALA I 228 -26.35 57.29 -24.33
C ALA I 228 -27.49 56.66 -23.55
N GLY I 229 -28.09 57.44 -22.66
CA GLY I 229 -29.21 56.90 -21.94
C GLY I 229 -29.51 57.72 -20.71
N THR I 230 -30.61 57.37 -20.07
CA THR I 230 -31.07 58.08 -18.88
C THR I 230 -30.54 57.42 -17.62
N PHE I 231 -29.48 57.96 -17.06
CA PHE I 231 -28.89 57.38 -15.87
C PHE I 231 -29.73 57.76 -14.66
N TYR I 232 -29.91 56.82 -13.74
CA TYR I 232 -30.44 57.16 -12.43
C TYR I 232 -29.29 57.35 -11.47
N ARG I 233 -29.34 58.43 -10.70
CA ARG I 233 -28.26 58.82 -9.81
C ARG I 233 -28.78 59.08 -8.41
N TYR I 234 -28.02 58.66 -7.40
CA TYR I 234 -28.42 58.77 -6.01
C TYR I 234 -27.22 59.05 -5.13
N ALA I 235 -27.46 59.81 -4.06
CA ALA I 235 -26.37 60.11 -3.13
C ALA I 235 -26.93 60.50 -1.78
N ASN I 236 -26.18 60.16 -0.73
CA ASN I 236 -26.53 60.47 0.64
C ASN I 236 -25.50 61.44 1.20
N VAL I 237 -25.95 62.23 2.16
CA VAL I 237 -25.12 63.08 2.98
C VAL I 237 -25.53 62.92 4.42
N ASN I 238 -24.69 62.29 5.22
CA ASN I 238 -24.98 62.13 6.63
C ASN I 238 -24.61 63.46 7.27
N LEU I 239 -25.59 64.33 7.44
CA LEU I 239 -25.27 65.67 7.92
C LEU I 239 -24.64 65.63 9.30
N ASP I 240 -25.12 64.76 10.20
CA ASP I 240 -24.54 64.74 11.54
C ASP I 240 -23.06 64.35 11.53
N ARG I 241 -22.69 63.39 10.70
CA ARG I 241 -21.27 63.02 10.67
C ARG I 241 -20.47 64.15 10.05
N LEU I 242 -21.04 64.85 9.09
CA LEU I 242 -20.34 65.95 8.47
C LEU I 242 -20.16 67.10 9.46
N VAL I 243 -21.17 67.34 10.30
CA VAL I 243 -21.04 68.35 11.33
C VAL I 243 -19.98 67.95 12.34
N GLU I 244 -19.86 66.67 12.66
CA GLU I 244 -18.78 66.29 13.57
C GLU I 244 -17.43 66.47 12.90
N ASN I 245 -17.33 66.21 11.59
CA ASN I 245 -16.03 66.36 10.93
C ASN I 245 -15.62 67.82 10.81
N THR I 246 -16.46 68.66 10.20
CA THR I 246 -16.09 70.07 10.09
C THR I 246 -16.15 70.75 11.44
N GLY I 247 -17.00 70.27 12.33
CA GLY I 247 -17.16 70.85 13.65
C GLY I 247 -18.27 71.88 13.75
N ASP I 248 -18.20 72.94 12.95
CA ASP I 248 -19.22 73.96 13.00
C ASP I 248 -20.38 73.63 12.07
N ALA I 249 -21.59 74.07 12.46
CA ALA I 249 -22.75 73.80 11.59
C ALA I 249 -22.91 74.71 10.38
N GLN I 250 -22.47 75.97 10.41
CA GLN I 250 -22.69 76.79 9.22
C GLN I 250 -21.76 76.33 8.09
N THR I 251 -20.51 76.04 8.41
CA THR I 251 -19.61 75.55 7.39
C THR I 251 -20.09 74.22 6.86
N ALA I 252 -20.71 73.40 7.71
CA ALA I 252 -21.30 72.17 7.20
C ALA I 252 -22.41 72.49 6.22
N ARG I 253 -23.20 73.53 6.51
CA ARG I 253 -24.28 73.92 5.61
C ARG I 253 -23.72 74.35 4.26
N THR I 254 -22.72 75.23 4.26
CA THR I 254 -22.13 75.64 3.00
C THR I 254 -21.55 74.44 2.25
N ALA I 255 -20.89 73.54 2.98
CA ALA I 255 -20.34 72.34 2.35
C ALA I 255 -21.42 71.52 1.68
N VAL I 256 -22.56 71.35 2.36
CA VAL I 256 -23.63 70.54 1.79
C VAL I 256 -24.24 71.21 0.58
N ALA I 257 -24.59 72.49 0.70
CA ALA I 257 -25.18 73.21 -0.42
C ALA I 257 -24.27 73.18 -1.64
N GLU I 258 -23.00 73.53 -1.45
CA GLU I 258 -22.08 73.50 -2.58
C GLU I 258 -21.94 72.10 -3.14
N PHE I 259 -21.94 71.07 -2.28
CA PHE I 259 -21.87 69.70 -2.78
C PHE I 259 -23.06 69.34 -3.64
N LEU I 260 -24.27 69.66 -3.19
CA LEU I 260 -25.46 69.32 -3.95
C LEU I 260 -25.44 70.03 -5.28
N ARG I 261 -25.11 71.33 -5.24
CA ARG I 261 -25.03 72.10 -6.47
C ARG I 261 -24.00 71.51 -7.42
N ALA I 262 -22.85 71.08 -6.90
CA ALA I 262 -21.86 70.46 -7.78
C ALA I 262 -22.41 69.17 -8.37
N PHE I 263 -23.12 68.39 -7.57
CA PHE I 263 -23.67 67.14 -8.06
C PHE I 263 -24.64 67.34 -9.22
N LEU I 264 -25.44 68.40 -9.16
CA LEU I 264 -26.39 68.63 -10.23
C LEU I 264 -25.77 69.31 -11.45
N SER I 265 -24.92 70.30 -11.21
CA SER I 265 -24.44 71.14 -12.29
C SER I 265 -23.40 70.44 -13.14
N THR I 266 -22.51 69.70 -12.53
CA THR I 266 -21.33 69.14 -13.17
C THR I 266 -21.66 67.88 -13.95
N VAL I 267 -20.82 67.57 -14.92
CA VAL I 267 -20.86 66.37 -15.77
C VAL I 267 -19.42 65.87 -15.87
N PRO I 268 -19.14 64.56 -15.68
CA PRO I 268 -17.76 64.09 -15.63
C PRO I 268 -16.83 64.49 -16.76
N SER I 269 -17.39 64.89 -17.91
CA SER I 269 -16.60 65.26 -19.09
C SER I 269 -15.70 64.09 -19.52
N THR I 279 -25.14 68.76 -19.52
CA THR I 279 -26.57 68.53 -19.53
C THR I 279 -27.13 68.74 -18.12
N LEU I 280 -28.32 69.31 -18.03
CA LEU I 280 -28.92 69.35 -16.70
C LEU I 280 -29.78 68.12 -16.45
N PRO I 281 -29.80 67.62 -15.22
CA PRO I 281 -30.62 66.45 -14.90
C PRO I 281 -32.08 66.76 -15.19
N ASP I 282 -32.78 65.80 -15.78
CA ASP I 282 -34.17 66.06 -16.08
C ASP I 282 -35.02 66.12 -14.82
N LEU I 283 -34.69 65.34 -13.80
CA LEU I 283 -35.48 65.46 -12.57
C LEU I 283 -34.58 65.33 -11.36
N VAL I 284 -34.86 66.12 -10.33
CA VAL I 284 -34.13 66.02 -9.08
C VAL I 284 -35.10 65.93 -7.91
N HIS I 285 -34.85 65.02 -6.98
CA HIS I 285 -35.69 64.83 -5.80
C HIS I 285 -34.85 64.69 -4.55
N ILE I 286 -34.73 65.76 -3.79
CA ILE I 286 -34.03 65.74 -2.52
C ILE I 286 -35.05 65.47 -1.41
N ALA I 287 -34.65 64.63 -0.47
CA ALA I 287 -35.42 64.32 0.72
C ALA I 287 -34.51 64.42 1.92
N VAL I 288 -35.05 64.90 3.02
CA VAL I 288 -34.35 64.96 4.29
C VAL I 288 -34.96 63.92 5.21
N ARG I 289 -34.32 62.75 5.24
CA ARG I 289 -34.74 61.61 6.02
C ARG I 289 -34.12 61.68 7.40
N PHE I 290 -34.92 61.48 8.44
CA PHE I 290 -34.33 61.52 9.76
C PHE I 290 -33.95 60.12 10.23
N ASP I 291 -34.78 59.13 9.93
CA ASP I 291 -34.51 57.76 10.33
C ASP I 291 -33.42 57.09 9.48
N ARG I 292 -33.54 57.14 8.16
CA ARG I 292 -32.63 56.42 7.29
C ARG I 292 -32.65 56.81 5.82
N PRO I 293 -31.52 56.75 5.14
CA PRO I 293 -31.51 56.99 3.70
C PRO I 293 -32.13 55.81 2.98
N ILE I 294 -32.89 56.09 1.92
CA ILE I 294 -33.56 55.06 1.14
C ILE I 294 -33.32 55.31 -0.34
N SER I 295 -32.58 54.42 -0.98
CA SER I 295 -32.37 54.58 -2.42
C SER I 295 -33.58 54.04 -3.18
N PHE I 296 -33.85 54.64 -4.34
CA PHE I 296 -34.95 54.20 -5.18
C PHE I 296 -34.50 53.32 -6.33
N ALA I 297 -33.37 52.64 -6.20
CA ALA I 297 -32.93 51.76 -7.27
C ALA I 297 -33.88 50.61 -7.55
N PRO I 298 -34.55 50.00 -6.56
CA PRO I 298 -35.53 48.95 -6.89
C PRO I 298 -36.64 49.44 -7.79
N ALA I 299 -36.89 50.74 -7.82
CA ALA I 299 -37.93 51.26 -8.69
C ALA I 299 -37.66 50.88 -10.13
N PHE I 300 -36.38 50.76 -10.48
CA PHE I 300 -35.97 50.47 -11.84
C PHE I 300 -35.43 49.05 -11.98
N GLU I 301 -35.85 48.14 -11.08
CA GLU I 301 -35.43 46.76 -11.19
C GLU I 301 -36.09 46.11 -12.39
N THR I 302 -37.32 46.51 -12.71
CA THR I 302 -37.95 46.11 -13.95
C THR I 302 -37.40 46.98 -15.07
N ALA I 303 -36.58 46.42 -15.95
CA ALA I 303 -35.99 47.22 -17.01
C ALA I 303 -37.08 47.79 -17.90
N LEU I 304 -36.88 49.01 -18.39
CA LEU I 304 -37.86 49.60 -19.29
C LEU I 304 -37.78 49.00 -20.70
N TYR I 305 -38.94 48.82 -21.32
CA TYR I 305 -39.00 48.20 -22.64
C TYR I 305 -38.37 49.07 -23.73
N GLY I 306 -38.83 50.31 -23.86
CA GLY I 306 -38.26 51.22 -24.85
C GLY I 306 -39.29 51.66 -25.87
N SER I 307 -38.79 51.97 -27.07
CA SER I 307 -39.55 52.47 -28.21
C SER I 307 -40.11 53.88 -28.00
N ASP I 308 -40.30 54.28 -26.75
CA ASP I 308 -40.79 55.62 -26.45
C ASP I 308 -39.83 56.30 -25.48
N GLY I 309 -39.91 57.63 -25.44
CA GLY I 309 -39.07 58.45 -24.60
C GLY I 309 -39.10 58.00 -23.16
N TYR I 310 -37.93 57.67 -22.62
CA TYR I 310 -37.82 57.11 -21.28
C TYR I 310 -38.05 58.14 -20.19
N THR I 311 -37.91 59.42 -20.51
CA THR I 311 -38.00 60.46 -19.49
C THR I 311 -39.36 60.42 -18.81
N LEU I 312 -40.44 60.42 -19.60
CA LEU I 312 -41.79 60.44 -19.03
C LEU I 312 -42.07 59.20 -18.19
N ARG I 313 -41.70 58.03 -18.69
CA ARG I 313 -41.96 56.80 -17.97
C ARG I 313 -41.11 56.69 -16.73
N ALA I 314 -39.90 57.21 -16.78
CA ALA I 314 -39.01 57.18 -15.64
C ALA I 314 -39.51 58.10 -14.54
N CYS I 315 -39.94 59.30 -14.90
CA CYS I 315 -40.45 60.19 -13.88
C CYS I 315 -41.69 59.59 -13.23
N GLN I 316 -42.57 59.01 -14.04
CA GLN I 316 -43.77 58.41 -13.46
C GLN I 316 -43.44 57.22 -12.58
N GLU I 317 -42.42 56.44 -12.93
CA GLU I 317 -42.07 55.29 -12.11
C GLU I 317 -41.43 55.69 -10.80
N LEU I 318 -40.53 56.66 -10.83
CA LEU I 318 -39.96 57.14 -9.58
C LEU I 318 -41.04 57.76 -8.70
N ASN I 319 -42.01 58.45 -9.31
CA ASN I 319 -43.12 58.98 -8.53
C ASN I 319 -43.91 57.87 -7.85
N ASN I 320 -44.35 56.89 -8.64
CA ASN I 320 -45.12 55.78 -8.11
C ASN I 320 -44.37 55.02 -7.03
N TYR I 321 -43.08 54.78 -7.24
CA TYR I 321 -42.33 54.05 -6.25
C TYR I 321 -42.14 54.88 -4.99
N ALA I 322 -41.93 56.19 -5.14
CA ALA I 322 -41.81 57.04 -3.96
C ALA I 322 -43.09 57.06 -3.14
N GLU I 323 -44.24 57.12 -3.79
CA GLU I 323 -45.49 57.08 -3.05
C GLU I 323 -45.60 55.76 -2.30
N ARG I 324 -45.37 54.64 -2.99
CA ARG I 324 -45.52 53.36 -2.32
C ARG I 324 -44.54 53.20 -1.16
N LEU I 325 -43.32 53.72 -1.28
CA LEU I 325 -42.41 53.61 -0.13
C LEU I 325 -42.81 54.52 1.02
N ARG I 326 -43.32 55.71 0.72
CA ARG I 326 -43.81 56.55 1.81
C ARG I 326 -44.99 55.90 2.50
N GLU I 327 -45.76 55.12 1.75
CA GLU I 327 -46.89 54.40 2.32
C GLU I 327 -46.41 53.26 3.21
N VAL I 328 -45.47 52.47 2.72
CA VAL I 328 -45.00 51.30 3.46
C VAL I 328 -44.19 51.71 4.68
N TRP I 329 -43.41 52.78 4.57
CA TRP I 329 -42.58 53.28 5.68
C TRP I 329 -42.95 54.69 6.07
N PRO I 330 -43.92 54.87 6.96
CA PRO I 330 -44.38 56.21 7.31
C PRO I 330 -43.25 57.00 7.95
N ASP I 331 -43.08 58.25 7.53
CA ASP I 331 -42.03 59.09 8.06
C ASP I 331 -42.31 60.56 7.84
N ASP I 332 -41.64 61.38 8.64
CA ASP I 332 -41.78 62.83 8.57
C ASP I 332 -40.67 63.48 7.75
N ALA I 333 -40.02 62.73 6.88
CA ALA I 333 -38.92 63.26 6.09
C ALA I 333 -39.41 64.36 5.15
N ILE I 334 -38.71 65.49 5.17
CA ILE I 334 -39.04 66.62 4.30
C ILE I 334 -38.57 66.38 2.87
N ARG I 335 -39.52 66.20 1.94
CA ARG I 335 -39.21 65.93 0.55
C ARG I 335 -39.32 67.20 -0.30
N GLY I 336 -38.94 67.06 -1.57
CA GLY I 336 -38.98 68.15 -2.51
C GLY I 336 -38.31 67.79 -3.82
N TYR I 337 -38.81 68.32 -4.93
CA TYR I 337 -38.29 68.01 -6.25
C TYR I 337 -38.33 69.21 -7.18
N ALA I 338 -37.58 69.11 -8.28
CA ALA I 338 -37.56 70.09 -9.34
C ALA I 338 -37.36 69.44 -10.69
N THR I 339 -38.22 69.78 -11.65
CA THR I 339 -38.23 69.17 -12.97
C THR I 339 -38.44 70.29 -14.00
N VAL I 340 -37.94 70.07 -15.21
CA VAL I 340 -38.22 71.01 -16.29
C VAL I 340 -39.60 70.79 -16.92
N GLU I 341 -40.02 69.54 -17.12
CA GLU I 341 -41.31 69.27 -17.73
C GLU I 341 -42.44 69.65 -16.79
N ASN I 342 -43.52 70.17 -17.35
CA ASN I 342 -44.68 70.52 -16.55
C ASN I 342 -45.85 69.60 -16.86
N LYS I 343 -45.67 68.57 -17.69
CA LYS I 343 -46.79 67.70 -18.03
C LYS I 343 -47.33 66.92 -16.83
N THR I 344 -46.57 66.76 -15.75
CA THR I 344 -47.10 66.01 -14.61
C THR I 344 -46.78 66.75 -13.33
N ASP I 345 -47.59 66.49 -12.31
CA ASP I 345 -47.39 67.05 -11.01
C ASP I 345 -47.17 65.86 -10.07
N LEU I 346 -46.01 65.22 -10.19
CA LEU I 346 -45.65 64.05 -9.35
C LEU I 346 -46.01 64.42 -7.92
N ALA I 347 -47.17 63.95 -7.49
CA ALA I 347 -47.67 64.35 -6.18
C ALA I 347 -46.86 63.76 -5.03
N ALA I 348 -46.33 62.55 -5.18
CA ALA I 348 -45.66 61.92 -4.05
C ALA I 348 -44.33 62.56 -3.69
N LEU I 349 -43.70 63.26 -4.63
CA LEU I 349 -42.38 63.80 -4.37
C LEU I 349 -42.43 65.08 -3.57
N GLY I 350 -43.54 65.32 -2.90
CA GLY I 350 -43.68 66.46 -2.04
C GLY I 350 -43.98 67.75 -2.78
N GLU I 351 -43.69 68.86 -2.11
CA GLU I 351 -43.92 70.18 -2.66
C GLU I 351 -42.93 70.43 -3.80
N ARG I 352 -43.42 70.90 -4.94
CA ARG I 352 -42.59 71.16 -6.10
C ARG I 352 -41.93 72.54 -6.05
N TYR I 353 -40.66 72.59 -6.41
CA TYR I 353 -39.96 73.86 -6.53
C TYR I 353 -39.58 74.07 -7.98
N ASP I 354 -39.67 75.33 -8.42
CA ASP I 354 -39.53 75.67 -9.84
C ASP I 354 -38.10 75.51 -10.36
N SER I 355 -37.10 75.63 -9.51
CA SER I 355 -35.72 75.65 -9.98
C SER I 355 -34.82 74.90 -9.01
N TYR I 356 -33.70 74.44 -9.54
CA TYR I 356 -32.69 73.72 -8.78
C TYR I 356 -32.19 74.50 -7.56
N PRO I 357 -31.75 75.74 -7.76
CA PRO I 357 -31.23 76.48 -6.59
C PRO I 357 -32.29 76.78 -5.54
N ALA I 358 -33.52 77.04 -5.94
CA ALA I 358 -34.57 77.25 -4.95
C ALA I 358 -34.81 76.00 -4.13
N LEU I 359 -34.85 74.85 -4.79
CA LEU I 359 -35.06 73.59 -4.09
C LEU I 359 -33.92 73.28 -3.11
N ILE I 360 -32.69 73.38 -3.60
CA ILE I 360 -31.54 73.08 -2.74
C ILE I 360 -31.51 74.03 -1.56
N ASP I 361 -31.69 75.32 -1.82
CA ASP I 361 -31.66 76.30 -0.76
C ASP I 361 -32.78 76.10 0.26
N ALA I 362 -33.99 75.78 -0.19
CA ALA I 362 -35.08 75.62 0.77
C ALA I 362 -34.89 74.41 1.67
N MET I 363 -34.55 73.25 1.10
CA MET I 363 -34.43 72.10 1.99
C MET I 363 -33.12 72.09 2.77
N VAL I 364 -32.03 72.59 2.20
CA VAL I 364 -30.80 72.66 2.97
C VAL I 364 -30.96 73.66 4.09
N ALA I 365 -31.66 74.76 3.83
CA ALA I 365 -31.96 75.70 4.90
C ALA I 365 -32.92 75.08 5.91
N ALA I 366 -33.69 74.08 5.48
CA ALA I 366 -34.61 73.41 6.39
C ALA I 366 -33.91 72.43 7.31
N ALA I 367 -32.66 72.09 7.03
CA ALA I 367 -31.90 71.18 7.86
C ALA I 367 -30.94 71.97 8.75
N TYR J 5 21.10 8.39 8.78
CA TYR J 5 20.40 9.40 8.00
C TYR J 5 18.97 9.48 8.55
N ILE J 6 17.99 9.13 7.71
CA ILE J 6 16.55 9.17 8.01
C ILE J 6 16.25 9.31 9.51
N LEU J 7 16.99 8.58 10.34
CA LEU J 7 16.74 8.59 11.77
C LEU J 7 16.92 9.97 12.38
N GLN J 8 17.73 10.81 11.74
CA GLN J 8 17.96 12.15 12.25
C GLN J 8 16.69 12.99 12.13
N HIS J 9 16.10 13.02 10.93
CA HIS J 9 14.85 13.73 10.77
C HIS J 9 13.76 13.08 11.60
N ALA J 10 13.82 11.76 11.76
CA ALA J 10 12.82 11.07 12.57
C ALA J 10 12.88 11.56 14.01
N ASP J 11 14.08 11.79 14.52
CA ASP J 11 14.19 12.28 15.89
C ASP J 11 13.67 13.70 16.00
N ALA J 12 13.83 14.48 14.94
CA ALA J 12 13.25 15.82 14.96
C ALA J 12 11.73 15.74 15.05
N LEU J 13 11.15 14.80 14.31
CA LEU J 13 9.71 14.62 14.39
C LEU J 13 9.28 14.13 15.76
N VAL J 14 10.01 13.18 16.35
CA VAL J 14 9.61 12.70 17.67
C VAL J 14 9.67 13.81 18.73
N LYS J 15 10.78 14.55 18.85
CA LYS J 15 10.71 15.63 19.85
C LYS J 15 9.66 16.68 19.50
N ARG J 16 9.75 17.26 18.32
CA ARG J 16 8.79 18.25 17.87
C ARG J 16 7.38 17.80 18.21
N VAL J 17 6.86 16.88 17.40
CA VAL J 17 5.51 16.34 17.59
C VAL J 17 5.21 16.07 19.06
N SER J 18 5.83 15.02 19.60
CA SER J 18 5.64 14.63 20.99
C SER J 18 5.65 15.84 21.90
N LYS J 19 6.27 16.92 21.42
CA LYS J 19 6.35 18.16 22.17
C LYS J 19 5.25 19.10 21.72
N LEU J 20 4.84 18.97 20.46
CA LEU J 20 3.80 19.81 19.90
C LEU J 20 2.42 19.23 20.17
N ILE J 21 2.40 18.00 20.69
CA ILE J 21 1.14 17.32 21.01
C ILE J 21 0.66 17.68 22.41
N VAL J 22 1.31 17.13 23.42
CA VAL J 22 0.95 17.38 24.81
C VAL J 22 0.91 18.88 25.10
N ASN J 23 1.46 19.66 24.18
CA ASN J 23 1.49 21.12 24.34
C ASN J 23 0.53 21.81 23.37
N GLU J 24 -0.37 21.04 22.77
CA GLU J 24 -1.33 21.59 21.83
C GLU J 24 -2.55 20.68 21.70
N PRO J 25 -3.79 21.31 21.78
CA PRO J 25 -4.94 20.41 21.66
C PRO J 25 -5.51 20.42 20.24
N ALA J 26 -5.50 21.57 19.60
CA ALA J 26 -6.03 21.70 18.23
C ALA J 26 -5.15 20.99 17.20
N ALA J 27 -3.83 21.07 17.35
CA ALA J 27 -2.93 20.38 16.43
C ALA J 27 -3.01 18.87 16.62
N ARG J 28 -3.14 18.44 17.87
CA ARG J 28 -3.24 17.03 18.22
C ARG J 28 -4.49 16.41 17.59
N ALA J 29 -5.60 17.12 17.69
CA ALA J 29 -6.83 16.68 17.04
C ALA J 29 -6.78 16.80 15.53
N ALA J 30 -6.05 17.77 14.98
CA ALA J 30 -5.95 17.88 13.53
C ALA J 30 -5.00 16.86 12.89
N LEU J 31 -4.04 16.33 13.63
CA LEU J 31 -3.17 15.32 13.03
C LEU J 31 -3.68 13.92 13.28
N ARG J 32 -4.42 13.71 14.37
CA ARG J 32 -4.87 12.37 14.70
C ARG J 32 -5.98 11.87 13.78
N ARG J 33 -6.65 12.77 13.05
CA ARG J 33 -7.74 12.37 12.16
C ARG J 33 -7.23 11.67 10.91
N GLY J 34 -5.93 11.46 10.78
CA GLY J 34 -5.40 10.84 9.58
C GLY J 34 -4.59 9.57 9.79
N VAL J 35 -4.97 8.79 10.79
CA VAL J 35 -4.27 7.56 11.09
C VAL J 35 -4.69 6.50 10.09
N GLY J 36 -3.74 5.78 9.51
CA GLY J 36 -4.15 4.72 8.60
C GLY J 36 -4.73 5.21 7.29
N LEU J 37 -4.30 6.39 6.83
CA LEU J 37 -4.76 6.99 5.58
C LEU J 37 -3.59 7.53 4.77
N ALA J 38 -3.71 7.45 3.44
CA ALA J 38 -2.66 7.91 2.53
C ALA J 38 -2.41 9.41 2.69
N PRO J 39 -1.16 9.87 2.54
CA PRO J 39 -0.88 11.32 2.63
C PRO J 39 -1.54 12.07 1.52
N GLU J 40 -1.94 11.34 0.49
CA GLU J 40 -2.63 11.90 -0.65
C GLU J 40 -4.04 12.32 -0.28
N ASP J 41 -4.66 11.58 0.64
CA ASP J 41 -6.03 11.83 1.06
C ASP J 41 -6.23 13.23 1.63
N PRO J 42 -7.27 13.94 1.18
CA PRO J 42 -7.58 15.27 1.69
C PRO J 42 -7.77 15.33 3.20
N ARG J 43 -8.38 14.30 3.78
CA ARG J 43 -8.70 14.35 5.20
C ARG J 43 -7.49 14.53 6.11
N MET J 44 -6.28 14.19 5.68
CA MET J 44 -5.10 14.44 6.49
C MET J 44 -4.36 15.72 6.16
N LEU J 45 -4.80 16.50 5.16
CA LEU J 45 -4.04 17.71 4.85
C LEU J 45 -3.90 18.66 6.03
N ALA J 46 -4.80 18.60 7.02
CA ALA J 46 -4.64 19.49 8.16
C ALA J 46 -3.38 19.17 8.94
N ALA J 47 -2.81 18.00 8.65
CA ALA J 47 -1.63 17.50 9.34
C ALA J 47 -0.35 18.01 8.71
N HIS J 48 -0.36 18.27 7.39
CA HIS J 48 0.86 18.70 6.72
C HIS J 48 1.47 19.91 7.41
N ARG J 49 0.64 20.87 7.78
CA ARG J 49 1.06 22.08 8.48
C ARG J 49 2.01 21.82 9.65
N VAL J 50 2.01 20.62 10.20
CA VAL J 50 2.92 20.28 11.30
C VAL J 50 4.06 19.38 10.85
N VAL J 51 3.77 18.39 10.00
CA VAL J 51 4.75 17.35 9.71
C VAL J 51 5.39 17.44 8.33
N ALA J 52 4.69 18.00 7.34
CA ALA J 52 5.17 18.01 5.96
C ALA J 52 6.61 18.47 5.74
N PRO J 53 7.13 19.49 6.43
CA PRO J 53 8.48 20.00 6.11
C PRO J 53 9.65 19.08 6.40
N TYR J 54 9.50 18.00 7.15
CA TYR J 54 10.63 17.14 7.51
C TYR J 54 10.73 15.90 6.64
N VAL J 55 9.74 15.68 5.80
CA VAL J 55 9.81 14.53 4.91
C VAL J 55 11.15 14.69 4.21
N PRO J 56 12.13 13.74 4.52
CA PRO J 56 13.41 13.95 3.84
C PRO J 56 13.28 14.11 2.33
N VAL J 74 12.02 5.51 -1.06
CA VAL J 74 11.26 6.26 -2.06
C VAL J 74 10.02 6.90 -1.43
N HIS J 75 9.02 7.17 -2.26
CA HIS J 75 7.78 7.77 -1.80
C HIS J 75 7.29 7.10 -0.53
N ALA J 76 7.58 5.82 -0.38
CA ALA J 76 7.17 5.06 0.80
C ALA J 76 7.42 5.84 2.08
N VAL J 77 8.60 6.47 2.15
CA VAL J 77 8.97 7.25 3.32
C VAL J 77 7.83 8.18 3.70
N GLU J 78 7.79 9.35 3.07
CA GLU J 78 6.72 10.30 3.34
C GLU J 78 5.51 9.60 3.94
N ARG J 79 5.07 8.51 3.32
CA ARG J 79 3.96 7.76 3.91
C ARG J 79 4.33 7.30 5.31
N ALA J 80 5.59 6.88 5.49
CA ALA J 80 6.01 6.43 6.80
C ALA J 80 5.89 7.52 7.86
N PHE J 81 6.58 8.64 7.66
CA PHE J 81 6.53 9.77 8.59
C PHE J 81 5.11 10.21 8.91
N TYR J 82 4.30 10.45 7.89
CA TYR J 82 2.93 10.85 8.13
C TYR J 82 2.27 9.83 9.05
N ALA J 83 2.31 8.57 8.63
CA ALA J 83 1.71 7.48 9.40
C ALA J 83 2.03 7.59 10.89
N VAL J 84 3.22 7.15 11.26
CA VAL J 84 3.67 7.17 12.65
C VAL J 84 3.26 8.44 13.38
N ALA J 85 3.64 9.58 12.80
CA ALA J 85 3.31 10.87 13.38
C ALA J 85 1.85 10.92 13.83
N ALA J 86 0.95 10.61 12.92
CA ALA J 86 -0.48 10.63 13.24
C ALA J 86 -0.87 9.56 14.25
N ILE J 87 -0.47 8.31 13.99
CA ILE J 87 -0.76 7.21 14.90
C ILE J 87 -0.16 7.46 16.28
N MET J 88 1.07 7.99 16.31
CA MET J 88 1.72 8.32 17.56
C MET J 88 0.90 9.34 18.32
N ALA J 89 0.26 10.24 17.57
CA ALA J 89 -0.59 11.29 18.09
C ALA J 89 -2.00 10.87 18.46
N ALA J 90 -2.47 9.70 18.04
CA ALA J 90 -3.86 9.35 18.33
C ALA J 90 -4.01 8.55 19.63
N GLN J 91 -2.94 8.42 20.40
CA GLN J 91 -2.99 7.73 21.68
C GLN J 91 -3.82 8.46 22.73
N PRO J 92 -4.38 7.72 23.68
CA PRO J 92 -4.97 8.34 24.87
C PRO J 92 -3.90 8.99 25.73
N ARG J 93 -4.36 9.93 26.57
CA ARG J 93 -3.46 10.69 27.43
C ARG J 93 -2.77 9.78 28.44
N SER J 94 -3.40 8.66 28.78
CA SER J 94 -2.84 7.71 29.74
C SER J 94 -1.53 7.13 29.27
N ALA J 95 -1.28 7.19 27.97
CA ALA J 95 -0.06 6.66 27.41
C ALA J 95 0.97 7.78 27.22
N ARG J 96 0.50 9.02 27.13
CA ARG J 96 1.43 10.15 26.96
C ARG J 96 2.15 10.36 28.28
N ASP J 97 3.47 10.35 28.27
CA ASP J 97 4.24 10.58 29.49
C ASP J 97 3.84 9.63 30.63
N ARG J 136 19.59 -0.05 21.01
CA ARG J 136 18.33 0.63 20.74
C ARG J 136 17.28 -0.40 20.35
N PRO J 137 16.24 -0.52 21.17
CA PRO J 137 15.23 -1.57 20.97
C PRO J 137 14.32 -1.27 19.78
N ASN J 138 13.79 -2.35 19.21
CA ASN J 138 12.85 -2.30 18.10
C ASN J 138 11.40 -2.43 18.57
N LEU J 139 10.50 -2.84 17.68
CA LEU J 139 9.10 -3.03 18.04
C LEU J 139 8.83 -4.45 18.51
N GLY J 140 9.58 -5.41 17.99
CA GLY J 140 9.43 -6.78 18.43
C GLY J 140 9.82 -6.97 19.88
N VAL J 141 10.94 -6.37 20.28
CA VAL J 141 11.36 -6.46 21.67
C VAL J 141 10.39 -5.73 22.59
N SER J 142 9.78 -4.65 22.11
CA SER J 142 8.78 -3.95 22.89
C SER J 142 7.54 -4.79 23.07
N LEU J 143 7.14 -5.52 22.03
CA LEU J 143 6.00 -6.41 22.12
C LEU J 143 6.27 -7.59 23.05
N ALA J 144 7.42 -8.25 22.90
CA ALA J 144 7.72 -9.37 23.79
C ALA J 144 7.79 -8.92 25.24
N GLN J 145 8.47 -7.80 25.51
CA GLN J 145 8.51 -7.32 26.89
C GLN J 145 7.12 -6.92 27.36
N ALA J 146 6.26 -6.44 26.46
CA ALA J 146 4.90 -6.12 26.87
C ALA J 146 4.10 -7.37 27.19
N VAL J 147 4.38 -8.47 26.49
CA VAL J 147 3.72 -9.73 26.79
C VAL J 147 4.17 -10.24 28.14
N PHE J 148 5.49 -10.30 28.33
CA PHE J 148 6.01 -10.88 29.56
C PHE J 148 5.64 -10.01 30.75
N ASP J 149 5.80 -8.70 30.61
CA ASP J 149 5.56 -7.80 31.74
C ASP J 149 4.07 -7.56 31.94
N LYS J 150 3.45 -6.82 31.01
CA LYS J 150 2.06 -6.43 31.19
C LYS J 150 1.08 -7.59 31.13
N GLY J 151 1.52 -8.75 30.66
CA GLY J 151 0.68 -9.93 30.62
C GLY J 151 -0.35 -9.94 29.51
N LEU J 152 -0.05 -9.33 28.36
CA LEU J 152 -0.97 -9.40 27.24
C LEU J 152 -1.03 -10.82 26.71
N ASN J 153 -1.99 -11.08 25.82
CA ASN J 153 -2.06 -12.42 25.26
C ASN J 153 -0.80 -12.64 24.42
N ALA J 154 -0.21 -13.82 24.55
CA ALA J 154 1.02 -14.03 23.79
C ALA J 154 0.72 -14.66 22.43
N ASP J 155 -0.09 -15.71 22.46
CA ASP J 155 -0.37 -16.46 21.23
C ASP J 155 -1.10 -15.61 20.19
N SER J 156 -1.92 -14.66 20.63
CA SER J 156 -2.74 -13.84 19.72
C SER J 156 -1.92 -12.68 19.16
N THR J 157 -1.10 -12.09 20.00
CA THR J 157 -0.26 -11.02 19.49
C THR J 157 0.73 -11.65 18.53
N GLU J 158 0.90 -12.96 18.72
CA GLU J 158 1.75 -13.77 17.87
C GLU J 158 1.17 -13.81 16.45
N GLN J 159 -0.10 -14.16 16.28
CA GLN J 159 -0.62 -14.16 14.88
C GLN J 159 -0.65 -12.76 14.30
N ARG J 160 -0.92 -11.73 15.10
CA ARG J 160 -0.91 -10.40 14.48
C ARG J 160 0.48 -10.02 14.01
N LEU J 161 1.52 -10.39 14.76
CA LEU J 161 2.88 -10.16 14.28
C LEU J 161 3.12 -10.92 12.99
N HIS J 162 2.68 -12.18 12.94
CA HIS J 162 2.89 -12.95 11.73
C HIS J 162 2.07 -12.44 10.57
N LEU J 163 1.00 -11.67 10.80
CA LEU J 163 0.28 -11.11 9.67
C LEU J 163 0.93 -9.82 9.17
N ILE J 164 1.48 -9.02 10.08
CA ILE J 164 2.15 -7.82 9.62
C ILE J 164 3.42 -8.17 8.89
N ALA J 165 4.09 -9.25 9.27
CA ALA J 165 5.39 -9.47 8.66
C ALA J 165 5.27 -9.79 7.17
N ARG J 166 4.06 -10.05 6.68
CA ARG J 166 3.83 -10.36 5.27
C ARG J 166 3.32 -9.18 4.45
N GLN J 167 2.72 -8.19 5.09
CA GLN J 167 2.14 -7.05 4.38
C GLN J 167 3.08 -6.33 3.43
N ASN J 168 2.51 -5.37 2.69
CA ASN J 168 3.28 -4.56 1.75
C ASN J 168 3.43 -3.20 2.39
N LEU J 169 3.99 -2.23 1.67
CA LEU J 169 4.13 -0.91 2.26
C LEU J 169 2.78 -0.31 2.63
N ASP J 170 1.76 -0.58 1.83
CA ASP J 170 0.44 -0.05 2.13
C ASP J 170 -0.28 -0.89 3.18
N GLY J 171 0.10 -2.17 3.32
CA GLY J 171 -0.58 -3.01 4.28
C GLY J 171 -0.08 -2.81 5.70
N VAL J 172 1.20 -2.48 5.85
CA VAL J 172 1.74 -2.27 7.18
C VAL J 172 1.02 -1.12 7.86
N HIS J 173 0.76 -0.05 7.13
CA HIS J 173 0.11 1.12 7.71
C HIS J 173 -1.38 0.90 7.97
N ARG J 174 -2.01 -0.15 7.43
CA ARG J 174 -3.39 -0.45 7.74
C ARG J 174 -3.58 -1.57 8.77
N HIS J 175 -2.55 -2.38 9.03
CA HIS J 175 -2.66 -3.46 10.01
C HIS J 175 -1.95 -3.07 11.28
N LEU J 176 -1.03 -2.13 11.15
CA LEU J 176 -0.17 -1.64 12.21
C LEU J 176 -0.92 -0.84 13.28
N PRO J 177 -1.83 0.07 12.94
CA PRO J 177 -2.43 0.92 13.99
C PRO J 177 -3.11 0.19 15.12
N ARG J 178 -3.79 -0.92 14.87
CA ARG J 178 -4.44 -1.56 16.00
C ARG J 178 -3.42 -2.08 17.02
N LEU J 179 -2.41 -2.83 16.58
CA LEU J 179 -1.47 -3.36 17.55
C LEU J 179 -0.64 -2.28 18.22
N VAL J 180 -0.16 -1.30 17.46
CA VAL J 180 0.69 -0.29 18.12
C VAL J 180 -0.10 0.61 19.05
N LEU J 181 -1.27 1.08 18.63
CA LEU J 181 -2.07 1.95 19.51
C LEU J 181 -2.62 1.21 20.71
N TYR J 182 -2.94 -0.06 20.54
CA TYR J 182 -3.37 -0.89 21.64
C TYR J 182 -2.19 -1.29 22.50
N LEU J 183 -1.01 -1.43 21.90
CA LEU J 183 0.17 -1.73 22.67
C LEU J 183 0.51 -0.56 23.56
N ARG J 184 0.45 0.66 23.02
CA ARG J 184 0.71 1.82 23.85
C ARG J 184 -0.38 1.94 24.90
N SER J 185 -1.57 1.40 24.60
CA SER J 185 -2.56 1.29 25.67
C SER J 185 -1.99 0.32 26.70
N ASP J 186 -2.21 0.59 27.98
CA ASP J 186 -1.55 -0.12 29.06
C ASP J 186 -0.05 0.18 29.08
N GLN J 187 0.29 1.43 28.80
CA GLN J 187 1.62 2.05 28.86
C GLN J 187 2.80 1.13 28.55
N VAL J 188 2.88 0.66 27.31
CA VAL J 188 4.03 -0.09 26.82
C VAL J 188 5.01 0.86 26.15
N HIS J 189 6.31 0.72 26.44
CA HIS J 189 7.28 1.65 25.88
C HIS J 189 7.48 1.35 24.41
N ILE J 190 7.41 2.38 23.57
CA ILE J 190 7.65 2.20 22.14
C ILE J 190 8.56 3.29 21.61
N ASP J 191 9.73 2.91 21.11
CA ASP J 191 10.68 3.84 20.48
C ASP J 191 10.17 4.24 19.09
N TRP J 192 9.53 5.40 18.98
CA TRP J 192 8.92 5.78 17.71
C TRP J 192 9.94 6.03 16.60
N GLY J 193 11.14 6.50 16.94
CA GLY J 193 12.13 6.74 15.89
C GLY J 193 12.50 5.48 15.12
N ILE J 194 12.76 4.39 15.83
CA ILE J 194 13.09 3.14 15.16
C ILE J 194 11.91 2.67 14.33
N LEU J 195 10.70 2.80 14.89
CA LEU J 195 9.51 2.42 14.14
C LEU J 195 9.39 3.23 12.86
N ILE J 196 9.68 4.55 12.94
CA ILE J 196 9.63 5.38 11.75
C ILE J 196 10.61 4.88 10.71
N ARG J 197 11.88 4.71 11.08
CA ARG J 197 12.83 4.27 10.07
C ARG J 197 12.45 2.90 9.55
N ASP J 198 11.76 2.11 10.37
CA ASP J 198 11.30 0.80 9.93
C ASP J 198 10.24 0.93 8.87
N LEU J 199 9.27 1.82 9.09
CA LEU J 199 8.25 2.05 8.09
C LEU J 199 8.86 2.64 6.83
N ALA J 200 10.02 3.28 6.95
CA ALA J 200 10.72 3.80 5.80
C ALA J 200 11.44 2.68 5.06
N ARG J 201 11.86 1.67 5.79
CA ARG J 201 12.58 0.52 5.25
C ARG J 201 11.68 -0.44 4.49
N TRP J 202 10.36 -0.22 4.50
CA TRP J 202 9.47 -1.04 3.68
C TRP J 202 9.59 -0.70 2.21
N GLY J 203 10.01 0.51 1.86
CA GLY J 203 10.11 0.86 0.46
C GLY J 203 11.22 0.14 -0.26
N HIS J 204 12.25 -0.27 0.46
CA HIS J 204 13.40 -0.95 -0.13
C HIS J 204 13.56 -2.38 0.35
N THR J 205 13.42 -2.67 1.63
CA THR J 205 13.60 -4.02 2.15
C THR J 205 12.46 -4.37 3.10
N PRO J 206 11.27 -4.67 2.55
CA PRO J 206 10.12 -4.96 3.42
C PRO J 206 10.33 -6.23 4.20
N ARG J 207 10.71 -7.28 3.50
CA ARG J 207 10.94 -8.58 4.11
C ARG J 207 12.03 -8.52 5.15
N HIS J 208 13.07 -7.72 4.91
CA HIS J 208 14.17 -7.64 5.87
C HIS J 208 13.66 -7.06 7.19
N VAL J 209 13.01 -5.90 7.13
CA VAL J 209 12.49 -5.27 8.34
C VAL J 209 11.49 -6.19 9.04
N ALA J 210 10.63 -6.85 8.26
CA ALA J 210 9.69 -7.77 8.88
C ALA J 210 10.44 -8.84 9.66
N ARG J 211 11.45 -9.46 9.03
CA ARG J 211 12.22 -10.49 9.70
C ARG J 211 12.87 -9.97 10.96
N GLU J 212 13.43 -8.75 10.91
CA GLU J 212 14.01 -8.19 12.13
C GLU J 212 12.96 -8.04 13.21
N TRP J 213 11.78 -7.51 12.89
CA TRP J 213 10.76 -7.35 13.92
C TRP J 213 10.44 -8.68 14.59
N VAL J 214 10.11 -9.70 13.77
CA VAL J 214 9.74 -11.00 14.34
C VAL J 214 10.90 -11.59 15.14
N GLN J 215 12.09 -11.64 14.56
CA GLN J 215 13.24 -12.20 15.28
C GLN J 215 13.45 -11.50 16.60
N ASP J 216 13.46 -10.17 16.59
CA ASP J 216 13.63 -9.47 17.85
C ASP J 216 12.58 -9.90 18.85
N TYR J 217 11.33 -10.03 18.39
CA TYR J 217 10.28 -10.45 19.32
C TYR J 217 10.59 -11.81 19.94
N HIS J 218 10.75 -12.86 19.14
CA HIS J 218 11.00 -14.18 19.73
C HIS J 218 12.29 -14.24 20.53
N ARG J 219 13.38 -13.66 20.01
CA ARG J 219 14.63 -13.73 20.75
C ARG J 219 14.51 -13.06 22.11
N THR J 220 13.96 -11.86 22.15
CA THR J 220 13.83 -11.17 23.43
C THR J 220 12.80 -11.85 24.33
N LEU J 221 11.78 -12.48 23.77
CA LEU J 221 10.87 -13.24 24.60
C LEU J 221 11.58 -14.42 25.24
N GLU J 222 12.36 -15.15 24.45
CA GLU J 222 13.11 -16.28 24.98
C GLU J 222 14.11 -15.84 26.05
N THR J 223 14.90 -14.82 25.76
CA THR J 223 15.89 -14.37 26.74
C THR J 223 15.21 -13.85 28.00
N LEU J 224 14.06 -13.18 27.86
CA LEU J 224 13.37 -12.71 29.05
C LEU J 224 12.78 -13.87 29.86
N THR J 225 12.40 -14.95 29.18
CA THR J 225 11.92 -16.12 29.90
C THR J 225 13.06 -16.89 30.57
N ARG J 226 14.20 -16.98 29.89
CA ARG J 226 15.34 -17.70 30.45
C ARG J 226 16.04 -16.91 31.55
N GLN J 227 15.96 -15.59 31.51
CA GLN J 227 16.62 -14.84 32.56
C GLN J 227 15.80 -14.82 33.82
N ALA J 228 14.54 -15.27 33.74
CA ALA J 228 13.70 -15.41 34.92
C ALA J 228 13.95 -16.73 35.62
N GLU J 229 15.13 -17.32 35.43
CA GLU J 229 15.49 -18.59 36.02
C GLU J 229 15.44 -18.52 37.55
N SER M 2 62.32 -11.51 -9.46
CA SER M 2 61.27 -12.39 -9.98
C SER M 2 60.19 -12.66 -8.93
N GLY M 3 59.08 -13.19 -9.39
CA GLY M 3 57.95 -13.55 -8.58
C GLY M 3 56.74 -12.70 -8.91
N PHE M 4 55.56 -13.25 -8.64
CA PHE M 4 54.31 -12.53 -8.86
C PHE M 4 53.22 -13.06 -7.94
N LEU M 5 52.17 -12.27 -7.76
CA LEU M 5 51.08 -12.62 -6.88
C LEU M 5 49.91 -13.24 -7.63
N LEU M 6 49.59 -14.50 -7.30
CA LEU M 6 48.37 -15.15 -7.74
C LEU M 6 47.26 -14.90 -6.72
N ARG M 7 46.02 -14.86 -7.19
CA ARG M 7 44.87 -14.80 -6.29
C ARG M 7 43.93 -15.93 -6.70
N LEU M 8 43.85 -16.94 -5.85
CA LEU M 8 42.98 -18.09 -6.06
C LEU M 8 41.61 -17.70 -5.54
N ALA M 9 40.76 -17.27 -6.46
CA ALA M 9 39.43 -16.80 -6.14
C ALA M 9 38.46 -17.29 -7.18
N GLY M 10 37.18 -17.11 -6.88
CA GLY M 10 36.12 -17.61 -7.72
C GLY M 10 35.05 -18.15 -6.81
N PRO M 11 33.87 -18.45 -7.35
CA PRO M 11 32.78 -18.89 -6.48
C PRO M 11 33.10 -20.18 -5.76
N MET M 12 33.74 -21.13 -6.42
CA MET M 12 34.01 -22.42 -5.80
C MET M 12 35.36 -22.94 -6.26
N GLN M 13 36.14 -23.43 -5.29
CA GLN M 13 37.43 -24.05 -5.56
C GLN M 13 37.55 -25.30 -4.70
N SER M 14 38.53 -26.15 -5.02
CA SER M 14 38.68 -27.42 -4.30
C SER M 14 40.05 -28.04 -4.55
N TRP M 15 40.98 -27.87 -3.60
CA TRP M 15 42.32 -28.40 -3.73
C TRP M 15 42.45 -29.70 -2.93
N GLY M 16 41.91 -30.77 -3.48
CA GLY M 16 41.85 -32.03 -2.78
C GLY M 16 43.15 -32.82 -2.76
N GLU M 17 43.18 -33.82 -1.88
CA GLU M 17 44.35 -34.68 -1.67
C GLU M 17 43.92 -35.82 -0.77
N HIS M 18 44.71 -36.89 -0.80
CA HIS M 18 44.60 -38.08 0.04
C HIS M 18 43.28 -38.80 -0.07
N SER M 19 42.43 -38.45 -1.02
CA SER M 19 41.17 -39.14 -1.21
C SER M 19 41.24 -39.90 -2.52
N MET M 20 41.07 -41.21 -2.48
CA MET M 20 41.19 -42.02 -3.69
C MET M 20 39.99 -42.92 -3.92
N PHE M 21 38.83 -42.52 -3.41
CA PHE M 21 37.63 -43.31 -3.64
C PHE M 21 36.41 -42.47 -3.98
N GLY M 22 35.22 -42.96 -3.69
CA GLY M 22 34.03 -42.25 -4.11
C GLY M 22 33.93 -40.85 -3.53
N GLU M 23 34.25 -40.70 -2.25
CA GLU M 23 34.22 -39.38 -1.62
C GLU M 23 35.54 -38.69 -1.85
N ARG M 24 35.48 -37.45 -2.32
CA ARG M 24 36.65 -36.62 -2.52
C ARG M 24 36.56 -35.52 -1.47
N ASP M 25 37.71 -35.04 -1.03
CA ASP M 25 37.73 -34.00 -0.03
C ASP M 25 38.88 -33.06 -0.31
N THR M 26 38.65 -31.78 -0.03
CA THR M 26 39.63 -30.75 -0.31
C THR M 26 40.24 -30.30 1.00
N LEU M 27 41.44 -29.85 0.91
CA LEU M 27 42.08 -29.17 2.01
C LEU M 27 41.59 -27.73 2.14
N PRO M 28 41.51 -27.24 3.37
CA PRO M 28 41.14 -25.83 3.58
C PRO M 28 42.19 -24.88 3.06
N TYR M 29 43.25 -25.39 2.44
CA TYR M 29 44.32 -24.55 1.96
C TYR M 29 44.74 -25.01 0.59
N PRO M 30 45.14 -24.10 -0.30
CA PRO M 30 45.61 -24.52 -1.61
C PRO M 30 46.78 -25.46 -1.45
N SER M 31 46.91 -26.42 -2.37
CA SER M 31 48.04 -27.32 -2.28
C SER M 31 49.04 -27.04 -3.38
N ARG M 32 50.28 -27.46 -3.15
CA ARG M 32 51.34 -27.22 -4.11
C ARG M 32 51.13 -28.01 -5.39
N SER M 33 50.67 -29.25 -5.25
CA SER M 33 50.40 -30.06 -6.43
C SER M 33 49.43 -29.37 -7.36
N GLY M 34 48.34 -28.83 -6.81
CA GLY M 34 47.36 -28.18 -7.65
C GLY M 34 47.93 -27.03 -8.44
N LEU M 35 48.62 -26.13 -7.76
CA LEU M 35 49.12 -24.95 -8.46
C LEU M 35 50.19 -25.32 -9.46
N ILE M 36 51.01 -26.32 -9.14
CA ILE M 36 52.02 -26.71 -10.10
C ILE M 36 51.37 -27.34 -11.32
N GLY M 37 50.34 -28.14 -11.11
CA GLY M 37 49.64 -28.69 -12.27
C GLY M 37 48.92 -27.66 -13.09
N MET M 38 48.44 -26.59 -12.48
CA MET M 38 47.80 -25.55 -13.28
C MET M 38 48.83 -24.83 -14.14
N PHE M 39 50.00 -24.54 -13.56
CA PHE M 39 51.04 -23.93 -14.37
C PHE M 39 51.47 -24.87 -15.49
N ALA M 40 51.56 -26.16 -15.19
CA ALA M 40 51.92 -27.13 -16.21
C ALA M 40 50.88 -27.16 -17.32
N ALA M 41 49.61 -27.01 -16.98
CA ALA M 41 48.58 -26.92 -18.00
C ALA M 41 48.75 -25.66 -18.81
N ALA M 42 49.18 -24.57 -18.17
CA ALA M 42 49.36 -23.33 -18.90
C ALA M 42 50.54 -23.42 -19.87
N GLN M 43 51.51 -24.27 -19.59
CA GLN M 43 52.70 -24.34 -20.41
C GLN M 43 52.72 -25.52 -21.35
N GLY M 44 51.72 -26.39 -21.29
CA GLY M 44 51.64 -27.49 -22.22
C GLY M 44 52.40 -28.72 -21.79
N VAL M 45 52.71 -28.84 -20.51
CA VAL M 45 53.38 -30.03 -20.00
C VAL M 45 52.43 -31.20 -20.15
N ARG M 46 52.73 -32.12 -21.07
CA ARG M 46 51.88 -33.30 -21.22
C ARG M 46 51.93 -34.13 -19.94
N ARG M 47 50.86 -34.89 -19.71
CA ARG M 47 50.81 -35.74 -18.54
C ARG M 47 51.90 -36.79 -18.61
N GLY M 48 52.81 -36.74 -17.65
CA GLY M 48 53.92 -37.66 -17.58
C GLY M 48 55.26 -37.07 -17.91
N ASP M 49 55.29 -35.86 -18.48
CA ASP M 49 56.55 -35.21 -18.77
C ASP M 49 57.21 -34.75 -17.46
N PRO M 50 58.54 -34.77 -17.41
CA PRO M 50 59.23 -34.32 -16.20
C PRO M 50 58.83 -32.92 -15.77
N LEU M 51 58.35 -32.83 -14.54
CA LEU M 51 57.86 -31.58 -13.96
C LEU M 51 58.89 -30.96 -13.04
N ASP M 52 60.13 -31.47 -13.10
CA ASP M 52 61.20 -30.97 -12.24
C ASP M 52 61.44 -29.49 -12.46
N ARG M 53 61.17 -29.00 -13.67
CA ARG M 53 61.36 -27.58 -13.94
C ARG M 53 60.54 -26.75 -12.96
N TYR M 54 59.33 -27.22 -12.64
CA TYR M 54 58.47 -26.53 -11.70
C TYR M 54 59.00 -26.63 -10.27
N LYS M 55 59.93 -27.54 -10.02
CA LYS M 55 60.56 -27.65 -8.72
C LYS M 55 61.45 -26.44 -8.51
N GLU M 56 61.70 -26.12 -7.24
CA GLU M 56 62.52 -25.00 -6.77
C GLU M 56 61.66 -23.76 -6.54
N LEU M 57 60.35 -23.90 -6.65
CA LEU M 57 59.40 -22.82 -6.45
C LEU M 57 59.04 -22.68 -4.98
N LYS M 58 58.53 -21.50 -4.64
CA LYS M 58 58.11 -21.18 -3.28
C LYS M 58 56.67 -20.67 -3.30
N PHE M 59 55.87 -21.08 -2.32
CA PHE M 59 54.44 -20.73 -2.24
C PHE M 59 54.02 -20.23 -0.86
N THR M 60 54.19 -18.96 -0.59
CA THR M 60 53.57 -18.30 0.55
C THR M 60 52.13 -17.96 0.20
N VAL M 61 51.15 -18.39 0.99
CA VAL M 61 49.74 -18.22 0.63
C VAL M 61 49.00 -17.49 1.73
N ARG M 62 48.51 -16.28 1.43
CA ARG M 62 47.72 -15.55 2.40
C ARG M 62 46.25 -15.88 2.22
N VAL M 63 45.57 -16.26 3.31
CA VAL M 63 44.15 -16.61 3.27
C VAL M 63 43.34 -15.34 3.53
N ASP M 64 42.72 -14.78 2.50
CA ASP M 64 41.90 -13.62 2.84
C ASP M 64 40.67 -14.05 3.61
N ARG M 65 39.68 -14.58 2.88
CA ARG M 65 38.48 -15.21 3.43
C ARG M 65 38.66 -16.71 3.43
N PRO M 66 38.61 -17.38 4.59
CA PRO M 66 38.75 -18.83 4.62
C PRO M 66 37.72 -19.61 3.86
N GLY M 67 36.51 -19.08 3.71
CA GLY M 67 35.50 -19.77 2.95
C GLY M 67 34.90 -20.94 3.71
N VAL M 68 33.72 -21.34 3.28
CA VAL M 68 32.97 -22.46 3.83
C VAL M 68 32.94 -23.63 2.85
N ARG M 69 33.55 -24.73 3.27
CA ARG M 69 33.61 -25.95 2.47
C ARG M 69 32.30 -26.74 2.53
N LEU M 70 31.79 -27.08 1.35
CA LEU M 70 30.50 -27.74 1.15
C LEU M 70 30.67 -29.06 0.42
N VAL M 71 29.75 -29.98 0.70
CA VAL M 71 29.74 -31.30 0.07
C VAL M 71 28.82 -31.32 -1.14
N ASP M 72 29.39 -31.40 -2.32
CA ASP M 72 28.66 -31.46 -3.59
C ASP M 72 28.32 -32.91 -3.91
N PHE M 73 27.03 -33.25 -3.90
CA PHE M 73 26.58 -34.58 -4.29
C PHE M 73 26.76 -34.75 -5.79
N HIS M 74 27.31 -35.87 -6.23
CA HIS M 74 27.75 -35.93 -7.63
C HIS M 74 27.65 -37.35 -8.16
N THR M 75 26.48 -37.72 -8.68
CA THR M 75 26.32 -39.02 -9.32
C THR M 75 26.83 -38.98 -10.75
N ILE M 76 27.08 -40.15 -11.30
CA ILE M 76 27.61 -40.29 -12.65
C ILE M 76 27.01 -41.51 -13.32
N GLY M 77 26.22 -41.27 -14.37
CA GLY M 77 25.63 -42.31 -15.19
C GLY M 77 24.21 -42.69 -14.85
N GLY M 78 23.69 -42.22 -13.73
CA GLY M 78 22.33 -42.60 -13.37
C GLY M 78 21.32 -42.20 -14.41
N GLY M 79 20.26 -43.00 -14.48
CA GLY M 79 19.14 -42.71 -15.37
C GLY M 79 19.41 -42.92 -16.83
N LEU M 80 20.26 -43.88 -17.18
CA LEU M 80 20.52 -44.16 -18.57
C LEU M 80 20.33 -45.65 -18.75
N PRO M 81 19.83 -46.10 -19.89
CA PRO M 81 19.63 -47.54 -20.08
C PRO M 81 20.92 -48.31 -19.84
N LYS M 82 20.77 -49.56 -19.40
CA LYS M 82 21.93 -50.38 -19.06
C LYS M 82 22.93 -50.45 -20.20
N GLU M 83 22.47 -50.40 -21.44
CA GLU M 83 23.34 -50.56 -22.60
C GLU M 83 24.38 -49.44 -22.73
N ARG M 84 24.10 -48.25 -22.24
CA ARG M 84 25.04 -47.13 -22.37
C ARG M 84 25.68 -46.71 -21.05
N THR M 85 25.76 -47.57 -20.05
CA THR M 85 26.25 -47.09 -18.77
C THR M 85 27.76 -47.32 -18.68
N VAL M 86 28.34 -46.77 -17.62
CA VAL M 86 29.79 -46.76 -17.45
C VAL M 86 30.33 -48.19 -17.50
N PRO M 87 31.36 -48.44 -18.31
CA PRO M 87 31.87 -49.80 -18.46
C PRO M 87 32.44 -50.36 -17.17
N THR M 88 32.49 -51.67 -17.13
CA THR M 88 33.10 -52.45 -16.07
C THR M 88 34.52 -52.82 -16.46
N ALA M 89 35.36 -53.09 -15.46
CA ALA M 89 36.71 -53.56 -15.79
C ALA M 89 36.62 -54.92 -16.44
N ALA M 90 35.71 -55.76 -15.95
CA ALA M 90 35.43 -57.00 -16.64
C ALA M 90 34.83 -56.73 -18.01
N GLY M 91 34.09 -55.62 -18.13
CA GLY M 91 33.53 -55.20 -19.40
C GLY M 91 32.02 -55.28 -19.50
N GLU M 92 31.35 -55.94 -18.57
CA GLU M 92 29.90 -56.09 -18.65
C GLU M 92 29.19 -55.04 -17.81
N ARG M 93 28.40 -54.19 -18.47
CA ARG M 93 27.65 -53.18 -17.73
C ARG M 93 26.83 -53.84 -16.62
N ARG M 94 26.96 -53.30 -15.42
CA ARG M 94 26.21 -53.81 -14.30
C ARG M 94 24.71 -53.50 -14.49
N ASP M 95 23.88 -54.20 -13.73
CA ASP M 95 22.43 -54.01 -13.81
C ASP M 95 22.03 -52.56 -13.50
N PRO M 96 21.07 -52.00 -14.25
CA PRO M 96 20.75 -50.57 -14.13
C PRO M 96 20.37 -50.12 -12.73
N LYS M 97 19.86 -51.03 -11.89
CA LYS M 97 19.54 -50.63 -10.54
C LYS M 97 20.79 -50.39 -9.71
N LYS M 98 21.95 -50.85 -10.19
CA LYS M 98 23.21 -50.65 -9.50
C LYS M 98 24.22 -49.91 -10.38
N ALA M 99 23.83 -49.42 -11.54
CA ALA M 99 24.79 -48.83 -12.45
C ALA M 99 25.18 -47.40 -12.14
N THR M 100 24.44 -46.69 -11.29
CA THR M 100 24.79 -45.30 -11.00
C THR M 100 25.89 -45.13 -9.96
N ILE M 101 26.97 -44.42 -10.31
CA ILE M 101 28.04 -44.21 -9.34
C ILE M 101 27.69 -42.97 -8.53
N VAL M 102 27.93 -43.00 -7.24
CA VAL M 102 27.53 -41.90 -6.38
C VAL M 102 28.77 -41.38 -5.68
N THR M 103 29.38 -40.36 -6.27
CA THR M 103 30.53 -39.70 -5.68
C THR M 103 30.03 -38.50 -4.90
N SER M 104 30.72 -38.18 -3.81
CA SER M 104 30.32 -37.05 -2.98
C SER M 104 31.48 -36.07 -2.91
N ARG M 105 31.66 -35.27 -3.95
CA ARG M 105 32.86 -34.45 -4.08
C ARG M 105 32.71 -33.20 -3.24
N SER M 106 33.72 -32.87 -2.45
CA SER M 106 33.74 -31.67 -1.63
C SER M 106 34.40 -30.51 -2.37
N TYR M 107 34.05 -29.29 -1.97
CA TYR M 107 34.62 -28.10 -2.59
C TYR M 107 34.51 -26.94 -1.63
N LEU M 108 35.49 -26.05 -1.66
CA LEU M 108 35.48 -24.80 -0.90
C LEU M 108 34.66 -23.75 -1.63
N ALA M 109 33.73 -23.11 -0.94
CA ALA M 109 32.98 -22.04 -1.57
C ALA M 109 33.17 -20.73 -0.83
N ASP M 110 33.18 -19.64 -1.62
CA ASP M 110 33.35 -18.23 -1.22
C ASP M 110 34.68 -18.02 -0.51
N ALA M 111 35.70 -18.77 -0.91
CA ALA M 111 37.01 -18.68 -0.30
C ALA M 111 37.98 -18.04 -1.28
N VAL M 112 38.85 -17.18 -0.77
CA VAL M 112 39.82 -16.47 -1.58
C VAL M 112 41.18 -16.48 -0.90
N PHE M 113 42.18 -16.95 -1.63
CA PHE M 113 43.55 -16.97 -1.18
C PHE M 113 44.37 -16.17 -2.17
N THR M 114 45.46 -15.60 -1.70
CA THR M 114 46.42 -14.89 -2.54
C THR M 114 47.78 -15.51 -2.37
N VAL M 115 48.10 -16.47 -3.22
CA VAL M 115 49.38 -17.15 -3.18
C VAL M 115 50.42 -16.27 -3.87
N ALA M 116 51.57 -16.13 -3.22
CA ALA M 116 52.72 -15.39 -3.75
C ALA M 116 53.77 -16.36 -4.22
N VAL M 117 53.66 -16.78 -5.48
CA VAL M 117 54.61 -17.72 -6.05
C VAL M 117 55.93 -16.99 -6.29
N THR M 118 57.00 -17.47 -5.65
CA THR M 118 58.32 -16.89 -5.81
C THR M 118 59.28 -17.97 -6.29
N GLY M 119 59.86 -17.77 -7.47
CA GLY M 119 60.82 -18.72 -7.98
C GLY M 119 61.78 -18.16 -9.00
N PRO M 120 62.56 -19.05 -9.61
CA PRO M 120 63.56 -18.62 -10.58
C PRO M 120 62.99 -18.24 -11.94
N GLU M 121 61.98 -18.97 -12.44
CA GLU M 121 61.44 -18.70 -13.77
C GLU M 121 59.98 -18.29 -13.73
N ALA M 122 59.42 -18.06 -12.54
CA ALA M 122 58.01 -17.74 -12.38
C ALA M 122 57.51 -16.72 -13.39
N ASP M 123 58.40 -15.90 -13.91
CA ASP M 123 57.98 -14.93 -14.91
C ASP M 123 57.54 -15.61 -16.20
N THR M 124 58.21 -16.69 -16.59
CA THR M 124 57.76 -17.43 -17.76
C THR M 124 56.43 -18.14 -17.53
N ILE M 125 56.18 -18.65 -16.32
CA ILE M 125 54.89 -19.29 -16.08
C ILE M 125 53.80 -18.24 -16.10
N ALA M 126 54.08 -17.04 -15.60
CA ALA M 126 53.12 -15.96 -15.73
C ALA M 126 52.86 -15.67 -17.21
N ASP M 127 53.94 -15.65 -18.00
CA ASP M 127 53.78 -15.47 -19.44
C ASP M 127 52.90 -16.55 -20.03
N ALA M 128 52.82 -17.70 -19.37
CA ALA M 128 51.94 -18.76 -19.86
C ALA M 128 50.51 -18.59 -19.36
N LEU M 129 50.32 -18.07 -18.14
CA LEU M 129 48.96 -17.81 -17.69
C LEU M 129 48.30 -16.71 -18.51
N ALA M 130 49.08 -15.75 -19.00
CA ALA M 130 48.49 -14.74 -19.88
C ALA M 130 47.93 -15.37 -21.15
N ALA M 131 48.57 -16.41 -21.66
CA ALA M 131 48.08 -17.13 -22.85
C ALA M 131 48.20 -18.63 -22.63
N PRO M 132 47.25 -19.23 -21.91
CA PRO M 132 47.43 -20.62 -21.48
C PRO M 132 47.33 -21.60 -22.62
N TYR M 133 47.97 -22.75 -22.43
CA TYR M 133 47.89 -23.85 -23.38
C TYR M 133 46.60 -24.64 -23.19
N TRP M 134 46.22 -24.90 -21.94
CA TRP M 134 44.91 -25.43 -21.56
C TRP M 134 44.31 -24.53 -20.50
N GLN M 135 43.00 -24.52 -20.41
CA GLN M 135 42.34 -23.64 -19.46
C GLN M 135 42.77 -23.94 -18.03
N PRO M 136 43.32 -22.95 -17.32
CA PRO M 136 43.61 -23.13 -15.91
C PRO M 136 42.32 -23.20 -15.10
N TYR M 137 42.31 -24.04 -14.08
CA TYR M 137 41.15 -24.18 -13.22
C TYR M 137 41.57 -24.45 -11.79
N LEU M 138 40.66 -24.17 -10.87
CA LEU M 138 40.93 -24.28 -9.45
C LEU M 138 40.51 -25.64 -8.94
N GLY M 139 41.42 -26.60 -8.98
CA GLY M 139 41.11 -27.93 -8.52
C GLY M 139 40.36 -28.76 -9.52
N ARG M 140 39.03 -28.74 -9.48
CA ARG M 140 38.25 -29.44 -10.49
C ARG M 140 38.13 -28.53 -11.70
N ARG M 141 38.21 -29.11 -12.88
CA ARG M 141 38.17 -28.30 -14.10
C ARG M 141 36.89 -27.52 -14.21
N ALA M 142 35.82 -28.02 -13.59
CA ALA M 142 34.55 -27.31 -13.66
C ALA M 142 34.62 -25.95 -13.01
N PHE M 143 35.50 -25.78 -12.04
CA PHE M 143 35.65 -24.51 -11.35
C PHE M 143 36.51 -23.61 -12.23
N VAL M 144 36.07 -22.38 -12.48
CA VAL M 144 36.72 -21.50 -13.44
C VAL M 144 37.33 -20.32 -12.70
N PRO M 145 38.61 -20.02 -12.93
CA PRO M 145 39.28 -18.99 -12.14
C PRO M 145 38.67 -17.62 -12.32
N ASP M 146 38.75 -16.83 -11.26
CA ASP M 146 38.39 -15.43 -11.31
C ASP M 146 39.23 -14.73 -12.37
N PRO M 147 38.66 -13.84 -13.18
CA PRO M 147 39.44 -13.16 -14.22
C PRO M 147 40.75 -12.60 -13.74
N LEU M 148 40.78 -12.07 -12.51
CA LEU M 148 42.01 -11.60 -11.91
C LEU M 148 42.81 -12.78 -11.39
N LEU M 149 43.31 -13.60 -12.32
CA LEU M 149 44.10 -14.73 -11.90
C LEU M 149 45.51 -14.31 -11.50
N VAL M 150 46.11 -13.37 -12.21
CA VAL M 150 47.42 -12.84 -11.87
C VAL M 150 47.28 -11.36 -11.55
N LEU M 151 47.43 -11.02 -10.28
CA LEU M 151 47.31 -9.62 -9.88
C LEU M 151 48.45 -8.77 -10.43
N ARG M 152 49.66 -9.30 -10.45
CA ARG M 152 50.79 -8.55 -10.95
C ARG M 152 51.69 -9.50 -11.69
N ARG M 153 52.01 -9.20 -12.95
CA ARG M 153 52.81 -10.12 -13.73
C ARG M 153 54.23 -10.22 -13.22
N ARG M 154 54.85 -9.10 -12.84
CA ARG M 154 56.23 -9.07 -12.36
C ARG M 154 56.30 -8.29 -11.07
N VAL M 155 56.82 -8.93 -10.02
CA VAL M 155 57.02 -8.28 -8.73
C VAL M 155 58.32 -8.76 -8.12
N ALA M 156 59.14 -7.82 -7.67
CA ALA M 156 60.31 -8.10 -6.85
C ALA M 156 59.87 -8.18 -5.38
N ASP M 157 60.02 -9.35 -4.78
CA ASP M 157 59.59 -9.65 -3.43
C ASP M 157 58.07 -9.49 -3.29
N PRO M 158 57.32 -10.50 -3.66
CA PRO M 158 55.87 -10.42 -3.59
C PRO M 158 55.30 -10.68 -2.21
N VAL M 159 55.97 -11.50 -1.40
CA VAL M 159 55.50 -11.74 -0.04
C VAL M 159 55.37 -10.43 0.72
N ARG M 160 56.32 -9.53 0.54
CA ARG M 160 56.17 -8.21 1.14
C ARG M 160 54.92 -7.52 0.62
N GLU M 161 54.56 -7.75 -0.63
CA GLU M 161 53.38 -7.07 -1.12
C GLU M 161 52.08 -7.76 -0.71
N LEU M 162 52.12 -9.01 -0.27
CA LEU M 162 50.90 -9.54 0.32
C LEU M 162 50.76 -9.09 1.77
N VAL M 163 51.89 -8.96 2.48
CA VAL M 163 51.85 -8.52 3.86
C VAL M 163 51.16 -7.17 3.94
N GLU M 164 51.26 -6.34 2.89
CA GLU M 164 50.56 -5.08 2.87
C GLU M 164 50.40 -4.65 1.42
N ALA M 165 49.48 -3.72 1.22
CA ALA M 165 49.16 -3.11 -0.07
C ALA M 165 48.41 -4.04 -1.01
N VAL M 166 47.72 -5.07 -0.53
CA VAL M 166 46.78 -5.81 -1.34
C VAL M 166 45.46 -5.89 -0.57
N PRO M 167 44.37 -5.36 -1.09
CA PRO M 167 43.11 -5.36 -0.36
C PRO M 167 42.64 -6.71 0.12
N LEU M 168 41.77 -6.73 1.12
CA LEU M 168 41.19 -7.95 1.66
C LEU M 168 39.70 -7.72 1.78
N PRO M 169 38.91 -8.79 1.76
CA PRO M 169 37.46 -8.65 1.95
C PRO M 169 37.04 -8.08 3.28
N HIS M 170 35.83 -7.55 3.26
CA HIS M 170 35.22 -6.82 4.37
C HIS M 170 35.12 -7.73 5.59
N ARG M 171 35.58 -7.20 6.73
CA ARG M 171 35.44 -7.86 8.01
C ARG M 171 35.32 -6.80 9.09
N ARG M 172 35.09 -7.24 10.33
CA ARG M 172 34.87 -6.32 11.43
C ARG M 172 36.11 -5.48 11.68
N VAL M 173 35.99 -4.17 11.56
CA VAL M 173 37.07 -3.25 11.85
C VAL M 173 36.60 -2.39 13.03
N GLU M 174 37.11 -2.68 14.22
CA GLU M 174 36.70 -1.90 15.37
C GLU M 174 37.17 -0.45 15.20
N GLU M 175 36.58 0.45 15.98
CA GLU M 175 36.95 1.84 15.85
C GLU M 175 38.35 2.05 16.39
N ASP M 176 39.12 2.87 15.68
CA ASP M 176 40.52 3.13 16.01
C ASP M 176 41.31 1.84 16.15
N ALA M 177 40.87 0.79 15.46
CA ALA M 177 41.58 -0.47 15.50
C ALA M 177 42.58 -0.54 14.36
N ALA M 178 43.46 -1.52 14.44
CA ALA M 178 44.46 -1.72 13.41
C ALA M 178 44.97 -3.15 13.53
N THR M 179 45.77 -3.55 12.56
CA THR M 179 46.48 -4.83 12.63
C THR M 179 45.53 -6.03 12.70
N VAL M 180 44.63 -6.13 11.72
CA VAL M 180 43.72 -7.26 11.61
C VAL M 180 44.46 -8.56 11.30
N LEU M 181 44.13 -9.62 12.04
CA LEU M 181 44.77 -10.93 11.92
C LEU M 181 44.44 -11.66 10.62
N VAL M 182 45.46 -12.12 9.92
CA VAL M 182 45.31 -12.88 8.68
C VAL M 182 46.34 -14.00 8.68
N ASP M 183 45.90 -15.21 8.37
CA ASP M 183 46.77 -16.39 8.42
C ASP M 183 47.55 -16.61 7.13
N LEU M 184 48.87 -16.46 7.20
CA LEU M 184 49.82 -16.77 6.15
C LEU M 184 50.27 -18.22 6.22
N ILE M 185 50.46 -18.85 5.08
CA ILE M 185 50.89 -20.24 5.06
C ILE M 185 52.26 -20.32 4.40
N TYR M 186 53.27 -20.71 5.18
CA TYR M 186 54.65 -20.78 4.71
C TYR M 186 55.07 -22.23 4.53
N GLU M 187 55.99 -22.47 3.61
CA GLU M 187 56.50 -23.83 3.46
C GLU M 187 57.59 -24.10 4.47
N GLU M 188 58.58 -23.20 4.56
CA GLU M 188 59.70 -23.32 5.46
C GLU M 188 59.75 -22.11 6.39
N GLY M 189 59.89 -22.37 7.68
CA GLY M 189 59.94 -21.33 8.69
C GLY M 189 58.91 -20.22 8.56
N THR M 196 49.81 -23.48 14.37
CA THR M 196 49.89 -24.92 14.18
C THR M 196 50.45 -25.27 12.82
N LEU M 197 50.77 -26.54 12.62
CA LEU M 197 51.31 -26.97 11.33
C LEU M 197 50.84 -28.39 11.06
N THR M 198 50.79 -28.72 9.77
CA THR M 198 50.32 -30.03 9.33
C THR M 198 51.30 -30.59 8.31
N VAL M 199 51.18 -31.90 8.09
CA VAL M 199 51.98 -32.63 7.12
C VAL M 199 51.05 -33.23 6.09
N LEU M 200 51.29 -32.95 4.81
CA LEU M 200 50.38 -33.43 3.78
C LEU M 200 51.10 -33.78 2.49
N ASN M 201 50.60 -34.81 1.81
CA ASN M 201 51.15 -35.35 0.58
C ASN M 201 50.81 -34.48 -0.63
N ASP M 202 51.71 -33.59 -1.03
CA ASP M 202 51.41 -32.69 -2.16
C ASP M 202 52.44 -32.69 -3.28
N VAL M 203 53.72 -32.41 -3.01
CA VAL M 203 54.70 -32.18 -4.07
C VAL M 203 54.69 -33.29 -5.11
N PRO M 204 54.28 -32.96 -6.30
CA PRO M 204 54.01 -33.94 -7.36
C PRO M 204 55.28 -34.44 -8.03
N LEU M 205 55.62 -35.69 -7.74
CA LEU M 205 56.76 -36.31 -8.38
C LEU M 205 56.49 -36.56 -9.86
N SER M 206 55.25 -36.84 -10.24
CA SER M 206 54.89 -37.05 -11.63
C SER M 206 53.39 -36.91 -11.83
N PHE M 207 53.03 -36.39 -13.00
CA PHE M 207 51.63 -36.18 -13.35
C PHE M 207 51.10 -37.22 -14.33
N ASP M 208 51.87 -38.26 -14.62
CA ASP M 208 51.43 -39.30 -15.53
C ASP M 208 50.13 -39.95 -15.04
N SER M 209 49.10 -39.91 -15.87
CA SER M 209 47.78 -40.39 -15.46
C SER M 209 47.82 -41.85 -15.04
N LYS M 210 48.78 -42.61 -15.53
CA LYS M 210 48.87 -44.01 -15.16
C LYS M 210 49.29 -44.20 -13.70
N SER M 211 50.25 -43.43 -13.22
CA SER M 211 50.69 -43.62 -11.84
C SER M 211 51.15 -42.26 -11.29
N ARG M 212 50.19 -41.42 -10.94
CA ARG M 212 50.57 -40.17 -10.32
C ARG M 212 51.01 -40.42 -8.88
N ARG M 213 52.21 -39.98 -8.56
CA ARG M 213 52.82 -40.18 -7.26
C ARG M 213 53.25 -38.84 -6.68
N TYR M 214 53.34 -38.77 -5.35
CA TYR M 214 53.61 -37.51 -4.70
C TYR M 214 54.57 -37.73 -3.54
N SER M 215 55.01 -36.62 -2.95
CA SER M 215 55.79 -36.66 -1.73
C SER M 215 55.31 -35.57 -0.80
N THR M 216 55.66 -35.73 0.47
CA THR M 216 55.17 -34.85 1.51
C THR M 216 55.84 -33.48 1.52
N ARG M 217 55.06 -32.46 1.87
CA ARG M 217 55.52 -31.09 2.04
C ARG M 217 54.97 -30.58 3.35
N GLN M 218 55.83 -30.11 4.25
CA GLN M 218 55.33 -29.55 5.49
C GLN M 218 54.74 -28.16 5.25
N ILE M 219 53.62 -27.87 5.89
CA ILE M 219 52.98 -26.56 5.76
C ILE M 219 52.90 -25.96 7.14
N ARG M 220 53.30 -24.70 7.25
CA ARG M 220 53.36 -23.99 8.51
C ARG M 220 52.31 -22.89 8.44
N VAL M 221 51.48 -22.81 9.46
CA VAL M 221 50.40 -21.84 9.52
C VAL M 221 50.83 -20.77 10.49
N VAL M 222 51.01 -19.57 9.96
CA VAL M 222 51.50 -18.43 10.71
C VAL M 222 50.44 -17.35 10.79
N PRO M 223 49.82 -17.15 11.95
CA PRO M 223 48.93 -16.00 12.14
C PRO M 223 49.76 -14.74 12.02
N THR M 224 49.40 -13.88 11.09
CA THR M 224 50.12 -12.65 10.83
C THR M 224 49.22 -11.47 11.08
N GLU M 225 49.83 -10.29 11.17
CA GLU M 225 49.17 -9.05 11.54
C GLU M 225 49.25 -8.09 10.38
N VAL M 226 48.14 -7.79 9.73
CA VAL M 226 48.22 -6.88 8.60
C VAL M 226 47.51 -5.56 8.87
N PRO M 227 47.96 -4.45 8.29
CA PRO M 227 47.35 -3.15 8.57
C PRO M 227 45.86 -3.16 8.30
N ALA M 228 45.08 -2.59 9.22
CA ALA M 228 43.62 -2.58 9.05
C ALA M 228 43.18 -1.74 7.85
N THR M 229 44.04 -0.86 7.34
CA THR M 229 43.68 -0.05 6.17
C THR M 229 43.33 -0.90 4.97
N LEU M 230 43.94 -2.08 4.86
CA LEU M 230 43.70 -2.96 3.72
C LEU M 230 42.24 -3.42 3.64
N VAL M 231 41.59 -3.67 4.79
CA VAL M 231 40.23 -4.18 4.72
C VAL M 231 39.35 -3.20 3.99
N ALA M 232 38.59 -3.72 3.03
CA ALA M 232 37.71 -2.94 2.19
C ALA M 232 36.37 -2.64 2.85
N GLY M 233 35.68 -1.67 2.28
CA GLY M 233 34.35 -1.27 2.67
C GLY M 233 33.37 -2.41 2.52
N PRO M 234 32.23 -2.33 3.19
CA PRO M 234 31.26 -3.43 3.11
C PRO M 234 30.70 -3.74 1.73
N GLY M 235 30.32 -2.74 0.92
CA GLY M 235 29.71 -3.08 -0.36
C GLY M 235 30.16 -2.52 -1.69
N ARG M 236 30.70 -3.38 -2.54
CA ARG M 236 31.14 -3.18 -3.91
C ARG M 236 32.47 -2.44 -3.98
N ASP M 237 33.00 -1.96 -2.88
CA ASP M 237 34.28 -1.28 -2.92
C ASP M 237 35.40 -2.26 -3.19
N TYR M 238 35.28 -3.48 -2.67
CA TYR M 238 36.35 -4.45 -2.77
C TYR M 238 36.76 -4.71 -4.20
N GLN M 239 35.78 -4.85 -5.11
CA GLN M 239 36.16 -5.03 -6.50
C GLN M 239 36.89 -3.79 -7.00
N ASN M 240 36.42 -2.60 -6.62
CA ASN M 240 37.07 -1.38 -7.08
C ASN M 240 38.50 -1.32 -6.60
N LYS M 241 38.73 -1.64 -5.33
CA LYS M 241 40.09 -1.60 -4.80
C LYS M 241 40.95 -2.63 -5.52
N LEU M 242 40.41 -3.82 -5.78
CA LEU M 242 41.22 -4.82 -6.46
C LEU M 242 41.62 -4.33 -7.85
N PHE M 243 40.68 -3.74 -8.58
CA PHE M 243 40.98 -3.27 -9.92
C PHE M 243 42.01 -2.14 -9.87
N THR M 244 41.85 -1.23 -8.91
CA THR M 244 42.80 -0.14 -8.77
C THR M 244 44.18 -0.69 -8.54
N TYR M 245 44.27 -1.72 -7.70
CA TYR M 245 45.55 -2.36 -7.47
C TYR M 245 46.10 -3.00 -8.73
N VAL M 246 45.25 -3.65 -9.50
CA VAL M 246 45.70 -4.34 -10.69
C VAL M 246 46.29 -3.39 -11.74
N LYS M 247 45.65 -2.24 -11.97
CA LYS M 247 46.23 -1.36 -12.98
C LYS M 247 47.58 -0.78 -12.55
N GLN M 248 47.70 -0.33 -11.32
CA GLN M 248 48.97 0.24 -10.90
C GLN M 248 49.99 -0.86 -10.68
#